data_5LSM
#
_entry.id   5LSM
#
_cell.length_a   76.001
_cell.length_b   99.911
_cell.length_c   108.558
_cell.angle_alpha   95.31
_cell.angle_beta   106.23
_cell.angle_gamma   91.62
#
_symmetry.space_group_name_H-M   'P 1'
#
loop_
_entity.id
_entity.type
_entity.pdbx_description
1 polymer 'FMN-dependent nitronate monooxygenase'
2 non-polymer 'FLAVIN MONONUCLEOTIDE'
3 non-polymer GLYCEROL
4 water water
#
_entity_poly.entity_id   1
_entity_poly.type   'polypeptide(L)'
_entity_poly.pdbx_seq_one_letter_code
;MPCRLTRLFGIEFPIIQAPMAGVQGSALAIAVSEAGGLGSLPCAMLSLEALEAELTAIRSQTAKPINVNFFCHREPVAQA
AKQAAWLEQLAPYFAEFNLDPNAQPAGAQRTPYSKAQAEVLAKFKPEVVSFHFGLPDEELLLEIKSWGSKVISTATTVEE
ALWLEARGADAIIAQGLEAGGHRGHFLSEDLTEQLGTFSLLPQIIAAVEIPVIAAGGIVDATTVRAAMTMGASAVQVGTA
YLLCPECNTSAIHREALQSDAAQHTALTNLFSGRPARGIVNRFMAEMGPMNEAVPDFPLASSAVAGLRTAAERLGFWDFS
PLWCGQNASGCRAIPAADLTRSFVLSLPSSCVEPQEKSG
;
_entity_poly.pdbx_strand_id   A,B,C,D,E,F,G,H
#
loop_
_chem_comp.id
_chem_comp.type
_chem_comp.name
_chem_comp.formula
FMN non-polymer 'FLAVIN MONONUCLEOTIDE' 'C17 H21 N4 O9 P'
GOL non-polymer GLYCEROL 'C3 H8 O3'
#
# COMPACT_ATOMS: atom_id res chain seq x y z
N CYS A 3 24.95 -11.97 10.12
CA CYS A 3 24.38 -13.14 9.37
C CYS A 3 23.06 -12.77 8.68
N ARG A 4 22.65 -13.61 7.74
CA ARG A 4 21.59 -13.24 6.78
C ARG A 4 20.23 -13.39 7.41
N LEU A 5 20.08 -14.37 8.30
CA LEU A 5 18.79 -14.62 8.90
C LEU A 5 18.55 -13.77 10.13
N THR A 6 19.62 -13.46 10.87
CA THR A 6 19.51 -12.52 11.99
C THR A 6 19.07 -11.13 11.52
N ARG A 7 19.67 -10.63 10.44
CA ARG A 7 19.22 -9.37 9.83
C ARG A 7 17.80 -9.49 9.26
N LEU A 8 17.55 -10.51 8.43
CA LEU A 8 16.23 -10.69 7.79
C LEU A 8 15.08 -10.85 8.80
N PHE A 9 15.36 -11.47 9.95
CA PHE A 9 14.30 -11.76 10.92
C PHE A 9 14.29 -10.69 12.01
N GLY A 10 15.34 -9.89 12.06
CA GLY A 10 15.52 -8.91 13.12
C GLY A 10 15.72 -9.52 14.51
N ILE A 11 16.55 -10.55 14.61
CA ILE A 11 16.83 -11.21 15.90
C ILE A 11 18.32 -11.19 16.20
N GLU A 12 18.66 -11.44 17.46
CA GLU A 12 20.03 -11.34 17.92
C GLU A 12 20.82 -12.63 17.61
N PHE A 13 20.20 -13.78 17.84
CA PHE A 13 20.93 -15.05 17.76
C PHE A 13 20.32 -15.93 16.69
N PRO A 14 21.13 -16.75 16.03
CA PRO A 14 20.59 -17.52 14.93
C PRO A 14 20.06 -18.88 15.39
N ILE A 15 19.30 -18.87 16.49
CA ILE A 15 18.57 -20.05 16.99
C ILE A 15 17.07 -19.85 16.80
N ILE A 16 16.42 -20.85 16.23
CA ILE A 16 14.95 -20.89 16.17
C ILE A 16 14.53 -22.02 17.07
N GLN A 17 13.62 -21.73 17.98
CA GLN A 17 13.04 -22.76 18.79
C GLN A 17 11.91 -23.43 18.00
N ALA A 18 12.05 -24.73 17.80
CA ALA A 18 11.12 -25.47 16.94
C ALA A 18 9.68 -25.43 17.48
N PRO A 19 8.71 -25.09 16.60
CA PRO A 19 7.31 -25.12 17.04
C PRO A 19 6.87 -26.55 17.26
N MET A 20 6.52 -26.90 18.49
CA MET A 20 6.24 -28.28 18.82
C MET A 20 4.81 -28.41 19.33
N ALA A 21 3.91 -28.85 18.46
CA ALA A 21 2.49 -28.82 18.75
C ALA A 21 2.16 -29.84 19.84
N GLY A 22 1.55 -29.35 20.91
CA GLY A 22 1.03 -30.22 21.95
C GLY A 22 1.88 -30.24 23.20
N VAL A 23 3.10 -29.72 23.10
CA VAL A 23 3.99 -29.69 24.24
C VAL A 23 4.33 -28.28 24.65
N GLN A 24 3.78 -27.29 23.95
CA GLN A 24 4.37 -25.98 24.01
C GLN A 24 3.46 -24.86 23.47
N GLY A 25 3.49 -23.70 24.14
CA GLY A 25 2.80 -22.49 23.68
C GLY A 25 3.54 -21.18 23.95
N SER A 26 2.80 -20.15 24.33
CA SER A 26 3.34 -18.81 24.46
C SER A 26 4.55 -18.70 25.39
N ALA A 27 4.54 -19.42 26.51
CA ALA A 27 5.58 -19.20 27.54
C ALA A 27 6.99 -19.57 27.04
N LEU A 28 7.08 -20.59 26.18
CA LEU A 28 8.36 -20.98 25.59
C LEU A 28 8.74 -20.04 24.45
N ALA A 29 7.78 -19.74 23.59
CA ALA A 29 8.00 -18.74 22.54
C ALA A 29 8.47 -17.39 23.13
N ILE A 30 7.79 -16.90 24.15
CA ILE A 30 8.18 -15.65 24.81
C ILE A 30 9.63 -15.72 25.29
N ALA A 31 9.96 -16.79 26.00
CA ALA A 31 11.26 -16.88 26.66
C ALA A 31 12.40 -16.90 25.64
N VAL A 32 12.20 -17.58 24.53
CA VAL A 32 13.25 -17.70 23.50
C VAL A 32 13.41 -16.40 22.71
N SER A 33 12.29 -15.74 22.39
CA SER A 33 12.36 -14.45 21.69
C SER A 33 12.95 -13.36 22.58
N GLU A 34 12.56 -13.35 23.86
CA GLU A 34 13.15 -12.39 24.83
C GLU A 34 14.63 -12.63 25.00
N ALA A 35 15.04 -13.89 24.95
CA ALA A 35 16.46 -14.24 25.09
C ALA A 35 17.31 -13.81 23.91
N GLY A 36 16.68 -13.60 22.76
CA GLY A 36 17.38 -13.09 21.57
C GLY A 36 17.32 -13.99 20.33
N GLY A 37 16.61 -15.11 20.43
CA GLY A 37 16.40 -16.01 19.29
C GLY A 37 15.02 -15.82 18.70
N LEU A 38 14.54 -16.79 17.95
CA LEU A 38 13.18 -16.73 17.39
C LEU A 38 12.32 -17.77 18.09
N GLY A 39 11.37 -17.30 18.89
CA GLY A 39 10.38 -18.16 19.54
C GLY A 39 9.24 -18.51 18.61
N SER A 40 8.59 -19.65 18.84
CA SER A 40 7.67 -20.21 17.88
C SER A 40 6.40 -20.70 18.57
N LEU A 41 5.26 -20.34 17.99
CA LEU A 41 3.95 -20.82 18.44
C LEU A 41 3.44 -21.87 17.45
N PRO A 42 3.39 -23.13 17.89
CA PRO A 42 2.75 -24.16 17.07
C PRO A 42 1.23 -23.95 17.05
N CYS A 43 0.67 -23.81 15.85
CA CYS A 43 -0.77 -23.54 15.70
C CYS A 43 -1.59 -24.68 15.13
N ALA A 44 -0.97 -25.80 14.80
CA ALA A 44 -1.68 -26.88 14.11
C ALA A 44 -2.91 -27.40 14.91
N MET A 45 -2.81 -27.41 16.24
CA MET A 45 -3.89 -27.95 17.07
C MET A 45 -4.77 -26.89 17.76
N LEU A 46 -4.64 -25.62 17.37
CA LEU A 46 -5.35 -24.54 18.07
C LEU A 46 -6.67 -24.21 17.40
N SER A 47 -7.74 -24.15 18.15
CA SER A 47 -8.97 -23.49 17.66
C SER A 47 -8.64 -22.02 17.37
N LEU A 48 -9.54 -21.35 16.66
CA LEU A 48 -9.41 -19.92 16.41
C LEU A 48 -9.37 -19.09 17.70
N GLU A 49 -10.08 -19.56 18.72
CA GLU A 49 -10.09 -18.90 20.02
C GLU A 49 -8.73 -19.08 20.72
N ALA A 50 -8.31 -20.34 20.89
CA ALA A 50 -6.98 -20.63 21.44
C ALA A 50 -5.90 -19.85 20.69
N LEU A 51 -5.99 -19.82 19.36
CA LEU A 51 -4.99 -19.15 18.51
C LEU A 51 -4.85 -17.68 18.89
N GLU A 52 -5.97 -16.98 18.87
CA GLU A 52 -5.99 -15.53 19.19
C GLU A 52 -5.53 -15.26 20.64
N ALA A 53 -6.00 -16.08 21.57
CA ALA A 53 -5.58 -15.99 22.97
C ALA A 53 -4.05 -16.07 23.07
N GLU A 54 -3.49 -17.09 22.44
CA GLU A 54 -2.09 -17.40 22.64
C GLU A 54 -1.20 -16.34 22.00
N LEU A 55 -1.67 -15.74 20.90
CA LEU A 55 -0.93 -14.65 20.26
C LEU A 55 -1.04 -13.37 21.08
N THR A 56 -2.21 -13.16 21.68
CA THR A 56 -2.39 -12.01 22.56
C THR A 56 -1.46 -12.15 23.79
N ALA A 57 -1.41 -13.34 24.37
CA ALA A 57 -0.47 -13.61 25.47
C ALA A 57 0.99 -13.40 25.07
N ILE A 58 1.37 -13.76 23.85
CA ILE A 58 2.74 -13.50 23.41
C ILE A 58 3.02 -11.99 23.32
N ARG A 59 2.07 -11.24 22.76
CA ARG A 59 2.32 -9.83 22.44
C ARG A 59 2.35 -8.92 23.66
N SER A 60 1.83 -9.39 24.79
CA SER A 60 1.83 -8.54 25.96
C SER A 60 2.97 -8.86 26.90
N GLN A 61 3.94 -9.66 26.45
CA GLN A 61 5.16 -9.91 27.24
C GLN A 61 6.43 -9.61 26.45
N THR A 62 6.30 -9.55 25.12
CA THR A 62 7.44 -9.21 24.24
C THR A 62 6.93 -8.59 22.95
N ALA A 63 7.75 -7.72 22.38
CA ALA A 63 7.56 -7.20 21.05
C ALA A 63 8.69 -7.64 20.13
N LYS A 64 9.49 -8.60 20.59
CA LYS A 64 10.48 -9.22 19.74
C LYS A 64 9.84 -10.22 18.76
N PRO A 65 10.53 -10.49 17.65
CA PRO A 65 10.03 -11.39 16.58
C PRO A 65 9.60 -12.76 17.06
N ILE A 66 8.56 -13.28 16.40
CA ILE A 66 8.09 -14.63 16.65
C ILE A 66 7.69 -15.30 15.35
N ASN A 67 7.54 -16.61 15.44
CA ASN A 67 7.30 -17.51 14.33
C ASN A 67 6.05 -18.25 14.67
N VAL A 68 4.99 -18.10 13.87
CA VAL A 68 3.77 -18.90 14.07
C VAL A 68 3.72 -20.01 13.03
N ASN A 69 3.42 -21.22 13.49
CA ASN A 69 3.58 -22.43 12.68
C ASN A 69 2.24 -23.06 12.34
N PHE A 70 2.09 -23.50 11.09
CA PHE A 70 0.87 -24.15 10.62
C PHE A 70 1.15 -25.36 9.74
N PHE A 71 0.18 -26.28 9.70
CA PHE A 71 0.18 -27.38 8.74
C PHE A 71 -0.60 -26.97 7.52
N CYS A 72 -0.05 -27.24 6.35
CA CYS A 72 -0.78 -27.07 5.09
C CYS A 72 -0.70 -28.34 4.24
N HIS A 73 -1.24 -29.41 4.79
CA HIS A 73 -1.36 -30.68 4.12
C HIS A 73 -2.66 -30.70 3.34
N ARG A 74 -2.75 -31.63 2.38
CA ARG A 74 -4.01 -31.93 1.74
C ARG A 74 -4.85 -32.78 2.70
N GLU A 75 -6.10 -32.39 2.88
CA GLU A 75 -7.05 -33.21 3.61
C GLU A 75 -7.17 -34.56 2.92
N PRO A 76 -7.40 -35.63 3.69
CA PRO A 76 -7.04 -36.99 3.27
C PRO A 76 -7.88 -37.63 2.11
N VAL A 77 -9.20 -37.44 2.13
CA VAL A 77 -10.18 -38.19 1.27
C VAL A 77 -10.91 -39.22 2.09
N ALA A 78 -12.24 -39.26 1.94
CA ALA A 78 -13.10 -40.11 2.77
C ALA A 78 -12.61 -41.54 2.72
N GLN A 79 -12.63 -42.20 3.88
CA GLN A 79 -12.14 -43.56 4.00
C GLN A 79 -12.66 -44.22 5.26
N ALA A 80 -13.96 -44.07 5.49
CA ALA A 80 -14.67 -44.65 6.64
C ALA A 80 -14.37 -46.14 6.89
N ALA A 81 -14.08 -46.87 5.81
CA ALA A 81 -13.87 -48.30 5.91
C ALA A 81 -12.44 -48.60 6.29
N LYS A 82 -11.51 -47.89 5.67
CA LYS A 82 -10.10 -48.00 6.07
C LYS A 82 -9.97 -47.69 7.55
N GLN A 83 -10.75 -46.72 8.01
CA GLN A 83 -10.81 -46.36 9.42
C GLN A 83 -11.40 -47.49 10.26
N ALA A 84 -12.48 -48.05 9.77
CA ALA A 84 -13.17 -49.12 10.46
C ALA A 84 -12.29 -50.37 10.53
N ALA A 85 -11.53 -50.65 9.47
CA ALA A 85 -10.60 -51.81 9.48
C ALA A 85 -9.44 -51.64 10.46
N TRP A 86 -8.98 -50.42 10.63
CA TRP A 86 -7.89 -50.11 11.55
C TRP A 86 -8.40 -50.27 12.97
N LEU A 87 -9.60 -49.76 13.23
CA LEU A 87 -10.26 -49.90 14.52
C LEU A 87 -10.37 -51.37 14.90
N GLU A 88 -10.75 -52.20 13.94
CA GLU A 88 -10.91 -53.64 14.14
C GLU A 88 -9.59 -54.26 14.56
N GLN A 89 -8.51 -53.83 13.92
CA GLN A 89 -7.17 -54.30 14.26
C GLN A 89 -6.72 -53.99 15.69
N LEU A 90 -7.20 -52.89 16.25
CA LEU A 90 -6.85 -52.50 17.62
C LEU A 90 -7.75 -53.14 18.71
N ALA A 91 -8.75 -53.92 18.28
CA ALA A 91 -9.73 -54.48 19.21
C ALA A 91 -9.11 -55.11 20.48
N PRO A 92 -8.03 -55.90 20.32
CA PRO A 92 -7.36 -56.50 21.47
C PRO A 92 -6.93 -55.50 22.57
N TYR A 93 -6.42 -54.34 22.16
CA TYR A 93 -6.04 -53.33 23.14
C TYR A 93 -7.26 -52.75 23.81
N PHE A 94 -8.31 -52.51 23.04
CA PHE A 94 -9.54 -51.97 23.62
C PHE A 94 -10.06 -52.91 24.69
N ALA A 95 -10.07 -54.19 24.37
CA ALA A 95 -10.38 -55.23 25.34
C ALA A 95 -9.46 -55.19 26.58
N GLU A 96 -8.15 -55.22 26.35
CA GLU A 96 -7.19 -55.21 27.45
C GLU A 96 -7.49 -54.05 28.41
N PHE A 97 -7.67 -52.87 27.84
CA PHE A 97 -7.81 -51.64 28.63
C PHE A 97 -9.28 -51.29 28.92
N ASN A 98 -10.22 -52.16 28.53
CA ASN A 98 -11.64 -51.95 28.82
C ASN A 98 -12.15 -50.60 28.31
N LEU A 99 -11.93 -50.35 27.02
CA LEU A 99 -12.29 -49.07 26.42
C LEU A 99 -13.35 -49.27 25.37
N ASP A 100 -14.35 -48.39 25.39
CA ASP A 100 -15.41 -48.35 24.39
C ASP A 100 -15.19 -47.13 23.50
N PRO A 101 -14.49 -47.30 22.35
CA PRO A 101 -14.35 -46.22 21.36
C PRO A 101 -15.67 -45.53 20.98
N ASN A 102 -16.09 -44.57 21.81
CA ASN A 102 -17.43 -43.99 21.76
C ASN A 102 -17.63 -43.01 22.91
N ARG A 110 -4.95 -31.59 13.00
CA ARG A 110 -6.24 -31.10 12.46
C ARG A 110 -6.06 -30.02 11.40
N THR A 111 -6.93 -30.07 10.38
CA THR A 111 -7.36 -28.91 9.58
C THR A 111 -6.26 -27.96 9.05
N PRO A 112 -6.08 -27.91 7.71
CA PRO A 112 -4.97 -27.10 7.18
C PRO A 112 -5.20 -25.60 7.26
N TYR A 113 -4.11 -24.84 7.20
CA TYR A 113 -4.16 -23.38 7.16
C TYR A 113 -5.16 -22.91 6.10
N SER A 114 -6.08 -22.04 6.52
CA SER A 114 -7.16 -21.54 5.65
C SER A 114 -7.33 -20.02 5.81
N LYS A 115 -8.25 -19.45 5.04
CA LYS A 115 -8.70 -18.07 5.22
C LYS A 115 -9.09 -17.79 6.68
N ALA A 116 -9.66 -18.79 7.35
CA ALA A 116 -10.08 -18.65 8.75
C ALA A 116 -8.93 -18.30 9.69
N GLN A 117 -7.80 -18.98 9.55
CA GLN A 117 -6.63 -18.67 10.37
C GLN A 117 -5.98 -17.36 9.94
N ALA A 118 -5.91 -17.14 8.63
CA ALA A 118 -5.47 -15.87 8.08
C ALA A 118 -6.13 -14.65 8.76
N GLU A 119 -7.44 -14.70 8.96
CA GLU A 119 -8.16 -13.53 9.45
C GLU A 119 -7.66 -13.16 10.85
N VAL A 120 -7.43 -14.16 11.69
CA VAL A 120 -6.82 -13.96 13.02
C VAL A 120 -5.35 -13.48 12.96
N LEU A 121 -4.53 -14.11 12.13
CA LEU A 121 -3.14 -13.71 12.00
C LEU A 121 -3.01 -12.25 11.56
N ALA A 122 -3.94 -11.80 10.74
CA ALA A 122 -3.81 -10.50 10.11
C ALA A 122 -3.77 -9.40 11.17
N LYS A 123 -4.47 -9.61 12.29
CA LYS A 123 -4.46 -8.66 13.42
C LYS A 123 -3.07 -8.51 14.05
N PHE A 124 -2.32 -9.62 14.13
CA PHE A 124 -1.04 -9.64 14.84
C PHE A 124 0.17 -9.41 13.95
N LYS A 125 0.11 -9.87 12.70
CA LYS A 125 1.21 -9.67 11.71
C LYS A 125 2.56 -10.21 12.15
N PRO A 126 2.69 -11.56 12.21
CA PRO A 126 3.87 -12.26 12.69
C PRO A 126 5.10 -11.98 11.84
N GLU A 127 6.23 -11.85 12.50
CA GLU A 127 7.48 -11.61 11.81
C GLU A 127 7.80 -12.79 10.90
N VAL A 128 7.55 -13.99 11.39
CA VAL A 128 7.63 -15.13 10.50
C VAL A 128 6.47 -16.10 10.65
N VAL A 129 6.09 -16.66 9.50
CA VAL A 129 5.09 -17.69 9.39
C VAL A 129 5.76 -18.94 8.78
N SER A 130 5.70 -20.05 9.49
CA SER A 130 6.36 -21.24 9.06
C SER A 130 5.27 -22.24 8.72
N PHE A 131 5.56 -23.12 7.79
CA PHE A 131 4.60 -24.14 7.35
C PHE A 131 5.28 -25.48 7.41
N HIS A 132 4.52 -26.50 7.83
CA HIS A 132 4.90 -27.91 7.66
C HIS A 132 4.07 -28.58 6.54
N PHE A 133 4.71 -29.46 5.80
CA PHE A 133 4.13 -30.14 4.64
C PHE A 133 3.92 -29.18 3.45
N GLY A 134 4.93 -28.36 3.15
CA GLY A 134 4.92 -27.51 1.94
C GLY A 134 4.42 -26.09 2.17
N LEU A 135 3.56 -25.62 1.28
CA LEU A 135 3.06 -24.27 1.33
C LEU A 135 1.59 -24.23 1.00
N PRO A 136 0.88 -23.22 1.50
CA PRO A 136 -0.51 -22.97 1.06
C PRO A 136 -0.61 -22.36 -0.37
N ASP A 137 -1.85 -22.19 -0.85
CA ASP A 137 -2.10 -21.63 -2.21
C ASP A 137 -1.50 -20.23 -2.37
N GLU A 138 -1.22 -19.83 -3.60
CA GLU A 138 -0.51 -18.58 -3.84
C GLU A 138 -1.19 -17.37 -3.19
N GLU A 139 -2.52 -17.38 -3.18
CA GLU A 139 -3.30 -16.25 -2.65
C GLU A 139 -3.09 -16.09 -1.15
N LEU A 140 -3.24 -17.20 -0.43
CA LEU A 140 -2.90 -17.26 0.99
C LEU A 140 -1.47 -16.79 1.26
N LEU A 141 -0.54 -17.19 0.41
CA LEU A 141 0.85 -16.79 0.52
C LEU A 141 1.04 -15.30 0.30
N LEU A 142 0.39 -14.76 -0.73
CA LEU A 142 0.47 -13.32 -1.00
C LEU A 142 -0.14 -12.50 0.14
N GLU A 143 -1.24 -12.99 0.68
CA GLU A 143 -1.83 -12.32 1.84
C GLU A 143 -0.82 -12.20 2.97
N ILE A 144 -0.15 -13.30 3.31
CA ILE A 144 0.85 -13.34 4.36
C ILE A 144 2.01 -12.36 4.09
N LYS A 145 2.55 -12.39 2.87
CA LYS A 145 3.72 -11.55 2.56
C LYS A 145 3.38 -10.08 2.74
N SER A 146 2.11 -9.75 2.55
CA SER A 146 1.66 -8.37 2.58
C SER A 146 1.45 -7.85 4.00
N TRP A 147 1.65 -8.73 4.99
CA TRP A 147 1.81 -8.30 6.39
C TRP A 147 3.25 -7.89 6.72
N GLY A 148 4.18 -8.12 5.81
CA GLY A 148 5.60 -8.00 6.12
C GLY A 148 6.25 -9.31 6.56
N SER A 149 5.43 -10.35 6.76
CA SER A 149 5.87 -11.62 7.32
C SER A 149 6.83 -12.30 6.36
N LYS A 150 7.92 -12.82 6.90
CA LYS A 150 8.76 -13.74 6.13
C LYS A 150 8.12 -15.10 6.20
N VAL A 151 8.23 -15.84 5.12
CA VAL A 151 7.67 -17.18 5.06
C VAL A 151 8.77 -18.21 4.95
N ILE A 152 8.72 -19.20 5.84
CA ILE A 152 9.62 -20.36 5.78
C ILE A 152 8.86 -21.70 5.79
N SER A 153 9.51 -22.75 5.26
CA SER A 153 8.90 -24.09 5.22
C SER A 153 9.96 -25.17 5.24
N THR A 154 9.51 -26.40 5.46
CA THR A 154 10.44 -27.50 5.70
C THR A 154 10.70 -28.28 4.39
N ALA A 155 11.97 -28.55 4.10
CA ALA A 155 12.37 -29.42 3.00
C ALA A 155 13.07 -30.64 3.57
N THR A 156 12.68 -31.83 3.09
CA THR A 156 13.39 -33.07 3.44
C THR A 156 14.22 -33.64 2.30
N THR A 157 14.22 -32.98 1.15
CA THR A 157 15.07 -33.33 0.04
C THR A 157 15.49 -32.05 -0.70
N VAL A 158 16.41 -32.20 -1.65
CA VAL A 158 16.80 -31.12 -2.53
C VAL A 158 15.67 -30.68 -3.47
N GLU A 159 14.88 -31.62 -3.95
CA GLU A 159 13.75 -31.26 -4.83
C GLU A 159 12.74 -30.39 -4.10
N GLU A 160 12.43 -30.78 -2.85
CA GLU A 160 11.50 -30.03 -2.03
C GLU A 160 12.04 -28.61 -1.77
N ALA A 161 13.34 -28.50 -1.54
CA ALA A 161 13.94 -27.21 -1.31
C ALA A 161 13.80 -26.29 -2.55
N LEU A 162 13.95 -26.88 -3.74
CA LEU A 162 13.85 -26.13 -4.97
C LEU A 162 12.41 -25.71 -5.23
N TRP A 163 11.48 -26.56 -4.82
CA TRP A 163 10.06 -26.25 -4.96
C TRP A 163 9.71 -25.07 -4.07
N LEU A 164 10.23 -25.07 -2.85
CA LEU A 164 9.98 -23.99 -1.91
C LEU A 164 10.58 -22.65 -2.35
N GLU A 165 11.81 -22.67 -2.85
CA GLU A 165 12.44 -21.47 -3.38
C GLU A 165 11.60 -20.90 -4.51
N ALA A 166 11.22 -21.78 -5.43
CA ALA A 166 10.48 -21.41 -6.64
C ALA A 166 9.13 -20.79 -6.33
N ARG A 167 8.54 -21.18 -5.21
CA ARG A 167 7.25 -20.67 -4.79
C ARG A 167 7.39 -19.54 -3.77
N GLY A 168 8.58 -18.97 -3.63
CA GLY A 168 8.74 -17.70 -2.94
C GLY A 168 9.11 -17.78 -1.47
N ALA A 169 9.51 -18.95 -0.98
CA ALA A 169 9.91 -19.06 0.44
C ALA A 169 11.06 -18.10 0.69
N ASP A 170 11.13 -17.55 1.89
CA ASP A 170 12.19 -16.64 2.23
C ASP A 170 13.38 -17.40 2.79
N ALA A 171 13.10 -18.56 3.39
CA ALA A 171 14.13 -19.48 3.89
C ALA A 171 13.58 -20.89 3.91
N ILE A 172 14.50 -21.86 3.96
CA ILE A 172 14.18 -23.27 3.92
C ILE A 172 14.65 -23.91 5.21
N ILE A 173 13.79 -24.70 5.86
CA ILE A 173 14.23 -25.52 6.99
C ILE A 173 14.62 -26.91 6.45
N ALA A 174 15.90 -27.25 6.53
CA ALA A 174 16.36 -28.58 6.13
C ALA A 174 16.28 -29.53 7.30
N GLN A 175 15.22 -30.35 7.39
CA GLN A 175 15.18 -31.35 8.51
C GLN A 175 15.66 -32.71 8.12
N GLY A 176 16.82 -33.06 8.69
CA GLY A 176 17.35 -34.39 8.60
C GLY A 176 16.45 -35.38 9.28
N LEU A 177 16.62 -36.65 8.90
CA LEU A 177 15.91 -37.77 9.51
C LEU A 177 16.08 -37.85 11.02
N GLU A 178 17.14 -37.23 11.56
CA GLU A 178 17.39 -37.22 13.02
C GLU A 178 16.27 -36.46 13.79
N ALA A 179 15.58 -35.56 13.11
CA ALA A 179 14.57 -34.71 13.74
C ALA A 179 13.48 -35.51 14.44
N GLY A 180 13.03 -34.98 15.57
CA GLY A 180 11.79 -35.41 16.21
C GLY A 180 10.54 -34.90 15.48
N GLY A 181 9.40 -35.51 15.78
CA GLY A 181 8.12 -35.10 15.20
C GLY A 181 7.96 -35.51 13.77
N HIS A 182 6.98 -34.94 13.10
CA HIS A 182 6.63 -35.42 11.76
C HIS A 182 7.72 -35.07 10.77
N ARG A 183 7.95 -35.99 9.84
CA ARG A 183 8.59 -35.64 8.61
C ARG A 183 7.70 -34.63 7.86
N GLY A 184 8.31 -33.55 7.38
CA GLY A 184 7.61 -32.47 6.71
C GLY A 184 7.68 -32.60 5.20
N HIS A 185 7.86 -33.83 4.71
CA HIS A 185 7.92 -34.11 3.26
C HIS A 185 6.58 -33.93 2.57
N PHE A 186 6.61 -33.69 1.26
CA PHE A 186 5.40 -33.37 0.53
C PHE A 186 5.47 -33.64 -0.95
N LEU A 187 6.66 -33.84 -1.52
CA LEU A 187 6.75 -34.25 -2.92
C LEU A 187 6.68 -35.77 -3.13
N SER A 188 6.93 -36.54 -2.08
CA SER A 188 7.00 -38.00 -2.23
C SER A 188 6.73 -38.74 -0.93
N GLU A 189 6.07 -39.89 -1.04
CA GLU A 189 5.81 -40.73 0.13
C GLU A 189 6.99 -41.67 0.45
N ASP A 190 7.92 -41.79 -0.49
CA ASP A 190 9.06 -42.69 -0.34
C ASP A 190 10.08 -42.14 0.67
N LEU A 191 10.15 -42.79 1.83
CA LEU A 191 11.08 -42.38 2.90
C LEU A 191 12.57 -42.60 2.59
N THR A 192 12.89 -43.49 1.65
CA THR A 192 14.29 -43.69 1.26
C THR A 192 14.88 -42.51 0.46
N GLU A 193 14.03 -41.55 0.08
CA GLU A 193 14.52 -40.33 -0.55
C GLU A 193 15.09 -39.32 0.44
N GLN A 194 14.76 -39.51 1.72
CA GLN A 194 15.15 -38.57 2.76
C GLN A 194 16.52 -38.90 3.33
N LEU A 195 17.15 -37.86 3.88
CA LEU A 195 18.56 -37.91 4.23
C LEU A 195 18.75 -37.51 5.68
N GLY A 196 19.88 -37.88 6.23
CA GLY A 196 20.30 -37.34 7.51
C GLY A 196 20.82 -35.92 7.42
N THR A 197 20.81 -35.23 8.55
CA THR A 197 21.22 -33.83 8.60
C THR A 197 22.56 -33.58 7.90
N PHE A 198 23.51 -34.48 8.13
CA PHE A 198 24.89 -34.29 7.73
C PHE A 198 25.02 -34.21 6.22
N SER A 199 24.13 -34.90 5.53
CA SER A 199 24.12 -34.92 4.07
C SER A 199 23.06 -33.99 3.45
N LEU A 200 21.91 -33.83 4.11
CA LEU A 200 20.83 -32.96 3.59
C LEU A 200 21.25 -31.49 3.56
N LEU A 201 21.83 -31.04 4.67
CA LEU A 201 22.18 -29.64 4.85
C LEU A 201 23.09 -29.09 3.75
N PRO A 202 24.31 -29.69 3.57
CA PRO A 202 25.22 -29.13 2.55
C PRO A 202 24.70 -29.29 1.13
N GLN A 203 23.88 -30.32 0.88
CA GLN A 203 23.33 -30.48 -0.45
C GLN A 203 22.19 -29.52 -0.74
N ILE A 204 21.37 -29.21 0.26
CA ILE A 204 20.39 -28.13 0.09
C ILE A 204 21.05 -26.77 -0.10
N ILE A 205 22.07 -26.46 0.70
CA ILE A 205 22.74 -25.15 0.59
C ILE A 205 23.38 -24.99 -0.78
N ALA A 206 23.94 -26.08 -1.33
CA ALA A 206 24.55 -26.06 -2.67
C ALA A 206 23.55 -25.74 -3.75
N ALA A 207 22.30 -26.11 -3.53
CA ALA A 207 21.28 -26.06 -4.56
C ALA A 207 20.50 -24.74 -4.58
N VAL A 208 20.42 -24.06 -3.44
CA VAL A 208 19.55 -22.88 -3.35
C VAL A 208 20.38 -21.64 -3.04
N GLU A 209 19.80 -20.48 -3.31
CA GLU A 209 20.46 -19.23 -3.04
C GLU A 209 19.98 -18.63 -1.73
N ILE A 210 18.77 -18.97 -1.31
CA ILE A 210 18.20 -18.45 -0.06
C ILE A 210 18.78 -19.11 1.20
N PRO A 211 18.54 -18.48 2.37
CA PRO A 211 19.17 -19.00 3.59
C PRO A 211 18.60 -20.35 4.03
N VAL A 212 19.43 -21.15 4.67
CA VAL A 212 19.05 -22.48 5.07
C VAL A 212 19.21 -22.64 6.59
N ILE A 213 18.11 -23.07 7.21
CA ILE A 213 18.04 -23.36 8.63
C ILE A 213 18.23 -24.87 8.87
N ALA A 214 19.17 -25.21 9.74
CA ALA A 214 19.43 -26.60 10.04
C ALA A 214 18.49 -27.12 11.13
N ALA A 215 17.78 -28.19 10.81
CA ALA A 215 16.97 -28.95 11.76
C ALA A 215 17.34 -30.45 11.77
N GLY A 216 17.36 -31.04 12.96
CA GLY A 216 17.59 -32.48 13.13
C GLY A 216 18.87 -32.80 13.89
N GLY A 217 18.76 -32.89 15.21
CA GLY A 217 19.90 -33.30 16.04
C GLY A 217 20.75 -32.17 16.56
N ILE A 218 20.26 -30.93 16.47
CA ILE A 218 21.01 -29.80 16.99
C ILE A 218 20.56 -29.59 18.42
N VAL A 219 21.44 -29.92 19.36
CA VAL A 219 21.06 -30.06 20.78
C VAL A 219 21.96 -29.31 21.74
N ASP A 220 23.07 -28.75 21.24
CA ASP A 220 24.03 -28.13 22.13
C ASP A 220 24.98 -27.23 21.35
N ALA A 221 25.94 -26.65 22.05
CA ALA A 221 26.87 -25.69 21.45
C ALA A 221 27.67 -26.32 20.34
N THR A 222 28.21 -27.49 20.59
CA THR A 222 29.02 -28.17 19.60
C THR A 222 28.22 -28.44 18.34
N THR A 223 27.01 -28.96 18.48
CA THR A 223 26.24 -29.34 17.31
C THR A 223 25.73 -28.10 16.56
N VAL A 224 25.43 -27.04 17.29
CA VAL A 224 25.10 -25.76 16.65
C VAL A 224 26.30 -25.35 15.79
N ARG A 225 27.50 -25.55 16.34
CA ARG A 225 28.74 -25.15 15.65
C ARG A 225 28.95 -25.95 14.35
N ALA A 226 28.85 -27.27 14.46
CA ALA A 226 28.92 -28.13 13.28
C ALA A 226 27.94 -27.71 12.21
N ALA A 227 26.71 -27.33 12.59
CA ALA A 227 25.70 -26.90 11.62
C ALA A 227 26.13 -25.64 10.88
N MET A 228 26.60 -24.64 11.62
CA MET A 228 26.96 -23.35 11.05
C MET A 228 28.21 -23.48 10.18
N THR A 229 29.19 -24.22 10.66
CA THR A 229 30.37 -24.63 9.88
C THR A 229 30.04 -25.12 8.47
N MET A 230 28.95 -25.86 8.33
CA MET A 230 28.51 -26.36 7.04
C MET A 230 27.88 -25.30 6.16
N GLY A 231 27.53 -24.15 6.73
CA GLY A 231 26.96 -23.04 5.97
C GLY A 231 25.49 -22.77 6.27
N ALA A 232 24.95 -23.34 7.34
CA ALA A 232 23.61 -22.97 7.79
C ALA A 232 23.57 -21.50 8.23
N SER A 233 22.45 -20.82 7.97
CA SER A 233 22.26 -19.43 8.43
C SER A 233 21.65 -19.36 9.82
N ALA A 234 21.19 -20.50 10.33
CA ALA A 234 20.54 -20.58 11.63
C ALA A 234 20.27 -22.05 11.91
N VAL A 235 19.83 -22.34 13.14
CA VAL A 235 19.43 -23.70 13.52
C VAL A 235 18.08 -23.70 14.19
N GLN A 236 17.31 -24.75 13.92
CA GLN A 236 16.03 -24.95 14.54
C GLN A 236 16.16 -26.09 15.51
N VAL A 237 15.81 -25.82 16.75
CA VAL A 237 16.07 -26.71 17.85
C VAL A 237 14.76 -27.08 18.50
N GLY A 238 14.49 -28.39 18.56
CA GLY A 238 13.23 -28.91 19.10
C GLY A 238 13.41 -29.74 20.38
N THR A 239 13.91 -30.95 20.22
CA THR A 239 13.98 -31.92 21.30
C THR A 239 14.67 -31.38 22.57
N ALA A 240 15.67 -30.50 22.41
CA ALA A 240 16.49 -30.07 23.55
C ALA A 240 15.81 -29.01 24.43
N TYR A 241 14.69 -28.45 23.98
CA TYR A 241 13.83 -27.63 24.86
C TYR A 241 12.79 -28.41 25.69
N LEU A 242 12.64 -29.71 25.47
CA LEU A 242 11.44 -30.44 25.94
C LEU A 242 11.39 -30.66 27.45
N LEU A 243 12.51 -30.42 28.14
CA LEU A 243 12.53 -30.53 29.60
C LEU A 243 12.55 -29.17 30.27
N CYS A 244 12.55 -28.09 29.48
CA CYS A 244 12.52 -26.74 30.04
C CYS A 244 11.20 -26.52 30.77
N PRO A 245 11.23 -25.73 31.86
CA PRO A 245 9.98 -25.45 32.61
C PRO A 245 8.92 -24.70 31.79
N GLU A 246 9.33 -24.03 30.71
CA GLU A 246 8.37 -23.29 29.88
C GLU A 246 7.57 -24.25 29.00
N CYS A 247 8.11 -25.43 28.79
CA CYS A 247 7.45 -26.49 28.03
C CYS A 247 6.36 -27.21 28.83
N ASN A 248 5.26 -27.53 28.16
CA ASN A 248 4.15 -28.21 28.78
C ASN A 248 4.25 -29.72 28.58
N THR A 249 5.46 -30.20 28.29
CA THR A 249 5.71 -31.62 28.06
C THR A 249 5.23 -32.42 29.28
N SER A 250 4.43 -33.45 29.03
CA SER A 250 3.83 -34.25 30.08
C SER A 250 4.86 -35.02 30.90
N ALA A 251 4.47 -35.34 32.14
CA ALA A 251 5.32 -36.05 33.08
C ALA A 251 5.82 -37.36 32.48
N ILE A 252 4.92 -38.04 31.79
CA ILE A 252 5.22 -39.34 31.23
C ILE A 252 6.15 -39.22 30.01
N HIS A 253 5.91 -38.19 29.18
CA HIS A 253 6.83 -37.82 28.10
C HIS A 253 8.19 -37.35 28.65
N ARG A 254 8.18 -36.50 29.66
CA ARG A 254 9.43 -36.13 30.37
C ARG A 254 10.25 -37.33 30.89
N GLU A 255 9.54 -38.34 31.40
CA GLU A 255 10.19 -39.50 32.02
C GLU A 255 10.84 -40.37 30.96
N ALA A 256 10.17 -40.49 29.82
CA ALA A 256 10.67 -41.26 28.71
C ALA A 256 11.94 -40.62 28.16
N LEU A 257 11.91 -39.30 27.93
CA LEU A 257 13.10 -38.58 27.46
C LEU A 257 14.35 -38.81 28.33
N GLN A 258 14.16 -39.03 29.62
CA GLN A 258 15.29 -39.11 30.57
C GLN A 258 15.76 -40.55 30.75
N SER A 259 14.90 -41.50 30.45
CA SER A 259 15.27 -42.91 30.45
C SER A 259 16.23 -43.28 29.31
N ASP A 260 16.76 -44.49 29.35
CA ASP A 260 17.64 -44.96 28.31
C ASP A 260 16.88 -45.56 27.11
N ALA A 261 15.57 -45.74 27.26
CA ALA A 261 14.68 -45.93 26.10
C ALA A 261 14.72 -44.72 25.11
N ALA A 262 14.93 -43.52 25.64
CA ALA A 262 14.94 -42.33 24.81
C ALA A 262 15.91 -42.44 23.64
N GLN A 263 16.98 -43.21 23.82
CA GLN A 263 17.99 -43.41 22.76
C GLN A 263 17.50 -44.15 21.53
N HIS A 264 16.48 -45.01 21.68
CA HIS A 264 15.94 -45.76 20.54
C HIS A 264 14.64 -45.12 20.02
N THR A 265 14.72 -44.49 18.85
CA THR A 265 13.56 -43.86 18.24
C THR A 265 13.32 -44.48 16.89
N ALA A 266 12.14 -44.22 16.32
CA ALA A 266 11.85 -44.68 14.97
C ALA A 266 10.71 -43.90 14.33
N LEU A 267 10.70 -43.90 13.01
CA LEU A 267 9.60 -43.30 12.28
C LEU A 267 8.38 -44.21 12.40
N THR A 268 7.24 -43.62 12.79
CA THR A 268 5.98 -44.36 12.94
C THR A 268 4.82 -43.53 12.40
N ASN A 269 3.91 -44.18 11.68
CA ASN A 269 2.66 -43.53 11.26
C ASN A 269 1.47 -43.89 12.14
N LEU A 270 1.73 -44.58 13.25
CA LEU A 270 0.66 -45.25 13.99
C LEU A 270 -0.25 -44.26 14.72
N PHE A 271 0.26 -43.09 15.05
CA PHE A 271 -0.48 -42.18 15.92
C PHE A 271 -1.25 -41.12 15.15
N SER A 272 -0.84 -40.86 13.91
CA SER A 272 -1.35 -39.71 13.17
C SER A 272 -1.79 -40.04 11.72
N GLY A 273 -1.18 -41.05 11.12
CA GLY A 273 -1.32 -41.31 9.67
C GLY A 273 -0.10 -40.93 8.84
N ARG A 274 0.86 -40.26 9.47
CA ARG A 274 2.02 -39.74 8.75
C ARG A 274 3.29 -40.06 9.51
N PRO A 275 4.37 -40.39 8.80
CA PRO A 275 5.65 -40.71 9.46
C PRO A 275 6.10 -39.63 10.45
N ALA A 276 6.28 -40.01 11.71
CA ALA A 276 6.83 -39.11 12.72
C ALA A 276 7.79 -39.89 13.62
N ARG A 277 8.84 -39.20 14.12
CA ARG A 277 9.86 -39.86 14.94
C ARG A 277 9.54 -39.71 16.41
N GLY A 278 9.48 -40.85 17.10
CA GLY A 278 9.24 -40.85 18.54
C GLY A 278 9.93 -41.99 19.24
N ILE A 279 10.17 -41.84 20.54
CA ILE A 279 10.72 -42.92 21.34
C ILE A 279 9.91 -44.20 21.13
N VAL A 280 10.60 -45.33 20.97
CA VAL A 280 9.95 -46.59 20.57
C VAL A 280 9.20 -47.16 21.76
N ASN A 281 7.92 -47.45 21.56
CA ASN A 281 7.08 -48.02 22.60
C ASN A 281 6.39 -49.33 22.16
N ARG A 282 5.60 -49.92 23.04
CA ARG A 282 4.97 -51.23 22.79
C ARG A 282 4.12 -51.17 21.52
N PHE A 283 3.32 -50.12 21.42
CA PHE A 283 2.40 -49.96 20.30
C PHE A 283 3.20 -49.99 18.98
N MET A 284 4.33 -49.28 18.95
CA MET A 284 5.15 -49.25 17.73
C MET A 284 5.81 -50.60 17.49
N ALA A 285 6.33 -51.22 18.55
CA ALA A 285 6.98 -52.52 18.40
C ALA A 285 6.01 -53.63 17.93
N GLU A 286 4.75 -53.58 18.36
CA GLU A 286 3.81 -54.69 18.09
C GLU A 286 3.05 -54.46 16.81
N MET A 287 2.82 -53.20 16.45
CA MET A 287 1.96 -52.86 15.31
C MET A 287 2.72 -52.13 14.18
N GLY A 288 4.01 -51.88 14.38
CA GLY A 288 4.79 -51.11 13.40
C GLY A 288 6.26 -51.48 13.42
N PRO A 289 7.15 -50.48 13.50
CA PRO A 289 6.86 -49.06 13.68
C PRO A 289 5.96 -48.44 12.59
N MET A 290 6.14 -48.87 11.34
CA MET A 290 5.34 -48.40 10.21
C MET A 290 4.25 -49.39 9.90
N ASN A 291 3.11 -48.91 9.43
CA ASN A 291 1.99 -49.80 9.08
C ASN A 291 1.14 -49.25 7.94
N GLU A 292 0.94 -50.08 6.92
CA GLU A 292 0.31 -49.67 5.67
C GLU A 292 -1.21 -49.54 5.82
N ALA A 293 -1.77 -50.06 6.92
CA ALA A 293 -3.22 -50.08 7.15
C ALA A 293 -3.81 -48.85 7.88
N VAL A 294 -2.94 -48.01 8.45
CA VAL A 294 -3.36 -46.81 9.16
C VAL A 294 -4.00 -45.78 8.21
N PRO A 295 -5.11 -45.17 8.63
CA PRO A 295 -5.72 -44.18 7.77
C PRO A 295 -4.86 -42.94 7.52
N ASP A 296 -5.18 -42.23 6.45
CA ASP A 296 -4.46 -41.03 6.09
C ASP A 296 -4.51 -39.97 7.18
N PHE A 297 -3.41 -39.22 7.28
CA PHE A 297 -3.27 -38.08 8.16
C PHE A 297 -4.35 -37.01 7.91
N PRO A 298 -5.00 -36.50 8.99
CA PRO A 298 -4.75 -36.77 10.41
C PRO A 298 -5.77 -37.72 11.08
N LEU A 299 -6.30 -38.68 10.34
CA LEU A 299 -7.46 -39.42 10.83
C LEU A 299 -7.11 -40.37 11.97
N ALA A 300 -5.90 -40.89 11.97
CA ALA A 300 -5.54 -42.03 12.83
C ALA A 300 -5.50 -41.69 14.32
N SER A 301 -5.33 -40.41 14.66
CA SER A 301 -5.31 -39.97 16.06
C SER A 301 -6.57 -40.37 16.80
N SER A 302 -7.72 -40.26 16.14
CA SER A 302 -8.98 -40.55 16.81
C SER A 302 -9.01 -41.98 17.36
N ALA A 303 -8.41 -42.93 16.63
CA ALA A 303 -8.40 -44.35 17.01
C ALA A 303 -7.52 -44.71 18.21
N VAL A 304 -6.54 -43.88 18.55
CA VAL A 304 -5.65 -44.17 19.68
C VAL A 304 -5.80 -43.22 20.86
N ALA A 305 -6.61 -42.17 20.68
CA ALA A 305 -6.77 -41.15 21.72
C ALA A 305 -7.15 -41.76 23.07
N GLY A 306 -8.20 -42.59 23.08
CA GLY A 306 -8.64 -43.29 24.29
C GLY A 306 -7.60 -44.20 24.93
N LEU A 307 -6.95 -45.04 24.11
CA LEU A 307 -5.90 -45.96 24.59
C LEU A 307 -4.78 -45.21 25.30
N ARG A 308 -4.27 -44.21 24.60
CA ARG A 308 -3.30 -43.29 25.16
C ARG A 308 -3.72 -42.76 26.51
N THR A 309 -4.90 -42.16 26.58
CA THR A 309 -5.42 -41.61 27.82
C THR A 309 -5.44 -42.65 28.92
N ALA A 310 -6.02 -43.81 28.61
CA ALA A 310 -6.13 -44.92 29.57
C ALA A 310 -4.77 -45.39 30.04
N ALA A 311 -3.84 -45.58 29.10
CA ALA A 311 -2.56 -46.19 29.45
C ALA A 311 -1.67 -45.20 30.20
N GLU A 312 -1.75 -43.92 29.82
CA GLU A 312 -1.07 -42.85 30.57
C GLU A 312 -1.63 -42.73 31.99
N ARG A 313 -2.94 -42.81 32.15
CA ARG A 313 -3.53 -42.75 33.49
C ARG A 313 -2.94 -43.83 34.42
N LEU A 314 -2.57 -44.98 33.86
CA LEU A 314 -1.92 -46.04 34.63
C LEU A 314 -0.40 -45.95 34.59
N GLY A 315 0.13 -44.84 34.08
CA GLY A 315 1.57 -44.60 34.09
C GLY A 315 2.37 -45.39 33.08
N PHE A 316 1.69 -45.97 32.09
CA PHE A 316 2.37 -46.61 30.96
C PHE A 316 2.51 -45.61 29.84
N TRP A 317 3.68 -45.55 29.20
CA TRP A 317 3.85 -44.74 28.01
C TRP A 317 3.62 -45.53 26.72
N ASP A 318 2.95 -46.68 26.85
CA ASP A 318 2.83 -47.68 25.77
C ASP A 318 2.05 -47.18 24.54
N PHE A 319 1.17 -46.20 24.71
CA PHE A 319 0.33 -45.74 23.59
C PHE A 319 0.47 -44.23 23.37
N SER A 320 1.64 -43.68 23.69
CA SER A 320 1.86 -42.24 23.58
C SER A 320 2.73 -41.90 22.36
N PRO A 321 2.42 -40.79 21.67
CA PRO A 321 3.35 -40.20 20.71
C PRO A 321 4.47 -39.44 21.43
N LEU A 322 5.61 -40.09 21.57
CA LEU A 322 6.70 -39.56 22.36
C LEU A 322 7.71 -38.92 21.41
N TRP A 323 7.31 -37.82 20.79
CA TRP A 323 8.12 -37.22 19.77
C TRP A 323 9.49 -36.79 20.34
N CYS A 324 10.57 -37.10 19.60
CA CYS A 324 11.95 -37.01 20.11
C CYS A 324 12.90 -37.35 18.95
N GLY A 325 13.97 -36.58 18.82
CA GLY A 325 14.95 -36.81 17.78
C GLY A 325 15.96 -37.84 18.19
N GLN A 326 16.98 -38.05 17.39
CA GLN A 326 17.92 -39.12 17.63
C GLN A 326 19.03 -38.73 18.59
N ASN A 327 18.96 -37.52 19.12
CA ASN A 327 19.91 -37.09 20.15
C ASN A 327 19.15 -36.42 21.27
N ALA A 328 18.85 -37.20 22.31
CA ALA A 328 18.17 -36.69 23.49
C ALA A 328 19.14 -36.11 24.52
N SER A 329 20.44 -36.16 24.25
CA SER A 329 21.42 -35.86 25.29
C SER A 329 21.48 -34.37 25.68
N GLY A 330 20.78 -33.50 24.94
CA GLY A 330 20.87 -32.05 25.18
C GLY A 330 19.75 -31.47 26.03
N CYS A 331 18.77 -32.31 26.38
CA CYS A 331 17.65 -31.88 27.18
C CYS A 331 18.13 -31.61 28.58
N ARG A 332 17.70 -30.48 29.12
CA ARG A 332 18.10 -30.03 30.45
C ARG A 332 16.92 -29.30 31.08
N ALA A 333 16.72 -29.48 32.38
CA ALA A 333 15.63 -28.82 33.08
C ALA A 333 16.07 -27.45 33.61
N ILE A 334 16.52 -26.57 32.73
CA ILE A 334 16.81 -25.19 33.08
C ILE A 334 16.00 -24.23 32.24
N PRO A 335 15.88 -22.96 32.68
CA PRO A 335 15.07 -22.02 31.91
C PRO A 335 15.51 -21.92 30.46
N ALA A 336 14.53 -21.92 29.54
CA ALA A 336 14.76 -21.92 28.09
C ALA A 336 15.60 -20.73 27.61
N ALA A 337 15.43 -19.59 28.26
CA ALA A 337 16.29 -18.45 27.97
C ALA A 337 17.76 -18.76 28.27
N ASP A 338 18.03 -19.35 29.45
CA ASP A 338 19.37 -19.81 29.82
C ASP A 338 19.90 -20.81 28.80
N LEU A 339 19.04 -21.76 28.42
CA LEU A 339 19.40 -22.81 27.44
C LEU A 339 19.67 -22.22 26.05
N THR A 340 18.85 -21.27 25.62
CA THR A 340 19.08 -20.60 24.34
C THR A 340 20.44 -19.96 24.23
N ARG A 341 20.93 -19.41 25.34
CA ARG A 341 22.29 -18.90 25.42
C ARG A 341 23.38 -19.98 25.48
N SER A 342 23.12 -21.13 26.11
CA SER A 342 24.00 -22.33 25.94
C SER A 342 24.48 -22.46 24.48
N PHE A 343 23.54 -22.31 23.56
CA PHE A 343 23.69 -22.81 22.19
C PHE A 343 24.62 -21.96 21.34
N VAL A 344 24.90 -20.73 21.77
CA VAL A 344 25.62 -19.78 20.93
C VAL A 344 27.04 -19.45 21.40
N LEU A 345 27.50 -20.12 22.45
CA LEU A 345 28.86 -19.94 22.98
C LEU A 345 29.99 -20.18 21.97
N SER A 346 29.82 -21.14 21.07
CA SER A 346 30.88 -21.54 20.15
C SER A 346 30.91 -20.73 18.83
N LEU A 347 30.06 -19.70 18.73
CA LEU A 347 29.99 -18.88 17.51
C LEU A 347 30.75 -17.55 17.63
N PRO A 348 31.17 -16.98 16.49
CA PRO A 348 31.89 -15.71 16.36
C PRO A 348 30.95 -14.53 16.18
N CYS B 3 -21.12 14.07 -4.37
CA CYS B 3 -21.71 12.86 -5.02
C CYS B 3 -21.21 12.65 -6.45
N ARG B 4 -20.40 13.57 -6.94
CA ARG B 4 -19.98 13.54 -8.35
C ARG B 4 -18.77 12.62 -8.54
N LEU B 5 -17.98 12.44 -7.49
CA LEU B 5 -16.77 11.63 -7.56
C LEU B 5 -17.02 10.19 -7.15
N THR B 6 -17.86 9.99 -6.13
CA THR B 6 -18.37 8.65 -5.81
C THR B 6 -19.01 7.97 -7.03
N ARG B 7 -19.80 8.75 -7.77
CA ARG B 7 -20.38 8.27 -9.04
C ARG B 7 -19.29 7.98 -10.05
N LEU B 8 -18.30 8.85 -10.15
CA LEU B 8 -17.22 8.65 -11.13
C LEU B 8 -16.28 7.44 -10.82
N PHE B 9 -16.11 7.07 -9.55
CA PHE B 9 -15.21 5.95 -9.16
C PHE B 9 -15.93 4.61 -8.93
N ILE B 11 -17.63 4.07 -6.17
CA ILE B 11 -17.43 3.74 -4.74
C ILE B 11 -18.52 4.32 -3.87
N GLU B 12 -18.65 3.78 -2.66
CA GLU B 12 -19.72 4.14 -1.75
C GLU B 12 -19.44 5.46 -1.04
N PHE B 13 -18.20 5.64 -0.60
CA PHE B 13 -17.84 6.80 0.21
C PHE B 13 -16.75 7.67 -0.44
N PRO B 14 -16.82 8.99 -0.25
CA PRO B 14 -15.82 9.88 -0.84
C PRO B 14 -14.59 9.98 0.06
N ILE B 15 -14.03 8.83 0.42
CA ILE B 15 -12.85 8.73 1.24
C ILE B 15 -11.80 8.01 0.40
N ILE B 16 -10.68 8.69 0.13
CA ILE B 16 -9.57 8.05 -0.53
C ILE B 16 -8.46 7.87 0.49
N GLN B 17 -8.02 6.63 0.65
CA GLN B 17 -6.85 6.36 1.43
C GLN B 17 -5.63 6.68 0.59
N ALA B 18 -4.75 7.50 1.14
CA ALA B 18 -3.60 7.97 0.40
C ALA B 18 -2.63 6.83 0.16
N PRO B 19 -2.14 6.69 -1.08
CA PRO B 19 -0.99 5.82 -1.30
C PRO B 19 0.21 6.34 -0.53
N MET B 20 0.81 5.47 0.27
CA MET B 20 1.95 5.84 1.08
C MET B 20 3.08 4.84 0.87
N ALA B 21 3.96 5.12 -0.09
CA ALA B 21 5.08 4.22 -0.43
C ALA B 21 5.92 3.87 0.80
N GLY B 22 6.12 2.58 1.02
CA GLY B 22 7.07 2.13 2.02
C GLY B 22 6.48 1.96 3.39
N VAL B 23 5.20 2.28 3.56
CA VAL B 23 4.52 1.96 4.81
C VAL B 23 3.32 1.06 4.62
N GLN B 24 2.99 0.77 3.37
CA GLN B 24 1.64 0.37 3.05
C GLN B 24 1.52 -0.31 1.69
N GLY B 25 0.73 -1.38 1.62
CA GLY B 25 0.47 -2.08 0.36
C GLY B 25 -0.93 -2.67 0.32
N SER B 26 -1.05 -3.88 -0.25
CA SER B 26 -2.36 -4.42 -0.68
C SER B 26 -3.37 -4.48 0.46
N ALA B 27 -2.90 -4.83 1.65
CA ALA B 27 -3.80 -5.04 2.80
C ALA B 27 -4.57 -3.76 3.19
N LEU B 28 -3.89 -2.63 3.24
CA LEU B 28 -4.57 -1.41 3.57
C LEU B 28 -5.55 -1.04 2.48
N ALA B 29 -5.15 -1.28 1.26
CA ALA B 29 -5.96 -0.97 0.14
C ALA B 29 -7.23 -1.77 0.11
N ILE B 30 -7.17 -3.07 0.44
CA ILE B 30 -8.34 -3.91 0.41
C ILE B 30 -9.37 -3.50 1.45
N ALA B 31 -8.89 -3.29 2.65
CA ALA B 31 -9.70 -2.90 3.79
C ALA B 31 -10.53 -1.68 3.45
N VAL B 32 -9.88 -0.65 2.92
CA VAL B 32 -10.56 0.61 2.60
C VAL B 32 -11.56 0.45 1.45
N SER B 33 -11.17 -0.23 0.38
CA SER B 33 -12.08 -0.39 -0.77
C SER B 33 -13.29 -1.23 -0.39
N GLU B 34 -13.03 -2.33 0.29
CA GLU B 34 -14.07 -3.23 0.74
C GLU B 34 -15.01 -2.53 1.73
N ALA B 35 -14.48 -1.59 2.52
CA ALA B 35 -15.31 -0.79 3.41
C ALA B 35 -16.16 0.29 2.71
N GLY B 36 -15.93 0.54 1.42
CA GLY B 36 -16.77 1.46 0.64
C GLY B 36 -16.05 2.71 0.11
N GLY B 37 -14.78 2.88 0.50
CA GLY B 37 -13.97 3.99 0.02
C GLY B 37 -13.06 3.57 -1.11
N LEU B 38 -12.13 4.45 -1.48
CA LEU B 38 -11.09 4.13 -2.46
C LEU B 38 -9.78 3.79 -1.78
N GLY B 39 -9.43 2.51 -1.81
CA GLY B 39 -8.12 2.06 -1.36
C GLY B 39 -7.08 2.28 -2.43
N SER B 40 -5.83 2.35 -2.01
CA SER B 40 -4.76 2.79 -2.91
C SER B 40 -3.44 2.03 -2.68
N LEU B 41 -2.73 1.82 -3.79
CA LEU B 41 -1.50 1.07 -3.82
C LEU B 41 -0.37 1.97 -4.29
N PRO B 42 0.56 2.30 -3.38
CA PRO B 42 1.74 3.05 -3.81
C PRO B 42 2.67 2.18 -4.64
N CYS B 43 2.94 2.61 -5.88
CA CYS B 43 3.83 1.85 -6.75
C CYS B 43 5.15 2.56 -7.06
N ALA B 44 5.39 3.69 -6.42
CA ALA B 44 6.65 4.44 -6.64
C ALA B 44 7.90 3.58 -6.32
N MET B 45 7.73 2.58 -5.47
CA MET B 45 8.87 1.86 -4.89
C MET B 45 8.90 0.38 -5.27
N LEU B 46 7.98 -0.04 -6.14
CA LEU B 46 7.79 -1.46 -6.38
C LEU B 46 8.56 -1.89 -7.62
N SER B 47 9.25 -3.03 -7.53
CA SER B 47 9.71 -3.72 -8.72
C SER B 47 8.54 -4.09 -9.63
N LEU B 48 8.82 -4.37 -10.89
CA LEU B 48 7.81 -4.91 -11.81
C LEU B 48 7.16 -6.18 -11.27
N GLU B 49 7.99 -7.09 -10.72
CA GLU B 49 7.47 -8.33 -10.13
C GLU B 49 6.56 -8.03 -8.94
N ALA B 50 6.98 -7.11 -8.09
CA ALA B 50 6.26 -6.80 -6.85
C ALA B 50 4.96 -6.07 -7.12
N LEU B 51 4.95 -5.22 -8.15
CA LEU B 51 3.72 -4.55 -8.63
C LEU B 51 2.66 -5.57 -9.05
N GLU B 52 3.06 -6.49 -9.91
CA GLU B 52 2.17 -7.56 -10.34
C GLU B 52 1.69 -8.39 -9.15
N ALA B 53 2.60 -8.69 -8.21
CA ALA B 53 2.26 -9.50 -7.03
C ALA B 53 1.27 -8.79 -6.11
N GLU B 54 1.43 -7.49 -5.95
CA GLU B 54 0.56 -6.73 -5.07
C GLU B 54 -0.84 -6.59 -5.68
N LEU B 55 -0.89 -6.43 -7.01
CA LEU B 55 -2.17 -6.30 -7.73
C LEU B 55 -2.94 -7.62 -7.80
N THR B 56 -2.22 -8.74 -7.99
CA THR B 56 -2.80 -10.07 -7.83
C THR B 56 -3.42 -10.20 -6.44
N ALA B 57 -2.69 -9.75 -5.41
CA ALA B 57 -3.15 -9.91 -4.02
C ALA B 57 -4.43 -9.13 -3.73
N ILE B 58 -4.55 -7.95 -4.35
CA ILE B 58 -5.72 -7.09 -4.18
C ILE B 58 -6.92 -7.73 -4.88
N ARG B 59 -6.72 -8.15 -6.12
CA ARG B 59 -7.81 -8.67 -6.94
C ARG B 59 -8.34 -9.98 -6.42
N SER B 60 -7.44 -10.84 -5.93
CA SER B 60 -7.85 -12.07 -5.26
C SER B 60 -8.81 -11.83 -4.05
N GLN B 61 -8.83 -10.61 -3.50
CA GLN B 61 -9.58 -10.33 -2.28
C GLN B 61 -10.71 -9.29 -2.43
N THR B 62 -10.62 -8.41 -3.43
CA THR B 62 -11.68 -7.42 -3.69
C THR B 62 -11.91 -7.19 -5.18
N ALA B 63 -13.17 -6.95 -5.53
CA ALA B 63 -13.58 -6.58 -6.88
C ALA B 63 -13.89 -5.07 -6.95
N LYS B 64 -13.69 -4.40 -5.81
CA LYS B 64 -14.03 -3.00 -5.69
C LYS B 64 -12.99 -2.15 -6.38
N PRO B 65 -13.29 -0.85 -6.58
CA PRO B 65 -12.30 0.03 -7.23
C PRO B 65 -11.03 0.22 -6.40
N ILE B 66 -9.91 0.39 -7.08
CA ILE B 66 -8.66 0.73 -6.40
C ILE B 66 -7.93 1.79 -7.19
N ASN B 67 -7.12 2.56 -6.49
CA ASN B 67 -6.26 3.55 -7.12
C ASN B 67 -4.79 3.09 -7.04
N VAL B 68 -4.09 3.09 -8.18
CA VAL B 68 -2.65 2.82 -8.20
C VAL B 68 -1.86 4.09 -8.44
N ASN B 69 -0.81 4.29 -7.64
CA ASN B 69 -0.09 5.57 -7.57
C ASN B 69 1.34 5.45 -8.11
N PHE B 70 1.72 6.42 -8.94
CA PHE B 70 3.05 6.45 -9.54
C PHE B 70 3.65 7.84 -9.46
N PHE B 71 4.98 7.89 -9.54
CA PHE B 71 5.72 9.12 -9.70
C PHE B 71 6.05 9.36 -11.17
N CYS B 72 6.02 10.62 -11.59
CA CYS B 72 6.53 11.00 -12.91
C CYS B 72 7.41 12.23 -12.81
N HIS B 73 8.36 12.17 -11.90
CA HIS B 73 9.48 13.09 -11.91
C HIS B 73 10.35 12.86 -13.16
N ARG B 74 11.15 13.86 -13.50
CA ARG B 74 12.19 13.70 -14.48
C ARG B 74 13.33 12.89 -13.83
N GLU B 75 13.95 12.00 -14.60
CA GLU B 75 15.22 11.41 -14.19
C GLU B 75 16.22 12.54 -14.01
N PRO B 76 16.97 12.53 -12.90
CA PRO B 76 17.95 13.58 -12.65
C PRO B 76 19.29 13.42 -13.41
N VAL B 77 20.03 14.50 -13.51
CA VAL B 77 21.36 14.46 -14.09
C VAL B 77 22.35 13.83 -13.11
N GLN B 79 25.53 13.87 -11.44
CA GLN B 79 25.79 14.63 -10.20
C GLN B 79 26.80 13.94 -9.24
N ALA B 80 27.54 12.94 -9.71
CA ALA B 80 28.37 12.06 -8.84
C ALA B 80 29.29 12.80 -7.85
N LYS B 82 29.03 15.58 -6.53
CA LYS B 82 28.13 16.13 -5.51
C LYS B 82 27.65 15.06 -4.53
N GLN B 83 27.31 13.88 -5.06
CA GLN B 83 27.00 12.72 -4.24
C GLN B 83 28.17 12.32 -3.34
N ALA B 84 29.36 12.31 -3.93
CA ALA B 84 30.60 12.10 -3.19
C ALA B 84 30.87 13.23 -2.16
N ALA B 85 30.58 14.47 -2.52
CA ALA B 85 30.69 15.58 -1.59
C ALA B 85 29.71 15.44 -0.42
N TRP B 86 28.48 15.03 -0.75
CA TRP B 86 27.44 14.83 0.26
C TRP B 86 27.83 13.67 1.16
N LEU B 87 28.32 12.59 0.54
CA LEU B 87 28.87 11.46 1.29
C LEU B 87 29.93 11.87 2.32
N GLU B 88 30.82 12.81 1.96
CA GLU B 88 31.86 13.28 2.88
C GLU B 88 31.27 14.00 4.11
N GLN B 89 30.20 14.77 3.89
CA GLN B 89 29.59 15.53 4.97
C GLN B 89 29.00 14.63 6.06
N LEU B 90 28.68 13.38 5.70
CA LEU B 90 28.05 12.47 6.64
C LEU B 90 29.06 11.53 7.32
N ALA B 91 30.36 11.78 7.13
CA ALA B 91 31.42 10.92 7.66
C ALA B 91 31.37 10.77 9.20
N PRO B 92 31.12 11.87 9.92
CA PRO B 92 30.93 11.78 11.38
C PRO B 92 29.86 10.76 11.80
N TYR B 93 28.78 10.67 11.03
CA TYR B 93 27.66 9.82 11.40
C TYR B 93 28.02 8.37 11.13
N PHE B 94 28.52 8.13 9.92
CA PHE B 94 29.08 6.82 9.54
C PHE B 94 30.06 6.31 10.60
N ALA B 95 31.04 7.14 10.94
CA ALA B 95 31.99 6.83 12.01
C ALA B 95 31.27 6.36 13.26
N GLU B 96 30.36 7.21 13.75
CA GLU B 96 29.68 6.99 15.02
C GLU B 96 28.99 5.63 15.10
N PHE B 97 28.44 5.16 13.98
CA PHE B 97 27.78 3.86 13.92
C PHE B 97 28.71 2.75 13.42
N ASN B 98 30.00 3.06 13.25
CA ASN B 98 30.96 2.10 12.73
C ASN B 98 30.44 1.51 11.42
N LEU B 99 30.27 2.37 10.43
CA LEU B 99 29.86 1.97 9.08
C LEU B 99 31.00 2.26 8.12
N ASP B 100 31.05 1.50 7.02
CA ASP B 100 31.91 1.85 5.87
C ASP B 100 31.13 2.69 4.85
N PRO B 101 31.46 4.00 4.75
CA PRO B 101 31.08 4.79 3.55
C PRO B 101 31.18 3.99 2.25
N ASN B 102 32.18 3.12 2.15
CA ASN B 102 32.38 2.23 1.00
C ASN B 102 33.12 2.95 -0.11
N ARG B 110 13.20 3.66 -7.40
CA ARG B 110 12.32 4.80 -7.66
C ARG B 110 12.44 5.38 -9.11
N THR B 111 12.00 4.61 -10.10
CA THR B 111 11.87 5.11 -11.50
C THR B 111 10.53 5.81 -11.75
N PRO B 112 10.50 6.77 -12.69
CA PRO B 112 9.21 7.34 -13.10
C PRO B 112 8.39 6.39 -13.95
N TYR B 113 7.09 6.62 -13.98
CA TYR B 113 6.15 5.81 -14.73
C TYR B 113 6.58 5.68 -16.20
N SER B 114 6.46 4.47 -16.76
CA SER B 114 6.94 4.21 -18.12
C SER B 114 6.17 3.07 -18.79
N LYS B 115 6.56 2.74 -20.02
CA LYS B 115 5.94 1.61 -20.74
C LYS B 115 6.01 0.32 -19.92
N ALA B 116 7.11 0.16 -19.17
CA ALA B 116 7.38 -1.05 -18.41
C ALA B 116 6.30 -1.31 -17.37
N GLN B 117 6.00 -0.26 -16.60
CA GLN B 117 4.89 -0.30 -15.65
C GLN B 117 3.52 -0.41 -16.35
N ALA B 118 3.37 0.30 -17.47
CA ALA B 118 2.13 0.24 -18.25
C ALA B 118 1.76 -1.19 -18.63
N GLU B 119 2.76 -1.97 -19.04
CA GLU B 119 2.51 -3.33 -19.52
C GLU B 119 1.93 -4.23 -18.42
N VAL B 120 2.27 -3.94 -17.16
CA VAL B 120 1.74 -4.70 -16.01
C VAL B 120 0.32 -4.22 -15.64
N LEU B 121 0.13 -2.90 -15.61
CA LEU B 121 -1.18 -2.30 -15.33
C LEU B 121 -2.28 -2.74 -16.30
N ALA B 122 -1.95 -2.80 -17.58
CA ALA B 122 -2.90 -3.17 -18.62
C ALA B 122 -3.60 -4.49 -18.30
N LYS B 123 -2.88 -5.42 -17.68
CA LYS B 123 -3.47 -6.70 -17.28
C LYS B 123 -4.55 -6.59 -16.19
N PHE B 124 -4.53 -5.52 -15.40
CA PHE B 124 -5.49 -5.38 -14.30
C PHE B 124 -6.53 -4.27 -14.50
N LYS B 125 -6.28 -3.36 -15.44
CA LYS B 125 -7.21 -2.26 -15.79
C LYS B 125 -7.78 -1.56 -14.54
N PRO B 126 -6.91 -0.88 -13.78
CA PRO B 126 -7.31 -0.29 -12.50
C PRO B 126 -8.24 0.88 -12.68
N GLU B 127 -9.22 1.00 -11.79
CA GLU B 127 -10.24 2.02 -11.90
C GLU B 127 -9.61 3.43 -11.89
N VAL B 128 -8.70 3.68 -10.95
CA VAL B 128 -8.08 4.98 -10.83
C VAL B 128 -6.57 4.85 -10.86
N VAL B 129 -5.94 5.70 -11.66
CA VAL B 129 -4.48 5.80 -11.71
C VAL B 129 -4.06 7.22 -11.32
N SER B 130 -3.26 7.33 -10.26
CA SER B 130 -2.86 8.64 -9.73
C SER B 130 -1.39 8.87 -9.90
N PHE B 131 -1.01 10.14 -9.91
CA PHE B 131 0.34 10.57 -10.22
C PHE B 131 0.81 11.68 -9.29
N HIS B 132 2.01 11.51 -8.76
CA HIS B 132 2.67 12.52 -7.98
C HIS B 132 3.74 13.11 -8.89
N PHE B 133 3.95 14.42 -8.78
CA PHE B 133 4.98 15.14 -9.55
C PHE B 133 4.53 15.43 -10.98
N GLY B 134 3.23 15.64 -11.16
CA GLY B 134 2.68 16.03 -12.48
C GLY B 134 1.90 14.93 -13.20
N LEU B 135 2.14 14.82 -14.50
CA LEU B 135 1.50 13.82 -15.35
C LEU B 135 2.56 13.24 -16.30
N PRO B 136 2.39 11.96 -16.69
CA PRO B 136 3.27 11.41 -17.70
C PRO B 136 2.94 11.93 -19.09
N ASP B 137 3.74 11.54 -20.08
CA ASP B 137 3.51 11.91 -21.50
C ASP B 137 2.09 11.57 -21.99
N GLU B 138 1.70 12.23 -23.07
CA GLU B 138 0.35 12.12 -23.64
C GLU B 138 -0.02 10.69 -24.07
N GLU B 139 0.91 9.98 -24.69
CA GLU B 139 0.63 8.61 -25.18
C GLU B 139 0.44 7.65 -24.01
N LEU B 140 1.12 7.91 -22.91
CA LEU B 140 1.04 7.04 -21.74
C LEU B 140 -0.31 7.18 -21.03
N LEU B 141 -0.82 8.39 -20.91
CA LEU B 141 -2.09 8.57 -20.22
C LEU B 141 -3.29 8.34 -21.13
N LEU B 142 -3.08 8.51 -22.43
CA LEU B 142 -4.04 8.02 -23.41
C LEU B 142 -4.30 6.52 -23.19
N GLU B 143 -3.21 5.75 -23.14
CA GLU B 143 -3.34 4.31 -22.93
C GLU B 143 -4.12 4.02 -21.63
N ILE B 144 -3.81 4.77 -20.57
CA ILE B 144 -4.46 4.58 -19.30
C ILE B 144 -5.96 4.79 -19.46
N LYS B 145 -6.34 5.87 -20.15
CA LYS B 145 -7.75 6.15 -20.41
C LYS B 145 -8.41 5.10 -21.31
N SER B 146 -7.64 4.47 -22.20
CA SER B 146 -8.18 3.40 -23.04
C SER B 146 -8.64 2.17 -22.23
N TRP B 147 -8.17 2.03 -21.00
CA TRP B 147 -8.62 0.94 -20.14
C TRP B 147 -9.96 1.19 -19.47
N GLY B 148 -10.43 2.45 -19.47
CA GLY B 148 -11.55 2.85 -18.62
C GLY B 148 -11.12 3.53 -17.31
N SER B 149 -9.82 3.59 -17.07
CA SER B 149 -9.30 4.14 -15.82
C SER B 149 -9.42 5.68 -15.75
N LYS B 150 -9.87 6.21 -14.61
CA LYS B 150 -9.86 7.67 -14.39
C LYS B 150 -8.46 8.10 -13.98
N VAL B 151 -8.12 9.36 -14.23
CA VAL B 151 -6.77 9.85 -13.91
C VAL B 151 -6.79 11.07 -12.99
N ILE B 152 -6.03 11.00 -11.91
CA ILE B 152 -5.95 12.09 -10.95
C ILE B 152 -4.48 12.40 -10.65
N SER B 153 -4.22 13.63 -10.21
CA SER B 153 -2.86 14.05 -9.84
C SER B 153 -2.91 15.16 -8.81
N THR B 154 -1.81 15.34 -8.11
CA THR B 154 -1.72 16.32 -7.05
C THR B 154 -1.39 17.69 -7.66
N ALA B 155 -2.14 18.71 -7.24
CA ALA B 155 -1.74 20.10 -7.43
C ALA B 155 -1.43 20.73 -6.07
N THR B 156 -0.34 21.50 -6.00
CA THR B 156 0.01 22.25 -4.80
C THR B 156 -0.25 23.75 -4.93
N THR B 157 -0.64 24.18 -6.13
CA THR B 157 -1.02 25.58 -6.37
C THR B 157 -2.16 25.61 -7.41
N VAL B 158 -2.78 26.77 -7.57
CA VAL B 158 -3.84 26.98 -8.57
C VAL B 158 -3.34 26.77 -10.00
N GLU B 159 -2.19 27.38 -10.31
CA GLU B 159 -1.59 27.22 -11.65
C GLU B 159 -1.42 25.72 -12.00
N GLU B 160 -1.02 24.94 -11.02
CA GLU B 160 -0.81 23.52 -11.19
C GLU B 160 -2.11 22.75 -11.37
N ALA B 161 -3.17 23.18 -10.67
CA ALA B 161 -4.52 22.66 -10.91
C ALA B 161 -4.97 22.93 -12.35
N LEU B 162 -4.80 24.17 -12.82
CA LEU B 162 -5.24 24.55 -14.16
C LEU B 162 -4.53 23.75 -15.25
N TRP B 163 -3.22 23.60 -15.09
CA TRP B 163 -2.39 22.82 -15.99
C TRP B 163 -2.90 21.37 -16.06
N LEU B 164 -3.10 20.75 -14.90
CA LEU B 164 -3.60 19.37 -14.84
C LEU B 164 -4.97 19.19 -15.48
N GLU B 165 -5.88 20.13 -15.20
CA GLU B 165 -7.15 20.18 -15.91
C GLU B 165 -6.94 20.32 -17.43
N ALA B 166 -5.98 21.15 -17.83
CA ALA B 166 -5.79 21.42 -19.25
C ALA B 166 -5.37 20.16 -20.00
N ARG B 167 -4.58 19.31 -19.34
CA ARG B 167 -3.96 18.14 -19.98
C ARG B 167 -4.69 16.80 -19.70
N GLY B 168 -5.93 16.88 -19.19
CA GLY B 168 -6.85 15.75 -19.27
C GLY B 168 -7.22 15.10 -17.96
N ALA B 169 -6.80 15.71 -16.84
CA ALA B 169 -7.10 15.15 -15.53
C ALA B 169 -8.60 15.05 -15.29
N ASP B 170 -9.04 13.92 -14.75
CA ASP B 170 -10.44 13.73 -14.39
C ASP B 170 -10.75 14.36 -13.04
N ALA B 171 -9.79 14.33 -12.13
CA ALA B 171 -9.94 14.95 -10.84
C ALA B 171 -8.61 15.49 -10.41
N ILE B 172 -8.62 16.37 -9.41
CA ILE B 172 -7.39 17.00 -8.90
C ILE B 172 -7.30 16.79 -7.41
N ILE B 173 -6.14 16.35 -6.94
CA ILE B 173 -5.87 16.30 -5.51
C ILE B 173 -5.25 17.63 -5.05
N ALA B 174 -5.94 18.37 -4.20
CA ALA B 174 -5.40 19.62 -3.66
C ALA B 174 -4.64 19.30 -2.39
N GLN B 175 -3.32 19.44 -2.46
CA GLN B 175 -2.44 19.01 -1.38
C GLN B 175 -1.92 20.25 -0.65
N GLY B 176 -2.58 20.58 0.46
CA GLY B 176 -2.11 21.63 1.33
C GLY B 176 -0.77 21.28 1.97
N LEU B 177 -0.11 22.31 2.49
CA LEU B 177 1.16 22.16 3.19
C LEU B 177 1.09 21.27 4.42
N GLU B 178 -0.10 21.14 4.99
CA GLU B 178 -0.31 20.26 6.16
C GLU B 178 0.04 18.78 5.86
N ALA B 179 0.05 18.39 4.59
CA ALA B 179 0.10 16.96 4.24
C ALA B 179 1.40 16.34 4.65
N GLY B 180 1.36 15.05 4.94
CA GLY B 180 2.58 14.28 5.18
C GLY B 180 3.22 13.80 3.87
N GLY B 181 4.52 13.55 3.92
CA GLY B 181 5.23 13.03 2.77
C GLY B 181 5.61 14.11 1.78
N HIS B 182 5.94 13.68 0.57
CA HIS B 182 6.56 14.52 -0.43
C HIS B 182 5.60 15.58 -0.89
N ARG B 183 6.09 16.81 -1.02
CA ARG B 183 5.32 17.84 -1.70
C ARG B 183 5.18 17.43 -3.17
N GLY B 184 3.95 17.42 -3.68
CA GLY B 184 3.69 16.88 -5.01
C GLY B 184 3.79 17.91 -6.13
N HIS B 185 4.51 18.99 -5.89
CA HIS B 185 4.61 20.11 -6.86
C HIS B 185 5.54 19.77 -8.04
N PHE B 186 5.43 20.52 -9.14
CA PHE B 186 6.16 20.22 -10.40
C PHE B 186 6.46 21.42 -11.31
N LEU B 187 5.59 22.43 -11.32
CA LEU B 187 5.86 23.65 -12.06
C LEU B 187 6.97 24.54 -11.48
N SER B 188 7.04 24.67 -10.15
CA SER B 188 7.99 25.61 -9.53
C SER B 188 8.75 25.03 -8.32
N GLU B 189 10.03 25.34 -8.23
CA GLU B 189 10.82 25.00 -7.04
C GLU B 189 10.51 25.90 -5.83
N ASP B 190 9.78 26.97 -6.04
CA ASP B 190 9.52 27.94 -4.98
C ASP B 190 8.45 27.39 -4.02
N LEU B 191 8.89 26.97 -2.82
CA LEU B 191 7.99 26.47 -1.78
C LEU B 191 7.04 27.51 -1.15
N THR B 192 7.41 28.78 -1.20
CA THR B 192 6.54 29.86 -0.72
C THR B 192 5.32 30.10 -1.61
N GLU B 193 5.29 29.50 -2.80
CA GLU B 193 4.12 29.57 -3.64
C GLU B 193 3.01 28.65 -3.17
N GLN B 194 3.36 27.65 -2.35
CA GLN B 194 2.39 26.63 -1.93
C GLN B 194 1.59 27.08 -0.71
N LEU B 195 0.37 26.57 -0.58
CA LEU B 195 -0.62 27.05 0.39
C LEU B 195 -1.07 25.95 1.37
N GLY B 196 -1.58 26.36 2.53
CA GLY B 196 -2.26 25.46 3.44
C GLY B 196 -3.64 25.07 2.94
N THR B 197 -4.06 23.86 3.30
CA THR B 197 -5.36 23.30 2.93
C THR B 197 -6.52 24.30 2.97
N PHE B 198 -6.61 25.06 4.05
CA PHE B 198 -7.71 25.98 4.25
C PHE B 198 -7.83 27.07 3.18
N SER B 199 -6.70 27.43 2.58
CA SER B 199 -6.65 28.43 1.53
C SER B 199 -6.49 27.82 0.15
N LEU B 200 -5.76 26.71 0.04
CA LEU B 200 -5.62 26.03 -1.26
C LEU B 200 -6.96 25.49 -1.74
N LEU B 201 -7.67 24.80 -0.87
CA LEU B 201 -8.85 24.04 -1.28
C LEU B 201 -9.92 24.93 -1.98
N PRO B 202 -10.44 25.97 -1.29
CA PRO B 202 -11.46 26.84 -1.90
C PRO B 202 -11.00 27.60 -3.16
N GLN B 203 -9.71 27.92 -3.23
CA GLN B 203 -9.23 28.68 -4.36
C GLN B 203 -9.03 27.78 -5.58
N ILE B 204 -8.67 26.52 -5.36
CA ILE B 204 -8.59 25.60 -6.48
C ILE B 204 -9.99 25.25 -7.01
N ILE B 205 -10.94 25.05 -6.10
CA ILE B 205 -12.32 24.76 -6.47
C ILE B 205 -12.90 25.90 -7.30
N ALA B 206 -12.62 27.13 -6.88
CA ALA B 206 -13.06 28.32 -7.61
C ALA B 206 -12.46 28.41 -9.00
N ALA B 207 -11.30 27.80 -9.21
CA ALA B 207 -10.53 27.97 -10.45
C ALA B 207 -10.83 26.91 -11.51
N VAL B 208 -11.19 25.69 -11.10
CA VAL B 208 -11.30 24.57 -12.03
C VAL B 208 -12.71 24.06 -12.05
N GLU B 209 -13.01 23.21 -13.02
CA GLU B 209 -14.37 22.73 -13.25
C GLU B 209 -14.55 21.26 -12.85
N ILE B 210 -13.49 20.47 -12.99
CA ILE B 210 -13.49 19.08 -12.55
C ILE B 210 -13.51 18.95 -11.01
N PRO B 211 -13.93 17.76 -10.51
CA PRO B 211 -13.98 17.54 -9.06
C PRO B 211 -12.60 17.74 -8.39
N VAL B 212 -12.60 18.27 -7.17
CA VAL B 212 -11.40 18.50 -6.41
C VAL B 212 -11.37 17.63 -5.17
N ILE B 213 -10.23 16.99 -4.93
CA ILE B 213 -10.04 16.15 -3.75
C ILE B 213 -9.13 16.85 -2.75
N ALA B 214 -9.60 16.93 -1.50
CA ALA B 214 -8.85 17.60 -0.45
C ALA B 214 -7.77 16.71 0.18
N ALA B 215 -6.62 17.30 0.47
CA ALA B 215 -5.55 16.66 1.26
C ALA B 215 -4.65 17.81 1.78
N GLY B 216 -3.93 17.67 2.89
CA GLY B 216 -4.30 16.88 4.03
C GLY B 216 -4.45 17.68 5.32
N GLY B 217 -4.21 17.01 6.45
CA GLY B 217 -4.85 17.37 7.70
C GLY B 217 -6.29 16.87 7.79
N ILE B 218 -6.72 15.98 6.90
CA ILE B 218 -8.02 15.33 7.10
C ILE B 218 -7.83 14.04 7.90
N VAL B 219 -8.25 14.08 9.17
CA VAL B 219 -7.89 13.04 10.13
C VAL B 219 -9.05 12.53 11.00
N ASP B 220 -10.26 13.03 10.79
CA ASP B 220 -11.41 12.70 11.65
C ASP B 220 -12.69 13.22 11.00
N ALA B 221 -13.81 13.00 11.69
CA ALA B 221 -15.13 13.35 11.16
C ALA B 221 -15.24 14.85 10.97
N THR B 222 -14.77 15.60 11.96
CA THR B 222 -14.87 17.03 11.94
C THR B 222 -14.18 17.61 10.72
N THR B 223 -12.95 17.17 10.48
CA THR B 223 -12.12 17.76 9.43
C THR B 223 -12.54 17.25 8.05
N VAL B 224 -13.19 16.08 8.00
CA VAL B 224 -13.83 15.64 6.76
C VAL B 224 -14.98 16.57 6.44
N ARG B 225 -15.77 16.89 7.46
CA ARG B 225 -16.95 17.72 7.30
C ARG B 225 -16.57 19.13 6.87
N ALA B 226 -15.50 19.67 7.48
CA ALA B 226 -15.03 21.01 7.16
C ALA B 226 -14.50 21.09 5.73
N ALA B 227 -13.84 20.02 5.28
CA ALA B 227 -13.38 19.91 3.91
C ALA B 227 -14.55 19.92 2.91
N MET B 228 -15.54 19.04 3.13
CA MET B 228 -16.70 18.95 2.24
C MET B 228 -17.53 20.25 2.24
N THR B 229 -17.44 21.01 3.33
CA THR B 229 -18.12 22.30 3.44
C THR B 229 -17.56 23.32 2.47
N MET B 230 -16.28 23.17 2.11
CA MET B 230 -15.63 24.07 1.15
C MET B 230 -15.98 23.74 -0.29
N GLY B 231 -16.62 22.59 -0.51
CA GLY B 231 -16.95 22.14 -1.85
C GLY B 231 -16.05 21.05 -2.40
N ALA B 232 -15.32 20.34 -1.53
CA ALA B 232 -14.53 19.18 -1.95
C ALA B 232 -15.46 18.05 -2.41
N SER B 233 -15.07 17.32 -3.45
CA SER B 233 -15.87 16.16 -3.88
C SER B 233 -15.46 14.88 -3.16
N ALA B 234 -14.27 14.88 -2.60
CA ALA B 234 -13.82 13.77 -1.76
C ALA B 234 -12.68 14.27 -0.89
N VAL B 235 -12.14 13.39 -0.08
CA VAL B 235 -11.04 13.70 0.79
C VAL B 235 -10.01 12.59 0.69
N GLN B 236 -8.73 12.93 0.81
CA GLN B 236 -7.66 11.95 0.84
C GLN B 236 -6.97 12.00 2.20
N VAL B 237 -6.86 10.84 2.83
CA VAL B 237 -6.35 10.68 4.20
C VAL B 237 -5.16 9.70 4.19
N GLY B 238 -3.99 10.17 4.63
CA GLY B 238 -2.81 9.31 4.80
C GLY B 238 -2.44 9.08 6.25
N THR B 239 -1.96 10.14 6.90
CA THR B 239 -1.47 10.09 8.28
C THR B 239 -2.42 9.32 9.24
N ALA B 240 -3.72 9.56 9.16
CA ALA B 240 -4.61 8.97 10.16
C ALA B 240 -4.70 7.44 10.04
N TYR B 241 -4.38 6.87 8.87
CA TYR B 241 -4.38 5.40 8.72
C TYR B 241 -3.11 4.68 9.26
N LEU B 242 -2.14 5.46 9.72
CA LEU B 242 -0.77 4.95 9.88
C LEU B 242 -0.62 3.93 11.03
N LEU B 243 -1.54 3.96 11.99
CA LEU B 243 -1.49 3.05 13.13
C LEU B 243 -2.49 1.90 12.99
N CYS B 244 -3.29 1.91 11.94
CA CYS B 244 -4.13 0.77 11.63
C CYS B 244 -3.25 -0.48 11.45
N PRO B 245 -3.72 -1.64 11.94
CA PRO B 245 -2.96 -2.89 11.83
C PRO B 245 -2.74 -3.37 10.38
N GLU B 246 -3.57 -2.89 9.44
CA GLU B 246 -3.42 -3.24 8.03
C GLU B 246 -2.32 -2.43 7.34
N CYS B 247 -2.02 -1.27 7.90
CA CYS B 247 -0.87 -0.46 7.48
C CYS B 247 0.40 -1.10 8.06
N ASN B 248 1.49 -1.09 7.30
CA ASN B 248 2.74 -1.76 7.73
C ASN B 248 3.83 -0.76 8.17
N THR B 249 3.38 0.28 8.86
CA THR B 249 4.26 1.24 9.52
C THR B 249 5.21 0.56 10.50
N SER B 250 6.50 0.85 10.36
CA SER B 250 7.52 0.26 11.24
C SER B 250 7.30 0.66 12.70
N ALA B 251 7.78 -0.18 13.60
CA ALA B 251 7.54 0.00 15.03
C ALA B 251 8.14 1.31 15.55
N ILE B 252 9.24 1.73 14.93
CA ILE B 252 9.91 2.98 15.35
C ILE B 252 9.12 4.19 14.85
N HIS B 253 8.60 4.09 13.63
CA HIS B 253 7.69 5.10 13.06
C HIS B 253 6.42 5.20 13.90
N ARG B 254 5.86 4.05 14.27
CA ARG B 254 4.69 3.99 15.15
C ARG B 254 4.96 4.62 16.52
N GLU B 255 6.15 4.36 17.05
CA GLU B 255 6.56 4.96 18.32
C GLU B 255 6.62 6.49 18.21
N ALA B 256 7.29 6.96 17.15
CA ALA B 256 7.39 8.38 16.84
C ALA B 256 6.03 9.01 16.68
N LEU B 257 5.15 8.33 15.95
CA LEU B 257 3.76 8.81 15.77
C LEU B 257 3.02 9.03 17.09
N GLN B 258 3.43 8.33 18.14
CA GLN B 258 2.70 8.37 19.41
C GLN B 258 3.38 9.23 20.49
N SER B 259 4.53 9.81 20.18
CA SER B 259 5.25 10.70 21.12
C SER B 259 4.75 12.14 21.04
N ASP B 260 5.28 12.99 21.92
CA ASP B 260 5.23 14.45 21.76
C ASP B 260 5.86 14.89 20.45
N ALA B 261 6.97 14.25 20.11
CA ALA B 261 7.73 14.59 18.91
C ALA B 261 6.85 14.68 17.66
N ALA B 262 5.80 13.85 17.57
CA ALA B 262 5.00 13.78 16.36
C ALA B 262 4.26 15.07 16.04
N GLN B 263 4.23 16.01 16.98
CA GLN B 263 3.55 17.27 16.79
C GLN B 263 4.42 18.26 16.02
N HIS B 264 5.71 17.98 15.92
CA HIS B 264 6.61 18.89 15.25
C HIS B 264 7.06 18.24 13.97
N THR B 265 6.58 18.76 12.85
CA THR B 265 7.02 18.27 11.54
C THR B 265 7.67 19.39 10.78
N ALA B 266 8.42 19.05 9.75
CA ALA B 266 9.02 20.05 8.87
C ALA B 266 9.35 19.46 7.51
N LEU B 267 9.29 20.30 6.49
CA LEU B 267 9.64 19.86 5.15
C LEU B 267 11.13 19.71 5.12
N THR B 268 11.58 18.58 4.58
CA THR B 268 13.00 18.28 4.49
C THR B 268 13.33 17.56 3.18
N ASN B 269 14.51 17.85 2.65
CA ASN B 269 15.00 17.18 1.47
C ASN B 269 16.13 16.17 1.78
N LEU B 270 16.29 15.80 3.07
CA LEU B 270 17.49 15.06 3.48
C LEU B 270 17.41 13.57 3.14
N PHE B 271 16.19 13.03 3.03
CA PHE B 271 16.03 11.58 2.89
C PHE B 271 15.89 11.14 1.45
N SER B 272 15.41 12.04 0.59
CA SER B 272 15.08 11.69 -0.78
C SER B 272 15.76 12.58 -1.82
N GLY B 273 16.11 13.82 -1.45
CA GLY B 273 16.46 14.85 -2.43
C GLY B 273 15.32 15.79 -2.79
N ARG B 274 14.09 15.45 -2.40
CA ARG B 274 12.95 16.35 -2.56
C ARG B 274 12.26 16.71 -1.24
N PRO B 275 11.61 17.89 -1.17
CA PRO B 275 10.91 18.31 0.02
C PRO B 275 9.81 17.35 0.43
N ALA B 276 9.83 16.89 1.68
CA ALA B 276 8.80 16.00 2.21
C ALA B 276 8.58 16.25 3.71
N ARG B 277 7.33 16.31 4.15
CA ARG B 277 7.02 16.55 5.58
C ARG B 277 7.23 15.28 6.41
N GLY B 278 8.08 15.37 7.41
CA GLY B 278 8.28 14.30 8.37
C GLY B 278 8.46 14.91 9.75
N ILE B 279 8.31 14.07 10.77
CA ILE B 279 8.52 14.46 12.16
C ILE B 279 9.99 14.80 12.32
N VAL B 280 10.27 15.87 13.06
CA VAL B 280 11.64 16.37 13.23
C VAL B 280 12.48 15.44 14.12
N ASN B 281 13.62 15.01 13.56
CA ASN B 281 14.54 14.10 14.26
C ASN B 281 15.96 14.70 14.33
N ARG B 282 16.89 13.99 14.97
CA ARG B 282 18.26 14.53 15.14
C ARG B 282 18.87 14.95 13.79
N PHE B 283 18.71 14.09 12.78
CA PHE B 283 19.30 14.36 11.45
C PHE B 283 18.80 15.66 10.82
N MET B 284 17.50 15.93 10.93
CA MET B 284 16.93 17.14 10.35
C MET B 284 17.37 18.37 11.15
N ALA B 285 17.31 18.26 12.47
CA ALA B 285 17.73 19.33 13.35
C ALA B 285 19.19 19.70 13.10
N GLU B 286 20.04 18.69 12.93
CA GLU B 286 21.47 18.93 12.83
C GLU B 286 21.94 19.32 11.44
N MET B 287 21.29 18.81 10.39
CA MET B 287 21.80 18.98 9.03
C MET B 287 20.88 19.81 8.14
N GLY B 288 19.73 20.19 8.66
CA GLY B 288 18.61 20.62 7.82
C GLY B 288 17.81 21.72 8.49
N PRO B 289 16.47 21.69 8.34
CA PRO B 289 15.68 20.65 7.64
C PRO B 289 15.88 20.62 6.14
N MET B 290 16.19 21.78 5.55
CA MET B 290 16.48 21.86 4.13
C MET B 290 17.97 22.15 3.99
N ASN B 291 18.63 21.43 3.09
CA ASN B 291 20.04 21.63 2.83
C ASN B 291 20.35 21.54 1.35
N GLU B 292 21.08 22.54 0.83
CA GLU B 292 21.25 22.71 -0.64
C GLU B 292 22.28 21.75 -1.26
N ALA B 293 23.14 21.16 -0.42
CA ALA B 293 24.12 20.17 -0.88
C ALA B 293 23.55 18.75 -1.08
N VAL B 294 22.26 18.55 -0.80
CA VAL B 294 21.66 17.24 -1.02
C VAL B 294 21.47 17.06 -2.51
N PRO B 295 21.84 15.89 -3.04
CA PRO B 295 21.64 15.67 -4.46
C PRO B 295 20.15 15.59 -4.80
N ASP B 296 19.86 15.64 -6.10
CA ASP B 296 18.49 15.70 -6.58
C ASP B 296 17.76 14.39 -6.33
N PHE B 297 16.45 14.49 -6.15
CA PHE B 297 15.58 13.33 -6.11
C PHE B 297 15.84 12.47 -7.34
N PRO B 298 16.03 11.15 -7.18
CA PRO B 298 15.86 10.42 -5.91
C PRO B 298 17.18 9.94 -5.27
N LEU B 299 18.30 10.56 -5.61
CA LEU B 299 19.62 9.95 -5.40
C LEU B 299 20.07 9.94 -3.93
N ALA B 300 19.56 10.89 -3.15
CA ALA B 300 20.00 11.09 -1.77
C ALA B 300 19.72 9.94 -0.80
N SER B 301 18.78 9.06 -1.12
CA SER B 301 18.35 8.02 -0.18
C SER B 301 19.42 6.95 0.08
N SER B 302 20.20 6.65 -0.96
CA SER B 302 21.29 5.69 -0.85
C SER B 302 22.40 6.21 0.07
N ALA B 303 22.49 7.54 0.19
CA ALA B 303 23.45 8.15 1.12
C ALA B 303 23.14 7.86 2.60
N VAL B 304 21.87 7.68 2.96
CA VAL B 304 21.47 7.53 4.37
C VAL B 304 20.77 6.21 4.73
N ALA B 305 20.60 5.31 3.77
CA ALA B 305 19.94 4.02 4.03
C ALA B 305 20.67 3.17 5.08
N GLY B 306 21.99 3.21 5.06
CA GLY B 306 22.78 2.56 6.08
C GLY B 306 22.62 3.20 7.45
N LEU B 307 22.61 4.53 7.48
CA LEU B 307 22.34 5.27 8.72
C LEU B 307 21.00 4.87 9.34
N ARG B 308 19.95 4.80 8.53
CA ARG B 308 18.63 4.44 9.04
C ARG B 308 18.65 3.02 9.58
N THR B 309 19.14 2.09 8.76
CA THR B 309 19.25 0.69 9.15
C THR B 309 19.98 0.55 10.48
N ALA B 310 21.18 1.12 10.56
CA ALA B 310 21.96 1.06 11.78
C ALA B 310 21.18 1.67 12.96
N ALA B 311 20.70 2.89 12.78
CA ALA B 311 20.06 3.65 13.87
C ALA B 311 18.80 2.97 14.39
N GLU B 312 17.96 2.50 13.48
CA GLU B 312 16.72 1.85 13.89
C GLU B 312 17.01 0.55 14.63
N ARG B 313 18.03 -0.19 14.19
CA ARG B 313 18.42 -1.44 14.87
C ARG B 313 18.62 -1.22 16.38
N LEU B 314 19.19 -0.08 16.74
CA LEU B 314 19.41 0.28 18.14
C LEU B 314 18.20 1.05 18.71
N GLY B 315 17.11 1.07 17.94
CA GLY B 315 15.85 1.69 18.39
C GLY B 315 15.85 3.20 18.40
N PHE B 316 16.64 3.81 17.52
CA PHE B 316 16.65 5.26 17.34
C PHE B 316 15.92 5.64 16.04
N TRP B 317 15.18 6.75 16.07
CA TRP B 317 14.54 7.27 14.85
C TRP B 317 15.25 8.48 14.26
N ASP B 318 16.47 8.72 14.77
CA ASP B 318 17.25 9.92 14.49
C ASP B 318 17.51 10.15 12.99
N PHE B 319 17.59 9.06 12.23
CA PHE B 319 17.87 9.12 10.81
C PHE B 319 16.78 8.46 9.99
N SER B 320 15.57 8.41 10.52
CA SER B 320 14.45 7.80 9.81
C SER B 320 13.62 8.85 9.08
N PRO B 321 13.01 8.47 7.95
CA PRO B 321 12.03 9.32 7.28
C PRO B 321 10.62 9.12 7.85
N LEU B 322 10.32 9.88 8.90
CA LEU B 322 9.09 9.75 9.67
C LEU B 322 7.93 10.58 9.07
N TRP B 323 7.46 10.18 7.90
CA TRP B 323 6.47 11.00 7.16
C TRP B 323 5.19 11.12 7.95
N CYS B 324 4.70 12.35 8.10
CA CYS B 324 3.57 12.64 9.01
C CYS B 324 3.00 14.04 8.73
N GLY B 325 1.68 14.14 8.65
CA GLY B 325 1.02 15.42 8.45
C GLY B 325 1.10 16.28 9.69
N GLN B 326 0.62 17.52 9.58
CA GLN B 326 0.63 18.42 10.74
C GLN B 326 -0.47 18.10 11.76
N ASN B 327 -1.31 17.11 11.48
CA ASN B 327 -2.28 16.68 12.45
C ASN B 327 -2.22 15.16 12.62
N ALA B 328 -1.57 14.74 13.71
CA ALA B 328 -1.46 13.33 14.05
C ALA B 328 -2.54 12.89 15.02
N SER B 329 -3.46 13.79 15.36
CA SER B 329 -4.41 13.51 16.46
C SER B 329 -5.42 12.43 16.09
N GLY B 330 -5.63 12.20 14.80
CA GLY B 330 -6.71 11.31 14.35
C GLY B 330 -6.29 9.86 14.22
N CYS B 331 -4.99 9.60 14.34
CA CYS B 331 -4.43 8.25 14.26
C CYS B 331 -5.01 7.35 15.35
N ARG B 332 -5.52 6.19 14.96
CA ARG B 332 -6.05 5.21 15.92
C ARG B 332 -5.62 3.77 15.54
N ALA B 333 -5.27 2.97 16.55
CA ALA B 333 -4.89 1.56 16.34
C ALA B 333 -6.11 0.62 16.21
N ILE B 334 -7.01 0.94 15.28
CA ILE B 334 -8.17 0.13 15.01
C ILE B 334 -8.20 -0.23 13.52
N PRO B 335 -8.99 -1.25 13.15
CA PRO B 335 -8.90 -1.67 11.76
C PRO B 335 -9.29 -0.55 10.81
N ALA B 336 -8.59 -0.48 9.69
CA ALA B 336 -8.75 0.57 8.70
C ALA B 336 -10.19 0.81 8.29
N ALA B 337 -10.98 -0.27 8.22
CA ALA B 337 -12.36 -0.22 7.78
C ALA B 337 -13.23 0.57 8.77
N ASP B 338 -13.05 0.31 10.06
CA ASP B 338 -13.73 1.08 11.11
C ASP B 338 -13.35 2.56 11.05
N LEU B 339 -12.06 2.83 10.89
CA LEU B 339 -11.58 4.20 10.78
C LEU B 339 -12.20 4.88 9.58
N THR B 340 -12.32 4.14 8.48
CA THR B 340 -12.95 4.63 7.26
C THR B 340 -14.42 5.00 7.51
N ARG B 341 -15.15 4.12 8.19
CA ARG B 341 -16.56 4.35 8.48
C ARG B 341 -16.75 5.52 9.42
N SER B 342 -15.84 5.68 10.39
CA SER B 342 -15.97 6.79 11.35
C SER B 342 -15.81 8.12 10.66
N PHE B 343 -15.23 8.13 9.46
CA PHE B 343 -14.97 9.36 8.72
C PHE B 343 -16.23 9.94 8.08
N VAL B 344 -17.30 9.15 7.98
CA VAL B 344 -18.51 9.58 7.26
C VAL B 344 -19.77 9.60 8.13
N CYS C 3 -20.90 29.39 18.22
CA CYS C 3 -21.12 30.77 18.78
C CYS C 3 -21.67 30.74 20.21
N ARG C 4 -20.78 30.46 21.15
CA ARG C 4 -20.96 30.84 22.56
C ARG C 4 -20.19 32.12 22.89
N LEU C 5 -19.30 32.53 21.98
CA LEU C 5 -18.49 33.73 22.18
C LEU C 5 -19.27 35.01 21.86
N THR C 6 -20.46 34.87 21.29
CA THR C 6 -21.39 36.00 21.19
C THR C 6 -21.98 36.35 22.56
N ARG C 7 -22.23 35.33 23.37
CA ARG C 7 -22.78 35.53 24.71
C ARG C 7 -21.78 36.25 25.65
N LEU C 8 -20.56 35.70 25.77
CA LEU C 8 -19.41 36.52 26.22
C LEU C 8 -19.17 37.54 25.14
N PHE C 9 -18.65 38.71 25.51
CA PHE C 9 -18.72 39.89 24.63
C PHE C 9 -20.19 40.20 24.46
N GLY C 10 -20.52 41.41 24.02
CA GLY C 10 -21.92 41.78 23.82
C GLY C 10 -22.31 41.85 22.36
N ILE C 11 -21.97 40.82 21.57
CA ILE C 11 -22.00 40.96 20.11
C ILE C 11 -23.00 40.04 19.43
N GLU C 12 -23.56 40.52 18.32
CA GLU C 12 -24.67 39.88 17.62
C GLU C 12 -24.15 38.76 16.72
N PHE C 13 -23.02 39.02 16.07
CA PHE C 13 -22.40 38.06 15.16
C PHE C 13 -21.04 37.62 15.70
N PRO C 14 -20.64 36.37 15.40
CA PRO C 14 -19.34 35.85 15.83
C PRO C 14 -18.23 36.16 14.82
N ILE C 15 -18.16 37.42 14.41
CA ILE C 15 -17.13 37.91 13.52
C ILE C 15 -16.33 38.95 14.29
N ILE C 16 -15.02 38.87 14.23
CA ILE C 16 -14.14 39.94 14.73
C ILE C 16 -13.35 40.50 13.58
N GLN C 17 -13.43 41.81 13.39
CA GLN C 17 -12.56 42.51 12.45
C GLN C 17 -11.16 42.62 13.04
N ALA C 18 -10.18 42.08 12.32
CA ALA C 18 -8.82 41.95 12.85
C ALA C 18 -8.15 43.32 13.01
N PRO C 19 -7.55 43.58 14.18
CA PRO C 19 -6.80 44.84 14.27
C PRO C 19 -5.61 44.86 13.31
N MET C 20 -5.53 45.87 12.45
CA MET C 20 -4.50 45.92 11.40
C MET C 20 -3.77 47.28 11.37
N ALA C 21 -2.65 47.36 12.07
CA ALA C 21 -1.96 48.65 12.26
C ALA C 21 -1.52 49.26 10.94
N GLY C 22 -1.54 50.59 10.87
CA GLY C 22 -1.11 51.32 9.68
C GLY C 22 -2.06 51.21 8.49
N VAL C 23 -3.29 50.79 8.73
CA VAL C 23 -4.19 50.44 7.63
C VAL C 23 -5.66 50.76 7.93
N GLN C 24 -6.00 50.96 9.21
CA GLN C 24 -7.37 51.21 9.63
C GLN C 24 -7.39 51.80 11.03
N GLY C 25 -8.39 52.62 11.32
CA GLY C 25 -8.49 53.29 12.60
C GLY C 25 -9.91 53.15 13.11
N SER C 26 -10.44 54.22 13.68
CA SER C 26 -11.77 54.17 14.30
C SER C 26 -12.89 53.76 13.34
N ALA C 27 -12.77 54.20 12.09
CA ALA C 27 -13.87 54.10 11.12
C ALA C 27 -14.24 52.65 10.76
N LEU C 28 -13.25 51.78 10.58
CA LEU C 28 -13.54 50.37 10.37
C LEU C 28 -14.22 49.76 11.59
N ALA C 29 -13.71 50.09 12.78
CA ALA C 29 -14.20 49.46 14.01
C ALA C 29 -15.64 49.87 14.32
N ILE C 30 -15.90 51.18 14.29
CA ILE C 30 -17.26 51.71 14.35
C ILE C 30 -18.20 50.94 13.41
N ALA C 31 -17.84 50.89 12.12
CA ALA C 31 -18.66 50.25 11.09
C ALA C 31 -18.97 48.79 11.43
N VAL C 32 -17.97 48.08 11.93
CA VAL C 32 -18.10 46.64 12.14
C VAL C 32 -18.85 46.37 13.43
N SER C 33 -18.47 47.06 14.49
CA SER C 33 -19.20 47.00 15.77
C SER C 33 -20.69 47.36 15.62
N GLU C 34 -20.97 48.42 14.85
CA GLU C 34 -22.38 48.80 14.55
C GLU C 34 -23.11 47.74 13.73
N ALA C 35 -22.41 47.09 12.81
CA ALA C 35 -23.00 45.96 12.10
C ALA C 35 -23.35 44.79 13.01
N GLY C 36 -22.67 44.68 14.16
CA GLY C 36 -22.97 43.61 15.13
C GLY C 36 -21.86 42.58 15.34
N GLY C 37 -20.68 42.85 14.78
CA GLY C 37 -19.49 42.10 15.14
C GLY C 37 -18.63 42.85 16.14
N LEU C 38 -17.39 42.42 16.30
CA LEU C 38 -16.39 43.14 17.10
C LEU C 38 -15.44 43.88 16.18
N GLY C 39 -15.59 45.20 16.12
CA GLY C 39 -14.61 46.07 15.48
C GLY C 39 -13.44 46.26 16.43
N SER C 40 -12.29 46.57 15.85
CA SER C 40 -11.03 46.53 16.56
C SER C 40 -10.18 47.71 16.19
N LEU C 41 -9.62 48.36 17.20
CA LEU C 41 -8.64 49.42 17.02
C LEU C 41 -7.24 48.87 17.22
N PRO C 42 -6.38 48.95 16.19
CA PRO C 42 -5.00 48.53 16.40
C PRO C 42 -4.21 49.67 16.99
N CYS C 43 -3.58 49.44 18.15
CA CYS C 43 -2.91 50.53 18.87
C CYS C 43 -1.38 50.45 18.87
N ALA C 44 -0.82 49.43 18.21
CA ALA C 44 0.64 49.29 18.06
C ALA C 44 1.37 50.61 17.76
N MET C 45 1.01 51.24 16.65
CA MET C 45 1.74 52.39 16.16
C MET C 45 1.27 53.72 16.74
N LEU C 46 0.29 53.72 17.63
CA LEU C 46 -0.37 54.97 18.02
C LEU C 46 0.36 55.64 19.18
N SER C 47 0.58 56.95 19.03
CA SER C 47 0.98 57.81 20.15
C SER C 47 -0.10 57.78 21.23
N LEU C 48 0.25 58.22 22.44
CA LEU C 48 -0.74 58.34 23.52
C LEU C 48 -1.82 59.35 23.18
N GLU C 49 -1.37 60.47 22.62
CA GLU C 49 -2.22 61.42 21.90
C GLU C 49 -3.26 60.71 20.99
N ALA C 50 -2.77 60.06 19.95
CA ALA C 50 -3.63 59.35 18.99
C ALA C 50 -4.54 58.33 19.67
N LEU C 51 -4.02 57.63 20.67
CA LEU C 51 -4.79 56.57 21.33
C LEU C 51 -6.04 57.15 22.01
N GLU C 52 -5.88 58.32 22.62
CA GLU C 52 -7.00 58.99 23.28
C GLU C 52 -8.03 59.54 22.29
N ALA C 53 -7.56 60.21 21.25
CA ALA C 53 -8.46 60.78 20.22
C ALA C 53 -9.39 59.71 19.71
N GLU C 54 -8.79 58.58 19.35
CA GLU C 54 -9.46 57.56 18.59
C GLU C 54 -10.47 56.78 19.43
N LEU C 55 -10.15 56.55 20.71
CA LEU C 55 -11.15 55.96 21.62
C LEU C 55 -12.32 56.92 21.81
N THR C 56 -12.01 58.21 21.96
CA THR C 56 -13.04 59.23 22.04
C THR C 56 -13.94 59.20 20.80
N ALA C 57 -13.32 59.12 19.62
CA ALA C 57 -14.09 59.15 18.37
C ALA C 57 -15.03 57.95 18.29
N ILE C 58 -14.49 56.76 18.57
CA ILE C 58 -15.28 55.54 18.61
C ILE C 58 -16.44 55.68 19.58
N ARG C 59 -16.11 55.93 20.85
CA ARG C 59 -17.11 55.90 21.92
C ARG C 59 -18.28 56.88 21.69
N SER C 60 -18.04 57.95 20.93
CA SER C 60 -19.08 58.95 20.62
C SER C 60 -19.96 58.56 19.43
N GLN C 61 -19.67 57.42 18.81
CA GLN C 61 -20.41 56.96 17.64
C GLN C 61 -21.13 55.65 17.90
N THR C 62 -20.53 54.78 18.71
CA THR C 62 -21.13 53.50 19.00
C THR C 62 -21.02 53.13 20.48
N ALA C 63 -22.07 52.51 20.98
CA ALA C 63 -22.08 51.97 22.33
C ALA C 63 -21.87 50.47 22.26
N LYS C 64 -21.50 49.99 21.08
CA LYS C 64 -21.27 48.56 20.90
C LYS C 64 -19.84 48.20 21.29
N PRO C 65 -19.63 46.92 21.65
CA PRO C 65 -18.34 46.50 22.18
C PRO C 65 -17.21 46.66 21.18
N ILE C 66 -16.01 46.93 21.69
CA ILE C 66 -14.87 47.27 20.88
C ILE C 66 -13.67 46.50 21.42
N ASN C 67 -12.79 46.09 20.51
CA ASN C 67 -11.55 45.42 20.85
C ASN C 67 -10.39 46.37 20.59
N VAL C 68 -9.61 46.68 21.62
CA VAL C 68 -8.35 47.43 21.42
C VAL C 68 -7.16 46.46 21.50
N ASN C 69 -6.18 46.66 20.60
CA ASN C 69 -5.14 45.66 20.34
C ASN C 69 -3.76 46.27 20.55
N PHE C 70 -2.87 45.51 21.18
CA PHE C 70 -1.55 46.00 21.53
C PHE C 70 -0.51 44.94 21.26
N PHE C 71 0.73 45.40 21.14
CA PHE C 71 1.86 44.49 21.08
C PHE C 71 2.46 44.40 22.46
N CYS C 72 2.87 43.21 22.86
CA CYS C 72 3.59 43.02 24.12
C CYS C 72 4.80 42.12 23.93
N HIS C 73 5.51 42.36 22.83
CA HIS C 73 6.84 41.77 22.62
C HIS C 73 7.87 42.24 23.62
N ARG C 74 8.91 41.44 23.80
CA ARG C 74 10.12 41.86 24.50
C ARG C 74 10.84 42.95 23.69
N GLU C 75 11.23 44.03 24.37
CA GLU C 75 12.13 45.04 23.81
C GLU C 75 13.49 44.40 23.48
N PRO C 76 14.02 44.64 22.26
CA PRO C 76 15.25 43.97 21.82
C PRO C 76 16.48 44.56 22.49
N VAL C 77 17.57 43.80 22.51
CA VAL C 77 18.88 44.32 22.98
C VAL C 77 19.40 45.48 22.10
N ALA C 78 20.49 46.13 22.51
CA ALA C 78 20.92 47.42 21.96
C ALA C 78 21.42 47.37 20.50
N GLN C 79 22.31 46.42 20.21
CA GLN C 79 22.38 45.83 18.85
C GLN C 79 23.03 46.66 17.72
N ALA C 80 23.68 47.77 18.07
CA ALA C 80 24.09 48.77 17.06
C ALA C 80 24.94 48.22 15.92
N ALA C 81 25.79 47.24 16.20
CA ALA C 81 26.65 46.64 15.17
C ALA C 81 25.85 45.82 14.18
N LYS C 82 24.89 45.05 14.70
CA LYS C 82 23.96 44.30 13.87
C LYS C 82 23.24 45.22 12.87
N GLN C 83 22.79 46.37 13.36
CA GLN C 83 22.07 47.33 12.55
C GLN C 83 22.94 47.91 11.47
N ALA C 84 24.17 48.27 11.84
CA ALA C 84 25.11 48.83 10.88
C ALA C 84 25.42 47.82 9.78
N ALA C 85 25.52 46.55 10.13
CA ALA C 85 25.83 45.50 9.15
C ALA C 85 24.71 45.34 8.14
N TRP C 86 23.48 45.50 8.61
CA TRP C 86 22.31 45.39 7.75
C TRP C 86 22.23 46.55 6.77
N LEU C 87 22.59 47.74 7.24
CA LEU C 87 22.71 48.93 6.40
C LEU C 87 23.72 48.71 5.27
N GLU C 88 24.92 48.24 5.64
CA GLU C 88 25.93 47.78 4.66
C GLU C 88 25.33 47.01 3.50
N GLN C 89 24.46 46.05 3.82
CA GLN C 89 23.90 45.18 2.81
C GLN C 89 22.85 45.87 1.93
N LEU C 90 22.15 46.86 2.50
CA LEU C 90 21.17 47.65 1.76
C LEU C 90 21.82 48.72 0.85
N ALA C 91 23.15 48.79 0.86
CA ALA C 91 23.89 49.86 0.20
C ALA C 91 23.52 50.00 -1.28
N PRO C 92 23.48 48.87 -2.02
CA PRO C 92 23.10 48.92 -3.45
C PRO C 92 21.77 49.61 -3.71
N TYR C 93 20.82 49.49 -2.79
CA TYR C 93 19.50 50.03 -2.98
C TYR C 93 19.54 51.51 -2.68
N PHE C 94 20.14 51.88 -1.56
CA PHE C 94 20.28 53.30 -1.19
C PHE C 94 20.89 54.07 -2.34
N ALA C 95 21.88 53.45 -2.98
CA ALA C 95 22.62 54.04 -4.08
C ALA C 95 21.71 54.16 -5.33
N GLU C 96 20.94 53.12 -5.61
CA GLU C 96 20.02 53.11 -6.74
C GLU C 96 18.93 54.17 -6.60
N PHE C 97 18.55 54.44 -5.35
CA PHE C 97 17.47 55.35 -5.04
C PHE C 97 17.96 56.70 -4.53
N ASN C 98 19.26 56.81 -4.31
CA ASN C 98 19.88 58.11 -4.07
C ASN C 98 19.37 58.76 -2.79
N LEU C 99 19.52 58.07 -1.66
CA LEU C 99 19.01 58.62 -0.40
C LEU C 99 19.92 58.38 0.80
N THR C 111 6.84 50.34 20.64
CA THR C 111 6.65 50.36 22.11
C THR C 111 5.63 49.32 22.57
N PRO C 112 6.05 48.43 23.50
CA PRO C 112 5.13 47.48 24.08
C PRO C 112 4.14 48.10 25.05
N TYR C 113 3.10 47.35 25.35
CA TYR C 113 2.05 47.73 26.27
C TYR C 113 2.62 47.98 27.68
N SER C 114 2.30 49.14 28.25
CA SER C 114 2.86 49.57 29.52
C SER C 114 1.87 50.37 30.36
N LYS C 115 2.31 50.78 31.54
CA LYS C 115 1.52 51.66 32.43
C LYS C 115 0.97 52.91 31.71
N ALA C 116 1.74 53.45 30.77
CA ALA C 116 1.37 54.68 30.06
C ALA C 116 0.07 54.53 29.26
N GLN C 117 -0.01 53.53 28.38
CA GLN C 117 -1.24 53.23 27.64
C GLN C 117 -2.38 52.79 28.54
N ALA C 118 -2.07 52.00 29.57
CA ALA C 118 -3.06 51.59 30.59
C ALA C 118 -3.84 52.77 31.16
N GLU C 119 -3.13 53.82 31.58
CA GLU C 119 -3.76 55.05 32.07
C GLU C 119 -4.85 55.53 31.11
N VAL C 120 -4.52 55.62 29.83
CA VAL C 120 -5.49 56.02 28.79
C VAL C 120 -6.66 55.03 28.71
N LEU C 121 -6.35 53.74 28.64
CA LEU C 121 -7.36 52.72 28.47
C LEU C 121 -8.38 52.71 29.61
N ALA C 122 -7.93 52.96 30.83
CA ALA C 122 -8.83 52.92 32.00
C ALA C 122 -9.95 53.97 31.92
N LYS C 123 -9.75 55.03 31.15
CA LYS C 123 -10.80 56.03 30.94
C LYS C 123 -11.97 55.52 30.08
N PHE C 124 -11.72 54.47 29.29
CA PHE C 124 -12.69 54.05 28.27
C PHE C 124 -13.23 52.64 28.50
N LYS C 125 -12.45 51.79 29.16
CA LYS C 125 -12.95 50.52 29.70
C LYS C 125 -13.50 49.60 28.61
N PRO C 126 -12.69 49.31 27.57
CA PRO C 126 -13.17 48.58 26.38
C PRO C 126 -13.67 47.19 26.71
N GLU C 127 -14.70 46.75 26.03
CA GLU C 127 -15.25 45.43 26.29
C GLU C 127 -14.18 44.34 26.06
N VAL C 128 -13.32 44.55 25.08
CA VAL C 128 -12.26 43.58 24.81
C VAL C 128 -10.90 44.24 24.68
N VAL C 129 -9.88 43.62 25.27
CA VAL C 129 -8.47 43.99 25.07
C VAL C 129 -7.69 42.78 24.51
N SER C 130 -7.01 42.97 23.39
CA SER C 130 -6.30 41.87 22.71
C SER C 130 -4.80 42.14 22.62
N PHE C 131 -4.03 41.07 22.52
CA PHE C 131 -2.57 41.18 22.50
C PHE C 131 -1.95 40.28 21.44
N HIS C 132 -0.93 40.81 20.77
CA HIS C 132 -0.05 40.05 19.87
C HIS C 132 1.29 39.86 20.56
N PHE C 133 1.91 38.70 20.33
CA PHE C 133 3.22 38.34 20.89
C PHE C 133 3.17 38.03 22.40
N GLY C 134 2.19 37.24 22.83
CA GLY C 134 2.10 36.80 24.23
C GLY C 134 1.11 37.56 25.10
N LEU C 135 1.48 37.78 26.35
CA LEU C 135 0.69 38.58 27.29
C LEU C 135 1.60 39.50 28.08
N PRO C 136 1.07 40.61 28.60
CA PRO C 136 1.87 41.46 29.46
C PRO C 136 1.93 40.93 30.92
N ASP C 137 2.74 41.57 31.76
CA ASP C 137 2.95 41.19 33.17
C ASP C 137 1.63 41.00 33.94
N GLU C 138 1.66 40.17 34.98
CA GLU C 138 0.46 39.86 35.75
C GLU C 138 -0.20 41.12 36.31
N GLU C 139 0.59 42.06 36.84
CA GLU C 139 0.04 43.33 37.34
C GLU C 139 -0.83 44.06 36.31
N LEU C 140 -0.39 44.07 35.05
CA LEU C 140 -1.08 44.82 34.01
C LEU C 140 -2.35 44.13 33.49
N LEU C 141 -2.37 42.79 33.45
CA LEU C 141 -3.60 42.14 33.05
C LEU C 141 -4.62 41.95 34.18
N LEU C 142 -4.14 42.00 35.43
CA LEU C 142 -5.02 42.22 36.59
C LEU C 142 -5.82 43.55 36.49
N GLU C 143 -5.16 44.60 35.99
CA GLU C 143 -5.78 45.93 35.89
C GLU C 143 -6.85 45.93 34.80
N ILE C 144 -6.53 45.29 33.67
CA ILE C 144 -7.46 45.20 32.54
C ILE C 144 -8.70 44.40 32.93
N LYS C 145 -8.49 43.24 33.55
CA LYS C 145 -9.59 42.42 34.04
C LYS C 145 -10.47 43.15 35.07
N SER C 146 -9.88 44.05 35.85
CA SER C 146 -10.62 44.79 36.88
C SER C 146 -11.55 45.88 36.31
N TRP C 147 -11.37 46.22 35.04
CA TRP C 147 -12.39 46.99 34.31
C TRP C 147 -13.54 46.11 33.85
N GLY C 148 -13.38 44.80 33.97
CA GLY C 148 -14.31 43.86 33.35
C GLY C 148 -14.04 43.64 31.88
N SER C 149 -13.00 44.29 31.36
CA SER C 149 -12.52 44.04 30.00
C SER C 149 -12.16 42.58 29.85
N LYS C 150 -12.63 41.95 28.78
CA LYS C 150 -12.19 40.59 28.43
C LYS C 150 -10.85 40.71 27.72
N VAL C 151 -9.95 39.73 27.93
CA VAL C 151 -8.63 39.76 27.26
C VAL C 151 -8.34 38.53 26.45
N ILE C 152 -7.86 38.76 25.22
CA ILE C 152 -7.56 37.69 24.29
C ILE C 152 -6.15 37.84 23.72
N SER C 153 -5.67 36.78 23.08
CA SER C 153 -4.33 36.81 22.46
C SER C 153 -4.13 35.66 21.47
N THR C 154 -3.05 35.73 20.70
CA THR C 154 -2.83 34.85 19.57
C THR C 154 -1.94 33.67 19.96
N ALA C 155 -2.35 32.49 19.54
CA ALA C 155 -1.53 31.32 19.65
C ALA C 155 -1.23 30.88 18.26
N THR C 156 0.03 30.53 18.01
CA THR C 156 0.44 29.97 16.75
C THR C 156 0.72 28.47 16.94
N THR C 157 0.64 27.99 18.18
CA THR C 157 0.74 26.55 18.45
C THR C 157 -0.16 26.14 19.61
N VAL C 158 -0.26 24.83 19.82
CA VAL C 158 -0.96 24.32 21.00
C VAL C 158 -0.24 24.72 22.30
N GLU C 159 1.08 24.68 22.29
CA GLU C 159 1.85 25.09 23.45
C GLU C 159 1.50 26.52 23.86
N GLU C 160 1.53 27.43 22.89
CA GLU C 160 1.19 28.82 23.16
C GLU C 160 -0.26 28.96 23.66
N ALA C 161 -1.13 28.10 23.17
CA ALA C 161 -2.52 28.20 23.52
C ALA C 161 -2.73 27.77 24.96
N LEU C 162 -2.04 26.71 25.38
CA LEU C 162 -2.10 26.27 26.77
C LEU C 162 -1.47 27.29 27.73
N TRP C 163 -0.32 27.82 27.35
CA TRP C 163 0.29 28.94 28.07
C TRP C 163 -0.70 30.10 28.31
N LEU C 164 -1.45 30.48 27.28
CA LEU C 164 -2.36 31.63 27.41
C LEU C 164 -3.50 31.30 28.36
N GLU C 165 -4.03 30.09 28.26
CA GLU C 165 -5.15 29.68 29.11
C GLU C 165 -4.68 29.66 30.57
N ALA C 166 -3.52 29.04 30.80
CA ALA C 166 -2.89 29.01 32.12
C ALA C 166 -2.61 30.37 32.74
N ARG C 167 -2.53 31.43 31.92
CA ARG C 167 -2.14 32.76 32.39
C ARG C 167 -3.31 33.74 32.50
N GLY C 168 -4.50 33.36 32.05
CA GLY C 168 -5.68 34.19 32.23
C GLY C 168 -6.40 34.67 30.98
N ALA C 169 -5.99 34.18 29.81
CA ALA C 169 -6.71 34.49 28.58
C ALA C 169 -8.17 34.02 28.68
N ASP C 170 -9.09 34.91 28.35
CA ASP C 170 -10.51 34.58 28.29
C ASP C 170 -10.84 33.90 26.97
N ALA C 171 -9.98 34.08 25.98
CA ALA C 171 -10.12 33.41 24.69
C ALA C 171 -8.80 33.45 23.95
N ILE C 172 -8.62 32.51 23.02
CA ILE C 172 -7.41 32.39 22.24
C ILE C 172 -7.76 32.57 20.77
N ILE C 173 -6.95 33.37 20.07
CA ILE C 173 -7.00 33.47 18.61
C ILE C 173 -6.00 32.47 18.01
N ALA C 174 -6.50 31.40 17.40
CA ALA C 174 -5.64 30.46 16.69
C ALA C 174 -5.26 31.03 15.33
N GLN C 175 -3.99 31.40 15.17
CA GLN C 175 -3.54 32.04 13.96
C GLN C 175 -2.81 31.05 13.07
N GLY C 176 -3.53 30.56 12.06
CA GLY C 176 -2.94 29.77 10.99
C GLY C 176 -1.87 30.53 10.22
N LEU C 177 -0.93 29.79 9.66
CA LEU C 177 0.13 30.33 8.80
C LEU C 177 -0.38 31.12 7.59
N GLU C 178 -1.59 30.78 7.15
CA GLU C 178 -2.25 31.49 6.07
C GLU C 178 -2.42 32.98 6.41
N ALA C 179 -2.39 33.31 7.70
CA ALA C 179 -2.77 34.65 8.12
C ALA C 179 -1.89 35.73 7.50
N GLY C 180 -2.49 36.88 7.25
CA GLY C 180 -1.74 38.07 6.88
C GLY C 180 -1.11 38.69 8.11
N GLY C 181 -0.12 39.54 7.88
CA GLY C 181 0.51 40.30 8.95
C GLY C 181 1.50 39.49 9.78
N HIS C 182 1.87 40.05 10.92
CA HIS C 182 2.86 39.45 11.79
C HIS C 182 2.36 38.15 12.42
N ARG C 183 3.20 37.11 12.38
CA ARG C 183 3.02 35.92 13.21
C ARG C 183 3.04 36.33 14.66
N GLY C 184 2.09 35.84 15.45
CA GLY C 184 1.96 36.22 16.85
C GLY C 184 2.68 35.29 17.82
N HIS C 185 3.57 34.45 17.32
CA HIS C 185 4.29 33.49 18.16
C HIS C 185 5.18 34.15 19.24
N PHE C 186 5.42 33.43 20.33
CA PHE C 186 6.19 33.99 21.44
C PHE C 186 6.99 32.98 22.24
N LEU C 187 6.65 31.70 22.21
CA LEU C 187 7.41 30.68 22.95
C LEU C 187 8.67 30.23 22.24
N SER C 188 8.66 30.21 20.91
CA SER C 188 9.79 29.68 20.12
C SER C 188 10.03 30.49 18.82
N GLU C 189 11.28 30.60 18.43
CA GLU C 189 11.64 31.25 17.14
C GLU C 189 11.46 30.31 15.94
N ASP C 190 11.25 29.02 16.18
CA ASP C 190 11.19 28.02 15.09
C ASP C 190 9.85 28.11 14.31
N LEU C 191 9.91 28.70 13.11
CA LEU C 191 8.74 28.79 12.21
C LEU C 191 8.16 27.42 11.84
N THR C 192 8.99 26.38 11.74
CA THR C 192 8.52 25.03 11.40
C THR C 192 7.65 24.38 12.49
N GLU C 193 7.56 24.98 13.66
CA GLU C 193 6.60 24.48 14.66
C GLU C 193 5.20 25.01 14.44
N GLN C 194 5.04 25.92 13.49
CA GLN C 194 3.74 26.50 13.19
C GLN C 194 2.97 25.77 12.11
N LEU C 195 1.64 25.90 12.18
CA LEU C 195 0.76 25.06 11.40
C LEU C 195 -0.23 25.91 10.62
N GLY C 196 -0.73 25.32 9.55
CA GLY C 196 -1.88 25.88 8.85
C GLY C 196 -3.13 25.85 9.69
N THR C 197 -3.99 26.84 9.48
CA THR C 197 -5.34 26.88 10.06
C THR C 197 -6.04 25.53 10.13
N PHE C 198 -5.95 24.77 9.03
CA PHE C 198 -6.77 23.57 8.91
C PHE C 198 -6.36 22.56 9.95
N SER C 199 -5.10 22.62 10.37
CA SER C 199 -4.56 21.73 11.40
C SER C 199 -4.42 22.37 12.78
N LEU C 200 -4.20 23.68 12.81
CA LEU C 200 -4.02 24.39 14.07
C LEU C 200 -5.33 24.46 14.82
N LEU C 201 -6.38 24.87 14.11
CA LEU C 201 -7.66 25.17 14.75
C LEU C 201 -8.17 23.96 15.56
N PRO C 202 -8.41 22.81 14.90
CA PRO C 202 -8.94 21.63 15.64
C PRO C 202 -8.09 21.15 16.82
N GLN C 203 -6.78 21.17 16.68
CA GLN C 203 -5.88 20.72 17.76
C GLN C 203 -5.85 21.71 18.94
N ILE C 204 -5.98 23.01 18.65
CA ILE C 204 -6.11 23.95 19.75
C ILE C 204 -7.43 23.76 20.49
N ILE C 205 -8.50 23.48 19.75
CA ILE C 205 -9.81 23.33 20.35
C ILE C 205 -9.90 22.11 21.25
N ALA C 206 -9.16 21.07 20.88
CA ALA C 206 -9.10 19.82 21.67
C ALA C 206 -8.34 20.02 22.98
N ALA C 207 -7.34 20.90 22.97
CA ALA C 207 -6.38 20.99 24.07
C ALA C 207 -6.79 21.98 25.16
N VAL C 208 -7.52 23.03 24.79
CA VAL C 208 -7.97 24.03 25.76
C VAL C 208 -9.46 23.91 26.05
N GLU C 209 -9.91 24.60 27.08
CA GLU C 209 -11.31 24.56 27.47
C GLU C 209 -12.02 25.84 27.08
N ILE C 210 -11.31 26.97 27.16
CA ILE C 210 -11.86 28.27 26.75
C ILE C 210 -12.15 28.38 25.23
N PRO C 211 -13.02 29.32 24.85
CA PRO C 211 -13.37 29.52 23.44
C PRO C 211 -12.18 29.84 22.54
N VAL C 212 -12.24 29.36 21.31
CA VAL C 212 -11.20 29.55 20.33
C VAL C 212 -11.73 30.33 19.12
N ILE C 213 -10.99 31.37 18.74
CA ILE C 213 -11.29 32.19 17.56
C ILE C 213 -10.37 31.78 16.42
N ALA C 214 -10.93 31.50 15.23
CA ALA C 214 -10.13 31.10 14.08
C ALA C 214 -9.61 32.31 13.32
N ALA C 215 -8.37 32.20 12.87
CA ALA C 215 -7.76 33.13 11.92
C ALA C 215 -6.62 32.37 11.26
N GLY C 216 -6.09 32.80 10.12
CA GLY C 216 -6.85 33.34 9.03
C GLY C 216 -6.82 32.44 7.80
N GLY C 217 -6.96 33.06 6.64
CA GLY C 217 -7.66 32.44 5.52
C GLY C 217 -9.19 32.51 5.58
N ILE C 218 -9.76 33.19 6.57
CA ILE C 218 -11.21 33.35 6.63
C ILE C 218 -11.65 34.61 5.89
N VAL C 219 -12.33 34.43 4.75
CA VAL C 219 -12.49 35.50 3.76
C VAL C 219 -13.89 35.62 3.15
N ASP C 220 -14.79 34.68 3.47
CA ASP C 220 -16.13 34.69 2.92
C ASP C 220 -17.01 33.76 3.74
N ALA C 221 -18.25 33.61 3.32
CA ALA C 221 -19.22 32.83 4.05
C ALA C 221 -18.86 31.34 4.11
N THR C 222 -18.34 30.77 3.01
CA THR C 222 -17.99 29.34 3.00
C THR C 222 -16.85 29.06 3.95
N THR C 223 -15.79 29.85 3.82
CA THR C 223 -14.68 29.90 4.74
C THR C 223 -15.13 30.02 6.22
N VAL C 224 -16.09 30.92 6.50
CA VAL C 224 -16.60 31.12 7.85
C VAL C 224 -17.28 29.87 8.39
N ARG C 225 -18.16 29.29 7.56
CA ARG C 225 -18.86 28.05 7.91
C ARG C 225 -17.87 26.95 8.23
N ALA C 226 -16.81 26.83 7.41
CA ALA C 226 -15.86 25.72 7.53
C ALA C 226 -15.08 25.82 8.83
N ALA C 227 -14.83 27.03 9.30
CA ALA C 227 -14.12 27.23 10.56
C ALA C 227 -15.05 27.01 11.73
N MET C 228 -16.30 27.43 11.60
CA MET C 228 -17.27 27.16 12.66
C MET C 228 -17.52 25.66 12.76
N THR C 229 -17.53 24.96 11.62
CA THR C 229 -17.86 23.53 11.61
C THR C 229 -16.81 22.77 12.40
N MET C 230 -15.59 23.28 12.42
CA MET C 230 -14.52 22.59 13.14
C MET C 230 -14.57 22.83 14.65
N GLY C 231 -15.37 23.84 15.05
CA GLY C 231 -15.66 24.08 16.44
C GLY C 231 -15.18 25.43 16.94
N ALA C 232 -14.80 26.33 16.05
CA ALA C 232 -14.54 27.73 16.43
C ALA C 232 -15.78 28.40 17.07
N SER C 233 -15.57 29.19 18.12
CA SER C 233 -16.62 30.01 18.72
C SER C 233 -16.82 31.31 17.96
N ALA C 234 -15.81 31.72 17.22
CA ALA C 234 -15.89 32.90 16.36
C ALA C 234 -14.75 32.88 15.36
N VAL C 235 -14.73 33.88 14.48
CA VAL C 235 -13.67 34.02 13.49
C VAL C 235 -13.13 35.43 13.53
N GLN C 236 -11.90 35.60 13.08
CA GLN C 236 -11.26 36.91 13.00
C GLN C 236 -10.75 37.14 11.59
N VAL C 237 -11.22 38.22 10.99
CA VAL C 237 -11.04 38.43 9.58
C VAL C 237 -10.28 39.73 9.35
N GLY C 238 -9.22 39.63 8.57
CA GLY C 238 -8.32 40.75 8.34
C GLY C 238 -8.27 41.09 6.88
N THR C 239 -7.58 40.25 6.11
CA THR C 239 -7.27 40.51 4.70
C THR C 239 -8.52 40.90 3.89
N ALA C 240 -9.65 40.31 4.21
CA ALA C 240 -10.89 40.54 3.45
C ALA C 240 -11.54 41.90 3.70
N TYR C 241 -11.06 42.64 4.69
CA TYR C 241 -11.53 44.01 4.90
C TYR C 241 -10.69 45.09 4.16
N LEU C 242 -9.57 44.71 3.57
CA LEU C 242 -8.55 45.72 3.17
C LEU C 242 -9.01 46.66 2.04
N LEU C 243 -9.93 46.22 1.19
CA LEU C 243 -10.40 47.04 0.07
C LEU C 243 -11.66 47.84 0.46
N CYS C 244 -12.13 47.71 1.71
CA CYS C 244 -13.29 48.48 2.16
C CYS C 244 -12.99 49.98 2.24
N PRO C 245 -14.02 50.82 2.02
CA PRO C 245 -13.82 52.27 2.07
C PRO C 245 -13.40 52.79 3.44
N GLU C 246 -13.68 52.04 4.51
CA GLU C 246 -13.33 52.48 5.87
C GLU C 246 -11.87 52.17 6.27
N CYS C 247 -11.21 51.30 5.51
CA CYS C 247 -9.75 51.10 5.63
C CYS C 247 -8.97 52.20 4.95
N ASN C 248 -7.84 52.58 5.55
CA ASN C 248 -6.86 53.48 4.89
C ASN C 248 -5.72 52.72 4.16
N THR C 249 -6.01 51.53 3.63
CA THR C 249 -5.05 50.83 2.79
C THR C 249 -4.57 51.77 1.70
N SER C 250 -3.25 51.78 1.48
CA SER C 250 -2.65 52.75 0.58
C SER C 250 -2.91 52.32 -0.85
N ALA C 251 -2.89 53.30 -1.75
CA ALA C 251 -3.31 53.08 -3.11
C ALA C 251 -2.56 51.92 -3.76
N ILE C 252 -1.27 51.79 -3.47
CA ILE C 252 -0.45 50.73 -4.10
C ILE C 252 -0.58 49.38 -3.41
N HIS C 253 -0.82 49.39 -2.10
CA HIS C 253 -1.24 48.18 -1.40
C HIS C 253 -2.59 47.70 -1.94
N ARG C 254 -3.53 48.62 -2.15
CA ARG C 254 -4.82 48.25 -2.78
C ARG C 254 -4.61 47.66 -4.18
N GLU C 255 -3.70 48.23 -4.95
CA GLU C 255 -3.43 47.73 -6.31
C GLU C 255 -2.78 46.36 -6.24
N ALA C 256 -1.76 46.22 -5.39
CA ALA C 256 -1.11 44.93 -5.18
C ALA C 256 -2.11 43.83 -4.81
N LEU C 257 -3.04 44.15 -3.92
CA LEU C 257 -4.10 43.22 -3.52
C LEU C 257 -4.96 42.69 -4.67
N GLN C 258 -5.08 43.46 -5.74
CA GLN C 258 -6.00 43.12 -6.84
C GLN C 258 -5.23 42.59 -8.05
N SER C 259 -3.95 42.91 -8.13
CA SER C 259 -3.07 42.25 -9.09
C SER C 259 -3.02 40.74 -8.80
N ASP C 260 -2.46 39.97 -9.74
CA ASP C 260 -2.27 38.54 -9.54
C ASP C 260 -0.95 38.21 -8.83
N ALA C 261 -0.14 39.24 -8.56
CA ALA C 261 0.95 39.15 -7.59
C ALA C 261 0.44 38.81 -6.18
N ALA C 262 -0.79 39.24 -5.90
CA ALA C 262 -1.49 38.93 -4.65
C ALA C 262 -1.54 37.46 -4.27
N GLN C 263 -1.56 36.57 -5.26
CA GLN C 263 -1.66 35.12 -4.99
C GLN C 263 -0.38 34.52 -4.39
N HIS C 264 0.75 35.20 -4.59
CA HIS C 264 2.01 34.77 -4.02
C HIS C 264 2.39 35.65 -2.82
N THR C 265 2.30 35.10 -1.62
CA THR C 265 2.81 35.74 -0.41
C THR C 265 3.85 34.84 0.25
N ALA C 266 4.60 35.41 1.19
CA ALA C 266 5.63 34.65 1.92
C ALA C 266 5.89 35.29 3.26
N LEU C 267 6.36 34.50 4.22
CA LEU C 267 6.77 35.03 5.52
C LEU C 267 8.13 35.73 5.40
N THR C 268 8.23 36.98 5.88
CA THR C 268 9.44 37.76 5.72
C THR C 268 9.71 38.57 6.97
N ASN C 269 11.00 38.73 7.28
CA ASN C 269 11.42 39.56 8.40
C ASN C 269 12.10 40.88 7.97
N LEU C 270 12.04 41.19 6.67
CA LEU C 270 12.86 42.25 6.10
C LEU C 270 12.39 43.65 6.52
N PHE C 271 11.12 43.78 6.87
CA PHE C 271 10.50 45.09 7.04
C PHE C 271 10.38 45.49 8.50
N SER C 272 10.39 44.52 9.40
CA SER C 272 10.17 44.80 10.82
C SER C 272 11.25 44.19 11.69
N GLY C 273 11.82 43.09 11.22
CA GLY C 273 12.66 42.26 12.05
C GLY C 273 11.99 41.00 12.59
N ARG C 274 10.66 40.94 12.53
CA ARG C 274 9.91 39.72 12.85
C ARG C 274 9.19 39.19 11.60
N PRO C 275 9.01 37.85 11.51
CA PRO C 275 8.24 37.24 10.41
C PRO C 275 6.81 37.79 10.27
N ALA C 276 6.47 38.27 9.08
CA ALA C 276 5.10 38.61 8.74
C ALA C 276 4.84 38.14 7.32
N ARG C 277 3.60 37.79 7.02
CA ARG C 277 3.27 37.36 5.68
C ARG C 277 2.86 38.57 4.88
N GLY C 278 3.52 38.77 3.74
CA GLY C 278 3.14 39.81 2.80
C GLY C 278 3.30 39.33 1.38
N ILE C 279 2.64 40.02 0.45
CA ILE C 279 2.76 39.75 -0.97
C ILE C 279 4.22 39.87 -1.36
N VAL C 280 4.75 38.87 -2.06
CA VAL C 280 6.14 38.89 -2.48
C VAL C 280 6.44 40.03 -3.48
N ASN C 281 7.48 40.82 -3.17
CA ASN C 281 7.91 41.93 -4.00
C ASN C 281 9.44 41.84 -4.20
N ARG C 282 10.05 42.82 -4.88
CA ARG C 282 11.46 42.70 -5.30
C ARG C 282 12.39 42.49 -4.10
N PHE C 283 12.15 43.26 -3.03
CA PHE C 283 12.99 43.23 -1.84
C PHE C 283 13.04 41.85 -1.15
N MET C 284 11.92 41.13 -1.15
CA MET C 284 11.86 39.80 -0.55
C MET C 284 12.54 38.78 -1.45
N ALA C 285 12.36 38.93 -2.76
CA ALA C 285 12.95 38.04 -3.76
C ALA C 285 14.47 38.07 -3.75
N GLU C 286 15.02 39.27 -3.62
CA GLU C 286 16.47 39.45 -3.74
C GLU C 286 17.15 39.32 -2.39
N MET C 287 16.48 39.72 -1.32
CA MET C 287 17.12 39.78 -0.01
C MET C 287 16.58 38.78 1.01
N GLY C 288 15.67 37.91 0.60
CA GLY C 288 15.06 36.99 1.55
C GLY C 288 14.40 35.82 0.88
N PRO C 289 13.13 35.56 1.22
CA PRO C 289 12.27 36.45 2.03
C PRO C 289 12.59 36.48 3.51
N MET C 290 13.24 35.43 4.03
CA MET C 290 13.77 35.44 5.40
C MET C 290 15.27 35.68 5.34
N ASN C 291 15.79 36.43 6.31
CA ASN C 291 17.21 36.77 6.35
C ASN C 291 17.73 36.86 7.78
N GLU C 292 18.70 36.00 8.11
CA GLU C 292 19.20 35.91 9.49
C GLU C 292 19.93 37.18 9.96
N ALA C 293 20.32 38.05 9.01
CA ALA C 293 21.09 39.26 9.36
C ALA C 293 20.26 40.48 9.77
N VAL C 294 18.93 40.39 9.70
CA VAL C 294 18.09 41.56 9.99
C VAL C 294 18.05 41.78 11.51
N PRO C 295 18.05 43.05 11.95
CA PRO C 295 17.95 43.37 13.38
C PRO C 295 16.63 42.94 14.00
N ASP C 296 16.65 42.67 15.30
CA ASP C 296 15.44 42.27 16.02
C ASP C 296 14.34 43.33 15.93
N PHE C 297 13.11 42.84 15.85
CA PHE C 297 11.90 43.62 16.07
C PHE C 297 11.99 44.60 17.27
N PRO C 298 11.69 45.88 17.06
CA PRO C 298 11.13 46.43 15.83
C PRO C 298 12.14 47.29 15.05
N LEU C 299 13.41 46.98 15.21
CA LEU C 299 14.44 47.93 14.84
C LEU C 299 14.49 48.12 13.33
N ALA C 300 14.10 47.10 12.58
CA ALA C 300 14.53 46.97 11.20
C ALA C 300 13.72 47.84 10.23
N SER C 301 12.58 48.34 10.68
CA SER C 301 11.78 49.27 9.84
C SER C 301 12.51 50.58 9.50
N SER C 302 13.46 50.99 10.34
CA SER C 302 14.18 52.25 10.13
C SER C 302 15.26 52.12 9.07
N ALA C 303 15.77 50.90 8.89
CA ALA C 303 16.65 50.61 7.79
C ALA C 303 15.97 50.80 6.43
N VAL C 304 14.66 50.46 6.33
CA VAL C 304 13.96 50.46 5.01
C VAL C 304 12.95 51.59 4.82
N ALA C 305 12.70 52.39 5.86
CA ALA C 305 11.66 53.44 5.78
C ALA C 305 11.87 54.37 4.58
N GLY C 306 13.11 54.78 4.36
CA GLY C 306 13.43 55.70 3.29
C GLY C 306 13.16 55.10 1.93
N LEU C 307 13.62 53.86 1.73
CA LEU C 307 13.41 53.15 0.48
C LEU C 307 11.95 53.02 0.13
N ARG C 308 11.16 52.66 1.14
CA ARG C 308 9.73 52.49 0.94
C ARG C 308 9.09 53.76 0.47
N THR C 309 9.34 54.84 1.20
CA THR C 309 8.82 56.16 0.84
C THR C 309 9.21 56.57 -0.59
N ALA C 310 10.43 56.26 -1.00
CA ALA C 310 10.93 56.65 -2.31
C ALA C 310 10.36 55.74 -3.42
N ALA C 311 10.43 54.43 -3.20
CA ALA C 311 9.87 53.49 -4.17
C ALA C 311 8.38 53.77 -4.42
N GLU C 312 7.63 53.98 -3.36
CA GLU C 312 6.19 54.22 -3.52
C GLU C 312 5.88 55.55 -4.23
N ARG C 313 6.69 56.57 -3.94
CA ARG C 313 6.59 57.83 -4.67
C ARG C 313 6.65 57.56 -6.18
N LEU C 314 7.53 56.63 -6.57
CA LEU C 314 7.65 56.25 -7.99
C LEU C 314 6.58 55.28 -8.48
N GLY C 315 5.67 54.86 -7.60
CA GLY C 315 4.68 53.83 -7.93
C GLY C 315 5.16 52.37 -7.88
N PHE C 316 6.34 52.12 -7.32
CA PHE C 316 6.81 50.75 -7.14
C PHE C 316 6.40 50.27 -5.75
N TRP C 317 5.96 49.02 -5.66
CA TRP C 317 5.73 48.44 -4.32
C TRP C 317 6.87 47.57 -3.87
N ASP C 318 8.02 47.77 -4.52
CA ASP C 318 9.18 46.88 -4.41
C ASP C 318 9.72 46.81 -2.98
N PHE C 319 9.49 47.87 -2.19
CA PHE C 319 9.99 47.94 -0.82
C PHE C 319 8.90 48.27 0.17
N SER C 320 7.68 47.85 -0.14
CA SER C 320 6.53 48.11 0.73
C SER C 320 6.14 46.84 1.49
N PRO C 321 5.73 46.99 2.75
CA PRO C 321 5.25 45.81 3.46
C PRO C 321 3.79 45.55 3.13
N LEU C 322 3.55 44.60 2.25
CA LEU C 322 2.24 44.40 1.67
C LEU C 322 1.56 43.22 2.35
N TRP C 323 1.18 43.44 3.60
CA TRP C 323 0.60 42.36 4.41
C TRP C 323 -0.72 41.83 3.81
N CYS C 324 -0.82 40.51 3.67
CA CYS C 324 -2.00 39.88 3.06
C CYS C 324 -1.93 38.37 3.34
N GLY C 325 -3.07 37.78 3.69
CA GLY C 325 -3.12 36.36 3.92
C GLY C 325 -3.00 35.57 2.63
N GLN C 326 -2.95 34.24 2.76
CA GLN C 326 -2.82 33.34 1.61
C GLN C 326 -4.09 33.24 0.79
N ASN C 327 -5.17 33.86 1.24
CA ASN C 327 -6.36 33.98 0.40
C ASN C 327 -6.86 35.43 0.29
N ALA C 328 -6.67 36.00 -0.89
CA ALA C 328 -7.06 37.39 -1.17
C ALA C 328 -8.37 37.50 -1.98
N SER C 329 -8.95 36.36 -2.38
CA SER C 329 -10.13 36.35 -3.27
C SER C 329 -11.37 36.95 -2.62
N GLY C 330 -11.33 37.14 -1.31
CA GLY C 330 -12.49 37.65 -0.59
C GLY C 330 -12.50 39.17 -0.42
N CYS C 331 -11.47 39.88 -0.87
CA CYS C 331 -11.47 41.34 -0.79
C CYS C 331 -12.49 41.95 -1.75
N ARG C 332 -13.19 42.97 -1.28
CA ARG C 332 -14.30 43.59 -2.01
C ARG C 332 -14.42 45.06 -1.56
N ALA C 333 -14.55 45.96 -2.53
CA ALA C 333 -14.70 47.38 -2.26
C ALA C 333 -16.14 47.73 -2.01
N ILE C 334 -16.73 47.17 -0.95
CA ILE C 334 -18.05 47.56 -0.48
C ILE C 334 -17.98 47.95 0.98
N PRO C 335 -19.05 48.58 1.50
CA PRO C 335 -18.94 49.08 2.87
C PRO C 335 -18.76 47.95 3.88
N ALA C 336 -17.81 48.14 4.81
CA ALA C 336 -17.42 47.10 5.76
C ALA C 336 -18.61 46.42 6.46
N ALA C 337 -19.64 47.20 6.78
CA ALA C 337 -20.81 46.66 7.44
C ALA C 337 -21.52 45.67 6.52
N ASP C 338 -21.61 46.01 5.25
CA ASP C 338 -22.23 45.12 4.29
C ASP C 338 -21.38 43.86 4.18
N LEU C 339 -20.06 44.02 4.22
CA LEU C 339 -19.20 42.87 4.12
C LEU C 339 -19.35 41.98 5.36
N THR C 340 -19.48 42.59 6.52
CA THR C 340 -19.61 41.84 7.76
C THR C 340 -20.86 40.99 7.74
N ARG C 341 -21.98 41.59 7.32
CA ARG C 341 -23.21 40.85 7.16
C ARG C 341 -23.05 39.67 6.21
N SER C 342 -22.35 39.87 5.08
CA SER C 342 -22.14 38.78 4.12
C SER C 342 -21.40 37.57 4.72
N PHE C 343 -20.56 37.79 5.72
CA PHE C 343 -19.78 36.70 6.35
C PHE C 343 -20.62 35.68 7.11
N VAL C 344 -21.73 36.13 7.72
CA VAL C 344 -22.56 35.23 8.57
C VAL C 344 -23.74 34.63 7.81
N LEU C 345 -23.60 34.55 6.50
CA LEU C 345 -24.73 34.39 5.60
C LEU C 345 -24.80 32.95 5.13
N SER C 346 -25.50 32.12 5.89
CA SER C 346 -25.33 30.68 5.76
C SER C 346 -23.88 30.36 6.08
N LEU C 347 -23.52 30.38 7.36
CA LEU C 347 -24.38 29.84 8.41
C LEU C 347 -24.21 30.53 9.79
N SER C 349 -27.30 28.98 11.64
CA SER C 349 -28.60 29.62 11.88
C SER C 349 -28.45 30.70 12.95
N SER C 350 -29.51 30.95 13.72
CA SER C 350 -29.39 31.63 15.02
C SER C 350 -29.59 30.64 16.17
N VAL C 352 -26.58 30.55 16.21
CA VAL C 352 -26.05 31.89 16.42
C VAL C 352 -25.23 32.41 15.23
N GLU C 353 -24.30 31.61 14.67
CA GLU C 353 -24.03 30.21 15.07
C GLU C 353 -22.53 29.97 15.17
N MET D 1 -44.59 -33.04 -9.34
CA MET D 1 -44.43 -32.61 -10.76
C MET D 1 -44.30 -31.09 -10.92
N PRO D 2 -44.90 -30.32 -9.98
CA PRO D 2 -44.69 -28.85 -9.95
C PRO D 2 -43.31 -28.50 -9.43
N CYS D 3 -42.53 -27.76 -10.23
CA CYS D 3 -41.14 -27.41 -9.89
C CYS D 3 -41.04 -26.04 -9.23
N ARG D 4 -39.84 -25.67 -8.77
CA ARG D 4 -39.66 -24.46 -7.98
C ARG D 4 -40.01 -23.19 -8.76
N LEU D 5 -39.95 -23.27 -10.08
CA LEU D 5 -39.83 -22.09 -10.92
C LEU D 5 -41.16 -21.72 -11.57
N THR D 6 -41.90 -22.72 -12.03
CA THR D 6 -43.31 -22.52 -12.39
C THR D 6 -44.11 -21.92 -11.22
N ARG D 7 -43.82 -22.37 -10.00
CA ARG D 7 -44.41 -21.76 -8.80
C ARG D 7 -43.96 -20.30 -8.60
N LEU D 8 -42.67 -20.02 -8.80
CA LEU D 8 -42.13 -18.69 -8.49
C LEU D 8 -42.44 -17.63 -9.58
N PHE D 9 -42.56 -18.05 -10.83
CA PHE D 9 -42.95 -17.13 -11.90
C PHE D 9 -44.48 -17.06 -12.10
N GLY D 10 -45.13 -18.22 -12.04
CA GLY D 10 -46.55 -18.34 -12.32
C GLY D 10 -46.77 -19.16 -13.56
N GLU D 12 -46.69 -21.87 -14.80
CA GLU D 12 -47.52 -22.82 -15.56
C GLU D 12 -46.74 -23.99 -16.23
N PHE D 13 -46.00 -23.69 -17.29
CA PHE D 13 -45.03 -24.63 -17.88
C PHE D 13 -43.59 -24.15 -17.66
N PRO D 14 -42.62 -25.09 -17.63
CA PRO D 14 -41.25 -24.72 -17.30
C PRO D 14 -40.43 -24.31 -18.54
N ILE D 15 -41.07 -23.58 -19.46
CA ILE D 15 -40.48 -23.18 -20.73
C ILE D 15 -40.36 -21.66 -20.78
N ILE D 16 -39.19 -21.15 -21.11
CA ILE D 16 -39.01 -19.72 -21.35
C ILE D 16 -38.52 -19.51 -22.78
N GLN D 17 -39.29 -18.77 -23.58
CA GLN D 17 -38.80 -18.34 -24.89
C GLN D 17 -37.78 -17.26 -24.63
N ALA D 18 -36.60 -17.45 -25.18
CA ALA D 18 -35.49 -16.56 -24.88
C ALA D 18 -35.79 -15.21 -25.53
N PRO D 19 -35.48 -14.11 -24.82
CA PRO D 19 -35.50 -12.78 -25.45
C PRO D 19 -34.49 -12.68 -26.58
N MET D 20 -34.94 -12.38 -27.79
CA MET D 20 -34.03 -12.36 -28.93
C MET D 20 -34.14 -11.05 -29.70
N ALA D 21 -33.32 -10.07 -29.35
CA ALA D 21 -33.47 -8.73 -29.89
C ALA D 21 -33.29 -8.76 -31.39
N GLY D 22 -34.00 -7.88 -32.09
CA GLY D 22 -33.87 -7.76 -33.55
C GLY D 22 -34.69 -8.78 -34.34
N VAL D 23 -35.22 -9.79 -33.64
CA VAL D 23 -35.87 -10.94 -34.27
C VAL D 23 -37.35 -11.10 -33.85
N GLN D 24 -37.74 -10.48 -32.72
CA GLN D 24 -39.01 -10.78 -32.08
C GLN D 24 -39.41 -9.59 -31.23
N GLY D 25 -40.70 -9.49 -30.94
CA GLY D 25 -41.20 -8.63 -29.88
C GLY D 25 -42.52 -9.15 -29.33
N SER D 26 -43.52 -8.28 -29.25
CA SER D 26 -44.73 -8.56 -28.49
C SER D 26 -45.47 -9.79 -29.03
N ALA D 27 -45.45 -9.97 -30.34
CA ALA D 27 -46.23 -11.05 -30.92
C ALA D 27 -45.78 -12.38 -30.34
N LEU D 28 -44.46 -12.60 -30.31
CA LEU D 28 -43.89 -13.86 -29.80
C LEU D 28 -44.06 -14.00 -28.29
N ALA D 29 -43.75 -12.95 -27.56
CA ALA D 29 -44.00 -12.95 -26.12
C ALA D 29 -45.42 -13.43 -25.84
N ILE D 30 -46.39 -12.79 -26.50
CA ILE D 30 -47.81 -13.04 -26.25
C ILE D 30 -48.16 -14.51 -26.50
N ALA D 31 -47.79 -15.02 -27.67
CA ALA D 31 -48.10 -16.41 -28.01
C ALA D 31 -47.65 -17.40 -26.92
N VAL D 32 -46.40 -17.24 -26.46
CA VAL D 32 -45.78 -18.20 -25.53
C VAL D 32 -46.36 -18.11 -24.11
N SER D 33 -46.66 -16.91 -23.64
CA SER D 33 -47.21 -16.74 -22.29
C SER D 33 -48.66 -17.26 -22.21
N GLU D 34 -49.44 -17.02 -23.26
CA GLU D 34 -50.81 -17.57 -23.41
C GLU D 34 -50.86 -19.08 -23.78
N ALA D 35 -49.70 -19.68 -24.08
CA ALA D 35 -49.62 -21.14 -24.24
C ALA D 35 -49.24 -21.89 -22.95
N GLY D 36 -48.95 -21.15 -21.87
CA GLY D 36 -48.55 -21.74 -20.59
C GLY D 36 -47.11 -21.45 -20.17
N GLY D 37 -46.36 -20.73 -21.01
CA GLY D 37 -44.92 -20.53 -20.81
C GLY D 37 -44.56 -19.14 -20.30
N LEU D 38 -43.27 -18.80 -20.39
CA LEU D 38 -42.81 -17.46 -20.09
C LEU D 38 -42.39 -16.76 -21.40
N GLY D 39 -43.31 -15.98 -21.94
CA GLY D 39 -43.00 -15.08 -23.04
C GLY D 39 -42.01 -14.02 -22.60
N SER D 40 -41.22 -13.55 -23.55
CA SER D 40 -40.10 -12.67 -23.26
C SER D 40 -40.03 -11.57 -24.30
N LEU D 41 -39.80 -10.35 -23.83
CA LEU D 41 -39.58 -9.21 -24.71
C LEU D 41 -38.12 -8.74 -24.60
N PRO D 42 -37.36 -8.80 -25.71
CA PRO D 42 -36.06 -8.17 -25.73
C PRO D 42 -36.18 -6.67 -25.80
N CYS D 43 -35.53 -5.96 -24.88
CA CYS D 43 -35.64 -4.50 -24.79
C CYS D 43 -34.35 -3.74 -25.05
N ALA D 44 -33.32 -4.48 -25.47
CA ALA D 44 -31.98 -3.92 -25.61
C ALA D 44 -31.90 -2.94 -26.79
N MET D 45 -32.75 -3.11 -27.79
CA MET D 45 -32.68 -2.33 -29.01
C MET D 45 -33.83 -1.33 -29.11
N LEU D 46 -34.61 -1.19 -28.05
CA LEU D 46 -35.86 -0.44 -28.14
C LEU D 46 -35.68 0.94 -27.52
N SER D 47 -36.10 1.97 -28.26
CA SER D 47 -36.38 3.30 -27.70
C SER D 47 -37.38 3.22 -26.55
N LEU D 48 -37.41 4.29 -25.76
CA LEU D 48 -38.41 4.45 -24.71
C LEU D 48 -39.84 4.41 -25.27
N GLU D 49 -40.06 5.05 -26.41
CA GLU D 49 -41.37 4.99 -27.08
C GLU D 49 -41.73 3.56 -27.44
N ALA D 50 -40.80 2.85 -28.07
CA ALA D 50 -41.06 1.47 -28.45
C ALA D 50 -41.27 0.62 -27.20
N LEU D 51 -40.46 0.86 -26.18
CA LEU D 51 -40.56 0.12 -24.93
C LEU D 51 -41.97 0.23 -24.36
N GLU D 52 -42.42 1.47 -24.10
CA GLU D 52 -43.78 1.75 -23.63
C GLU D 52 -44.82 1.08 -24.52
N ALA D 53 -44.73 1.31 -25.82
CA ALA D 53 -45.71 0.77 -26.79
C ALA D 53 -45.76 -0.74 -26.77
N GLU D 54 -44.59 -1.37 -26.85
CA GLU D 54 -44.50 -2.81 -26.97
C GLU D 54 -44.96 -3.52 -25.67
N LEU D 55 -44.91 -2.82 -24.53
CA LEU D 55 -45.45 -3.36 -23.27
C LEU D 55 -46.99 -3.22 -23.17
N THR D 56 -47.49 -2.05 -23.54
CA THR D 56 -48.93 -1.85 -23.75
C THR D 56 -49.52 -3.05 -24.48
N ALA D 57 -49.00 -3.36 -25.66
CA ALA D 57 -49.53 -4.43 -26.49
C ALA D 57 -49.65 -5.78 -25.78
N ILE D 58 -48.67 -6.09 -24.92
CA ILE D 58 -48.62 -7.39 -24.26
C ILE D 58 -49.68 -7.46 -23.18
N ARG D 59 -49.75 -6.42 -22.35
CA ARG D 59 -50.77 -6.33 -21.30
C ARG D 59 -52.20 -6.38 -21.85
N SER D 60 -52.45 -5.67 -22.96
CA SER D 60 -53.72 -5.77 -23.67
C SER D 60 -54.10 -7.23 -23.98
N GLN D 61 -53.12 -7.99 -24.49
CA GLN D 61 -53.40 -9.25 -25.17
C GLN D 61 -53.25 -10.50 -24.28
N THR D 62 -52.77 -10.34 -23.04
CA THR D 62 -52.41 -11.51 -22.21
C THR D 62 -52.93 -11.46 -20.78
N ALA D 63 -52.21 -10.74 -19.92
CA ALA D 63 -52.32 -10.88 -18.45
C ALA D 63 -51.59 -12.11 -17.86
N LYS D 64 -51.20 -13.08 -18.68
CA LYS D 64 -50.19 -14.06 -18.26
C LYS D 64 -48.87 -13.34 -17.90
N PRO D 65 -48.01 -13.98 -17.08
CA PRO D 65 -46.74 -13.32 -16.72
C PRO D 65 -45.75 -13.26 -17.89
N ILE D 66 -44.92 -12.21 -17.90
CA ILE D 66 -43.96 -11.98 -18.98
C ILE D 66 -42.57 -11.68 -18.44
N ASN D 67 -41.57 -11.86 -19.30
CA ASN D 67 -40.18 -11.56 -18.99
C ASN D 67 -39.69 -10.39 -19.85
N VAL D 68 -39.19 -9.32 -19.22
CA VAL D 68 -38.59 -8.21 -19.96
C VAL D 68 -37.09 -8.18 -19.76
N ASN D 69 -36.35 -8.06 -20.85
CA ASN D 69 -34.94 -8.40 -20.86
C ASN D 69 -34.08 -7.21 -21.28
N PHE D 70 -33.01 -6.95 -20.53
CA PHE D 70 -32.13 -5.81 -20.80
C PHE D 70 -30.67 -6.24 -20.78
N PHE D 71 -29.81 -5.37 -21.32
CA PHE D 71 -28.36 -5.52 -21.19
C PHE D 71 -27.78 -4.65 -20.07
N CYS D 72 -26.76 -5.17 -19.35
CA CYS D 72 -25.97 -4.39 -18.38
C CYS D 72 -24.50 -4.35 -18.71
N HIS D 73 -24.17 -4.34 -19.99
CA HIS D 73 -22.79 -4.08 -20.38
C HIS D 73 -22.35 -2.70 -19.87
N ARG D 74 -21.04 -2.54 -19.71
CA ARG D 74 -20.47 -1.25 -19.41
C ARG D 74 -20.22 -0.52 -20.74
N GLU D 75 -20.65 0.74 -20.81
CA GLU D 75 -20.42 1.60 -21.97
C GLU D 75 -18.94 1.63 -22.34
N PRO D 76 -18.63 1.57 -23.65
CA PRO D 76 -17.25 1.42 -24.07
C PRO D 76 -16.44 2.72 -23.97
N VAL D 77 -15.13 2.61 -23.74
CA VAL D 77 -14.24 3.75 -23.56
C VAL D 77 -14.30 4.72 -24.75
N GLN D 79 -12.62 5.46 -27.97
CA GLN D 79 -12.00 4.61 -29.03
C GLN D 79 -12.24 5.16 -30.45
N ALA D 80 -11.92 6.43 -30.66
CA ALA D 80 -12.35 7.14 -31.87
C ALA D 80 -11.63 6.69 -33.12
N ALA D 81 -10.47 6.05 -32.98
CA ALA D 81 -9.94 5.22 -34.06
C ALA D 81 -8.89 4.27 -33.57
N LYS D 82 -8.93 3.02 -34.03
CA LYS D 82 -9.94 2.04 -33.66
C LYS D 82 -11.18 1.99 -34.58
N GLN D 83 -12.18 2.84 -34.35
CA GLN D 83 -13.37 2.87 -35.20
C GLN D 83 -12.97 3.25 -36.62
N ALA D 84 -12.12 4.25 -36.75
CA ALA D 84 -11.71 4.69 -38.05
C ALA D 84 -10.80 3.66 -38.73
N ALA D 85 -9.93 3.03 -37.95
CA ALA D 85 -9.03 1.99 -38.50
C ALA D 85 -9.82 0.79 -39.02
N TRP D 86 -10.94 0.51 -38.34
CA TRP D 86 -11.75 -0.65 -38.67
C TRP D 86 -12.54 -0.38 -39.95
N LEU D 87 -13.02 0.85 -40.13
CA LEU D 87 -13.66 1.24 -41.40
C LEU D 87 -12.69 1.13 -42.56
N GLU D 88 -11.43 1.49 -42.30
CA GLU D 88 -10.36 1.37 -43.28
C GLU D 88 -10.17 -0.08 -43.69
N GLN D 89 -10.29 -1.00 -42.72
CA GLN D 89 -10.10 -2.41 -43.02
C GLN D 89 -11.24 -2.92 -43.89
N LEU D 90 -12.42 -2.32 -43.73
CA LEU D 90 -13.64 -2.72 -44.47
C LEU D 90 -13.79 -2.07 -45.84
N ALA D 91 -12.85 -1.22 -46.21
CA ALA D 91 -12.97 -0.41 -47.43
C ALA D 91 -13.12 -1.23 -48.71
N PRO D 92 -12.50 -2.42 -48.78
CA PRO D 92 -12.70 -3.20 -49.99
C PRO D 92 -14.13 -3.69 -50.15
N TYR D 93 -14.81 -3.96 -49.04
CA TYR D 93 -16.22 -4.36 -49.11
C TYR D 93 -17.10 -3.18 -49.52
N PHE D 94 -16.81 -2.00 -48.96
CA PHE D 94 -17.57 -0.79 -49.33
C PHE D 94 -17.51 -0.50 -50.83
N ALA D 95 -16.36 -0.77 -51.45
CA ALA D 95 -16.19 -0.56 -52.88
C ALA D 95 -16.98 -1.59 -53.66
N GLU D 96 -17.01 -2.84 -53.16
CA GLU D 96 -17.73 -3.92 -53.84
C GLU D 96 -19.22 -3.60 -54.01
N PHE D 97 -19.79 -2.87 -53.04
CA PHE D 97 -21.23 -2.65 -52.98
C PHE D 97 -21.61 -1.20 -53.24
N ASN D 98 -20.63 -0.37 -53.63
CA ASN D 98 -20.88 1.00 -54.06
C ASN D 98 -21.44 1.89 -52.94
N LEU D 99 -20.79 1.85 -51.78
CA LEU D 99 -21.32 2.51 -50.58
C LEU D 99 -20.62 3.84 -50.30
N PRO D 101 -18.94 4.92 -47.53
CA PRO D 101 -18.63 4.72 -46.11
C PRO D 101 -18.80 6.00 -45.29
N ASN D 102 -20.04 6.44 -45.07
CA ASN D 102 -20.30 7.69 -44.35
C ASN D 102 -21.74 7.79 -43.88
N ARG D 110 -27.99 0.62 -28.51
CA ARG D 110 -27.94 -0.27 -27.33
C ARG D 110 -27.28 0.37 -26.07
N THR D 111 -28.02 1.28 -25.42
CA THR D 111 -27.69 1.76 -24.08
C THR D 111 -27.89 0.63 -23.08
N PRO D 112 -27.19 0.66 -21.93
CA PRO D 112 -27.52 -0.24 -20.83
C PRO D 112 -28.75 0.20 -20.05
N TYR D 113 -29.31 -0.73 -19.29
CA TYR D 113 -30.36 -0.43 -18.34
C TYR D 113 -29.96 0.73 -17.45
N SER D 114 -30.88 1.68 -17.30
CA SER D 114 -30.62 2.90 -16.53
C SER D 114 -31.91 3.36 -15.85
N LYS D 115 -31.82 4.49 -15.15
CA LYS D 115 -33.00 5.08 -14.50
C LYS D 115 -34.11 5.30 -15.53
N ALA D 116 -33.73 5.60 -16.78
CA ALA D 116 -34.68 5.89 -17.86
C ALA D 116 -35.60 4.72 -18.25
N GLN D 117 -35.05 3.52 -18.42
CA GLN D 117 -35.86 2.32 -18.63
C GLN D 117 -36.66 1.99 -17.38
N ALA D 118 -36.08 2.28 -16.21
CA ALA D 118 -36.73 2.00 -14.91
C ALA D 118 -38.05 2.76 -14.73
N GLU D 119 -38.14 3.99 -15.28
CA GLU D 119 -39.40 4.76 -15.27
C GLU D 119 -40.52 4.05 -16.03
N VAL D 120 -40.23 3.60 -17.25
CA VAL D 120 -41.23 2.91 -18.06
C VAL D 120 -41.58 1.56 -17.45
N LEU D 121 -40.58 0.73 -17.16
CA LEU D 121 -40.79 -0.62 -16.61
C LEU D 121 -41.71 -0.57 -15.38
N ALA D 122 -41.47 0.41 -14.51
CA ALA D 122 -42.18 0.51 -13.23
C ALA D 122 -43.69 0.72 -13.40
N LYS D 123 -44.06 1.46 -14.45
CA LYS D 123 -45.48 1.65 -14.77
C LYS D 123 -46.18 0.33 -15.04
N PHE D 124 -45.42 -0.71 -15.40
CA PHE D 124 -46.00 -2.00 -15.80
C PHE D 124 -45.77 -3.13 -14.78
N LYS D 125 -44.77 -3.00 -13.92
CA LYS D 125 -44.38 -4.07 -12.97
C LYS D 125 -44.42 -5.48 -13.61
N PRO D 126 -43.40 -5.82 -14.41
CA PRO D 126 -43.37 -7.14 -15.03
C PRO D 126 -43.00 -8.22 -14.04
N GLU D 127 -43.43 -9.44 -14.33
CA GLU D 127 -43.34 -10.54 -13.37
C GLU D 127 -41.90 -10.99 -13.20
N VAL D 128 -41.12 -10.96 -14.29
CA VAL D 128 -39.67 -11.16 -14.20
C VAL D 128 -38.91 -10.21 -15.12
N VAL D 129 -37.79 -9.68 -14.61
CA VAL D 129 -36.86 -8.88 -15.41
C VAL D 129 -35.54 -9.65 -15.58
N SER D 130 -35.13 -9.88 -16.83
CA SER D 130 -33.91 -10.65 -17.09
C SER D 130 -32.80 -9.77 -17.62
N PHE D 131 -31.56 -10.10 -17.26
CA PHE D 131 -30.39 -9.31 -17.65
C PHE D 131 -29.35 -10.16 -18.38
N HIS D 132 -28.74 -9.56 -19.40
CA HIS D 132 -27.58 -10.12 -20.07
C HIS D 132 -26.34 -9.28 -19.73
N PHE D 133 -25.20 -9.96 -19.52
CA PHE D 133 -23.92 -9.33 -19.20
C PHE D 133 -23.84 -8.89 -17.74
N GLY D 134 -24.44 -9.65 -16.84
CA GLY D 134 -24.30 -9.40 -15.41
C GLY D 134 -25.56 -8.83 -14.78
N LEU D 135 -25.35 -7.90 -13.84
CA LEU D 135 -26.44 -7.21 -13.19
C LEU D 135 -26.12 -5.72 -13.19
N PRO D 136 -27.16 -4.87 -13.01
CA PRO D 136 -26.98 -3.43 -12.84
C PRO D 136 -26.75 -3.05 -11.37
N ASP D 137 -26.57 -1.76 -11.09
CA ASP D 137 -26.27 -1.24 -9.74
C ASP D 137 -27.23 -1.78 -8.67
N GLU D 138 -26.76 -1.88 -7.43
CA GLU D 138 -27.61 -2.34 -6.31
C GLU D 138 -28.91 -1.51 -6.22
N GLU D 139 -28.80 -0.18 -6.24
CA GLU D 139 -29.98 0.71 -6.30
C GLU D 139 -31.05 0.18 -7.26
N LEU D 140 -30.68 0.02 -8.53
CA LEU D 140 -31.64 -0.37 -9.58
C LEU D 140 -32.19 -1.79 -9.42
N LEU D 141 -31.38 -2.70 -8.87
CA LEU D 141 -31.84 -4.08 -8.61
C LEU D 141 -32.91 -4.11 -7.52
N LEU D 142 -32.74 -3.27 -6.50
CA LEU D 142 -33.75 -3.11 -5.44
C LEU D 142 -35.07 -2.52 -5.96
N GLU D 143 -34.98 -1.45 -6.76
CA GLU D 143 -36.17 -0.83 -7.34
C GLU D 143 -36.99 -1.85 -8.09
N ILE D 144 -36.32 -2.75 -8.79
CA ILE D 144 -37.00 -3.85 -9.50
C ILE D 144 -37.65 -4.83 -8.51
N LYS D 145 -36.92 -5.22 -7.48
CA LYS D 145 -37.48 -6.02 -6.38
C LYS D 145 -38.61 -5.27 -5.65
N SER D 146 -38.45 -3.96 -5.46
CA SER D 146 -39.49 -3.10 -4.85
C SER D 146 -40.85 -3.31 -5.50
N TRP D 147 -40.86 -3.66 -6.78
CA TRP D 147 -42.06 -4.21 -7.40
C TRP D 147 -42.08 -5.71 -7.13
N SER D 149 -41.58 -8.60 -8.38
CA SER D 149 -40.74 -8.73 -9.59
C SER D 149 -39.48 -9.59 -9.34
N LYS D 150 -39.39 -10.70 -10.07
CA LYS D 150 -38.27 -11.62 -9.95
C LYS D 150 -37.13 -11.26 -10.92
N VAL D 151 -35.89 -11.25 -10.41
CA VAL D 151 -34.68 -10.88 -11.20
C VAL D 151 -33.91 -12.13 -11.64
N ILE D 152 -33.56 -12.21 -12.93
CA ILE D 152 -32.68 -13.28 -13.43
C ILE D 152 -31.62 -12.74 -14.39
N SER D 153 -30.51 -13.49 -14.49
CA SER D 153 -29.43 -13.18 -15.43
C SER D 153 -28.69 -14.44 -15.82
N THR D 154 -27.83 -14.31 -16.84
CA THR D 154 -27.15 -15.49 -17.35
C THR D 154 -25.72 -15.60 -16.81
N ALA D 155 -25.33 -16.84 -16.54
CA ALA D 155 -23.96 -17.17 -16.17
C ALA D 155 -23.35 -18.13 -17.20
N THR D 156 -22.10 -17.88 -17.59
CA THR D 156 -21.39 -18.77 -18.53
C THR D 156 -20.37 -19.64 -17.83
N THR D 157 -20.23 -19.47 -16.52
CA THR D 157 -19.29 -20.23 -15.72
C THR D 157 -19.92 -20.42 -14.34
N VAL D 158 -19.36 -21.33 -13.55
CA VAL D 158 -19.76 -21.52 -12.14
C VAL D 158 -19.47 -20.25 -11.32
N GLU D 159 -18.30 -19.68 -11.50
CA GLU D 159 -17.94 -18.42 -10.83
C GLU D 159 -19.03 -17.37 -11.03
N GLU D 160 -19.45 -17.18 -12.28
CA GLU D 160 -20.43 -16.16 -12.61
C GLU D 160 -21.79 -16.47 -11.98
N ALA D 161 -22.13 -17.76 -11.91
CA ALA D 161 -23.31 -18.21 -11.18
C ALA D 161 -23.26 -17.90 -9.67
N LEU D 162 -22.10 -18.09 -9.05
CA LEU D 162 -21.94 -17.76 -7.60
C LEU D 162 -22.01 -16.25 -7.39
N TRP D 163 -21.41 -15.51 -8.30
CA TRP D 163 -21.49 -14.06 -8.32
C TRP D 163 -22.94 -13.61 -8.30
N LEU D 164 -23.75 -14.16 -9.21
CA LEU D 164 -25.15 -13.76 -9.38
C LEU D 164 -26.02 -14.07 -8.16
N GLU D 165 -25.88 -15.29 -7.65
CA GLU D 165 -26.53 -15.69 -6.39
C GLU D 165 -26.19 -14.73 -5.25
N ALA D 166 -24.92 -14.42 -5.08
CA ALA D 166 -24.48 -13.56 -3.98
C ALA D 166 -25.05 -12.14 -4.10
N ARG D 167 -25.36 -11.71 -5.32
CA ARG D 167 -25.80 -10.34 -5.59
C ARG D 167 -27.33 -10.20 -5.77
N GLY D 168 -28.08 -11.27 -5.50
CA GLY D 168 -29.55 -11.18 -5.40
C GLY D 168 -30.34 -11.76 -6.56
N ALA D 169 -29.72 -12.52 -7.45
CA ALA D 169 -30.47 -13.18 -8.52
C ALA D 169 -31.49 -14.17 -7.95
N ASP D 170 -32.72 -14.13 -8.45
CA ASP D 170 -33.74 -15.08 -8.03
C ASP D 170 -33.61 -16.40 -8.79
N ALA D 171 -33.00 -16.33 -9.96
CA ALA D 171 -32.60 -17.53 -10.69
C ALA D 171 -31.43 -17.24 -11.62
N ILE D 172 -30.83 -18.31 -12.13
CA ILE D 172 -29.65 -18.23 -12.96
C ILE D 172 -29.91 -18.93 -14.28
N ILE D 173 -29.73 -18.21 -15.40
CA ILE D 173 -29.66 -18.84 -16.72
C ILE D 173 -28.24 -19.33 -16.96
N ALA D 174 -28.06 -20.64 -16.99
CA ALA D 174 -26.79 -21.23 -17.39
C ALA D 174 -26.74 -21.37 -18.90
N GLN D 175 -26.10 -20.45 -19.65
CA GLN D 175 -25.96 -20.66 -21.11
C GLN D 175 -24.67 -21.40 -21.48
N GLY D 176 -24.84 -22.57 -22.07
CA GLY D 176 -23.70 -23.28 -22.61
C GLY D 176 -23.21 -22.66 -23.90
N LEU D 177 -22.03 -23.10 -24.32
CA LEU D 177 -21.45 -22.64 -25.57
C LEU D 177 -22.34 -22.89 -26.82
N GLU D 178 -23.33 -23.80 -26.72
CA GLU D 178 -24.19 -24.17 -27.85
C GLU D 178 -25.17 -23.05 -28.23
N ALA D 179 -25.37 -22.10 -27.32
CA ALA D 179 -26.44 -21.14 -27.45
C ALA D 179 -26.15 -20.14 -28.58
N GLY D 180 -27.18 -19.77 -29.31
CA GLY D 180 -27.06 -18.73 -30.32
C GLY D 180 -27.03 -17.35 -29.70
N GLY D 181 -26.70 -16.35 -30.51
CA GLY D 181 -26.59 -14.98 -30.03
C GLY D 181 -25.38 -14.80 -29.13
N HIS D 182 -25.40 -13.72 -28.36
CA HIS D 182 -24.24 -13.31 -27.59
C HIS D 182 -23.96 -14.24 -26.44
N ARG D 183 -22.69 -14.52 -26.23
CA ARG D 183 -22.22 -14.98 -24.94
C ARG D 183 -22.45 -13.86 -23.94
N GLY D 184 -23.21 -14.16 -22.89
CA GLY D 184 -23.47 -13.19 -21.83
C GLY D 184 -22.48 -13.19 -20.67
N HIS D 185 -21.26 -13.64 -20.90
CA HIS D 185 -20.20 -13.59 -19.90
C HIS D 185 -19.86 -12.16 -19.48
N PHE D 186 -19.27 -12.00 -18.31
CA PHE D 186 -19.04 -10.67 -17.75
C PHE D 186 -17.90 -10.56 -16.73
N LEU D 187 -17.46 -11.66 -16.13
CA LEU D 187 -16.27 -11.63 -15.23
C LEU D 187 -14.90 -11.81 -15.93
N SER D 188 -14.87 -12.50 -17.05
CA SER D 188 -13.63 -12.74 -17.78
C SER D 188 -13.88 -12.68 -19.29
N GLU D 189 -12.85 -12.26 -20.02
CA GLU D 189 -12.85 -12.31 -21.48
C GLU D 189 -12.41 -13.68 -22.00
N ASP D 190 -11.89 -14.53 -21.11
CA ASP D 190 -11.28 -15.78 -21.55
C ASP D 190 -12.35 -16.82 -21.94
N LEU D 191 -12.62 -16.94 -23.23
CA LEU D 191 -13.68 -17.83 -23.72
C LEU D 191 -13.42 -19.32 -23.43
N THR D 192 -12.17 -19.68 -23.14
CA THR D 192 -11.82 -21.06 -22.81
C THR D 192 -12.31 -21.44 -21.41
N GLU D 193 -12.88 -20.50 -20.68
CA GLU D 193 -13.47 -20.80 -19.38
C GLU D 193 -14.92 -21.19 -19.50
N GLN D 194 -15.48 -21.05 -20.70
CA GLN D 194 -16.88 -21.35 -20.92
C GLN D 194 -17.10 -22.81 -21.31
N LEU D 195 -18.29 -23.30 -21.02
CA LEU D 195 -18.57 -24.73 -21.01
C LEU D 195 -19.78 -24.98 -21.89
N GLY D 196 -19.79 -26.13 -22.57
CA GLY D 196 -21.02 -26.67 -23.14
C GLY D 196 -22.09 -26.96 -22.09
N THR D 197 -23.35 -26.90 -22.53
CA THR D 197 -24.50 -27.12 -21.69
C THR D 197 -24.40 -28.39 -20.84
N PHE D 198 -23.88 -29.47 -21.44
CA PHE D 198 -23.84 -30.75 -20.78
C PHE D 198 -22.92 -30.76 -19.55
N SER D 199 -21.93 -29.85 -19.53
CA SER D 199 -21.03 -29.73 -18.38
C SER D 199 -21.30 -28.54 -17.49
N LEU D 200 -21.75 -27.43 -18.09
CA LEU D 200 -22.06 -26.21 -17.34
C LEU D 200 -23.24 -26.38 -16.43
N LEU D 201 -24.31 -26.96 -16.97
CA LEU D 201 -25.59 -27.07 -16.26
C LEU D 201 -25.44 -27.90 -14.97
N PRO D 202 -24.81 -29.07 -15.05
CA PRO D 202 -24.71 -29.83 -13.79
C PRO D 202 -23.85 -29.17 -12.73
N GLN D 203 -22.77 -28.52 -13.13
CA GLN D 203 -21.85 -27.93 -12.15
C GLN D 203 -22.37 -26.63 -11.57
N ILE D 204 -23.26 -25.94 -12.27
CA ILE D 204 -23.87 -24.72 -11.74
C ILE D 204 -24.97 -25.09 -10.76
N ILE D 205 -25.69 -26.17 -11.06
CA ILE D 205 -26.67 -26.73 -10.14
C ILE D 205 -26.04 -27.23 -8.83
N ALA D 206 -24.88 -27.85 -8.93
CA ALA D 206 -24.14 -28.29 -7.73
C ALA D 206 -23.60 -27.12 -6.89
N ALA D 207 -23.30 -25.98 -7.52
CA ALA D 207 -22.65 -24.86 -6.81
C ALA D 207 -23.64 -23.87 -6.13
N VAL D 208 -24.84 -23.70 -6.71
CA VAL D 208 -25.80 -22.71 -6.16
C VAL D 208 -27.01 -23.38 -5.48
N GLU D 209 -27.75 -22.59 -4.70
CA GLU D 209 -28.98 -23.06 -4.03
C GLU D 209 -30.25 -22.76 -4.85
N ILE D 210 -30.25 -21.60 -5.49
CA ILE D 210 -31.39 -21.16 -6.31
C ILE D 210 -31.59 -22.00 -7.58
N PRO D 211 -32.79 -21.94 -8.18
CA PRO D 211 -33.04 -22.67 -9.40
C PRO D 211 -32.13 -22.26 -10.56
N VAL D 212 -32.06 -23.15 -11.54
CA VAL D 212 -31.20 -22.96 -12.67
C VAL D 212 -31.93 -23.26 -13.94
N ILE D 213 -31.93 -22.30 -14.86
CA ILE D 213 -32.53 -22.44 -16.19
C ILE D 213 -31.45 -22.79 -17.19
N ALA D 214 -31.61 -23.93 -17.86
CA ALA D 214 -30.71 -24.32 -18.93
C ALA D 214 -31.04 -23.52 -20.20
N ALA D 215 -30.04 -23.18 -21.01
CA ALA D 215 -30.25 -22.34 -22.19
C ALA D 215 -29.67 -22.85 -23.54
N GLY D 216 -28.43 -23.29 -23.61
CA GLY D 216 -27.85 -23.66 -24.92
C GLY D 216 -28.30 -25.01 -25.52
N GLY D 217 -28.92 -24.97 -26.70
CA GLY D 217 -29.19 -26.20 -27.49
C GLY D 217 -30.42 -27.03 -27.11
N ILE D 218 -31.34 -26.44 -26.33
CA ILE D 218 -32.64 -27.03 -26.05
C ILE D 218 -33.64 -26.66 -27.15
N VAL D 219 -34.01 -27.64 -27.96
CA VAL D 219 -34.70 -27.41 -29.25
C VAL D 219 -35.88 -28.36 -29.56
N ASP D 220 -36.12 -29.36 -28.72
CA ASP D 220 -37.26 -30.28 -28.91
C ASP D 220 -37.59 -31.00 -27.61
N ALA D 221 -38.52 -31.94 -27.63
CA ALA D 221 -39.01 -32.54 -26.37
C ALA D 221 -37.91 -33.36 -25.70
N THR D 222 -37.09 -34.02 -26.51
CA THR D 222 -36.01 -34.88 -26.03
C THR D 222 -34.96 -34.07 -25.28
N THR D 223 -34.47 -33.01 -25.91
CA THR D 223 -33.50 -32.14 -25.27
C THR D 223 -34.09 -31.42 -24.05
N VAL D 224 -35.40 -31.15 -24.05
CA VAL D 224 -36.01 -30.57 -22.84
C VAL D 224 -35.96 -31.61 -21.72
N ARG D 225 -36.41 -32.82 -22.04
CA ARG D 225 -36.35 -33.93 -21.11
C ARG D 225 -34.97 -34.03 -20.47
N ALA D 226 -33.94 -34.06 -21.33
CA ALA D 226 -32.55 -34.24 -20.89
C ALA D 226 -32.08 -33.14 -19.93
N ALA D 227 -32.41 -31.89 -20.23
CA ALA D 227 -32.04 -30.80 -19.32
C ALA D 227 -32.72 -30.93 -17.96
N MET D 228 -33.98 -31.37 -17.92
CA MET D 228 -34.71 -31.49 -16.65
C MET D 228 -34.20 -32.70 -15.86
N THR D 229 -33.81 -33.75 -16.59
CA THR D 229 -33.18 -34.94 -15.99
C THR D 229 -31.98 -34.54 -15.16
N MET D 230 -31.22 -33.57 -15.66
CA MET D 230 -29.99 -33.14 -14.99
C MET D 230 -30.25 -32.24 -13.81
N GLY D 231 -31.49 -31.76 -13.67
CA GLY D 231 -31.91 -31.03 -12.48
C GLY D 231 -32.11 -29.54 -12.70
N ALA D 232 -32.22 -29.12 -13.96
CA ALA D 232 -32.68 -27.77 -14.26
C ALA D 232 -34.16 -27.69 -13.90
N SER D 233 -34.57 -26.55 -13.39
CA SER D 233 -35.96 -26.35 -12.98
C SER D 233 -36.77 -25.61 -14.05
N ALA D 234 -36.10 -25.13 -15.10
CA ALA D 234 -36.76 -24.78 -16.35
C ALA D 234 -35.76 -24.80 -17.47
N VAL D 235 -36.22 -24.53 -18.67
CA VAL D 235 -35.32 -24.41 -19.81
C VAL D 235 -35.66 -23.14 -20.58
N GLN D 236 -34.62 -22.52 -21.17
CA GLN D 236 -34.79 -21.37 -22.04
C GLN D 236 -34.49 -21.74 -23.48
N VAL D 237 -35.40 -21.36 -24.39
CA VAL D 237 -35.33 -21.77 -25.80
C VAL D 237 -35.36 -20.58 -26.75
N GLY D 238 -34.45 -20.56 -27.72
CA GLY D 238 -34.26 -19.39 -28.58
C GLY D 238 -34.31 -19.74 -30.05
N THR D 239 -33.21 -20.29 -30.56
CA THR D 239 -33.14 -20.82 -31.91
C THR D 239 -34.39 -21.59 -32.37
N ALA D 240 -34.98 -22.41 -31.52
CA ALA D 240 -36.10 -23.27 -31.97
C ALA D 240 -37.36 -22.47 -32.40
N TYR D 241 -37.41 -21.19 -32.04
CA TYR D 241 -38.56 -20.35 -32.35
C TYR D 241 -38.37 -19.52 -33.61
N LEU D 242 -37.19 -19.56 -34.23
CA LEU D 242 -36.84 -18.54 -35.23
C LEU D 242 -37.62 -18.63 -36.54
N LEU D 243 -38.28 -19.77 -36.78
CA LEU D 243 -39.04 -19.93 -38.03
C LEU D 243 -40.54 -19.88 -37.74
N CYS D 244 -40.91 -19.55 -36.51
CA CYS D 244 -42.30 -19.31 -36.18
C CYS D 244 -42.79 -18.01 -36.84
N PRO D 245 -44.08 -17.94 -37.19
CA PRO D 245 -44.61 -16.76 -37.88
C PRO D 245 -44.72 -15.53 -36.98
N GLU D 246 -44.73 -15.72 -35.67
CA GLU D 246 -44.69 -14.59 -34.71
C GLU D 246 -43.31 -13.90 -34.71
N CYS D 247 -42.28 -14.63 -35.14
CA CYS D 247 -40.94 -14.09 -35.29
C CYS D 247 -40.84 -13.30 -36.58
N ASN D 248 -40.29 -12.09 -36.53
CA ASN D 248 -39.94 -11.36 -37.74
C ASN D 248 -38.50 -11.63 -38.23
N THR D 249 -38.06 -12.88 -38.13
CA THR D 249 -36.77 -13.27 -38.66
C THR D 249 -36.74 -13.05 -40.19
N SER D 250 -35.66 -12.47 -40.69
CA SER D 250 -35.61 -12.05 -42.08
C SER D 250 -35.55 -13.27 -42.98
N ALA D 251 -35.95 -13.10 -44.23
CA ALA D 251 -36.05 -14.21 -45.17
C ALA D 251 -34.68 -14.80 -45.45
N ILE D 252 -33.67 -13.94 -45.57
CA ILE D 252 -32.27 -14.38 -45.70
C ILE D 252 -31.86 -15.20 -44.48
N HIS D 253 -32.30 -14.76 -43.32
CA HIS D 253 -32.01 -15.47 -42.08
C HIS D 253 -32.78 -16.81 -41.99
N ARG D 254 -34.04 -16.82 -42.43
CA ARG D 254 -34.82 -18.06 -42.52
C ARG D 254 -34.21 -19.07 -43.50
N GLU D 255 -33.80 -18.60 -44.67
CA GLU D 255 -33.16 -19.45 -45.64
C GLU D 255 -31.90 -20.12 -45.07
N ALA D 256 -31.14 -19.38 -44.27
CA ALA D 256 -29.86 -19.89 -43.75
C ALA D 256 -30.10 -20.98 -42.71
N LEU D 257 -31.07 -20.75 -41.83
CA LEU D 257 -31.42 -21.70 -40.77
C LEU D 257 -31.88 -23.05 -41.33
N GLN D 258 -32.35 -23.05 -42.57
CA GLN D 258 -32.83 -24.26 -43.22
C GLN D 258 -31.84 -24.85 -44.24
N SER D 259 -30.70 -24.20 -44.43
CA SER D 259 -29.65 -24.70 -45.32
C SER D 259 -28.81 -25.76 -44.59
N ASP D 260 -27.96 -26.45 -45.35
CA ASP D 260 -26.92 -27.31 -44.76
C ASP D 260 -25.89 -26.48 -44.00
N ALA D 261 -25.67 -25.25 -44.46
CA ALA D 261 -24.76 -24.30 -43.82
C ALA D 261 -25.09 -24.04 -42.35
N ALA D 262 -26.37 -24.19 -41.98
CA ALA D 262 -26.80 -23.94 -40.60
C ALA D 262 -26.04 -24.78 -39.57
N GLN D 263 -25.48 -25.90 -39.98
CA GLN D 263 -24.83 -26.81 -39.03
C GLN D 263 -23.46 -26.28 -38.62
N HIS D 264 -22.90 -25.37 -39.42
CA HIS D 264 -21.65 -24.74 -39.10
C HIS D 264 -21.88 -23.32 -38.55
N THR D 265 -21.79 -23.19 -37.23
CA THR D 265 -21.78 -21.91 -36.55
C THR D 265 -20.40 -21.64 -35.91
N ALA D 266 -20.17 -20.42 -35.48
CA ALA D 266 -18.91 -20.05 -34.81
C ALA D 266 -19.09 -18.79 -34.03
N LEU D 267 -18.28 -18.61 -32.99
CA LEU D 267 -18.31 -17.37 -32.21
C LEU D 267 -17.56 -16.28 -32.97
N THR D 268 -18.18 -15.10 -33.09
CA THR D 268 -17.56 -13.98 -33.80
C THR D 268 -17.91 -12.64 -33.16
N ASN D 269 -16.95 -11.74 -33.17
CA ASN D 269 -17.15 -10.43 -32.64
C ASN D 269 -17.36 -9.36 -33.74
N LEU D 270 -17.52 -9.80 -34.97
CA LEU D 270 -17.46 -8.89 -36.12
C LEU D 270 -18.67 -7.94 -36.25
N PHE D 271 -19.86 -8.39 -35.85
CA PHE D 271 -21.05 -7.59 -36.11
C PHE D 271 -21.36 -6.64 -34.97
N SER D 272 -21.06 -7.04 -33.74
CA SER D 272 -21.49 -6.30 -32.56
C SER D 272 -20.30 -5.65 -31.83
N GLY D 273 -19.17 -6.34 -31.81
CA GLY D 273 -18.08 -6.02 -30.87
C GLY D 273 -17.82 -7.04 -29.76
N ARG D 274 -18.75 -7.98 -29.56
CA ARG D 274 -18.62 -9.02 -28.53
C ARG D 274 -18.98 -10.40 -29.11
N PRO D 275 -18.30 -11.47 -28.65
CA PRO D 275 -18.54 -12.82 -29.16
C PRO D 275 -20.02 -13.23 -29.18
N ALA D 276 -20.50 -13.56 -30.38
CA ALA D 276 -21.84 -14.11 -30.55
C ALA D 276 -21.80 -15.28 -31.52
N ARG D 277 -22.57 -16.31 -31.24
CA ARG D 277 -22.61 -17.47 -32.14
C ARG D 277 -23.57 -17.19 -33.24
N GLY D 278 -23.07 -17.24 -34.47
CA GLY D 278 -23.93 -17.23 -35.64
C GLY D 278 -23.53 -18.26 -36.66
N ILE D 279 -24.41 -18.49 -37.64
CA ILE D 279 -24.09 -19.29 -38.83
C ILE D 279 -22.94 -18.70 -39.65
N VAL D 280 -21.90 -19.51 -39.87
CA VAL D 280 -20.70 -19.06 -40.56
C VAL D 280 -21.02 -18.57 -41.95
N ASN D 281 -20.68 -17.31 -42.22
CA ASN D 281 -20.84 -16.71 -43.54
C ASN D 281 -19.51 -16.13 -44.05
N ARG D 282 -19.55 -15.49 -45.22
CA ARG D 282 -18.37 -14.92 -45.88
C ARG D 282 -17.56 -13.98 -45.00
N PHE D 283 -18.24 -12.97 -44.46
CA PHE D 283 -17.58 -11.95 -43.64
C PHE D 283 -16.77 -12.60 -42.49
N MET D 284 -17.35 -13.60 -41.84
CA MET D 284 -16.68 -14.32 -40.76
C MET D 284 -15.44 -15.11 -41.23
N ALA D 285 -15.62 -15.90 -42.27
CA ALA D 285 -14.52 -16.65 -42.89
C ALA D 285 -13.35 -15.75 -43.28
N GLU D 286 -13.63 -14.63 -43.93
CA GLU D 286 -12.59 -13.74 -44.48
C GLU D 286 -11.92 -12.82 -43.44
N MET D 287 -12.68 -12.33 -42.47
CA MET D 287 -12.18 -11.34 -41.49
C MET D 287 -12.04 -11.88 -40.06
N GLY D 288 -12.52 -13.09 -39.81
CA GLY D 288 -12.70 -13.56 -38.45
C GLY D 288 -12.49 -15.06 -38.34
N PRO D 289 -13.30 -15.75 -37.55
CA PRO D 289 -14.53 -15.21 -36.97
C PRO D 289 -14.28 -14.16 -35.88
N MET D 290 -13.23 -14.36 -35.08
CA MET D 290 -12.85 -13.40 -34.03
C MET D 290 -11.76 -12.52 -34.62
N ASN D 291 -11.75 -11.23 -34.26
CA ASN D 291 -10.77 -10.30 -34.77
C ASN D 291 -10.51 -9.15 -33.77
N GLU D 292 -9.25 -8.95 -33.41
CA GLU D 292 -8.91 -8.04 -32.32
C GLU D 292 -9.05 -6.57 -32.69
N ALA D 293 -9.22 -6.27 -33.97
CA ALA D 293 -9.41 -4.88 -34.44
C ALA D 293 -10.85 -4.34 -34.32
N VAL D 294 -11.85 -5.22 -34.27
CA VAL D 294 -13.24 -4.79 -34.17
C VAL D 294 -13.37 -3.94 -32.93
N PRO D 295 -14.08 -2.80 -33.03
CA PRO D 295 -14.30 -1.93 -31.88
C PRO D 295 -15.05 -2.63 -30.76
N ASP D 296 -15.02 -2.05 -29.56
CA ASP D 296 -15.71 -2.64 -28.43
C ASP D 296 -17.23 -2.60 -28.63
N PHE D 297 -17.92 -3.49 -27.94
CA PHE D 297 -19.39 -3.54 -27.89
C PHE D 297 -19.95 -2.25 -27.25
N PRO D 298 -21.01 -1.67 -27.83
CA PRO D 298 -21.64 -2.17 -29.04
C PRO D 298 -21.33 -1.31 -30.25
N LEU D 299 -20.11 -0.77 -30.31
CA LEU D 299 -19.80 0.22 -31.36
C LEU D 299 -19.73 -0.37 -32.74
N ALA D 300 -19.58 -1.68 -32.85
CA ALA D 300 -19.16 -2.27 -34.12
C ALA D 300 -20.33 -2.45 -35.09
N SER D 301 -21.56 -2.52 -34.58
CA SER D 301 -22.76 -2.56 -35.42
C SER D 301 -22.75 -1.52 -36.53
N SER D 302 -22.30 -0.31 -36.20
CA SER D 302 -22.53 0.85 -37.08
C SER D 302 -21.61 0.84 -38.29
N ALA D 303 -20.53 0.07 -38.19
CA ALA D 303 -19.63 -0.07 -39.32
C ALA D 303 -20.17 -1.02 -40.39
N VAL D 304 -21.10 -1.91 -40.02
CA VAL D 304 -21.57 -2.93 -40.99
C VAL D 304 -23.08 -2.93 -41.23
N ALA D 305 -23.81 -2.06 -40.55
CA ALA D 305 -25.26 -1.96 -40.76
C ALA D 305 -25.59 -1.73 -42.23
N GLY D 306 -24.86 -0.81 -42.87
CA GLY D 306 -25.09 -0.47 -44.27
C GLY D 306 -24.64 -1.54 -45.26
N LEU D 307 -23.57 -2.24 -44.93
CA LEU D 307 -23.13 -3.39 -45.69
C LEU D 307 -24.17 -4.50 -45.69
N ARG D 308 -24.85 -4.67 -44.56
CA ARG D 308 -25.89 -5.67 -44.42
C ARG D 308 -27.10 -5.34 -45.31
N THR D 309 -27.55 -4.09 -45.27
CA THR D 309 -28.63 -3.68 -46.15
C THR D 309 -28.23 -3.90 -47.61
N ALA D 310 -27.04 -3.43 -48.00
CA ALA D 310 -26.58 -3.60 -49.37
C ALA D 310 -26.58 -5.07 -49.79
N ALA D 311 -26.19 -5.97 -48.90
CA ALA D 311 -25.94 -7.34 -49.32
C ALA D 311 -27.22 -8.18 -49.34
N GLU D 312 -28.13 -7.92 -48.40
CA GLU D 312 -29.41 -8.63 -48.34
C GLU D 312 -30.31 -8.26 -49.52
N ARG D 313 -30.34 -6.98 -49.86
CA ARG D 313 -30.94 -6.53 -51.11
C ARG D 313 -30.65 -7.45 -52.30
N LEU D 314 -29.43 -7.99 -52.32
CA LEU D 314 -28.96 -8.83 -53.41
C LEU D 314 -29.10 -10.29 -53.09
N GLY D 315 -29.83 -10.62 -52.03
CA GLY D 315 -29.94 -11.98 -51.52
C GLY D 315 -28.65 -12.62 -51.02
N PHE D 316 -27.65 -11.83 -50.63
CA PHE D 316 -26.47 -12.37 -49.96
C PHE D 316 -26.68 -12.39 -48.46
N TRP D 317 -26.22 -13.41 -47.79
CA TRP D 317 -26.20 -13.39 -46.35
C TRP D 317 -24.80 -13.09 -45.79
N ASP D 318 -23.94 -12.61 -46.70
CA ASP D 318 -22.54 -12.28 -46.41
C ASP D 318 -22.34 -11.41 -45.15
N PHE D 319 -23.19 -10.41 -44.94
CA PHE D 319 -22.98 -9.46 -43.81
C PHE D 319 -24.14 -9.45 -42.85
N SER D 320 -24.81 -10.59 -42.74
CA SER D 320 -25.93 -10.72 -41.86
C SER D 320 -25.45 -11.39 -40.60
N PRO D 321 -25.85 -10.85 -39.44
CA PRO D 321 -25.73 -11.57 -38.19
C PRO D 321 -26.75 -12.71 -38.15
N LEU D 322 -26.28 -13.91 -38.51
CA LEU D 322 -27.13 -15.09 -38.57
C LEU D 322 -27.12 -15.82 -37.25
N TRP D 323 -27.73 -15.24 -36.24
CA TRP D 323 -27.68 -15.83 -34.91
C TRP D 323 -28.40 -17.17 -34.92
N CYS D 324 -27.70 -18.20 -34.43
CA CYS D 324 -28.23 -19.55 -34.42
C CYS D 324 -27.46 -20.38 -33.42
N GLY D 325 -28.14 -21.29 -32.73
CA GLY D 325 -27.47 -22.21 -31.82
C GLY D 325 -26.79 -23.36 -32.55
N GLN D 326 -26.12 -24.23 -31.81
CA GLN D 326 -25.46 -25.38 -32.42
C GLN D 326 -26.44 -26.48 -32.82
N ASN D 327 -27.70 -26.38 -32.39
CA ASN D 327 -28.77 -27.25 -32.91
C ASN D 327 -29.91 -26.51 -33.58
N ALA D 328 -29.84 -26.38 -34.89
CA ALA D 328 -30.88 -25.73 -35.68
C ALA D 328 -32.01 -26.69 -36.01
N SER D 329 -31.85 -27.97 -35.68
CA SER D 329 -32.76 -28.99 -36.19
C SER D 329 -34.16 -28.94 -35.57
N GLY D 330 -34.40 -28.01 -34.64
CA GLY D 330 -35.70 -27.90 -33.96
C GLY D 330 -36.61 -26.83 -34.52
N CYS D 331 -36.08 -26.05 -35.47
CA CYS D 331 -36.82 -24.92 -36.02
C CYS D 331 -37.94 -25.45 -36.87
N ARG D 332 -39.13 -24.89 -36.69
CA ARG D 332 -40.32 -25.34 -37.42
C ARG D 332 -41.28 -24.16 -37.61
N ALA D 333 -41.72 -23.97 -38.87
CA ALA D 333 -42.53 -22.80 -39.25
C ALA D 333 -44.00 -23.03 -38.92
N ILE D 334 -44.29 -23.15 -37.63
CA ILE D 334 -45.63 -23.41 -37.13
C ILE D 334 -45.84 -22.40 -36.03
N PRO D 335 -47.06 -22.30 -35.50
CA PRO D 335 -47.22 -21.23 -34.52
C PRO D 335 -46.48 -21.50 -33.20
N ALA D 336 -45.95 -20.43 -32.60
CA ALA D 336 -45.18 -20.52 -31.37
C ALA D 336 -45.91 -21.24 -30.26
N ALA D 337 -47.19 -20.91 -30.05
CA ALA D 337 -47.96 -21.52 -28.94
C ALA D 337 -47.97 -23.06 -29.05
N ASP D 338 -48.05 -23.56 -30.27
CA ASP D 338 -48.06 -25.00 -30.49
C ASP D 338 -46.68 -25.59 -30.24
N LEU D 339 -45.67 -25.01 -30.87
CA LEU D 339 -44.29 -25.42 -30.65
C LEU D 339 -43.93 -25.43 -29.17
N THR D 340 -44.39 -24.42 -28.44
CA THR D 340 -44.22 -24.35 -26.99
C THR D 340 -44.85 -25.57 -26.32
N ARG D 341 -46.10 -25.87 -26.67
CA ARG D 341 -46.79 -27.02 -26.08
C ARG D 341 -45.97 -28.29 -26.33
N SER D 342 -45.50 -28.43 -27.56
CA SER D 342 -44.79 -29.65 -27.99
C SER D 342 -43.53 -29.95 -27.18
N PHE D 343 -42.94 -28.91 -26.61
CA PHE D 343 -41.78 -29.06 -25.73
C PHE D 343 -42.18 -29.69 -24.39
N VAL D 344 -43.26 -29.20 -23.78
CA VAL D 344 -43.46 -29.30 -22.33
C VAL D 344 -44.58 -30.26 -21.98
N MET E 1 48.33 40.01 45.03
CA MET E 1 49.30 39.17 44.26
C MET E 1 48.61 38.59 43.00
N PRO E 2 48.30 39.47 42.03
CA PRO E 2 47.51 39.09 40.85
C PRO E 2 48.29 38.24 39.84
N CYS E 3 49.58 38.52 39.69
CA CYS E 3 50.42 37.80 38.72
C CYS E 3 50.93 36.46 39.28
N ARG E 4 50.29 35.95 40.34
CA ARG E 4 50.71 34.70 40.94
C ARG E 4 50.10 33.52 40.18
N LEU E 5 48.85 33.68 39.73
CA LEU E 5 48.11 32.60 39.09
C LEU E 5 48.12 32.78 37.58
N THR E 6 47.99 34.02 37.11
CA THR E 6 48.56 34.43 35.84
C THR E 6 49.82 33.60 35.60
N ARG E 7 50.79 33.69 36.52
CA ARG E 7 52.09 33.02 36.39
C ARG E 7 52.02 31.49 36.51
N LEU E 8 51.25 30.99 37.47
CA LEU E 8 51.23 29.55 37.79
C LEU E 8 50.50 28.70 36.74
N PHE E 9 49.50 29.26 36.06
CA PHE E 9 48.75 28.52 35.02
C PHE E 9 49.34 28.76 33.62
N GLU E 12 47.40 34.40 31.22
CA GLU E 12 47.50 35.81 30.82
C GLU E 12 46.62 36.77 31.64
N PHE E 13 45.33 36.42 31.76
CA PHE E 13 44.41 37.19 32.60
C PHE E 13 43.96 36.34 33.79
N PRO E 14 43.75 36.96 34.96
CA PRO E 14 43.37 36.20 36.17
C PRO E 14 41.87 35.89 36.25
N ILE E 15 41.35 35.19 35.24
CA ILE E 15 39.91 35.05 35.05
C ILE E 15 39.59 33.61 34.70
N ILE E 16 38.96 32.89 35.63
CA ILE E 16 38.47 31.55 35.35
C ILE E 16 36.99 31.65 35.03
N GLN E 17 36.62 31.15 33.84
CA GLN E 17 35.23 30.92 33.53
C GLN E 17 34.83 29.65 34.22
N ALA E 18 33.77 29.75 35.02
CA ALA E 18 33.34 28.64 35.87
C ALA E 18 32.81 27.47 35.02
N PRO E 19 33.18 26.23 35.39
CA PRO E 19 32.51 25.07 34.80
C PRO E 19 31.05 25.05 35.19
N MET E 20 30.15 24.87 34.23
CA MET E 20 28.73 24.91 34.51
C MET E 20 28.01 23.79 33.77
N ALA E 21 27.95 22.63 34.41
CA ALA E 21 27.33 21.43 33.82
C ALA E 21 25.97 21.73 33.20
N GLY E 22 25.72 21.16 32.04
CA GLY E 22 24.40 21.31 31.40
C GLY E 22 24.26 22.52 30.48
N VAL E 23 25.05 23.56 30.75
CA VAL E 23 24.83 24.89 30.17
C VAL E 23 25.93 25.28 29.15
N GLN E 24 27.07 24.62 29.20
CA GLN E 24 28.19 24.96 28.33
C GLN E 24 29.16 23.81 28.22
N GLY E 25 29.93 23.82 27.15
CA GLY E 25 30.95 22.79 26.88
C GLY E 25 32.13 23.43 26.17
N SER E 26 32.64 22.76 25.14
CA SER E 26 33.93 23.14 24.54
C SER E 26 33.94 24.58 24.00
N ALA E 27 32.86 24.99 23.34
CA ALA E 27 32.80 26.34 22.74
C ALA E 27 33.09 27.48 23.73
N LEU E 28 32.51 27.40 24.93
CA LEU E 28 32.72 28.43 25.94
C LEU E 28 34.15 28.37 26.46
N ALA E 29 34.63 27.15 26.68
CA ALA E 29 36.00 26.94 27.18
C ALA E 29 37.04 27.47 26.19
N ILE E 30 36.79 27.24 24.90
CA ILE E 30 37.67 27.69 23.83
C ILE E 30 37.74 29.23 23.76
N ALA E 31 36.57 29.85 23.65
CA ALA E 31 36.50 31.30 23.59
C ALA E 31 37.30 31.94 24.74
N VAL E 32 37.14 31.44 25.97
CA VAL E 32 37.76 32.07 27.14
C VAL E 32 39.28 31.86 27.16
N SER E 33 39.71 30.65 26.83
CA SER E 33 41.14 30.35 26.75
C SER E 33 41.84 31.14 25.64
N GLU E 34 41.31 31.08 24.43
CA GLU E 34 41.81 31.90 23.33
C GLU E 34 41.79 33.41 23.63
N ALA E 35 40.95 33.84 24.57
CA ALA E 35 40.86 35.26 24.89
C ALA E 35 41.83 35.69 25.99
N GLY E 36 42.51 34.74 26.62
CA GLY E 36 43.53 35.08 27.62
C GLY E 36 43.21 34.63 29.04
N GLY E 37 42.01 34.08 29.22
CA GLY E 37 41.58 33.55 30.52
C GLY E 37 41.76 32.06 30.58
N LEU E 38 41.13 31.42 31.54
CA LEU E 38 41.19 29.97 31.70
C LEU E 38 39.81 29.38 31.47
N GLY E 39 39.64 28.71 30.32
CA GLY E 39 38.36 28.12 29.96
C GLY E 39 38.18 26.79 30.66
N SER E 40 36.91 26.41 30.86
CA SER E 40 36.58 25.27 31.70
C SER E 40 35.52 24.40 31.04
N LEU E 41 35.68 23.09 31.19
CA LEU E 41 34.72 22.11 30.71
C LEU E 41 34.16 21.33 31.89
N PRO E 42 32.83 21.32 32.08
CA PRO E 42 32.29 20.59 33.22
C PRO E 42 32.01 19.17 32.81
N CYS E 43 32.49 18.19 33.58
CA CYS E 43 32.46 16.79 33.14
C CYS E 43 31.55 15.88 34.00
N ALA E 44 30.86 16.48 34.97
CA ALA E 44 30.02 15.72 35.88
C ALA E 44 28.88 14.99 35.17
N MET E 45 28.48 15.47 33.99
CA MET E 45 27.34 14.90 33.25
C MET E 45 27.74 14.11 31.98
N LEU E 46 28.99 14.21 31.55
CA LEU E 46 29.48 13.42 30.40
C LEU E 46 29.71 11.98 30.87
N SER E 47 29.09 10.98 30.23
CA SER E 47 29.26 10.67 28.81
C SER E 47 30.74 10.45 28.49
N LEU E 48 31.27 9.29 28.91
CA LEU E 48 32.72 9.04 28.87
C LEU E 48 33.31 9.19 27.45
N GLU E 49 32.52 8.78 26.45
CA GLU E 49 32.82 9.12 25.04
C GLU E 49 32.85 10.64 24.84
N ALA E 50 31.78 11.31 25.26
CA ALA E 50 31.64 12.75 25.09
C ALA E 50 32.78 13.55 25.77
N LEU E 51 33.26 13.07 26.90
CA LEU E 51 34.44 13.65 27.54
C LEU E 51 35.66 13.65 26.61
N GLU E 52 35.87 12.55 25.89
CA GLU E 52 36.96 12.45 24.93
C GLU E 52 36.68 13.34 23.73
N ALA E 53 35.45 13.25 23.19
CA ALA E 53 35.04 14.06 22.04
C ALA E 53 35.15 15.55 22.34
N GLU E 54 34.86 15.92 23.58
CA GLU E 54 34.79 17.32 23.99
C GLU E 54 36.19 17.87 24.31
N LEU E 55 37.03 17.05 24.93
CA LEU E 55 38.44 17.39 25.13
C LEU E 55 39.20 17.40 23.79
N THR E 56 38.74 16.59 22.84
CA THR E 56 39.29 16.57 21.48
C THR E 56 38.86 17.81 20.69
N ALA E 57 37.59 18.16 20.80
CA ALA E 57 37.08 19.41 20.26
C ALA E 57 37.93 20.59 20.74
N ILE E 58 38.21 20.64 22.05
CA ILE E 58 38.94 21.77 22.65
C ILE E 58 40.40 21.85 22.20
N ARG E 59 41.15 20.79 22.47
CA ARG E 59 42.57 20.74 22.12
C ARG E 59 42.84 21.19 20.68
N SER E 60 42.06 20.67 19.73
CA SER E 60 42.26 21.00 18.31
C SER E 60 41.51 22.27 17.87
N GLN E 61 41.89 23.41 18.43
CA GLN E 61 41.05 24.62 18.45
C GLN E 61 41.75 25.71 19.28
N THR E 62 42.42 25.27 20.35
CA THR E 62 43.29 26.14 21.11
C THR E 62 44.40 25.29 21.70
N ALA E 63 45.57 25.89 21.81
CA ALA E 63 46.67 25.25 22.53
C ALA E 63 46.93 25.99 23.85
N LYS E 64 46.02 26.91 24.22
CA LYS E 64 46.10 27.58 25.51
C LYS E 64 45.50 26.68 26.63
N PRO E 65 45.79 27.02 27.89
CA PRO E 65 45.42 26.19 29.04
C PRO E 65 43.91 26.02 29.23
N ILE E 66 43.52 24.89 29.81
CA ILE E 66 42.12 24.60 30.10
C ILE E 66 41.95 24.03 31.50
N ASN E 67 40.70 23.85 31.89
CA ASN E 67 40.35 23.39 33.22
C ASN E 67 39.22 22.39 33.08
N VAL E 68 39.35 21.24 33.72
CA VAL E 68 38.31 20.22 33.66
C VAL E 68 37.78 19.93 35.04
N ASN E 69 36.46 19.94 35.16
CA ASN E 69 35.82 19.93 36.44
C ASN E 69 35.08 18.64 36.66
N PHE E 70 35.27 18.03 37.83
CA PHE E 70 34.54 16.84 38.19
C PHE E 70 33.88 16.97 39.55
N PHE E 71 32.85 16.16 39.79
CA PHE E 71 32.34 15.94 41.13
C PHE E 71 33.05 14.75 41.79
N CYS E 72 33.33 14.87 43.09
CA CYS E 72 33.69 13.71 43.89
C CYS E 72 32.89 13.70 45.18
N HIS E 73 31.57 13.69 45.02
CA HIS E 73 30.65 13.35 46.09
C HIS E 73 30.76 11.87 46.46
N ARG E 74 30.15 11.53 47.60
CA ARG E 74 30.00 10.14 47.99
C ARG E 74 28.70 9.60 47.38
N GLU E 75 28.76 8.37 46.88
CA GLU E 75 27.54 7.64 46.50
C GLU E 75 26.66 7.44 47.72
N PRO E 76 25.37 7.81 47.62
CA PRO E 76 24.39 7.46 48.66
C PRO E 76 24.04 5.96 48.65
N ALA E 78 21.39 4.04 49.75
CA ALA E 78 20.24 3.27 49.25
C ALA E 78 18.94 3.58 50.03
N GLN E 79 17.87 3.89 49.29
CA GLN E 79 16.74 4.60 49.88
C GLN E 79 15.49 4.57 48.98
N ALA E 80 15.14 3.38 48.50
CA ALA E 80 13.90 3.18 47.74
C ALA E 80 12.65 3.67 48.47
N ALA E 81 12.63 3.54 49.80
CA ALA E 81 11.52 4.05 50.57
C ALA E 81 11.37 5.57 50.38
N LYS E 82 12.48 6.28 50.60
CA LYS E 82 12.47 7.76 50.57
C LYS E 82 12.11 8.26 49.17
N GLN E 83 12.68 7.62 48.15
CA GLN E 83 12.39 7.99 46.76
C GLN E 83 10.90 7.90 46.43
N ALA E 84 10.23 6.87 46.95
CA ALA E 84 8.82 6.62 46.65
C ALA E 84 7.93 7.64 47.32
N ALA E 85 8.25 7.93 48.58
CA ALA E 85 7.46 8.90 49.35
C ALA E 85 7.59 10.32 48.76
N TRP E 86 8.69 10.59 48.09
CA TRP E 86 8.92 11.87 47.42
C TRP E 86 8.02 11.94 46.18
N LEU E 87 8.11 10.92 45.32
CA LEU E 87 7.16 10.74 44.22
C LEU E 87 5.69 10.90 44.64
N GLU E 88 5.29 10.32 45.77
CA GLU E 88 3.90 10.41 46.23
C GLU E 88 3.52 11.86 46.53
N GLN E 89 4.46 12.61 47.08
CA GLN E 89 4.23 14.01 47.39
C GLN E 89 4.12 14.88 46.14
N LEU E 90 4.70 14.40 45.04
CA LEU E 90 4.60 15.08 43.73
C LEU E 90 3.29 14.81 42.93
N ALA E 91 2.32 14.17 43.58
CA ALA E 91 1.14 13.61 42.91
C ALA E 91 0.37 14.67 42.14
N PRO E 92 0.06 15.80 42.79
CA PRO E 92 -0.73 16.80 42.09
C PRO E 92 -0.04 17.33 40.84
N TYR E 93 1.29 17.20 40.76
CA TYR E 93 2.04 17.78 39.65
C TYR E 93 2.02 16.85 38.43
N PHE E 94 2.32 15.58 38.67
CA PHE E 94 2.18 14.54 37.65
C PHE E 94 0.77 14.50 37.03
N ALA E 95 -0.24 14.69 37.85
CA ALA E 95 -1.62 14.75 37.36
C ALA E 95 -1.82 15.97 36.49
N GLU E 96 -1.41 17.11 37.01
CA GLU E 96 -1.57 18.37 36.29
C GLU E 96 -0.90 18.35 34.92
N PHE E 97 0.26 17.73 34.83
CA PHE E 97 1.01 17.70 33.58
C PHE E 97 0.80 16.40 32.79
N ASN E 98 -0.17 15.61 33.23
CA ASN E 98 -0.61 14.41 32.52
C ASN E 98 0.56 13.44 32.31
N LEU E 99 1.23 13.10 33.41
CA LEU E 99 2.42 12.25 33.41
C LEU E 99 2.24 11.06 34.34
N ASP E 100 2.73 9.89 33.91
CA ASP E 100 2.98 8.77 34.81
C ASP E 100 4.00 9.18 35.87
N PRO E 101 3.68 8.96 37.15
CA PRO E 101 4.60 9.43 38.17
C PRO E 101 5.80 8.51 38.28
N ASN E 102 6.70 8.61 37.30
CA ASN E 102 7.84 7.72 37.23
C ASN E 102 9.10 8.50 37.16
N ALA E 103 10.16 7.92 37.71
CA ALA E 103 11.50 8.49 37.59
C ALA E 103 11.96 8.39 36.14
N GLN E 104 12.60 9.46 35.65
CA GLN E 104 13.25 9.46 34.34
C GLN E 104 14.78 9.49 34.52
N ARG E 110 25.15 11.02 37.32
CA ARG E 110 26.29 11.81 37.74
C ARG E 110 27.26 10.97 38.60
N THR E 111 28.20 10.31 37.95
CA THR E 111 29.23 9.51 38.63
C THR E 111 30.31 10.41 39.25
N PRO E 112 30.90 10.00 40.39
CA PRO E 112 32.10 10.69 40.91
C PRO E 112 33.32 10.41 40.06
N TYR E 113 34.35 11.24 40.23
CA TYR E 113 35.59 11.07 39.48
C TYR E 113 36.30 9.79 39.95
N SER E 114 36.79 9.01 38.99
CA SER E 114 37.31 7.67 39.25
C SER E 114 38.31 7.24 38.16
N LYS E 115 38.79 6.00 38.25
CA LYS E 115 39.80 5.45 37.34
C LYS E 115 39.40 5.62 35.88
N ALA E 116 38.20 5.15 35.56
CA ALA E 116 37.60 5.41 34.26
C ALA E 116 37.98 6.80 33.74
N GLN E 117 37.50 7.85 34.42
CA GLN E 117 37.63 9.21 33.89
C GLN E 117 39.09 9.56 33.76
N ALA E 118 39.86 9.18 34.78
CA ALA E 118 41.30 9.42 34.77
C ALA E 118 41.96 8.85 33.51
N GLU E 119 41.55 7.64 33.13
CA GLU E 119 42.09 6.95 31.95
C GLU E 119 41.92 7.78 30.67
N VAL E 120 40.79 8.48 30.55
CA VAL E 120 40.56 9.37 29.41
C VAL E 120 41.42 10.61 29.59
N LEU E 121 41.21 11.32 30.70
CA LEU E 121 41.98 12.51 31.01
C LEU E 121 43.48 12.32 30.81
N ALA E 122 43.97 11.11 31.11
CA ALA E 122 45.38 10.78 30.92
C ALA E 122 45.85 11.16 29.53
N LYS E 123 45.01 10.94 28.53
CA LYS E 123 45.39 11.11 27.12
C LYS E 123 45.54 12.58 26.67
N PHE E 124 45.22 13.53 27.55
CA PHE E 124 45.32 14.97 27.22
C PHE E 124 46.14 15.78 28.23
N LYS E 125 46.17 15.33 29.48
CA LYS E 125 46.96 16.00 30.52
C LYS E 125 46.57 17.47 30.60
N PRO E 126 45.33 17.75 31.05
CA PRO E 126 44.83 19.11 31.04
C PRO E 126 45.50 19.95 32.12
N GLU E 127 45.76 21.21 31.82
CA GLU E 127 46.61 22.06 32.66
C GLU E 127 46.07 22.11 34.09
N VAL E 128 44.76 22.26 34.22
CA VAL E 128 44.11 22.34 35.52
C VAL E 128 43.02 21.30 35.63
N VAL E 129 42.98 20.60 36.77
CA VAL E 129 41.85 19.77 37.11
C VAL E 129 41.20 20.28 38.40
N SER E 130 39.90 20.58 38.31
CA SER E 130 39.16 21.19 39.42
C SER E 130 38.06 20.24 39.89
N PHE E 131 37.80 20.24 41.21
CA PHE E 131 36.84 19.33 41.84
C PHE E 131 35.77 20.08 42.64
N HIS E 132 34.56 19.53 42.63
CA HIS E 132 33.49 20.01 43.50
C HIS E 132 33.19 18.97 44.56
N PHE E 133 32.78 19.42 45.74
CA PHE E 133 32.57 18.56 46.90
C PHE E 133 33.86 17.86 47.37
N GLY E 134 34.95 18.61 47.50
CA GLY E 134 36.19 18.08 48.08
C GLY E 134 37.17 17.47 47.05
N LEU E 135 37.82 16.36 47.44
CA LEU E 135 38.88 15.74 46.63
C LEU E 135 38.71 14.22 46.58
N PRO E 136 39.21 13.57 45.52
CA PRO E 136 39.23 12.11 45.46
C PRO E 136 40.33 11.46 46.33
N ASP E 137 40.52 10.14 46.18
CA ASP E 137 41.61 9.41 46.85
C ASP E 137 42.99 9.85 46.35
N GLU E 138 43.99 9.81 47.23
CA GLU E 138 45.32 10.40 46.94
C GLU E 138 46.06 9.67 45.82
N GLU E 139 45.75 8.38 45.65
CA GLU E 139 46.22 7.65 44.47
C GLU E 139 45.73 8.33 43.20
N LEU E 140 44.46 8.73 43.20
CA LEU E 140 43.84 9.37 42.05
C LEU E 140 44.33 10.80 41.81
N LEU E 141 44.82 11.48 42.85
CA LEU E 141 45.30 12.85 42.66
C LEU E 141 46.83 13.01 42.60
N LEU E 142 47.58 11.99 43.00
CA LEU E 142 49.00 11.91 42.64
C LEU E 142 49.15 11.72 41.13
N GLU E 143 48.32 10.85 40.55
CA GLU E 143 48.30 10.63 39.11
C GLU E 143 48.23 11.97 38.38
N ILE E 144 47.28 12.81 38.78
CA ILE E 144 47.03 14.09 38.10
C ILE E 144 48.21 15.04 38.28
N LYS E 145 48.77 15.05 39.48
CA LYS E 145 49.92 15.90 39.79
C LYS E 145 51.11 15.54 38.91
N SER E 146 51.22 14.25 38.58
CA SER E 146 52.26 13.74 37.68
C SER E 146 51.83 13.78 36.21
N TRP E 147 51.00 14.74 35.84
CA TRP E 147 50.87 15.15 34.44
C TRP E 147 51.40 16.57 34.27
N GLY E 148 51.87 17.17 35.37
CA GLY E 148 52.09 18.62 35.43
C GLY E 148 50.80 19.38 35.69
N SER E 149 49.74 18.65 36.02
CA SER E 149 48.40 19.22 36.16
C SER E 149 48.20 19.77 37.59
N LYS E 150 47.87 21.06 37.69
CA LYS E 150 47.50 21.65 38.97
C LYS E 150 46.08 21.23 39.36
N VAL E 151 45.85 21.03 40.64
CA VAL E 151 44.57 20.55 41.13
C VAL E 151 43.95 21.60 42.08
N ILE E 152 42.69 21.97 41.82
CA ILE E 152 41.99 22.98 42.62
C ILE E 152 40.61 22.52 43.03
N SER E 153 40.15 23.00 44.19
CA SER E 153 38.85 22.60 44.71
C SER E 153 38.12 23.80 45.32
N THR E 154 36.84 23.61 45.61
CA THR E 154 36.01 24.65 46.20
C THR E 154 35.97 24.48 47.71
N ALA E 155 36.17 25.60 48.42
CA ALA E 155 35.97 25.65 49.86
C ALA E 155 34.90 26.65 50.18
N THR E 156 33.98 26.28 51.08
CA THR E 156 32.89 27.17 51.48
C THR E 156 33.07 27.61 52.91
N THR E 157 34.08 27.07 53.58
CA THR E 157 34.47 27.54 54.90
C THR E 157 35.98 27.57 55.04
N VAL E 158 36.45 28.24 56.08
CA VAL E 158 37.87 28.26 56.40
C VAL E 158 38.39 26.83 56.66
N GLU E 159 37.60 26.03 57.37
CA GLU E 159 37.98 24.66 57.67
C GLU E 159 38.21 23.87 56.39
N GLU E 160 37.32 24.04 55.43
CA GLU E 160 37.46 23.32 54.17
C GLU E 160 38.70 23.79 53.37
N ALA E 161 38.98 25.09 53.38
CA ALA E 161 40.24 25.60 52.82
C ALA E 161 41.46 24.83 53.39
N LEU E 162 41.56 24.80 54.71
CA LEU E 162 42.69 24.16 55.38
C LEU E 162 42.78 22.68 55.05
N TRP E 163 41.63 22.02 55.03
CA TRP E 163 41.56 20.63 54.66
C TRP E 163 42.15 20.43 53.26
N LEU E 164 41.79 21.31 52.33
CA LEU E 164 42.22 21.15 50.93
C LEU E 164 43.72 21.42 50.79
N GLU E 165 44.17 22.52 51.35
CA GLU E 165 45.58 22.91 51.31
C GLU E 165 46.47 21.77 51.86
N ALA E 166 46.06 21.16 52.96
CA ALA E 166 46.82 20.09 53.61
C ALA E 166 46.92 18.83 52.74
N ARG E 167 45.92 18.60 51.90
CA ARG E 167 45.90 17.42 51.04
C ARG E 167 46.39 17.73 49.62
N GLY E 168 47.07 18.86 49.46
CA GLY E 168 47.89 19.10 48.28
C GLY E 168 47.27 19.97 47.18
N ALA E 169 46.14 20.60 47.48
CA ALA E 169 45.55 21.54 46.54
C ALA E 169 46.58 22.58 46.15
N ASP E 170 46.69 22.85 44.85
CA ASP E 170 47.51 23.94 44.36
C ASP E 170 46.80 25.29 44.54
N ALA E 171 45.46 25.27 44.60
CA ALA E 171 44.71 26.48 44.89
C ALA E 171 43.26 26.21 45.34
N ILE E 172 42.72 27.19 46.06
CA ILE E 172 41.39 27.08 46.63
C ILE E 172 40.46 28.09 46.00
N ILE E 173 39.31 27.62 45.52
CA ILE E 173 38.20 28.50 45.15
C ILE E 173 37.37 28.77 46.39
N ALA E 174 37.38 30.03 46.83
CA ALA E 174 36.50 30.47 47.91
C ALA E 174 35.10 30.76 47.36
N GLN E 175 34.18 29.83 47.57
CA GLN E 175 32.85 29.94 47.05
C GLN E 175 31.93 30.59 48.07
N GLY E 176 31.67 31.88 47.88
CA GLY E 176 30.75 32.58 48.75
C GLY E 176 29.34 32.13 48.51
N LEU E 177 28.42 32.56 49.38
CA LEU E 177 27.03 32.14 49.31
C LEU E 177 26.29 32.78 48.14
N GLU E 178 26.83 33.87 47.62
CA GLU E 178 26.27 34.56 46.48
C GLU E 178 26.28 33.67 45.23
N ALA E 179 27.13 32.65 45.22
CA ALA E 179 27.35 31.87 43.97
C ALA E 179 26.10 31.14 43.53
N GLY E 180 25.94 31.02 42.22
CA GLY E 180 24.93 30.16 41.64
C GLY E 180 25.40 28.74 41.54
N GLY E 181 24.47 27.83 41.22
CA GLY E 181 24.78 26.41 41.18
C GLY E 181 24.93 25.79 42.57
N HIS E 182 25.53 24.61 42.60
CA HIS E 182 25.65 23.85 43.85
C HIS E 182 26.66 24.47 44.80
N ARG E 183 26.29 24.47 46.08
CA ARG E 183 27.24 24.66 47.15
C ARG E 183 28.25 23.52 47.09
N GLY E 184 29.52 23.85 47.20
CA GLY E 184 30.58 22.86 47.03
C GLY E 184 31.11 22.26 48.33
N HIS E 185 30.30 22.31 49.39
CA HIS E 185 30.73 21.95 50.75
C HIS E 185 30.73 20.45 50.97
N PHE E 186 31.57 20.01 51.91
CA PHE E 186 31.80 18.57 52.11
C PHE E 186 32.15 18.14 53.54
N LEU E 187 32.52 19.07 54.41
CA LEU E 187 32.85 18.71 55.79
C LEU E 187 31.61 18.70 56.69
N SER E 188 30.68 19.61 56.45
CA SER E 188 29.49 19.78 57.32
C SER E 188 28.25 20.06 56.49
N GLU E 189 27.12 19.45 56.86
CA GLU E 189 25.83 19.70 56.19
C GLU E 189 25.12 20.93 56.73
N ASP E 190 25.72 21.56 57.74
CA ASP E 190 25.13 22.77 58.33
C ASP E 190 25.44 23.98 57.46
N LEU E 191 24.40 24.59 56.89
CA LEU E 191 24.56 25.67 55.93
C LEU E 191 24.86 27.00 56.64
N THR E 192 24.54 27.10 57.92
CA THR E 192 24.86 28.31 58.68
C THR E 192 26.36 28.46 58.89
N GLU E 193 27.15 27.44 58.56
CA GLU E 193 28.62 27.58 58.66
C GLU E 193 29.18 28.38 57.49
N GLN E 194 28.40 28.50 56.42
CA GLN E 194 28.90 29.09 55.21
C GLN E 194 28.77 30.60 55.23
N LEU E 195 29.47 31.27 54.32
CA LEU E 195 29.70 32.71 54.44
C LEU E 195 29.53 33.40 53.10
N GLY E 196 29.15 34.66 53.15
CA GLY E 196 29.17 35.51 51.98
C GLY E 196 30.58 35.74 51.50
N THR E 197 30.73 35.93 50.17
CA THR E 197 32.03 36.18 49.53
C THR E 197 32.87 37.24 50.28
N PHE E 198 32.25 38.32 50.70
CA PHE E 198 32.96 39.44 51.31
C PHE E 198 33.61 39.09 52.66
N SER E 199 33.07 38.06 53.32
CA SER E 199 33.69 37.57 54.55
C SER E 199 34.51 36.29 54.31
N LEU E 200 34.01 35.42 53.43
CA LEU E 200 34.71 34.18 53.15
C LEU E 200 36.09 34.47 52.57
N LEU E 201 36.15 35.39 51.59
CA LEU E 201 37.36 35.59 50.78
C LEU E 201 38.57 36.09 51.59
N PRO E 202 38.38 37.13 52.42
CA PRO E 202 39.52 37.57 53.24
C PRO E 202 39.97 36.53 54.28
N GLN E 203 39.02 35.80 54.86
CA GLN E 203 39.35 34.92 55.97
C GLN E 203 40.00 33.63 55.49
N ILE E 204 39.67 33.19 54.28
CA ILE E 204 40.40 32.08 53.68
C ILE E 204 41.80 32.51 53.25
N ILE E 205 41.95 33.74 52.77
CA ILE E 205 43.24 34.22 52.30
C ILE E 205 44.23 34.28 53.47
N ALA E 206 43.74 34.72 54.62
CA ALA E 206 44.53 34.85 55.85
C ALA E 206 44.95 33.49 56.43
N ALA E 207 44.13 32.47 56.20
CA ALA E 207 44.31 31.17 56.84
C ALA E 207 45.31 30.25 56.10
N VAL E 208 45.53 30.47 54.81
CA VAL E 208 46.30 29.54 53.98
C VAL E 208 47.41 30.24 53.20
N GLU E 209 48.35 29.45 52.70
CA GLU E 209 49.52 29.96 52.01
C GLU E 209 49.29 29.99 50.50
N ILE E 210 48.58 28.98 50.01
CA ILE E 210 48.37 28.82 48.57
C ILE E 210 47.43 29.92 48.03
N PRO E 211 47.46 30.19 46.71
CA PRO E 211 46.54 31.19 46.13
C PRO E 211 45.06 30.84 46.32
N VAL E 212 44.22 31.88 46.37
CA VAL E 212 42.78 31.71 46.48
C VAL E 212 42.11 32.33 45.26
N ILE E 213 41.24 31.55 44.63
CA ILE E 213 40.32 32.04 43.59
C ILE E 213 39.00 32.48 44.23
N ALA E 214 38.51 33.66 43.87
CA ALA E 214 37.27 34.17 44.44
C ALA E 214 36.09 33.81 43.53
N ALA E 215 35.03 33.26 44.13
CA ALA E 215 33.81 32.92 43.39
C ALA E 215 32.59 33.35 44.17
N GLY E 216 31.60 33.84 43.43
CA GLY E 216 30.30 34.19 43.96
C GLY E 216 30.12 35.69 43.91
N GLY E 217 29.36 36.15 42.92
CA GLY E 217 29.02 37.57 42.79
C GLY E 217 29.99 38.42 41.95
N ILE E 218 31.01 37.78 41.36
CA ILE E 218 31.91 38.51 40.47
C ILE E 218 31.33 38.53 39.06
N VAL E 219 30.96 39.70 38.60
CA VAL E 219 30.12 39.82 37.42
C VAL E 219 30.60 40.87 36.41
N ASP E 220 31.28 41.93 36.88
CA ASP E 220 31.82 42.96 35.99
C ASP E 220 33.19 43.43 36.47
N ALA E 221 33.82 44.31 35.68
CA ALA E 221 35.13 44.87 36.03
C ALA E 221 35.22 45.32 37.49
N THR E 222 34.21 46.01 37.98
CA THR E 222 34.29 46.59 39.31
C THR E 222 34.41 45.52 40.41
N THR E 223 33.67 44.42 40.24
CA THR E 223 33.62 43.38 41.26
C THR E 223 34.83 42.47 41.15
N VAL E 224 35.35 42.31 39.93
CA VAL E 224 36.70 41.74 39.75
C VAL E 224 37.76 42.53 40.56
N ARG E 225 37.80 43.85 40.36
CA ARG E 225 38.77 44.69 41.05
C ARG E 225 38.68 44.53 42.57
N ALA E 226 37.46 44.55 43.09
CA ALA E 226 37.21 44.46 44.52
C ALA E 226 37.63 43.11 45.11
N ALA E 227 37.56 42.07 44.29
CA ALA E 227 38.03 40.74 44.70
C ALA E 227 39.56 40.71 44.78
N MET E 228 40.23 41.16 43.72
CA MET E 228 41.70 41.25 43.70
C MET E 228 42.20 42.14 44.85
N THR E 229 41.50 43.25 45.10
CA THR E 229 41.81 44.16 46.22
C THR E 229 41.88 43.46 47.59
N MET E 230 41.13 42.37 47.75
CA MET E 230 41.18 41.61 48.99
C MET E 230 42.28 40.56 48.99
N GLY E 231 42.99 40.44 47.87
CA GLY E 231 44.13 39.51 47.79
C GLY E 231 43.84 38.21 47.05
N ALA E 232 42.72 38.17 46.33
CA ALA E 232 42.46 37.07 45.42
C ALA E 232 43.51 37.01 44.32
N SER E 233 43.92 35.80 43.97
CA SER E 233 44.81 35.58 42.83
C SER E 233 44.04 35.37 41.51
N ALA E 234 42.75 35.06 41.59
CA ALA E 234 41.91 35.04 40.41
C ALA E 234 40.47 35.16 40.81
N VAL E 235 39.62 35.34 39.83
CA VAL E 235 38.20 35.18 40.01
C VAL E 235 37.70 34.03 39.15
N GLN E 236 36.73 33.30 39.67
CA GLN E 236 35.90 32.38 38.87
C GLN E 236 34.57 33.05 38.62
N VAL E 237 34.22 33.18 37.36
CA VAL E 237 32.98 33.82 36.99
C VAL E 237 32.12 32.83 36.22
N GLY E 238 30.89 32.61 36.70
CA GLY E 238 29.93 31.75 36.01
C GLY E 238 28.66 32.44 35.55
N THR E 239 27.85 32.93 36.49
CA THR E 239 26.56 33.54 36.15
C THR E 239 26.68 34.55 35.00
N ALA E 240 27.72 35.39 35.03
CA ALA E 240 27.87 36.44 34.02
C ALA E 240 28.14 35.93 32.58
N TYR E 241 28.51 34.67 32.42
CA TYR E 241 28.74 34.13 31.09
C TYR E 241 27.48 33.51 30.46
N LEU E 242 26.34 33.55 31.15
CA LEU E 242 25.22 32.67 30.79
C LEU E 242 24.44 33.07 29.53
N LEU E 243 24.45 34.37 29.18
CA LEU E 243 23.77 34.84 27.95
C LEU E 243 24.69 34.84 26.73
N CYS E 244 25.88 34.30 26.86
CA CYS E 244 26.84 34.35 25.77
C CYS E 244 26.38 33.37 24.68
N PRO E 245 26.72 33.66 23.40
CA PRO E 245 26.27 32.75 22.34
C PRO E 245 26.99 31.40 22.34
N GLU E 246 28.13 31.31 23.04
CA GLU E 246 28.88 30.05 23.18
C GLU E 246 28.30 29.22 24.33
N CYS E 247 27.40 29.82 25.11
CA CYS E 247 26.65 29.10 26.13
C CYS E 247 25.42 28.47 25.56
N ASN E 248 25.08 27.28 26.06
CA ASN E 248 23.87 26.59 25.62
C ASN E 248 22.74 26.67 26.62
N THR E 249 22.83 27.61 27.55
CA THR E 249 21.71 28.00 28.38
C THR E 249 20.40 28.02 27.59
N SER E 250 19.38 27.37 28.13
CA SER E 250 18.09 27.25 27.44
C SER E 250 17.42 28.60 27.31
N ALA E 251 16.44 28.67 26.43
CA ALA E 251 15.69 29.89 26.21
C ALA E 251 14.91 30.32 27.47
N ILE E 252 14.28 29.35 28.13
CA ILE E 252 13.54 29.57 29.39
C ILE E 252 14.48 30.16 30.42
N HIS E 253 15.63 29.50 30.58
CA HIS E 253 16.63 29.93 31.53
C HIS E 253 17.18 31.32 31.14
N ARG E 254 17.46 31.51 29.84
CA ARG E 254 17.79 32.86 29.33
C ARG E 254 16.70 33.87 29.67
N GLU E 255 15.44 33.50 29.46
CA GLU E 255 14.34 34.42 29.76
C GLU E 255 14.30 34.81 31.24
N ALA E 256 14.45 33.82 32.12
CA ALA E 256 14.46 34.06 33.56
C ALA E 256 15.62 34.96 34.00
N LEU E 257 16.83 34.69 33.50
CA LEU E 257 17.97 35.56 33.78
C LEU E 257 17.72 37.03 33.51
N GLN E 258 16.90 37.34 32.50
CA GLN E 258 16.65 38.72 32.07
C GLN E 258 15.39 39.36 32.67
N SER E 259 14.66 38.61 33.49
CA SER E 259 13.45 39.12 34.12
C SER E 259 13.82 39.72 35.47
N ASP E 260 12.89 40.45 36.09
CA ASP E 260 13.07 40.91 37.46
C ASP E 260 13.13 39.76 38.47
N ALA E 261 12.44 38.66 38.17
CA ALA E 261 12.50 37.45 38.99
C ALA E 261 13.92 36.94 39.23
N ALA E 262 14.84 37.26 38.31
CA ALA E 262 16.24 36.95 38.49
C ALA E 262 16.85 37.53 39.76
N GLN E 263 16.30 38.61 40.28
CA GLN E 263 16.83 39.22 41.52
C GLN E 263 16.59 38.39 42.79
N HIS E 264 15.68 37.43 42.71
CA HIS E 264 15.27 36.65 43.87
C HIS E 264 15.67 35.18 43.69
N THR E 265 16.81 34.82 44.28
CA THR E 265 17.29 33.44 44.29
C THR E 265 17.27 32.86 45.69
N ALA E 266 17.44 31.56 45.78
CA ALA E 266 17.45 30.87 47.06
C ALA E 266 18.18 29.54 46.96
N LEU E 267 18.75 29.11 48.06
CA LEU E 267 19.28 27.75 48.15
C LEU E 267 18.11 26.77 48.18
N THR E 268 18.20 25.75 47.33
CA THR E 268 17.18 24.69 47.25
C THR E 268 17.83 23.32 47.03
N ASN E 269 17.23 22.27 47.61
CA ASN E 269 17.67 20.91 47.36
C ASN E 269 16.69 20.10 46.50
N LEU E 270 15.66 20.74 45.98
CA LEU E 270 14.57 20.04 45.33
C LEU E 270 14.92 19.40 43.98
N PHE E 271 15.88 19.96 43.24
CA PHE E 271 16.16 19.50 41.88
C PHE E 271 17.19 18.41 41.81
N SER E 272 18.01 18.31 42.84
CA SER E 272 19.10 17.36 42.81
C SER E 272 19.24 16.61 44.13
N GLY E 273 18.76 17.22 45.22
CA GLY E 273 18.97 16.67 46.57
C GLY E 273 20.23 17.15 47.29
N ARG E 274 20.86 18.20 46.78
CA ARG E 274 21.85 18.97 47.54
C ARG E 274 21.59 20.45 47.33
N PRO E 275 21.91 21.28 48.33
CA PRO E 275 21.64 22.73 48.20
C PRO E 275 22.28 23.35 46.99
N ALA E 276 21.48 24.00 46.15
CA ALA E 276 22.03 24.80 45.06
C ALA E 276 21.23 26.10 44.91
N ARG E 277 21.91 27.18 44.53
CA ARG E 277 21.25 28.47 44.34
C ARG E 277 20.60 28.56 42.97
N GLY E 278 19.31 28.83 42.94
CA GLY E 278 18.60 29.07 41.69
C GLY E 278 17.66 30.24 41.84
N ILE E 279 17.15 30.72 40.71
CA ILE E 279 16.04 31.67 40.70
C ILE E 279 14.79 30.95 41.23
N VAL E 280 14.07 31.60 42.13
CA VAL E 280 12.89 31.04 42.76
C VAL E 280 11.80 30.86 41.71
N ASN E 281 11.26 29.65 41.62
CA ASN E 281 10.12 29.35 40.77
C ASN E 281 8.98 28.70 41.60
N ARG E 282 7.92 28.23 40.94
CA ARG E 282 6.73 27.70 41.63
C ARG E 282 7.10 26.53 42.55
N PHE E 283 7.87 25.58 42.03
CA PHE E 283 8.28 24.38 42.76
C PHE E 283 8.98 24.72 44.06
N MET E 284 9.96 25.64 43.98
CA MET E 284 10.66 26.10 45.17
C MET E 284 9.72 26.72 46.17
N ALA E 285 8.80 27.55 45.69
CA ALA E 285 7.91 28.30 46.57
C ALA E 285 6.82 27.44 47.22
N GLU E 286 6.33 26.43 46.49
CA GLU E 286 5.26 25.55 46.98
C GLU E 286 5.78 24.36 47.83
N MET E 287 6.93 23.83 47.48
CA MET E 287 7.40 22.57 48.03
C MET E 287 8.63 22.75 48.94
N GLY E 288 9.19 23.95 48.97
CA GLY E 288 10.54 24.18 49.45
C GLY E 288 10.68 25.57 50.03
N PRO E 289 11.74 26.32 49.68
CA PRO E 289 12.84 25.86 48.80
C PRO E 289 13.72 24.73 49.35
N MET E 290 13.79 24.56 50.67
CA MET E 290 14.50 23.41 51.25
C MET E 290 13.49 22.43 51.82
N ASN E 291 13.79 21.14 51.70
CA ASN E 291 12.86 20.09 52.05
C ASN E 291 13.55 18.78 52.43
N GLU E 292 13.27 18.30 53.64
CA GLU E 292 14.01 17.17 54.22
C GLU E 292 13.61 15.83 53.61
N ALA E 293 12.43 15.78 52.96
CA ALA E 293 11.97 14.55 52.34
C ALA E 293 12.63 14.29 51.00
N VAL E 294 13.38 15.25 50.47
CA VAL E 294 14.04 15.02 49.18
C VAL E 294 15.13 13.97 49.38
N PRO E 295 15.20 12.99 48.48
CA PRO E 295 16.31 12.03 48.44
C PRO E 295 17.67 12.68 48.39
N ASP E 296 18.71 11.92 48.74
CA ASP E 296 20.07 12.44 48.70
C ASP E 296 20.61 12.52 47.28
N PHE E 297 21.57 13.41 47.10
CA PHE E 297 22.24 13.65 45.81
C PHE E 297 23.04 12.42 45.34
N PRO E 298 22.88 12.01 44.09
CA PRO E 298 22.24 12.80 43.04
C PRO E 298 20.87 12.28 42.61
N LEU E 299 20.25 11.45 43.45
CA LEU E 299 19.10 10.66 43.06
C LEU E 299 17.87 11.51 42.70
N ALA E 300 17.78 12.71 43.24
CA ALA E 300 16.54 13.49 43.22
C ALA E 300 16.15 13.99 41.81
N SER E 301 17.14 14.15 40.95
CA SER E 301 16.89 14.59 39.57
C SER E 301 15.75 13.82 38.92
N SER E 302 15.78 12.50 39.03
CA SER E 302 14.87 11.65 38.27
C SER E 302 13.41 11.82 38.66
N ALA E 303 13.14 12.23 39.88
CA ALA E 303 11.78 12.58 40.30
C ALA E 303 11.16 13.75 39.52
N VAL E 304 11.99 14.67 39.04
CA VAL E 304 11.48 15.94 38.48
C VAL E 304 11.80 16.14 36.99
N ALA E 305 12.70 15.32 36.46
CA ALA E 305 13.09 15.40 35.07
C ALA E 305 11.88 15.42 34.15
N GLY E 306 10.93 14.55 34.42
CA GLY E 306 9.73 14.46 33.56
C GLY E 306 8.85 15.69 33.65
N LEU E 307 8.64 16.18 34.87
CA LEU E 307 7.89 17.42 35.08
C LEU E 307 8.55 18.57 34.38
N ARG E 308 9.87 18.57 34.38
CA ARG E 308 10.63 19.65 33.80
C ARG E 308 10.41 19.70 32.28
N THR E 309 10.60 18.56 31.62
CA THR E 309 10.32 18.49 30.19
C THR E 309 8.88 18.94 29.86
N ALA E 310 7.93 18.48 30.67
CA ALA E 310 6.53 18.83 30.46
C ALA E 310 6.28 20.35 30.58
N ALA E 311 6.79 20.95 31.67
CA ALA E 311 6.56 22.36 31.97
C ALA E 311 7.32 23.29 31.02
N GLU E 312 8.58 22.93 30.74
CA GLU E 312 9.41 23.73 29.83
C GLU E 312 8.85 23.70 28.42
N ARG E 313 8.26 22.57 28.03
CA ARG E 313 7.61 22.45 26.74
C ARG E 313 6.48 23.49 26.58
N LEU E 314 5.87 23.89 27.70
CA LEU E 314 4.74 24.82 27.66
C LEU E 314 5.15 26.25 28.04
N GLY E 315 6.45 26.49 28.19
CA GLY E 315 6.95 27.83 28.47
C GLY E 315 7.06 28.18 29.94
N PHE E 316 6.76 27.23 30.81
CA PHE E 316 6.75 27.45 32.23
C PHE E 316 8.11 27.05 32.79
N TRP E 317 8.57 27.83 33.76
CA TRP E 317 9.81 27.50 34.43
C TRP E 317 9.64 26.95 35.85
N ASP E 318 8.45 26.41 36.11
CA ASP E 318 8.06 25.92 37.43
C ASP E 318 9.00 24.85 37.99
N PHE E 319 9.48 23.95 37.14
CA PHE E 319 10.28 22.79 37.54
C PHE E 319 11.68 22.82 36.95
N SER E 320 12.18 24.01 36.63
CA SER E 320 13.48 24.18 36.04
C SER E 320 14.53 24.59 37.10
N PRO E 321 15.71 23.93 37.10
CA PRO E 321 16.87 24.39 37.88
C PRO E 321 17.57 25.62 37.26
N LEU E 322 17.03 26.79 37.58
CA LEU E 322 17.48 28.06 37.02
C LEU E 322 18.67 28.62 37.78
N TRP E 323 19.80 27.92 37.71
CA TRP E 323 20.95 28.26 38.52
C TRP E 323 21.42 29.68 38.18
N CYS E 324 21.72 30.45 39.22
CA CYS E 324 21.99 31.87 39.07
C CYS E 324 22.52 32.40 40.38
N GLY E 325 23.57 33.21 40.32
CA GLY E 325 24.12 33.84 41.53
C GLY E 325 23.25 34.98 42.01
N GLN E 326 23.55 35.49 43.20
CA GLN E 326 22.86 36.65 43.73
C GLN E 326 23.08 37.93 42.96
N ASN E 327 23.87 37.88 41.90
CA ASN E 327 24.06 39.05 41.04
C ASN E 327 23.95 38.69 39.57
N ALA E 328 22.81 39.06 38.99
CA ALA E 328 22.52 38.80 37.59
C ALA E 328 22.83 40.03 36.70
N SER E 329 23.16 41.17 37.31
CA SER E 329 23.27 42.42 36.55
C SER E 329 24.38 42.43 35.49
N GLY E 330 25.32 41.49 35.59
CA GLY E 330 26.45 41.44 34.66
C GLY E 330 26.29 40.57 33.42
N CYS E 331 25.17 39.87 33.31
CA CYS E 331 24.90 39.01 32.16
C CYS E 331 24.65 39.87 30.93
N ARG E 332 25.41 39.63 29.87
CA ARG E 332 25.27 40.39 28.63
C ARG E 332 25.39 39.44 27.47
N ALA E 333 24.54 39.61 26.45
CA ALA E 333 24.59 38.73 25.29
C ALA E 333 25.65 39.18 24.28
N ILE E 334 26.91 38.89 24.59
CA ILE E 334 28.02 39.21 23.71
C ILE E 334 28.98 38.03 23.60
N PRO E 335 29.87 38.06 22.60
CA PRO E 335 30.82 36.96 22.54
C PRO E 335 31.57 36.82 23.85
N ALA E 336 31.78 35.58 24.29
CA ALA E 336 32.44 35.30 25.56
C ALA E 336 33.83 35.96 25.62
N ALA E 337 34.53 35.98 24.49
CA ALA E 337 35.85 36.66 24.38
C ALA E 337 35.78 38.14 24.82
N ASP E 338 34.87 38.88 24.23
CA ASP E 338 34.81 40.29 24.54
C ASP E 338 34.42 40.46 25.99
N LEU E 339 33.57 39.55 26.45
CA LEU E 339 33.13 39.59 27.84
C LEU E 339 34.30 39.32 28.78
N THR E 340 35.07 38.27 28.47
CA THR E 340 36.29 37.97 29.20
C THR E 340 37.28 39.17 29.24
N ARG E 341 37.47 39.81 28.09
CA ARG E 341 38.24 41.05 28.04
C ARG E 341 37.61 42.17 28.85
N SER E 342 36.28 42.20 28.96
CA SER E 342 35.63 43.28 29.75
C SER E 342 35.91 43.16 31.24
N PHE E 343 36.27 41.96 31.70
CA PHE E 343 36.52 41.76 33.12
C PHE E 343 37.83 42.33 33.65
N VAL E 344 38.80 42.57 32.77
CA VAL E 344 40.13 43.01 33.18
C VAL E 344 40.29 44.52 33.00
N LEU E 345 39.22 45.19 32.59
CA LEU E 345 39.28 46.63 32.33
C LEU E 345 39.63 47.50 33.56
N SER E 346 39.73 46.91 34.75
CA SER E 346 40.02 47.70 35.96
C SER E 346 41.16 47.13 36.81
N LEU E 347 42.19 46.60 36.16
CA LEU E 347 43.30 45.93 36.88
C LEU E 347 44.66 46.62 36.65
N CYS F 3 -30.65 -49.22 -24.46
CA CYS F 3 -29.50 -50.19 -24.37
C CYS F 3 -29.66 -51.34 -25.38
N ARG F 4 -29.35 -51.05 -26.64
CA ARG F 4 -29.17 -52.06 -27.69
C ARG F 4 -27.70 -52.53 -27.76
N LEU F 5 -26.83 -51.85 -27.02
CA LEU F 5 -25.38 -52.08 -27.09
C LEU F 5 -24.94 -53.13 -26.07
N THR F 6 -25.66 -53.20 -24.94
CA THR F 6 -25.52 -54.33 -24.01
C THR F 6 -25.69 -55.67 -24.72
N ARG F 7 -26.63 -55.71 -25.66
CA ARG F 7 -26.84 -56.88 -26.50
C ARG F 7 -25.67 -57.13 -27.47
N LEU F 8 -25.35 -56.15 -28.31
CA LEU F 8 -24.35 -56.34 -29.37
C LEU F 8 -22.95 -56.65 -28.86
N PHE F 9 -22.57 -56.06 -27.72
CA PHE F 9 -21.22 -56.26 -27.14
C PHE F 9 -21.19 -57.42 -26.17
N GLY F 10 -22.35 -57.74 -25.59
CA GLY F 10 -22.48 -58.85 -24.65
C GLY F 10 -22.09 -58.42 -23.26
N ILE F 11 -22.46 -57.20 -22.90
CA ILE F 11 -22.08 -56.59 -21.64
C ILE F 11 -23.34 -56.40 -20.81
N GLU F 12 -23.15 -56.41 -19.48
CA GLU F 12 -24.23 -56.21 -18.53
C GLU F 12 -24.69 -54.75 -18.53
N PHE F 13 -23.74 -53.83 -18.63
CA PHE F 13 -24.01 -52.41 -18.37
C PHE F 13 -23.61 -51.57 -19.57
N PRO F 14 -24.35 -50.48 -19.85
CA PRO F 14 -24.01 -49.61 -20.97
C PRO F 14 -22.96 -48.55 -20.62
N ILE F 15 -21.91 -48.97 -19.92
CA ILE F 15 -20.77 -48.12 -19.56
C ILE F 15 -19.51 -48.63 -20.27
N ILE F 16 -18.86 -47.76 -21.04
CA ILE F 16 -17.54 -48.05 -21.57
C ILE F 16 -16.52 -47.14 -20.88
N GLN F 17 -15.61 -47.76 -20.14
CA GLN F 17 -14.49 -47.03 -19.59
C GLN F 17 -13.55 -46.64 -20.73
N ALA F 18 -13.40 -45.34 -20.94
CA ALA F 18 -12.62 -44.83 -22.07
C ALA F 18 -11.16 -45.34 -22.07
N PRO F 19 -10.66 -45.75 -23.23
CA PRO F 19 -9.23 -46.02 -23.30
C PRO F 19 -8.45 -44.74 -23.14
N MET F 20 -7.44 -44.77 -22.26
CA MET F 20 -6.67 -43.56 -21.92
C MET F 20 -5.16 -43.85 -21.85
N ALA F 21 -4.45 -43.62 -22.95
CA ALA F 21 -2.99 -43.89 -23.04
C ALA F 21 -2.16 -43.14 -21.99
N GLY F 22 -1.22 -43.85 -21.39
CA GLY F 22 -0.33 -43.27 -20.38
C GLY F 22 -0.96 -42.99 -19.04
N VAL F 23 -2.05 -43.71 -18.72
CA VAL F 23 -2.84 -43.44 -17.51
C VAL F 23 -3.44 -44.73 -16.92
N GLN F 24 -3.42 -45.80 -17.69
CA GLN F 24 -4.15 -47.02 -17.33
C GLN F 24 -3.75 -48.14 -18.28
N GLY F 25 -3.93 -49.37 -17.82
CA GLY F 25 -3.74 -50.54 -18.65
C GLY F 25 -4.60 -51.68 -18.15
N SER F 26 -3.99 -52.84 -17.92
CA SER F 26 -4.76 -54.07 -17.74
C SER F 26 -5.73 -53.97 -16.55
N ALA F 27 -5.23 -53.40 -15.45
CA ALA F 27 -5.93 -53.49 -14.19
C ALA F 27 -7.22 -52.68 -14.18
N LEU F 28 -7.22 -51.52 -14.85
CA LEU F 28 -8.49 -50.78 -15.05
C LEU F 28 -9.47 -51.53 -15.94
N ALA F 29 -9.00 -51.98 -17.10
CA ALA F 29 -9.79 -52.78 -18.04
C ALA F 29 -10.49 -53.97 -17.38
N ILE F 30 -9.71 -54.76 -16.64
CA ILE F 30 -10.21 -55.93 -15.92
C ILE F 30 -11.30 -55.55 -14.90
N ALA F 31 -11.05 -54.52 -14.12
CA ALA F 31 -11.96 -54.13 -13.05
C ALA F 31 -13.35 -53.80 -13.60
N VAL F 32 -13.37 -53.05 -14.71
CA VAL F 32 -14.61 -52.57 -15.34
C VAL F 32 -15.34 -53.71 -16.07
N SER F 33 -14.57 -54.51 -16.80
CA SER F 33 -15.15 -55.65 -17.53
C SER F 33 -15.75 -56.67 -16.56
N GLU F 34 -15.08 -56.86 -15.44
CA GLU F 34 -15.59 -57.76 -14.41
C GLU F 34 -16.80 -57.20 -13.66
N ALA F 35 -16.91 -55.88 -13.56
CA ALA F 35 -18.09 -55.26 -12.94
C ALA F 35 -19.32 -55.29 -13.85
N GLY F 36 -19.12 -55.55 -15.15
CA GLY F 36 -20.22 -55.64 -16.12
C GLY F 36 -20.21 -54.59 -17.22
N GLY F 37 -19.21 -53.72 -17.20
CA GLY F 37 -19.05 -52.74 -18.25
C GLY F 37 -18.14 -53.22 -19.34
N LEU F 38 -17.71 -52.30 -20.19
CA LEU F 38 -16.70 -52.58 -21.19
C LEU F 38 -15.37 -51.92 -20.77
N GLY F 39 -14.49 -52.70 -20.16
CA GLY F 39 -13.13 -52.24 -19.90
C GLY F 39 -12.47 -51.96 -21.24
N SER F 40 -11.46 -51.10 -21.23
CA SER F 40 -10.75 -50.77 -22.46
C SER F 40 -9.25 -50.62 -22.19
N LEU F 41 -8.46 -51.00 -23.18
CA LEU F 41 -7.01 -50.96 -23.10
C LEU F 41 -6.49 -50.08 -24.24
N PRO F 42 -5.85 -48.92 -23.91
CA PRO F 42 -5.32 -48.07 -24.95
C PRO F 42 -3.99 -48.61 -25.45
N CYS F 43 -3.80 -48.69 -26.76
CA CYS F 43 -2.58 -49.29 -27.29
C CYS F 43 -1.75 -48.35 -28.15
N ALA F 44 -2.16 -47.08 -28.24
CA ALA F 44 -1.48 -46.14 -29.12
C ALA F 44 -0.01 -46.00 -28.75
N MET F 45 0.30 -46.23 -27.46
CA MET F 45 1.64 -46.01 -26.92
C MET F 45 2.39 -47.30 -26.56
N LEU F 46 1.84 -48.44 -26.92
CA LEU F 46 2.40 -49.73 -26.49
C LEU F 46 3.26 -50.39 -27.57
N SER F 47 4.46 -50.81 -27.19
CA SER F 47 5.27 -51.70 -28.02
C SER F 47 4.65 -53.08 -28.08
N LEU F 48 4.88 -53.77 -29.19
CA LEU F 48 4.17 -55.02 -29.49
C LEU F 48 4.31 -56.01 -28.35
N GLU F 49 5.46 -56.04 -27.68
CA GLU F 49 5.68 -56.95 -26.53
C GLU F 49 4.77 -56.58 -25.35
N ALA F 50 4.69 -55.28 -25.05
CA ALA F 50 3.79 -54.77 -24.02
C ALA F 50 2.34 -55.13 -24.34
N LEU F 51 1.94 -54.97 -25.60
CA LEU F 51 0.59 -55.30 -26.07
C LEU F 51 0.23 -56.78 -25.85
N GLU F 52 1.15 -57.70 -26.18
CA GLU F 52 0.97 -59.14 -25.90
C GLU F 52 1.00 -59.44 -24.39
N ALA F 53 1.91 -58.78 -23.67
CA ALA F 53 1.96 -58.90 -22.20
C ALA F 53 0.63 -58.47 -21.58
N GLU F 54 0.08 -57.37 -22.08
CA GLU F 54 -1.01 -56.70 -21.41
C GLU F 54 -2.37 -57.32 -21.77
N LEU F 55 -2.47 -57.88 -22.98
CA LEU F 55 -3.67 -58.66 -23.38
C LEU F 55 -3.71 -60.06 -22.71
N THR F 56 -2.54 -60.65 -22.51
CA THR F 56 -2.40 -61.89 -21.75
C THR F 56 -2.86 -61.73 -20.29
N ALA F 57 -2.42 -60.64 -19.66
CA ALA F 57 -2.85 -60.30 -18.30
C ALA F 57 -4.35 -60.07 -18.20
N ILE F 58 -4.94 -59.46 -19.23
CA ILE F 58 -6.38 -59.22 -19.23
C ILE F 58 -7.12 -60.57 -19.28
N ARG F 59 -6.75 -61.43 -20.22
CA ARG F 59 -7.43 -62.73 -20.38
C ARG F 59 -7.16 -63.71 -19.23
N SER F 60 -6.04 -63.56 -18.53
CA SER F 60 -5.77 -64.41 -17.36
C SER F 60 -6.74 -64.13 -16.20
N GLN F 61 -7.31 -62.93 -16.16
CA GLN F 61 -8.02 -62.47 -14.99
C GLN F 61 -9.50 -62.22 -15.23
N THR F 62 -9.94 -62.27 -16.50
CA THR F 62 -11.37 -62.27 -16.78
C THR F 62 -11.64 -62.88 -18.14
N ALA F 63 -12.85 -63.41 -18.28
CA ALA F 63 -13.34 -63.94 -19.55
C ALA F 63 -14.36 -63.00 -20.18
N LYS F 64 -14.56 -61.83 -19.57
CA LYS F 64 -15.60 -60.92 -20.05
C LYS F 64 -15.09 -60.01 -21.17
N PRO F 65 -16.03 -59.45 -21.98
CA PRO F 65 -15.71 -58.61 -23.15
C PRO F 65 -14.71 -57.49 -22.85
N ILE F 66 -13.82 -57.20 -23.81
CA ILE F 66 -12.92 -56.05 -23.72
C ILE F 66 -12.77 -55.26 -25.00
N ASN F 67 -12.35 -54.00 -24.83
CA ASN F 67 -12.20 -53.02 -25.91
C ASN F 67 -10.73 -52.64 -26.03
N VAL F 68 -10.19 -52.70 -27.24
CA VAL F 68 -8.77 -52.42 -27.49
C VAL F 68 -8.72 -51.28 -28.49
N ASN F 69 -7.89 -50.29 -28.20
CA ASN F 69 -8.02 -48.99 -28.84
C ASN F 69 -6.71 -48.59 -29.47
N PHE F 70 -6.81 -48.07 -30.70
CA PHE F 70 -5.66 -47.80 -31.52
C PHE F 70 -5.81 -46.45 -32.21
N PHE F 71 -4.71 -45.75 -32.41
CA PHE F 71 -4.72 -44.53 -33.22
C PHE F 71 -4.55 -44.95 -34.67
N CYS F 72 -5.15 -44.20 -35.59
CA CYS F 72 -4.88 -44.38 -37.01
C CYS F 72 -4.88 -43.07 -37.78
N HIS F 73 -4.23 -42.07 -37.18
CA HIS F 73 -3.75 -40.88 -37.90
C HIS F 73 -2.93 -41.22 -39.14
N ARG F 74 -2.86 -40.28 -40.08
CA ARG F 74 -1.87 -40.36 -41.14
C ARG F 74 -0.49 -39.97 -40.57
N GLU F 75 0.58 -40.50 -41.16
CA GLU F 75 1.93 -40.09 -40.78
C GLU F 75 2.15 -38.62 -41.13
N PRO F 76 2.86 -37.88 -40.27
CA PRO F 76 3.19 -36.48 -40.60
C PRO F 76 4.19 -36.38 -41.75
N VAL F 77 4.10 -35.31 -42.54
CA VAL F 77 5.15 -34.97 -43.50
C VAL F 77 6.48 -34.61 -42.80
N ALA F 78 7.59 -34.93 -43.44
CA ALA F 78 8.89 -34.56 -42.93
C ALA F 78 8.94 -33.04 -42.79
N GLN F 79 9.45 -32.57 -41.65
CA GLN F 79 9.12 -31.22 -41.17
C GLN F 79 10.19 -30.70 -40.20
N ALA F 80 11.44 -31.06 -40.45
CA ALA F 80 12.53 -30.76 -39.51
C ALA F 80 12.90 -29.26 -39.46
N ALA F 81 12.59 -28.52 -40.51
CA ALA F 81 12.57 -27.06 -40.41
C ALA F 81 11.71 -26.63 -39.22
N LYS F 82 10.43 -27.02 -39.25
CA LYS F 82 9.49 -26.71 -38.17
C LYS F 82 9.98 -27.22 -36.82
N GLN F 83 10.54 -28.44 -36.81
CA GLN F 83 10.92 -29.10 -35.55
C GLN F 83 12.05 -28.37 -34.83
N ALA F 84 12.89 -27.69 -35.61
CA ALA F 84 14.05 -27.00 -35.05
C ALA F 84 13.70 -25.57 -34.67
N ALA F 85 12.95 -24.90 -35.53
CA ALA F 85 12.37 -23.60 -35.15
C ALA F 85 11.63 -23.71 -33.80
N TRP F 86 10.83 -24.77 -33.66
CA TRP F 86 10.06 -24.99 -32.43
C TRP F 86 10.98 -25.11 -31.22
N LEU F 87 11.95 -26.02 -31.30
CA LEU F 87 12.92 -26.21 -30.20
C LEU F 87 13.61 -24.89 -29.81
N GLU F 88 13.81 -24.01 -30.79
CA GLU F 88 14.48 -22.73 -30.53
C GLU F 88 13.60 -21.85 -29.66
N GLN F 89 12.29 -21.88 -29.91
CA GLN F 89 11.33 -21.10 -29.11
C GLN F 89 11.24 -21.57 -27.66
N LEU F 90 11.53 -22.86 -27.44
CA LEU F 90 11.57 -23.44 -26.09
C LEU F 90 12.92 -23.20 -25.36
N ALA F 91 13.81 -22.40 -25.95
CA ALA F 91 15.15 -22.18 -25.38
C ALA F 91 15.14 -21.62 -23.95
N PRO F 92 14.26 -20.63 -23.66
CA PRO F 92 14.20 -20.09 -22.31
C PRO F 92 13.88 -21.14 -21.25
N TYR F 93 13.02 -22.10 -21.60
CA TYR F 93 12.54 -23.10 -20.64
C TYR F 93 13.63 -24.13 -20.39
N PHE F 94 14.26 -24.62 -21.47
CA PHE F 94 15.32 -25.61 -21.35
C PHE F 94 16.39 -25.11 -20.38
N ALA F 95 16.61 -23.79 -20.39
CA ALA F 95 17.63 -23.14 -19.58
C ALA F 95 17.14 -22.90 -18.15
N GLU F 96 15.88 -22.52 -18.00
CA GLU F 96 15.27 -22.44 -16.67
C GLU F 96 15.41 -23.76 -15.89
N PHE F 97 15.60 -24.87 -16.60
CA PHE F 97 15.79 -26.18 -15.95
C PHE F 97 17.15 -26.82 -16.23
N ASN F 98 18.10 -26.02 -16.74
CA ASN F 98 19.44 -26.51 -17.16
C ASN F 98 19.39 -27.85 -17.88
N LEU F 99 18.90 -27.86 -19.11
CA LEU F 99 18.56 -29.12 -19.79
C LEU F 99 19.00 -29.15 -21.26
N ARG F 110 3.73 -43.94 -30.54
CA ARG F 110 4.16 -43.20 -31.71
C ARG F 110 3.36 -43.50 -32.99
N THR F 111 2.71 -44.56 -33.53
CA THR F 111 2.48 -45.40 -34.76
C THR F 111 1.03 -45.91 -34.94
N PRO F 112 0.78 -45.71 -36.08
CA PRO F 112 -0.62 -46.06 -36.37
C PRO F 112 -0.88 -47.55 -36.51
N TYR F 113 -2.10 -47.97 -36.18
CA TYR F 113 -2.54 -49.34 -36.40
C TYR F 113 -2.13 -49.86 -37.77
N SER F 114 -1.35 -50.95 -37.77
CA SER F 114 -0.81 -51.56 -38.98
C SER F 114 -0.81 -53.09 -38.85
N LYS F 115 -0.23 -53.76 -39.84
CA LYS F 115 -0.20 -55.23 -39.87
C LYS F 115 0.51 -55.77 -38.64
N ALA F 116 1.53 -55.05 -38.17
CA ALA F 116 2.32 -55.47 -37.01
C ALA F 116 1.43 -55.73 -35.80
N GLN F 117 0.55 -54.78 -35.49
CA GLN F 117 -0.34 -54.90 -34.32
C GLN F 117 -1.45 -55.93 -34.52
N ALA F 118 -1.95 -56.03 -35.76
CA ALA F 118 -3.02 -56.97 -36.11
C ALA F 118 -2.62 -58.42 -35.82
N GLU F 119 -1.34 -58.73 -35.97
CA GLU F 119 -0.83 -60.09 -35.73
C GLU F 119 -1.00 -60.49 -34.26
N VAL F 120 -0.59 -59.61 -33.36
CA VAL F 120 -0.81 -59.81 -31.93
C VAL F 120 -2.31 -59.89 -31.63
N LEU F 121 -3.08 -58.93 -32.16
CA LEU F 121 -4.54 -58.92 -31.96
C LEU F 121 -5.22 -60.17 -32.52
N ALA F 122 -4.66 -60.73 -33.59
CA ALA F 122 -5.19 -61.94 -34.20
C ALA F 122 -5.18 -63.10 -33.20
N LYS F 123 -4.22 -63.08 -32.29
CA LYS F 123 -4.04 -64.17 -31.33
C LYS F 123 -5.09 -64.17 -30.21
N PHE F 124 -5.59 -62.99 -29.84
CA PHE F 124 -6.56 -62.89 -28.73
C PHE F 124 -7.97 -62.57 -29.22
N LYS F 125 -8.12 -62.12 -30.46
CA LYS F 125 -9.44 -61.87 -31.09
C LYS F 125 -10.38 -61.05 -30.20
N PRO F 126 -9.99 -59.80 -29.87
CA PRO F 126 -10.75 -58.96 -28.93
C PRO F 126 -12.17 -58.65 -29.39
N GLU F 127 -13.07 -58.52 -28.43
CA GLU F 127 -14.51 -58.46 -28.70
C GLU F 127 -14.88 -57.15 -29.42
N VAL F 128 -14.17 -56.09 -29.05
CA VAL F 128 -14.36 -54.76 -29.64
C VAL F 128 -13.00 -54.15 -29.92
N VAL F 129 -12.88 -53.44 -31.03
CA VAL F 129 -11.67 -52.70 -31.39
C VAL F 129 -12.04 -51.26 -31.71
N SER F 130 -11.40 -50.30 -31.04
CA SER F 130 -11.80 -48.91 -31.21
C SER F 130 -10.66 -48.14 -31.85
N PHE F 131 -11.03 -47.12 -32.63
CA PHE F 131 -10.06 -46.29 -33.35
C PHE F 131 -10.24 -44.80 -33.06
N HIS F 132 -9.12 -44.10 -32.91
CA HIS F 132 -9.13 -42.67 -32.82
C HIS F 132 -8.59 -42.11 -34.12
N PHE F 133 -9.20 -41.01 -34.57
CA PHE F 133 -8.82 -40.37 -35.84
C PHE F 133 -9.31 -41.16 -37.08
N GLY F 134 -10.53 -41.70 -37.01
CA GLY F 134 -11.18 -42.28 -38.20
C GLY F 134 -11.08 -43.80 -38.25
N LEU F 135 -10.76 -44.33 -39.43
CA LEU F 135 -10.63 -45.77 -39.65
C LEU F 135 -9.42 -46.11 -40.52
N PRO F 136 -8.77 -47.26 -40.25
CA PRO F 136 -7.70 -47.74 -41.10
C PRO F 136 -8.16 -48.38 -42.41
N ASP F 137 -7.18 -48.79 -43.23
CA ASP F 137 -7.40 -49.54 -44.48
C ASP F 137 -8.64 -50.45 -44.49
N GLU F 138 -9.29 -50.52 -45.64
CA GLU F 138 -10.36 -51.48 -45.91
C GLU F 138 -9.95 -52.91 -45.52
N GLU F 139 -8.81 -53.34 -46.04
CA GLU F 139 -8.22 -54.65 -45.71
C GLU F 139 -8.16 -54.86 -44.20
N LEU F 140 -7.56 -53.92 -43.49
CA LEU F 140 -7.20 -54.12 -42.10
C LEU F 140 -8.40 -54.40 -41.21
N LEU F 141 -9.57 -53.86 -41.55
CA LEU F 141 -10.74 -54.01 -40.70
C LEU F 141 -11.78 -54.98 -41.23
N LEU F 142 -11.59 -55.47 -42.45
CA LEU F 142 -12.16 -56.77 -42.85
C LEU F 142 -11.60 -57.90 -41.98
N GLU F 143 -10.29 -57.87 -41.74
CA GLU F 143 -9.67 -58.81 -40.79
C GLU F 143 -10.26 -58.71 -39.38
N ILE F 144 -10.38 -57.48 -38.86
CA ILE F 144 -10.93 -57.29 -37.53
C ILE F 144 -12.32 -57.91 -37.46
N LYS F 145 -13.16 -57.64 -38.44
CA LYS F 145 -14.51 -58.18 -38.47
C LYS F 145 -14.52 -59.70 -38.63
N SER F 146 -13.52 -60.22 -39.34
CA SER F 146 -13.33 -61.67 -39.49
C SER F 146 -13.20 -62.41 -38.14
N TRP F 147 -12.81 -61.71 -37.07
CA TRP F 147 -12.71 -62.33 -35.74
C TRP F 147 -14.04 -62.49 -35.01
N GLY F 148 -15.08 -61.78 -35.46
CA GLY F 148 -16.26 -61.51 -34.62
C GLY F 148 -16.13 -60.22 -33.81
N SER F 149 -15.03 -59.50 -33.97
CA SER F 149 -14.74 -58.32 -33.18
C SER F 149 -15.48 -57.11 -33.78
N LYS F 150 -16.18 -56.36 -32.94
CA LYS F 150 -16.89 -55.13 -33.38
C LYS F 150 -15.90 -53.98 -33.54
N VAL F 151 -16.17 -53.09 -34.50
CA VAL F 151 -15.34 -51.89 -34.66
C VAL F 151 -16.11 -50.60 -34.35
N ILE F 152 -15.36 -49.63 -33.82
CA ILE F 152 -15.87 -48.50 -33.06
C ILE F 152 -14.88 -47.37 -33.29
N SER F 153 -15.37 -46.22 -33.73
CA SER F 153 -14.55 -45.03 -33.89
C SER F 153 -15.33 -43.80 -33.46
N THR F 154 -14.61 -42.70 -33.25
CA THR F 154 -15.23 -41.51 -32.71
C THR F 154 -15.47 -40.50 -33.85
N ALA F 155 -16.57 -39.77 -33.71
CA ALA F 155 -16.92 -38.69 -34.61
C ALA F 155 -17.09 -37.41 -33.80
N THR F 156 -16.63 -36.29 -34.35
CA THR F 156 -16.78 -34.99 -33.71
C THR F 156 -17.79 -34.10 -34.43
N THR F 157 -18.39 -34.62 -35.50
CA THR F 157 -19.40 -33.90 -36.28
C THR F 157 -20.36 -34.90 -36.92
N VAL F 158 -21.50 -34.42 -37.40
CA VAL F 158 -22.44 -35.30 -38.11
C VAL F 158 -21.79 -35.89 -39.37
N GLU F 159 -21.07 -35.08 -40.12
CA GLU F 159 -20.35 -35.55 -41.31
C GLU F 159 -19.46 -36.74 -41.02
N GLU F 160 -18.73 -36.69 -39.91
CA GLU F 160 -17.79 -37.75 -39.54
C GLU F 160 -18.54 -39.01 -39.09
N ALA F 161 -19.77 -38.84 -38.59
CA ALA F 161 -20.59 -40.00 -38.20
C ALA F 161 -21.03 -40.76 -39.45
N LEU F 162 -21.58 -40.03 -40.41
CA LEU F 162 -22.07 -40.58 -41.66
C LEU F 162 -20.96 -41.27 -42.42
N TRP F 163 -19.78 -40.71 -42.34
CA TRP F 163 -18.61 -41.30 -42.96
C TRP F 163 -18.26 -42.66 -42.34
N LEU F 164 -18.30 -42.75 -41.01
CA LEU F 164 -17.89 -44.00 -40.35
C LEU F 164 -18.91 -45.11 -40.53
N GLU F 165 -20.18 -44.74 -40.48
CA GLU F 165 -21.27 -45.67 -40.82
C GLU F 165 -21.01 -46.33 -42.18
N ALA F 166 -20.86 -45.50 -43.21
CA ALA F 166 -20.63 -45.99 -44.56
C ALA F 166 -19.45 -46.96 -44.65
N ARG F 167 -18.31 -46.63 -44.05
CA ARG F 167 -17.14 -47.54 -44.09
C ARG F 167 -17.36 -48.77 -43.21
N GLY F 168 -18.56 -48.91 -42.65
CA GLY F 168 -18.94 -50.13 -41.96
C GLY F 168 -18.50 -50.17 -40.52
N ALA F 169 -18.62 -49.04 -39.83
CA ALA F 169 -18.45 -48.99 -38.40
C ALA F 169 -19.68 -49.60 -37.77
N ASP F 170 -19.50 -50.36 -36.68
CA ASP F 170 -20.62 -50.99 -35.97
C ASP F 170 -21.32 -50.01 -35.06
N ALA F 171 -20.57 -49.06 -34.53
CA ALA F 171 -21.15 -48.02 -33.68
C ALA F 171 -20.23 -46.82 -33.61
N ILE F 172 -20.79 -45.69 -33.18
CA ILE F 172 -20.08 -44.43 -33.24
C ILE F 172 -20.01 -43.79 -31.87
N ILE F 173 -18.80 -43.42 -31.46
CA ILE F 173 -18.60 -42.59 -30.27
C ILE F 173 -18.77 -41.13 -30.67
N ALA F 174 -19.90 -40.55 -30.28
CA ALA F 174 -20.09 -39.12 -30.40
C ALA F 174 -19.23 -38.42 -29.35
N GLN F 175 -18.08 -37.93 -29.76
CA GLN F 175 -17.20 -37.18 -28.89
C GLN F 175 -17.59 -35.72 -28.84
N GLY F 176 -18.21 -35.31 -27.75
CA GLY F 176 -18.51 -33.89 -27.53
C GLY F 176 -17.27 -33.09 -27.18
N LEU F 177 -17.37 -31.77 -27.33
CA LEU F 177 -16.27 -30.87 -27.03
C LEU F 177 -15.87 -30.91 -25.57
N GLU F 178 -16.81 -31.29 -24.70
CA GLU F 178 -16.59 -31.38 -23.26
C GLU F 178 -15.47 -32.38 -22.92
N ALA F 179 -15.16 -33.25 -23.86
CA ALA F 179 -14.31 -34.41 -23.56
C ALA F 179 -12.86 -34.03 -23.33
N GLY F 180 -12.17 -34.85 -22.55
CA GLY F 180 -10.74 -34.69 -22.32
C GLY F 180 -9.93 -35.50 -23.29
N GLY F 181 -8.66 -35.13 -23.44
CA GLY F 181 -7.75 -35.83 -24.32
C GLY F 181 -7.93 -35.35 -25.73
N HIS F 182 -7.28 -36.02 -26.68
CA HIS F 182 -7.24 -35.59 -28.06
C HIS F 182 -8.63 -35.53 -28.66
N ARG F 183 -8.91 -34.44 -29.38
CA ARG F 183 -10.06 -34.43 -30.29
C ARG F 183 -9.95 -35.56 -31.32
N GLY F 184 -11.05 -36.25 -31.57
CA GLY F 184 -11.05 -37.45 -32.42
C GLY F 184 -11.31 -37.20 -33.92
N HIS F 185 -11.16 -35.96 -34.36
CA HIS F 185 -11.60 -35.58 -35.70
C HIS F 185 -10.63 -36.04 -36.78
N PHE F 186 -11.08 -36.00 -38.04
CA PHE F 186 -10.26 -36.46 -39.17
C PHE F 186 -10.66 -35.92 -40.56
N LEU F 187 -11.84 -35.34 -40.70
CA LEU F 187 -12.27 -34.80 -42.00
C LEU F 187 -11.85 -33.33 -42.17
N SER F 188 -12.02 -32.53 -41.13
CA SER F 188 -11.67 -31.13 -41.18
C SER F 188 -10.81 -30.76 -39.99
N GLU F 189 -9.82 -29.90 -40.19
CA GLU F 189 -9.04 -29.37 -39.07
C GLU F 189 -9.62 -28.06 -38.51
N ASP F 190 -10.76 -27.65 -39.02
CA ASP F 190 -11.47 -26.51 -38.46
C ASP F 190 -12.22 -26.91 -37.20
N LEU F 191 -11.82 -26.36 -36.07
CA LEU F 191 -12.38 -26.75 -34.77
C LEU F 191 -13.76 -26.17 -34.53
N THR F 192 -14.15 -25.13 -35.28
CA THR F 192 -15.47 -24.54 -35.11
C THR F 192 -16.59 -25.42 -35.67
N GLU F 193 -16.23 -26.45 -36.42
CA GLU F 193 -17.21 -27.44 -36.89
C GLU F 193 -17.65 -28.43 -35.81
N GLN F 194 -16.88 -28.52 -34.73
CA GLN F 194 -17.18 -29.45 -33.66
C GLN F 194 -18.18 -28.89 -32.66
N LEU F 195 -18.81 -29.78 -31.88
CA LEU F 195 -19.97 -29.42 -31.08
C LEU F 195 -19.83 -29.93 -29.65
N GLY F 196 -20.60 -29.32 -28.75
CA GLY F 196 -20.78 -29.84 -27.42
C GLY F 196 -21.69 -31.05 -27.40
N THR F 197 -21.46 -31.95 -26.44
CA THR F 197 -22.24 -33.17 -26.29
C THR F 197 -23.73 -32.88 -26.40
N PHE F 198 -24.20 -31.83 -25.76
CA PHE F 198 -25.62 -31.60 -25.68
C PHE F 198 -26.24 -31.37 -27.06
N SER F 199 -25.46 -30.88 -28.00
CA SER F 199 -25.93 -30.70 -29.36
C SER F 199 -25.43 -31.79 -30.32
N LEU F 200 -24.27 -32.35 -30.07
CA LEU F 200 -23.70 -33.33 -30.98
C LEU F 200 -24.46 -34.64 -30.89
N LEU F 201 -24.83 -35.01 -29.67
CA LEU F 201 -25.39 -36.34 -29.40
C LEU F 201 -26.72 -36.59 -30.12
N PRO F 202 -27.72 -35.69 -29.94
CA PRO F 202 -29.01 -35.88 -30.59
C PRO F 202 -28.97 -35.74 -32.11
N GLN F 203 -28.02 -34.96 -32.62
CA GLN F 203 -27.91 -34.74 -34.07
C GLN F 203 -27.22 -35.88 -34.78
N ILE F 204 -26.22 -36.51 -34.18
CA ILE F 204 -25.64 -37.74 -34.75
C ILE F 204 -26.63 -38.91 -34.71
N ILE F 205 -27.37 -39.02 -33.62
CA ILE F 205 -28.36 -40.07 -33.46
C ILE F 205 -29.41 -40.00 -34.56
N ALA F 206 -29.80 -38.78 -34.93
CA ALA F 206 -30.83 -38.58 -35.95
C ALA F 206 -30.34 -38.83 -37.37
N ALA F 207 -29.03 -38.83 -37.56
CA ALA F 207 -28.43 -38.99 -38.89
C ALA F 207 -28.03 -40.43 -39.23
N VAL F 208 -27.81 -41.27 -38.21
CA VAL F 208 -27.27 -42.61 -38.44
C VAL F 208 -28.16 -43.68 -37.83
N GLU F 209 -28.05 -44.89 -38.37
CA GLU F 209 -28.91 -45.99 -37.99
C GLU F 209 -28.18 -46.87 -36.96
N ILE F 210 -26.86 -47.02 -37.15
CA ILE F 210 -25.93 -47.55 -36.14
C ILE F 210 -26.21 -47.02 -34.72
N PRO F 211 -25.96 -47.83 -33.69
CA PRO F 211 -26.03 -47.30 -32.31
C PRO F 211 -24.96 -46.22 -32.03
N VAL F 212 -25.30 -45.24 -31.19
CA VAL F 212 -24.37 -44.12 -30.90
C VAL F 212 -23.95 -44.13 -29.44
N ILE F 213 -22.64 -43.99 -29.20
CA ILE F 213 -22.10 -43.90 -27.83
C ILE F 213 -21.79 -42.45 -27.45
N ALA F 214 -22.37 -41.97 -26.35
CA ALA F 214 -22.14 -40.61 -25.88
C ALA F 214 -20.78 -40.51 -25.15
N ALA F 215 -19.91 -39.63 -25.66
CA ALA F 215 -18.82 -39.04 -24.86
C ALA F 215 -18.84 -37.51 -25.01
N GLY F 216 -18.05 -36.75 -24.27
CA GLY F 216 -17.90 -36.88 -22.85
C GLY F 216 -18.48 -35.67 -22.12
N GLY F 217 -18.05 -35.47 -20.88
CA GLY F 217 -18.87 -34.82 -19.86
C GLY F 217 -19.71 -35.80 -19.07
N ILE F 218 -19.42 -37.10 -19.23
CA ILE F 218 -20.21 -38.16 -18.60
C ILE F 218 -19.48 -38.68 -17.38
N VAL F 219 -19.97 -38.32 -16.19
CA VAL F 219 -19.15 -38.37 -14.98
C VAL F 219 -19.85 -38.94 -13.74
N ASP F 220 -21.16 -39.13 -13.83
CA ASP F 220 -21.97 -39.56 -12.70
C ASP F 220 -23.34 -40.08 -13.19
N ALA F 221 -24.13 -40.64 -12.28
CA ALA F 221 -25.36 -41.32 -12.62
C ALA F 221 -26.33 -40.38 -13.34
N THR F 222 -26.53 -39.17 -12.79
CA THR F 222 -27.43 -38.19 -13.41
C THR F 222 -27.08 -37.91 -14.86
N THR F 223 -25.81 -37.61 -15.07
CA THR F 223 -25.24 -37.38 -16.38
C THR F 223 -25.36 -38.60 -17.32
N VAL F 224 -25.21 -39.81 -16.79
CA VAL F 224 -25.46 -41.00 -17.60
C VAL F 224 -26.91 -40.98 -18.05
N ARG F 225 -27.82 -40.60 -17.16
CA ARG F 225 -29.23 -40.64 -17.48
C ARG F 225 -29.52 -39.66 -18.60
N ALA F 226 -29.05 -38.43 -18.44
CA ALA F 226 -29.23 -37.38 -19.44
C ALA F 226 -28.89 -37.86 -20.83
N ALA F 227 -27.79 -38.61 -20.94
CA ALA F 227 -27.28 -39.05 -22.24
C ALA F 227 -28.14 -40.13 -22.84
N MET F 228 -28.59 -41.07 -22.00
CA MET F 228 -29.45 -42.18 -22.44
C MET F 228 -30.85 -41.68 -22.79
N THR F 229 -31.39 -40.81 -21.94
CA THR F 229 -32.56 -39.98 -22.29
C THR F 229 -32.49 -39.40 -23.70
N MET F 230 -31.33 -38.94 -24.10
CA MET F 230 -31.18 -38.35 -25.42
C MET F 230 -31.24 -39.40 -26.56
N GLY F 231 -31.19 -40.69 -26.22
CA GLY F 231 -31.21 -41.78 -27.23
C GLY F 231 -29.88 -42.47 -27.44
N ALA F 232 -28.96 -42.27 -26.52
CA ALA F 232 -27.67 -42.92 -26.58
C ALA F 232 -27.79 -44.40 -26.24
N SER F 233 -27.11 -45.25 -27.00
CA SER F 233 -27.04 -46.66 -26.69
C SER F 233 -26.08 -47.00 -25.52
N ALA F 234 -25.07 -46.14 -25.32
CA ALA F 234 -24.11 -46.29 -24.24
C ALA F 234 -23.41 -44.97 -23.93
N VAL F 235 -22.78 -44.91 -22.77
CA VAL F 235 -21.82 -43.86 -22.46
C VAL F 235 -20.41 -44.41 -22.42
N GLN F 236 -19.45 -43.60 -22.89
CA GLN F 236 -18.04 -43.78 -22.64
C GLN F 236 -17.60 -42.77 -21.57
N VAL F 237 -16.89 -43.27 -20.56
CA VAL F 237 -16.50 -42.46 -19.41
C VAL F 237 -14.97 -42.51 -19.19
N GLY F 238 -14.34 -41.34 -19.17
CA GLY F 238 -12.88 -41.24 -19.03
C GLY F 238 -12.39 -40.47 -17.83
N THR F 239 -12.60 -39.17 -17.82
CA THR F 239 -12.10 -38.30 -16.74
C THR F 239 -12.51 -38.82 -15.34
N ALA F 240 -13.77 -39.21 -15.21
CA ALA F 240 -14.28 -39.74 -13.94
C ALA F 240 -13.51 -40.95 -13.38
N TYR F 241 -12.84 -41.73 -14.22
CA TYR F 241 -12.11 -42.91 -13.74
C TYR F 241 -10.72 -42.56 -13.19
N LEU F 242 -10.27 -41.33 -13.41
CA LEU F 242 -8.85 -41.01 -13.30
C LEU F 242 -8.26 -41.12 -11.89
N LEU F 243 -9.12 -41.10 -10.87
CA LEU F 243 -8.67 -41.15 -9.49
C LEU F 243 -8.74 -42.55 -8.86
N CYS F 244 -9.30 -43.53 -9.57
CA CYS F 244 -9.40 -44.90 -9.06
C CYS F 244 -7.99 -45.50 -8.84
N PRO F 245 -7.85 -46.44 -7.90
CA PRO F 245 -6.56 -47.11 -7.66
C PRO F 245 -6.01 -47.90 -8.86
N GLU F 246 -6.91 -48.47 -9.67
CA GLU F 246 -6.48 -49.28 -10.81
C GLU F 246 -5.91 -48.41 -11.90
N CYS F 247 -6.16 -47.12 -11.83
CA CYS F 247 -5.62 -46.15 -12.79
C CYS F 247 -4.21 -45.76 -12.38
N ASN F 248 -3.32 -45.55 -13.36
CA ASN F 248 -1.91 -45.18 -13.07
C ASN F 248 -1.68 -43.70 -13.30
N THR F 249 -2.71 -42.91 -13.13
CA THR F 249 -2.58 -41.47 -13.18
C THR F 249 -1.48 -41.03 -12.23
N SER F 250 -0.50 -40.28 -12.73
CA SER F 250 0.59 -39.80 -11.90
C SER F 250 0.06 -39.02 -10.68
N ALA F 251 0.95 -38.81 -9.71
CA ALA F 251 0.60 -38.10 -8.48
C ALA F 251 0.32 -36.61 -8.73
N ILE F 252 1.04 -36.03 -9.69
CA ILE F 252 0.92 -34.60 -9.95
C ILE F 252 -0.31 -34.30 -10.82
N HIS F 253 -0.65 -35.22 -11.71
CA HIS F 253 -1.89 -35.16 -12.45
C HIS F 253 -3.10 -35.36 -11.53
N ARG F 254 -3.02 -36.36 -10.66
CA ARG F 254 -4.02 -36.56 -9.61
C ARG F 254 -4.24 -35.28 -8.80
N GLU F 255 -3.13 -34.60 -8.47
CA GLU F 255 -3.17 -33.38 -7.69
C GLU F 255 -3.88 -32.27 -8.47
N ALA F 256 -3.56 -32.17 -9.76
CA ALA F 256 -4.22 -31.23 -10.65
C ALA F 256 -5.74 -31.44 -10.71
N LEU F 257 -6.16 -32.70 -10.87
CA LEU F 257 -7.60 -33.04 -10.94
C LEU F 257 -8.41 -32.71 -9.65
N GLN F 258 -7.74 -32.68 -8.52
CA GLN F 258 -8.39 -32.36 -7.25
C GLN F 258 -8.29 -30.87 -6.87
N SER F 259 -7.68 -30.08 -7.74
CA SER F 259 -7.48 -28.66 -7.46
C SER F 259 -8.54 -27.83 -8.14
N ASP F 260 -8.57 -26.54 -7.81
CA ASP F 260 -9.43 -25.56 -8.49
C ASP F 260 -9.05 -25.38 -9.95
N ALA F 261 -7.75 -25.47 -10.23
CA ALA F 261 -7.24 -25.45 -11.61
C ALA F 261 -8.06 -26.37 -12.54
N ALA F 262 -8.52 -27.50 -12.01
CA ALA F 262 -9.10 -28.52 -12.86
C ALA F 262 -10.43 -28.10 -13.49
N GLN F 263 -11.02 -27.00 -12.99
CA GLN F 263 -12.24 -26.45 -13.57
C GLN F 263 -12.00 -25.69 -14.87
N HIS F 264 -10.77 -25.22 -15.10
CA HIS F 264 -10.40 -24.51 -16.35
C HIS F 264 -9.53 -25.38 -17.29
N THR F 265 -10.14 -25.87 -18.38
CA THR F 265 -9.42 -26.67 -19.39
C THR F 265 -9.40 -25.93 -20.70
N ALA F 266 -8.49 -26.31 -21.60
CA ALA F 266 -8.46 -25.74 -22.94
C ALA F 266 -7.94 -26.75 -23.95
N LEU F 267 -8.41 -26.62 -25.18
CA LEU F 267 -7.83 -27.36 -26.29
C LEU F 267 -6.47 -26.79 -26.59
N THR F 268 -5.48 -27.68 -26.68
CA THR F 268 -4.09 -27.26 -26.90
C THR F 268 -3.41 -28.29 -27.82
N ASN F 269 -2.52 -27.81 -28.69
CA ASN F 269 -1.74 -28.70 -29.57
C ASN F 269 -0.27 -28.74 -29.20
N LEU F 270 0.08 -28.07 -28.10
CA LEU F 270 1.46 -27.94 -27.68
C LEU F 270 2.12 -29.25 -27.25
N PHE F 271 1.36 -30.24 -26.79
CA PHE F 271 1.97 -31.42 -26.18
C PHE F 271 2.18 -32.57 -27.15
N SER F 272 1.45 -32.54 -28.26
CA SER F 272 1.52 -33.61 -29.27
C SER F 272 1.55 -33.08 -30.70
N GLY F 273 1.05 -31.87 -30.91
CA GLY F 273 0.86 -31.35 -32.27
C GLY F 273 -0.54 -31.53 -32.81
N ARG F 274 -1.47 -31.91 -31.94
CA ARG F 274 -2.88 -32.06 -32.29
C ARG F 274 -3.76 -31.64 -31.11
N PRO F 275 -4.86 -30.92 -31.38
CA PRO F 275 -5.75 -30.46 -30.31
C PRO F 275 -6.14 -31.55 -29.31
N ALA F 276 -5.86 -31.32 -28.04
CA ALA F 276 -6.37 -32.17 -26.96
C ALA F 276 -6.78 -31.27 -25.78
N ARG F 277 -7.80 -31.70 -25.04
CA ARG F 277 -8.26 -30.92 -23.88
C ARG F 277 -7.47 -31.29 -22.62
N GLY F 278 -6.96 -30.25 -21.96
CA GLY F 278 -6.12 -30.38 -20.78
C GLY F 278 -6.39 -29.27 -19.80
N ILE F 279 -6.08 -29.53 -18.53
CA ILE F 279 -6.15 -28.48 -17.53
C ILE F 279 -5.13 -27.39 -17.90
N VAL F 280 -5.59 -26.15 -18.00
CA VAL F 280 -4.72 -25.03 -18.36
C VAL F 280 -3.56 -24.95 -17.40
N ASN F 281 -2.35 -24.97 -17.94
CA ASN F 281 -1.14 -24.80 -17.13
C ASN F 281 -0.25 -23.68 -17.69
N ARG F 282 0.93 -23.52 -17.11
CA ARG F 282 1.82 -22.40 -17.47
C ARG F 282 2.20 -22.43 -18.95
N PHE F 283 2.51 -23.62 -19.46
CA PHE F 283 3.04 -23.79 -20.81
C PHE F 283 2.02 -23.34 -21.84
N MET F 284 0.76 -23.73 -21.65
CA MET F 284 -0.27 -23.36 -22.61
C MET F 284 -0.82 -21.93 -22.42
N ALA F 285 -0.58 -21.33 -21.27
CA ALA F 285 -0.99 -19.95 -21.01
C ALA F 285 0.01 -19.00 -21.67
N GLU F 286 1.27 -19.41 -21.71
CA GLU F 286 2.36 -18.58 -22.23
C GLU F 286 2.56 -18.76 -23.74
N MET F 287 2.50 -20.01 -24.21
CA MET F 287 2.85 -20.34 -25.60
C MET F 287 1.64 -20.70 -26.45
N GLY F 288 0.44 -20.59 -25.88
CA GLY F 288 -0.73 -21.25 -26.45
C GLY F 288 -2.01 -20.53 -26.11
N PRO F 289 -3.12 -21.24 -25.96
CA PRO F 289 -3.14 -22.72 -25.91
C PRO F 289 -2.99 -23.42 -27.27
N MET F 290 -3.36 -22.74 -28.34
CA MET F 290 -3.09 -23.25 -29.68
C MET F 290 -1.94 -22.42 -30.28
N ASN F 291 -0.99 -23.08 -30.94
CA ASN F 291 0.11 -22.41 -31.63
C ASN F 291 0.33 -23.00 -33.03
N GLU F 292 0.31 -22.14 -34.06
CA GLU F 292 0.56 -22.56 -35.47
C GLU F 292 1.95 -23.13 -35.67
N ALA F 293 2.89 -22.75 -34.80
CA ALA F 293 4.28 -23.15 -34.95
C ALA F 293 4.58 -24.58 -34.45
N VAL F 294 3.61 -25.28 -33.87
CA VAL F 294 3.85 -26.63 -33.37
C VAL F 294 4.01 -27.57 -34.56
N PRO F 295 4.96 -28.51 -34.49
CA PRO F 295 5.04 -29.57 -35.50
C PRO F 295 3.78 -30.45 -35.51
N ASP F 296 3.49 -31.06 -36.66
CA ASP F 296 2.33 -31.97 -36.76
C ASP F 296 2.41 -33.13 -35.79
N PHE F 297 1.26 -33.71 -35.50
CA PHE F 297 1.16 -34.89 -34.65
C PHE F 297 1.87 -36.08 -35.32
N PRO F 298 2.55 -36.94 -34.55
CA PRO F 298 2.75 -36.81 -33.09
C PRO F 298 4.19 -36.42 -32.72
N LEU F 299 4.81 -35.58 -33.54
CA LEU F 299 6.22 -35.25 -33.38
C LEU F 299 6.47 -34.31 -32.20
N ALA F 300 5.45 -33.54 -31.83
CA ALA F 300 5.63 -32.47 -30.83
C ALA F 300 6.10 -32.98 -29.46
N SER F 301 5.78 -34.24 -29.14
CA SER F 301 6.05 -34.78 -27.81
C SER F 301 7.52 -34.76 -27.42
N SER F 302 8.40 -35.00 -28.38
CA SER F 302 9.83 -35.10 -28.08
C SER F 302 10.46 -33.72 -27.91
N ALA F 303 9.79 -32.67 -28.38
CA ALA F 303 10.22 -31.31 -28.05
C ALA F 303 10.08 -30.99 -26.54
N VAL F 304 9.08 -31.57 -25.88
CA VAL F 304 8.76 -31.21 -24.48
C VAL F 304 8.86 -32.35 -23.48
N ALA F 305 9.29 -33.53 -23.92
CA ALA F 305 9.42 -34.67 -23.00
C ALA F 305 10.37 -34.34 -21.82
N GLY F 306 11.53 -33.77 -22.14
CA GLY F 306 12.52 -33.45 -21.12
C GLY F 306 12.06 -32.35 -20.15
N LEU F 307 11.41 -31.32 -20.66
CA LEU F 307 10.96 -30.21 -19.81
C LEU F 307 9.86 -30.69 -18.85
N ARG F 308 9.05 -31.65 -19.31
CA ARG F 308 8.09 -32.32 -18.45
C ARG F 308 8.75 -33.13 -17.32
N THR F 309 9.64 -34.04 -17.73
CA THR F 309 10.39 -34.87 -16.79
C THR F 309 11.06 -34.02 -15.71
N ALA F 310 11.76 -32.98 -16.14
CA ALA F 310 12.42 -32.07 -15.22
C ALA F 310 11.43 -31.32 -14.30
N ALA F 311 10.41 -30.69 -14.88
CA ALA F 311 9.38 -29.96 -14.08
C ALA F 311 8.65 -30.85 -13.06
N GLU F 312 8.12 -31.99 -13.49
CA GLU F 312 7.43 -32.90 -12.60
C GLU F 312 8.33 -33.32 -11.44
N ARG F 313 9.61 -33.47 -11.72
CA ARG F 313 10.59 -33.91 -10.72
C ARG F 313 10.70 -32.89 -9.59
N LEU F 314 10.57 -31.61 -9.93
CA LEU F 314 10.59 -30.55 -8.92
C LEU F 314 9.20 -30.27 -8.35
N GLY F 315 8.20 -31.02 -8.79
CA GLY F 315 6.82 -30.90 -8.26
C GLY F 315 5.98 -29.86 -8.97
N PHE F 316 6.24 -29.66 -10.25
CA PHE F 316 5.55 -28.65 -11.05
C PHE F 316 4.81 -29.32 -12.21
N TRP F 317 3.60 -28.87 -12.48
CA TRP F 317 2.81 -29.49 -13.53
C TRP F 317 2.70 -28.59 -14.74
N ASP F 318 3.67 -27.70 -14.86
CA ASP F 318 3.61 -26.60 -15.79
C ASP F 318 3.88 -27.03 -17.25
N PHE F 319 4.50 -28.19 -17.43
CA PHE F 319 4.77 -28.68 -18.79
C PHE F 319 4.25 -30.11 -18.93
N SER F 320 3.13 -30.37 -18.27
CA SER F 320 2.54 -31.69 -18.21
C SER F 320 1.24 -31.71 -19.02
N PRO F 321 1.07 -32.74 -19.87
CA PRO F 321 -0.22 -32.94 -20.51
C PRO F 321 -1.26 -33.48 -19.50
N LEU F 322 -2.13 -32.59 -19.03
CA LEU F 322 -3.06 -32.90 -17.94
C LEU F 322 -4.45 -33.08 -18.51
N TRP F 323 -4.60 -34.13 -19.30
CA TRP F 323 -5.85 -34.36 -19.97
C TRP F 323 -6.99 -34.47 -18.97
N CYS F 324 -8.12 -33.83 -19.30
CA CYS F 324 -9.24 -33.69 -18.36
C CYS F 324 -10.43 -33.10 -19.12
N GLY F 325 -11.62 -33.65 -18.89
CA GLY F 325 -12.86 -33.12 -19.47
C GLY F 325 -13.27 -31.79 -18.84
N GLN F 326 -14.37 -31.24 -19.33
CA GLN F 326 -14.88 -29.98 -18.80
C GLN F 326 -15.67 -30.18 -17.53
N ASN F 327 -15.72 -31.43 -17.05
CA ASN F 327 -16.38 -31.77 -15.79
C ASN F 327 -15.58 -32.79 -15.01
N ALA F 328 -14.82 -32.30 -14.02
CA ALA F 328 -13.94 -33.12 -13.22
C ALA F 328 -14.57 -33.46 -11.84
N SER F 329 -15.87 -33.20 -11.70
CA SER F 329 -16.55 -33.26 -10.40
C SER F 329 -16.94 -34.69 -10.00
N GLY F 330 -16.87 -35.62 -10.94
CA GLY F 330 -17.18 -37.03 -10.64
C GLY F 330 -15.99 -37.97 -10.46
N CYS F 331 -14.76 -37.46 -10.62
CA CYS F 331 -13.56 -38.19 -10.22
C CYS F 331 -13.64 -38.53 -8.74
N ARG F 332 -13.58 -39.80 -8.43
CA ARG F 332 -13.57 -40.19 -7.04
C ARG F 332 -12.55 -41.29 -6.86
N ALA F 333 -11.93 -41.29 -5.69
CA ALA F 333 -10.86 -42.21 -5.39
C ALA F 333 -11.44 -43.43 -4.71
N ILE F 334 -12.19 -44.21 -5.48
CA ILE F 334 -12.80 -45.45 -5.01
C ILE F 334 -12.47 -46.51 -6.06
N PRO F 335 -12.60 -47.81 -5.69
CA PRO F 335 -12.36 -48.85 -6.69
C PRO F 335 -13.19 -48.67 -7.96
N ALA F 336 -12.64 -49.05 -9.10
CA ALA F 336 -13.26 -48.77 -10.39
C ALA F 336 -14.60 -49.49 -10.60
N ALA F 337 -14.76 -50.65 -9.97
CA ALA F 337 -15.98 -51.43 -10.04
C ALA F 337 -17.09 -50.76 -9.24
N ASP F 338 -16.73 -50.21 -8.08
CA ASP F 338 -17.74 -49.54 -7.29
C ASP F 338 -18.19 -48.31 -8.05
N LEU F 339 -17.23 -47.64 -8.68
CA LEU F 339 -17.53 -46.49 -9.53
C LEU F 339 -18.42 -46.85 -10.71
N THR F 340 -18.06 -47.92 -11.41
CA THR F 340 -18.80 -48.39 -12.56
C THR F 340 -20.27 -48.67 -12.22
N ARG F 341 -20.50 -49.21 -11.03
CA ARG F 341 -21.86 -49.50 -10.55
C ARG F 341 -22.58 -48.21 -10.19
N SER F 342 -21.84 -47.28 -9.57
CA SER F 342 -22.35 -45.94 -9.30
C SER F 342 -23.00 -45.30 -10.51
N PHE F 343 -22.53 -45.62 -11.72
CA PHE F 343 -23.05 -44.98 -12.94
C PHE F 343 -24.42 -45.49 -13.40
N VAL F 344 -24.87 -46.59 -12.82
CA VAL F 344 -26.08 -47.24 -13.29
C VAL F 344 -27.29 -46.98 -12.39
N LEU F 345 -27.06 -46.35 -11.25
CA LEU F 345 -28.10 -46.14 -10.24
C LEU F 345 -29.36 -45.40 -10.72
N SER F 346 -29.33 -44.80 -11.90
CA SER F 346 -30.39 -43.86 -12.27
C SER F 346 -31.08 -44.22 -13.60
N LEU F 347 -30.84 -45.42 -14.12
CA LEU F 347 -31.44 -45.81 -15.40
C LEU F 347 -31.91 -47.27 -15.43
N PRO F 348 -32.87 -47.63 -14.56
CA PRO F 348 -33.28 -49.04 -14.57
C PRO F 348 -33.73 -49.52 -15.96
N SER F 349 -33.36 -50.75 -16.30
CA SER F 349 -33.51 -51.26 -17.68
C SER F 349 -34.96 -51.58 -18.00
N CYS G 3 30.91 25.99 -69.74
CA CYS G 3 31.37 27.27 -70.34
C CYS G 3 30.25 28.34 -70.33
N ARG G 4 29.08 27.98 -70.87
CA ARG G 4 27.92 28.87 -70.91
C ARG G 4 27.39 29.17 -69.50
N LEU G 5 27.14 28.12 -68.72
CA LEU G 5 26.33 28.23 -67.49
C LEU G 5 27.17 28.50 -66.23
N THR G 6 28.48 28.33 -66.32
CA THR G 6 29.38 28.86 -65.30
C THR G 6 29.39 30.38 -65.37
N ARG G 7 29.18 30.90 -66.58
CA ARG G 7 29.04 32.33 -66.81
C ARG G 7 27.63 32.84 -66.50
N LEU G 8 26.69 31.93 -66.27
CA LEU G 8 25.46 32.22 -65.51
C LEU G 8 25.78 32.09 -64.03
N PHE G 9 24.75 31.97 -63.19
CA PHE G 9 24.91 31.39 -61.84
C PHE G 9 25.90 32.17 -60.99
N GLY G 10 27.10 32.37 -61.54
CA GLY G 10 28.04 33.37 -61.00
C GLY G 10 29.19 32.69 -60.29
N ILE G 11 29.76 31.67 -60.92
CA ILE G 11 30.68 30.75 -60.26
C ILE G 11 31.90 30.50 -61.14
N GLU G 12 33.00 30.15 -60.50
CA GLU G 12 34.27 29.97 -61.19
C GLU G 12 34.32 28.63 -61.92
N PHE G 13 33.95 27.55 -61.22
CA PHE G 13 34.00 26.21 -61.81
C PHE G 13 32.59 25.67 -62.10
N PRO G 14 32.47 24.75 -63.08
CA PRO G 14 31.16 24.21 -63.43
C PRO G 14 30.86 22.89 -62.67
N ILE G 15 30.84 22.99 -61.34
CA ILE G 15 30.63 21.86 -60.47
C ILE G 15 29.53 22.26 -59.50
N ILE G 16 28.53 21.40 -59.34
CA ILE G 16 27.50 21.57 -58.32
C ILE G 16 27.58 20.42 -57.33
N GLN G 17 27.91 20.70 -56.08
CA GLN G 17 27.83 19.67 -55.06
C GLN G 17 26.38 19.27 -55.02
N ALA G 18 26.11 17.98 -55.12
CA ALA G 18 24.74 17.50 -55.09
C ALA G 18 24.13 17.82 -53.74
N PRO G 19 22.91 18.37 -53.73
CA PRO G 19 22.15 18.40 -52.48
C PRO G 19 21.75 17.00 -52.06
N MET G 20 22.11 16.61 -50.85
CA MET G 20 21.87 15.24 -50.40
C MET G 20 21.28 15.24 -49.00
N ALA G 21 19.96 15.14 -48.93
CA ALA G 21 19.28 15.28 -47.66
C ALA G 21 19.73 14.17 -46.74
N GLY G 22 20.13 14.53 -45.52
CA GLY G 22 20.44 13.56 -44.48
C GLY G 22 21.94 13.37 -44.24
N VAL G 23 22.75 13.73 -45.23
CA VAL G 23 24.19 13.53 -45.14
C VAL G 23 24.98 14.83 -45.23
N GLN G 24 24.30 15.96 -45.38
CA GLN G 24 24.98 17.23 -45.53
C GLN G 24 24.05 18.42 -45.26
N GLY G 25 24.63 19.49 -44.71
CA GLY G 25 23.99 20.82 -44.66
C GLY G 25 24.98 21.94 -44.97
N SER G 26 24.98 22.98 -44.12
CA SER G 26 25.62 24.25 -44.44
C SER G 26 27.14 24.10 -44.64
N ALA G 27 27.78 23.36 -43.74
CA ALA G 27 29.23 23.18 -43.80
C ALA G 27 29.69 22.83 -45.20
N LEU G 28 29.10 21.79 -45.78
CA LEU G 28 29.43 21.36 -47.16
C LEU G 28 29.09 22.43 -48.21
N ALA G 29 27.91 23.04 -48.10
CA ALA G 29 27.51 24.05 -49.06
C ALA G 29 28.51 25.18 -49.04
N ILE G 30 28.81 25.69 -47.83
CA ILE G 30 29.75 26.80 -47.65
C ILE G 30 31.05 26.48 -48.38
N ALA G 31 31.59 25.30 -48.06
CA ALA G 31 32.94 24.88 -48.50
C ALA G 31 33.03 24.81 -50.02
N VAL G 32 31.97 24.29 -50.64
CA VAL G 32 31.94 24.11 -52.09
C VAL G 32 31.85 25.45 -52.82
N SER G 33 30.96 26.33 -52.36
CA SER G 33 30.71 27.60 -53.05
C SER G 33 31.90 28.54 -52.91
N GLU G 34 32.38 28.69 -51.68
CA GLU G 34 33.65 29.35 -51.41
C GLU G 34 34.75 28.88 -52.36
N ALA G 35 34.88 27.57 -52.55
CA ALA G 35 35.97 27.03 -53.37
C ALA G 35 35.70 27.09 -54.88
N GLY G 36 34.64 27.78 -55.28
CA GLY G 36 34.48 28.21 -56.67
C GLY G 36 33.30 27.57 -57.35
N GLY G 37 32.96 26.34 -56.95
CA GLY G 37 31.80 25.65 -57.51
C GLY G 37 30.50 26.20 -56.97
N LEU G 38 29.40 25.46 -57.20
CA LEU G 38 28.09 25.80 -56.61
C LEU G 38 27.69 24.80 -55.54
N GLY G 39 27.66 25.25 -54.29
CA GLY G 39 27.28 24.41 -53.16
C GLY G 39 25.78 24.40 -52.95
N SER G 40 25.28 23.37 -52.26
CA SER G 40 23.85 23.10 -52.26
C SER G 40 23.37 22.68 -50.89
N LEU G 41 22.19 23.18 -50.53
CA LEU G 41 21.55 22.87 -49.26
C LEU G 41 20.28 22.05 -49.51
N PRO G 42 20.16 20.89 -48.86
CA PRO G 42 18.99 20.04 -49.08
C PRO G 42 17.89 20.32 -48.06
N CYS G 43 16.72 20.73 -48.55
CA CYS G 43 15.71 21.30 -47.67
C CYS G 43 14.48 20.42 -47.51
N ALA G 44 14.48 19.25 -48.14
CA ALA G 44 13.33 18.34 -48.05
C ALA G 44 12.99 17.98 -46.61
N MET G 45 14.01 17.62 -45.82
CA MET G 45 13.81 17.16 -44.43
C MET G 45 13.85 18.27 -43.37
N LEU G 46 14.10 19.50 -43.79
CA LEU G 46 14.25 20.61 -42.84
C LEU G 46 12.91 21.19 -42.41
N SER G 47 12.81 21.54 -41.13
CA SER G 47 11.73 22.41 -40.64
C SER G 47 12.02 23.85 -41.04
N LEU G 48 11.08 24.75 -40.75
CA LEU G 48 11.30 26.16 -41.08
C LEU G 48 12.31 26.84 -40.14
N GLU G 49 12.37 26.39 -38.89
CA GLU G 49 13.44 26.79 -37.97
C GLU G 49 14.80 26.44 -38.56
N ALA G 50 14.99 25.16 -38.87
CA ALA G 50 16.23 24.66 -39.48
C ALA G 50 16.55 25.36 -40.81
N LEU G 51 15.53 25.73 -41.56
CA LEU G 51 15.71 26.36 -42.87
C LEU G 51 16.36 27.74 -42.77
N GLU G 52 15.81 28.63 -41.95
CA GLU G 52 16.44 29.95 -41.67
C GLU G 52 17.80 29.79 -40.99
N ALA G 53 17.89 28.94 -39.97
CA ALA G 53 19.15 28.65 -39.29
C ALA G 53 20.31 28.37 -40.26
N GLU G 54 20.18 27.30 -41.05
CA GLU G 54 21.26 26.84 -41.94
C GLU G 54 21.48 27.80 -43.11
N LEU G 55 20.48 28.65 -43.40
CA LEU G 55 20.58 29.63 -44.50
C LEU G 55 21.36 30.90 -44.12
N THR G 56 21.16 31.39 -42.90
CA THR G 56 21.98 32.50 -42.38
C THR G 56 23.40 32.03 -42.02
N ALA G 57 23.53 30.75 -41.65
CA ALA G 57 24.86 30.14 -41.50
C ALA G 57 25.64 30.19 -42.81
N ILE G 58 24.96 29.93 -43.92
CA ILE G 58 25.59 30.00 -45.24
C ILE G 58 25.90 31.44 -45.62
N ARG G 59 24.93 32.33 -45.43
CA ARG G 59 25.12 33.76 -45.76
C ARG G 59 26.19 34.44 -44.90
N SER G 60 26.40 33.95 -43.69
CA SER G 60 27.44 34.48 -42.81
C SER G 60 28.84 34.07 -43.25
N GLN G 61 28.97 32.83 -43.74
CA GLN G 61 30.28 32.27 -44.10
C GLN G 61 30.61 32.49 -45.58
N THR G 62 29.59 32.74 -46.40
CA THR G 62 29.79 32.93 -47.85
C THR G 62 28.83 33.96 -48.39
N ALA G 63 29.31 34.80 -49.29
CA ALA G 63 28.42 35.57 -50.17
C ALA G 63 28.57 35.14 -51.63
N LYS G 64 29.24 34.00 -51.86
CA LYS G 64 29.22 33.35 -53.16
C LYS G 64 27.88 32.60 -53.35
N PRO G 65 27.51 32.29 -54.61
CA PRO G 65 26.14 31.84 -54.93
C PRO G 65 25.82 30.46 -54.38
N ILE G 66 24.56 30.25 -54.00
CA ILE G 66 24.10 29.00 -53.36
C ILE G 66 22.93 28.38 -54.15
N ASN G 67 22.73 27.07 -53.95
CA ASN G 67 21.57 26.38 -54.51
C ASN G 67 20.79 25.72 -53.39
N VAL G 68 19.48 25.96 -53.34
CA VAL G 68 18.60 25.33 -52.34
C VAL G 68 17.58 24.41 -53.00
N ASN G 69 17.41 23.22 -52.41
CA ASN G 69 16.82 22.09 -53.12
C ASN G 69 15.57 21.62 -52.38
N PHE G 70 14.47 21.43 -53.11
CA PHE G 70 13.25 20.87 -52.49
C PHE G 70 12.69 19.71 -53.30
N PHE G 71 11.81 18.94 -52.67
CA PHE G 71 10.90 18.06 -53.37
C PHE G 71 9.60 18.75 -53.72
N CYS G 72 8.99 18.34 -54.84
CA CYS G 72 7.62 18.72 -55.17
C CYS G 72 6.86 17.54 -55.78
N HIS G 73 6.64 16.52 -54.97
CA HIS G 73 6.08 15.25 -55.44
C HIS G 73 4.55 15.25 -55.40
N VAL G 77 -2.92 8.78 -49.65
CA VAL G 77 -4.13 7.95 -49.81
C VAL G 77 -4.26 6.95 -48.63
N ALA G 78 -4.44 5.66 -48.94
CA ALA G 78 -4.52 4.61 -47.89
C ALA G 78 -3.47 4.75 -46.78
N LYS G 82 -1.31 -0.09 -48.18
CA LYS G 82 -1.69 -0.34 -46.79
C LYS G 82 -0.46 -0.27 -45.88
N GLN G 83 -0.31 0.89 -45.22
CA GLN G 83 0.63 1.07 -44.12
C GLN G 83 0.53 -0.05 -43.08
N ALA G 84 -0.69 -0.33 -42.65
CA ALA G 84 -0.92 -1.27 -41.58
C ALA G 84 -0.39 -2.64 -41.95
N ALA G 85 -0.61 -3.05 -43.20
CA ALA G 85 -0.23 -4.42 -43.65
C ALA G 85 1.26 -4.53 -43.90
N TRP G 86 1.87 -3.39 -44.24
CA TRP G 86 3.30 -3.35 -44.52
C TRP G 86 4.08 -3.58 -43.23
N LEU G 87 3.72 -2.84 -42.17
CA LEU G 87 4.28 -3.09 -40.83
C LEU G 87 4.04 -4.53 -40.36
N GLU G 88 2.95 -5.14 -40.79
CA GLU G 88 2.69 -6.56 -40.50
C GLU G 88 3.73 -7.45 -41.19
N GLN G 89 4.13 -7.07 -42.40
CA GLN G 89 5.15 -7.84 -43.14
C GLN G 89 6.47 -7.85 -42.37
N LEU G 90 6.78 -6.72 -41.74
CA LEU G 90 8.06 -6.55 -41.06
C LEU G 90 8.04 -7.11 -39.65
N ALA G 91 7.15 -8.07 -39.41
CA ALA G 91 6.90 -8.56 -38.05
C ALA G 91 8.12 -9.32 -37.52
N PRO G 92 8.66 -10.26 -38.32
CA PRO G 92 9.88 -10.95 -37.86
C PRO G 92 11.04 -10.01 -37.48
N TYR G 93 11.21 -8.91 -38.22
CA TYR G 93 12.32 -7.98 -37.98
C TYR G 93 12.17 -7.22 -36.67
N PHE G 94 10.98 -6.66 -36.45
CA PHE G 94 10.66 -6.01 -35.16
C PHE G 94 10.97 -6.94 -33.98
N ALA G 95 10.53 -8.19 -34.07
CA ALA G 95 10.74 -9.19 -33.03
C ALA G 95 12.23 -9.48 -32.84
N GLU G 96 12.98 -9.55 -33.94
CA GLU G 96 14.43 -9.77 -33.86
C GLU G 96 15.16 -8.68 -33.07
N PHE G 97 14.69 -7.43 -33.18
CA PHE G 97 15.35 -6.29 -32.50
C PHE G 97 14.66 -5.82 -31.21
N ASN G 98 13.61 -6.54 -30.79
CA ASN G 98 12.84 -6.22 -29.58
C ASN G 98 12.23 -4.81 -29.61
N LEU G 99 11.12 -4.69 -30.35
CA LEU G 99 10.60 -3.38 -30.80
C LEU G 99 9.08 -3.49 -30.99
N ASP G 100 8.39 -2.35 -31.19
CA ASP G 100 6.98 -2.32 -31.65
C ASP G 100 6.73 -3.29 -32.83
N GLN G 109 10.97 11.04 -46.30
CA GLN G 109 11.70 12.20 -46.78
C GLN G 109 10.82 13.46 -47.02
N ARG G 110 9.69 13.57 -46.30
CA ARG G 110 9.08 14.89 -45.97
C ARG G 110 8.14 15.47 -47.05
N THR G 111 7.57 16.64 -46.78
CA THR G 111 6.42 17.17 -47.56
C THR G 111 6.83 18.23 -48.58
N PRO G 112 5.95 18.51 -49.58
CA PRO G 112 6.43 19.26 -50.75
C PRO G 112 6.51 20.77 -50.57
N TYR G 113 7.30 21.41 -51.43
CA TYR G 113 7.50 22.86 -51.38
C TYR G 113 6.16 23.58 -51.28
N SER G 114 6.10 24.55 -50.38
CA SER G 114 4.83 25.19 -50.02
C SER G 114 5.03 26.69 -49.89
N LYS G 115 3.92 27.42 -49.76
CA LYS G 115 3.97 28.87 -49.61
C LYS G 115 4.84 29.24 -48.41
N ALA G 116 4.76 28.43 -47.36
CA ALA G 116 5.43 28.73 -46.07
C ALA G 116 6.96 28.72 -46.21
N GLN G 117 7.45 27.88 -47.12
CA GLN G 117 8.89 27.71 -47.33
C GLN G 117 9.39 28.78 -48.30
N ALA G 118 8.48 29.34 -49.10
CA ALA G 118 8.78 30.50 -49.94
C ALA G 118 8.88 31.81 -49.14
N GLU G 119 8.02 31.97 -48.14
CA GLU G 119 8.12 33.12 -47.22
C GLU G 119 9.52 33.21 -46.60
N VAL G 120 10.01 32.08 -46.10
CA VAL G 120 11.37 31.99 -45.58
C VAL G 120 12.43 32.28 -46.66
N LEU G 121 12.25 31.67 -47.83
CA LEU G 121 13.26 31.71 -48.89
C LEU G 121 13.36 33.09 -49.58
N ALA G 122 12.33 33.92 -49.47
CA ALA G 122 12.36 35.27 -50.04
C ALA G 122 13.25 36.22 -49.22
N LYS G 123 13.30 36.02 -47.91
CA LYS G 123 14.24 36.75 -47.04
C LYS G 123 15.68 36.66 -47.56
N PHE G 124 16.05 35.51 -48.14
CA PHE G 124 17.43 35.25 -48.56
C PHE G 124 17.64 35.35 -50.07
N LYS G 125 16.59 35.09 -50.84
CA LYS G 125 16.64 35.17 -52.31
C LYS G 125 17.86 34.43 -52.88
N PRO G 126 17.83 33.08 -52.85
CA PRO G 126 18.99 32.25 -53.22
C PRO G 126 19.28 32.28 -54.72
N GLU G 127 20.56 32.21 -55.08
CA GLU G 127 20.96 32.35 -56.49
C GLU G 127 20.27 31.29 -57.37
N VAL G 128 20.22 30.04 -56.90
CA VAL G 128 19.56 28.94 -57.62
C VAL G 128 18.57 28.18 -56.74
N VAL G 129 17.44 27.78 -57.33
CA VAL G 129 16.55 26.79 -56.70
C VAL G 129 16.41 25.56 -57.59
N SER G 130 16.66 24.38 -57.02
CA SER G 130 16.54 23.11 -57.74
C SER G 130 15.36 22.34 -57.18
N PHE G 131 14.69 21.59 -58.04
CA PHE G 131 13.58 20.75 -57.60
C PHE G 131 13.78 19.29 -58.01
N HIS G 132 13.43 18.37 -57.12
CA HIS G 132 13.34 16.95 -57.43
C HIS G 132 11.87 16.51 -57.55
N PHE G 133 11.63 15.58 -58.48
CA PHE G 133 10.28 15.14 -58.83
C PHE G 133 9.45 16.22 -59.54
N GLY G 134 10.08 17.01 -60.41
CA GLY G 134 9.35 17.90 -61.30
C GLY G 134 9.43 19.37 -60.91
N LEU G 135 8.31 20.08 -61.06
CA LEU G 135 8.25 21.51 -60.78
C LEU G 135 7.04 21.78 -59.89
N PRO G 136 7.13 22.78 -59.00
CA PRO G 136 5.94 23.14 -58.22
C PRO G 136 4.88 23.84 -59.08
N ASP G 137 3.66 24.02 -58.55
CA ASP G 137 2.56 24.68 -59.29
C ASP G 137 3.01 26.03 -59.88
N GLU G 138 2.40 26.43 -60.99
CA GLU G 138 2.97 27.48 -61.85
C GLU G 138 3.19 28.82 -61.13
N GLU G 139 2.30 29.16 -60.19
CA GLU G 139 2.39 30.44 -59.48
C GLU G 139 3.64 30.55 -58.59
N LEU G 140 4.10 29.41 -58.08
CA LEU G 140 5.16 29.36 -57.06
C LEU G 140 6.56 29.59 -57.63
N LEU G 141 6.77 29.23 -58.90
CA LEU G 141 8.04 29.52 -59.55
C LEU G 141 8.01 30.87 -60.28
N LEU G 142 6.82 31.43 -60.48
CA LEU G 142 6.68 32.86 -60.74
C LEU G 142 7.36 33.68 -59.63
N GLU G 143 7.09 33.30 -58.37
CA GLU G 143 7.61 33.99 -57.18
C GLU G 143 9.12 33.76 -56.97
N ILE G 144 9.62 32.61 -57.43
CA ILE G 144 11.06 32.35 -57.37
C ILE G 144 11.78 33.15 -58.45
N LYS G 145 11.34 33.00 -59.69
CA LYS G 145 11.89 33.78 -60.79
C LYS G 145 11.95 35.27 -60.40
N SER G 146 10.87 35.76 -59.79
CA SER G 146 10.81 37.14 -59.33
C SER G 146 12.09 37.63 -58.65
N TRP G 147 12.69 36.80 -57.79
CA TRP G 147 13.88 37.22 -57.02
C TRP G 147 15.15 37.26 -57.87
N GLY G 148 15.07 36.77 -59.11
CA GLY G 148 16.24 36.65 -59.97
C GLY G 148 16.94 35.31 -59.84
N SER G 149 16.34 34.38 -59.10
CA SER G 149 16.82 33.00 -59.06
C SER G 149 16.75 32.35 -60.44
N LYS G 150 17.74 31.51 -60.75
CA LYS G 150 17.61 30.49 -61.80
C LYS G 150 16.91 29.23 -61.25
N VAL G 151 16.06 28.62 -62.08
CA VAL G 151 15.32 27.42 -61.68
C VAL G 151 15.84 26.20 -62.45
N ILE G 152 16.06 25.10 -61.73
CA ILE G 152 16.52 23.86 -62.32
C ILE G 152 15.85 22.63 -61.70
N SER G 153 15.78 21.55 -62.47
CA SER G 153 15.10 20.33 -62.07
C SER G 153 15.67 19.11 -62.78
N THR G 154 15.37 17.93 -62.24
CA THR G 154 15.98 16.70 -62.70
C THR G 154 15.06 16.09 -63.75
N ALA G 155 15.60 15.79 -64.93
CA ALA G 155 14.95 14.88 -65.89
C ALA G 155 15.64 13.52 -65.88
N THR G 156 14.84 12.46 -65.98
CA THR G 156 15.39 11.11 -66.15
C THR G 156 15.12 10.56 -67.56
N THR G 157 14.40 11.33 -68.37
CA THR G 157 14.13 10.95 -69.76
C THR G 157 14.15 12.21 -70.60
N VAL G 158 14.24 12.06 -71.91
CA VAL G 158 14.15 13.21 -72.82
C VAL G 158 12.77 13.86 -72.69
N GLU G 159 11.73 13.06 -72.58
CA GLU G 159 10.37 13.60 -72.44
C GLU G 159 10.29 14.48 -71.21
N GLU G 160 10.94 14.09 -70.13
CA GLU G 160 10.89 14.90 -68.92
C GLU G 160 11.69 16.18 -69.11
N ALA G 161 12.79 16.09 -69.85
CA ALA G 161 13.61 17.25 -70.15
C ALA G 161 12.83 18.32 -70.95
N LEU G 162 12.07 17.89 -71.94
CA LEU G 162 11.26 18.78 -72.76
C LEU G 162 10.05 19.36 -72.00
N TRP G 163 9.43 18.54 -71.15
CA TRP G 163 8.42 19.04 -70.22
C TRP G 163 8.99 20.14 -69.33
N LEU G 164 10.21 19.93 -68.83
CA LEU G 164 10.82 20.90 -67.92
C LEU G 164 11.15 22.20 -68.65
N GLU G 165 11.66 22.07 -69.87
CA GLU G 165 11.97 23.26 -70.70
C GLU G 165 10.70 24.04 -71.04
N ALA G 166 9.65 23.32 -71.44
CA ALA G 166 8.36 23.95 -71.74
C ALA G 166 7.84 24.86 -70.62
N ARG G 167 8.06 24.48 -69.36
CA ARG G 167 7.60 25.30 -68.22
C ARG G 167 8.65 26.29 -67.73
N GLY G 168 9.59 26.65 -68.61
CA GLY G 168 10.62 27.63 -68.26
C GLY G 168 11.50 27.28 -67.07
N ALA G 169 12.13 26.10 -67.11
CA ALA G 169 13.36 25.88 -66.34
C ALA G 169 14.51 26.55 -67.06
N ASP G 170 15.53 26.94 -66.31
CA ASP G 170 16.69 27.61 -66.89
C ASP G 170 17.81 26.62 -67.19
N ALA G 171 17.79 25.48 -66.53
CA ALA G 171 18.65 24.37 -66.90
C ALA G 171 17.99 23.07 -66.53
N ILE G 172 18.53 21.98 -67.06
CA ILE G 172 18.06 20.65 -66.72
C ILE G 172 19.19 19.82 -66.10
N ILE G 173 18.88 19.10 -65.00
CA ILE G 173 19.76 18.04 -64.54
C ILE G 173 19.37 16.71 -65.17
N ALA G 174 20.22 16.27 -66.11
CA ALA G 174 20.09 14.95 -66.74
C ALA G 174 20.63 13.90 -65.80
N GLN G 175 19.73 13.27 -65.02
CA GLN G 175 20.10 12.27 -64.00
C GLN G 175 20.11 10.83 -64.55
N GLY G 176 21.30 10.30 -64.83
CA GLY G 176 21.44 8.93 -65.31
C GLY G 176 21.19 7.90 -64.22
N LEU G 177 20.99 6.65 -64.63
CA LEU G 177 20.70 5.57 -63.69
C LEU G 177 21.87 5.24 -62.76
N GLU G 178 23.07 5.67 -63.15
CA GLU G 178 24.27 5.49 -62.33
C GLU G 178 24.13 6.28 -61.03
N ALA G 179 23.27 7.30 -61.04
CA ALA G 179 23.19 8.26 -59.94
C ALA G 179 22.84 7.61 -58.59
N GLY G 180 23.40 8.16 -57.52
CA GLY G 180 22.98 7.78 -56.17
C GLY G 180 21.73 8.54 -55.73
N GLY G 181 21.00 7.96 -54.79
CA GLY G 181 19.78 8.61 -54.29
C GLY G 181 18.52 8.24 -55.05
N HIS G 182 17.43 8.91 -54.73
CA HIS G 182 16.15 8.72 -55.43
C HIS G 182 16.25 9.06 -56.91
N ARG G 183 15.69 8.20 -57.75
CA ARG G 183 15.36 8.59 -59.12
C ARG G 183 14.45 9.80 -59.06
N GLY G 184 14.76 10.83 -59.87
CA GLY G 184 13.98 12.07 -59.90
C GLY G 184 12.83 12.10 -60.90
N HIS G 185 12.43 10.93 -61.38
CA HIS G 185 11.45 10.83 -62.47
C HIS G 185 10.08 11.27 -61.99
N PHE G 186 9.27 11.79 -62.89
CA PHE G 186 7.95 12.27 -62.49
C PHE G 186 6.82 12.07 -63.51
N LEU G 187 7.14 11.82 -64.79
CA LEU G 187 6.09 11.58 -65.80
C LEU G 187 5.67 10.12 -65.98
N SER G 188 6.51 9.18 -65.58
CA SER G 188 6.16 7.75 -65.64
C SER G 188 6.75 6.98 -64.46
N GLU G 189 6.07 5.91 -64.06
CA GLU G 189 6.61 4.99 -63.08
C GLU G 189 7.46 3.90 -63.73
N ASP G 190 7.48 3.84 -65.07
CA ASP G 190 8.20 2.76 -65.76
C ASP G 190 9.70 3.04 -65.73
N LEU G 191 10.41 2.27 -64.92
CA LEU G 191 11.85 2.44 -64.79
C LEU G 191 12.63 1.96 -66.03
N THR G 192 12.01 1.10 -66.82
CA THR G 192 12.58 0.62 -68.08
C THR G 192 12.78 1.80 -69.04
N GLU G 193 12.04 2.88 -68.83
CA GLU G 193 12.19 4.09 -69.67
C GLU G 193 13.38 4.96 -69.31
N GLN G 194 14.05 4.65 -68.20
CA GLN G 194 15.21 5.44 -67.80
C GLN G 194 16.53 4.89 -68.36
N LEU G 195 17.57 5.74 -68.32
CA LEU G 195 18.76 5.61 -69.18
C LEU G 195 20.02 5.82 -68.35
N GLY G 196 21.09 5.12 -68.72
CA GLY G 196 22.41 5.44 -68.20
C GLY G 196 22.91 6.81 -68.65
N THR G 197 23.80 7.40 -67.88
CA THR G 197 24.33 8.72 -68.16
C THR G 197 24.90 8.84 -69.58
N PHE G 198 25.65 7.84 -70.01
CA PHE G 198 26.27 7.86 -71.34
C PHE G 198 25.29 8.03 -72.50
N SER G 199 24.07 7.58 -72.34
CA SER G 199 23.08 7.71 -73.40
C SER G 199 22.09 8.81 -73.10
N LEU G 200 21.77 8.99 -71.83
CA LEU G 200 20.81 10.01 -71.43
C LEU G 200 21.32 11.42 -71.74
N LEU G 201 22.56 11.72 -71.35
CA LEU G 201 23.11 13.06 -71.47
C LEU G 201 23.10 13.56 -72.91
N PRO G 202 23.73 12.83 -73.84
CA PRO G 202 23.77 13.38 -75.22
C PRO G 202 22.38 13.54 -75.86
N GLN G 203 21.42 12.71 -75.47
CA GLN G 203 20.11 12.75 -76.10
C GLN G 203 19.24 13.82 -75.49
N ILE G 204 19.39 14.08 -74.19
CA ILE G 204 18.79 15.30 -73.62
C ILE G 204 19.38 16.57 -74.23
N ILE G 205 20.67 16.55 -74.55
CA ILE G 205 21.32 17.71 -75.14
C ILE G 205 20.84 17.96 -76.58
N ALA G 206 20.74 16.91 -77.39
CA ALA G 206 20.16 17.03 -78.72
C ALA G 206 18.73 17.58 -78.71
N ALA G 207 17.99 17.28 -77.65
CA ALA G 207 16.55 17.56 -77.59
C ALA G 207 16.21 19.00 -77.21
N VAL G 208 16.99 19.61 -76.32
CA VAL G 208 16.58 20.88 -75.69
C VAL G 208 17.55 22.03 -76.01
N GLU G 209 17.01 23.25 -76.01
CA GLU G 209 17.82 24.46 -76.21
C GLU G 209 18.61 24.84 -74.95
N ILE G 210 18.02 24.70 -73.77
CA ILE G 210 18.65 25.22 -72.56
C ILE G 210 19.86 24.35 -72.13
N PRO G 211 20.70 24.86 -71.22
CA PRO G 211 21.86 24.07 -70.80
C PRO G 211 21.55 22.88 -69.87
N VAL G 212 22.48 21.93 -69.81
CA VAL G 212 22.22 20.62 -69.21
C VAL G 212 23.31 20.28 -68.22
N ILE G 213 22.90 19.78 -67.07
CA ILE G 213 23.82 19.35 -66.04
C ILE G 213 23.89 17.82 -66.02
N ALA G 214 25.10 17.27 -65.93
CA ALA G 214 25.31 15.83 -65.94
C ALA G 214 25.41 15.25 -64.53
N ALA G 215 24.49 14.34 -64.20
CA ALA G 215 24.52 13.57 -62.96
C ALA G 215 24.23 12.10 -63.29
N GLY G 216 24.71 11.16 -62.49
CA GLY G 216 26.05 11.13 -61.99
C GLY G 216 26.71 9.84 -62.44
N GLY G 217 27.51 9.26 -61.54
CA GLY G 217 28.74 8.60 -61.92
C GLY G 217 29.88 9.55 -62.27
N ILE G 218 29.71 10.84 -61.99
CA ILE G 218 30.80 11.81 -62.11
C ILE G 218 31.54 11.94 -60.78
N VAL G 219 32.76 11.42 -60.73
CA VAL G 219 33.49 11.17 -59.48
C VAL G 219 34.93 11.72 -59.43
N ASP G 220 35.56 11.89 -60.59
CA ASP G 220 36.93 12.39 -60.68
C ASP G 220 37.05 13.28 -61.91
N ALA G 221 38.26 13.80 -62.14
CA ALA G 221 38.52 14.72 -63.26
C ALA G 221 38.30 14.06 -64.62
N THR G 222 38.52 12.75 -64.68
CA THR G 222 38.31 11.98 -65.90
C THR G 222 36.82 11.88 -66.27
N THR G 223 35.98 11.55 -65.29
CA THR G 223 34.55 11.49 -65.57
C THR G 223 34.00 12.90 -65.77
N VAL G 224 34.60 13.90 -65.13
CA VAL G 224 34.14 15.28 -65.34
C VAL G 224 34.49 15.75 -66.76
N ARG G 225 35.67 15.38 -67.21
CA ARG G 225 36.13 15.79 -68.53
C ARG G 225 35.27 15.11 -69.61
N ALA G 226 34.98 13.82 -69.42
CA ALA G 226 34.15 13.06 -70.34
C ALA G 226 32.73 13.64 -70.48
N ALA G 227 32.11 13.91 -69.33
CA ALA G 227 30.81 14.57 -69.28
C ALA G 227 30.77 15.94 -69.99
N MET G 228 31.83 16.74 -69.83
CA MET G 228 31.92 18.03 -70.54
C MET G 228 32.14 17.82 -72.03
N THR G 229 32.96 16.82 -72.39
CA THR G 229 33.15 16.41 -73.80
C THR G 229 31.82 16.14 -74.57
N MET G 230 30.78 15.68 -73.87
CA MET G 230 29.48 15.39 -74.48
C MET G 230 28.61 16.63 -74.63
N GLY G 231 29.11 17.78 -74.20
CA GLY G 231 28.39 19.04 -74.32
C GLY G 231 27.57 19.39 -73.09
N ALA G 232 27.89 18.79 -71.94
CA ALA G 232 27.28 19.24 -70.69
C ALA G 232 27.81 20.62 -70.32
N SER G 233 26.92 21.49 -69.82
CA SER G 233 27.33 22.82 -69.36
C SER G 233 27.92 22.80 -67.94
N ALA G 234 27.62 21.76 -67.18
CA ALA G 234 28.21 21.55 -65.86
C ALA G 234 27.99 20.09 -65.41
N VAL G 235 28.45 19.78 -64.21
CA VAL G 235 28.24 18.46 -63.63
C VAL G 235 27.80 18.59 -62.20
N GLN G 236 26.89 17.72 -61.81
CA GLN G 236 26.43 17.67 -60.43
C GLN G 236 27.04 16.41 -59.84
N VAL G 237 27.62 16.55 -58.65
CA VAL G 237 28.43 15.51 -58.05
C VAL G 237 27.99 15.24 -56.62
N GLY G 238 27.63 13.98 -56.32
CA GLY G 238 27.07 13.63 -55.00
C GLY G 238 27.92 12.62 -54.22
N THR G 239 27.84 11.36 -54.63
CA THR G 239 28.54 10.25 -53.99
C THR G 239 30.01 10.58 -53.62
N ALA G 240 30.72 11.23 -54.55
CA ALA G 240 32.14 11.49 -54.37
C ALA G 240 32.45 12.44 -53.19
N TYR G 241 31.46 13.20 -52.72
CA TYR G 241 31.64 14.09 -51.55
C TYR G 241 31.41 13.37 -50.20
N LEU G 242 30.90 12.13 -50.23
CA LEU G 242 30.34 11.52 -49.01
C LEU G 242 31.35 11.23 -47.87
N LEU G 243 32.65 11.18 -48.18
CA LEU G 243 33.68 10.99 -47.15
C LEU G 243 34.28 12.31 -46.64
N CYS G 244 33.93 13.41 -47.29
CA CYS G 244 34.44 14.70 -46.89
C CYS G 244 34.05 14.97 -45.43
N PRO G 245 34.99 15.50 -44.62
CA PRO G 245 34.73 15.82 -43.21
C PRO G 245 33.53 16.76 -42.99
N GLU G 246 33.20 17.58 -43.99
CA GLU G 246 32.03 18.47 -43.92
C GLU G 246 30.66 17.79 -44.21
N CYS G 247 30.64 16.51 -44.61
CA CYS G 247 29.41 15.70 -44.66
C CYS G 247 29.15 15.07 -43.30
N ASN G 248 27.89 14.97 -42.88
CA ASN G 248 27.53 14.18 -41.68
C ASN G 248 27.19 12.72 -42.02
N THR G 249 27.72 12.20 -43.12
CA THR G 249 27.53 10.82 -43.46
C THR G 249 27.86 10.01 -42.22
N SER G 250 26.96 9.10 -41.84
CA SER G 250 27.17 8.33 -40.63
C SER G 250 28.38 7.43 -40.79
N ALA G 251 28.90 6.91 -39.67
CA ALA G 251 30.10 6.05 -39.66
C ALA G 251 29.89 4.78 -40.47
N ILE G 252 28.71 4.21 -40.36
CA ILE G 252 28.45 2.91 -40.93
C ILE G 252 28.20 3.07 -42.43
N HIS G 253 27.62 4.20 -42.79
CA HIS G 253 27.50 4.60 -44.19
C HIS G 253 28.90 4.75 -44.78
N ARG G 254 29.77 5.43 -44.05
CA ARG G 254 31.16 5.62 -44.50
C ARG G 254 31.90 4.28 -44.65
N GLU G 255 31.69 3.38 -43.71
CA GLU G 255 32.29 2.06 -43.74
C GLU G 255 31.78 1.31 -44.94
N ALA G 256 30.48 1.42 -45.21
CA ALA G 256 29.92 0.74 -46.39
C ALA G 256 30.48 1.32 -47.67
N LEU G 257 30.62 2.64 -47.72
CA LEU G 257 31.20 3.29 -48.90
C LEU G 257 32.60 2.80 -49.25
N GLN G 258 33.35 2.34 -48.25
CA GLN G 258 34.75 2.01 -48.43
C GLN G 258 35.03 0.50 -48.38
N SER G 259 33.98 -0.29 -48.19
CA SER G 259 34.06 -1.73 -48.34
C SER G 259 33.93 -2.08 -49.82
N ASP G 260 34.21 -3.33 -50.17
CA ASP G 260 33.99 -3.77 -51.56
C ASP G 260 32.49 -3.94 -51.89
N ALA G 261 31.65 -4.00 -50.84
CA ALA G 261 30.19 -4.06 -51.02
C ALA G 261 29.59 -2.86 -51.77
N ALA G 262 30.29 -1.72 -51.76
CA ALA G 262 29.86 -0.50 -52.45
C ALA G 262 29.68 -0.66 -53.94
N GLN G 263 30.43 -1.59 -54.51
CA GLN G 263 30.35 -1.87 -55.94
C GLN G 263 29.00 -2.43 -56.36
N HIS G 264 28.32 -3.12 -55.44
CA HIS G 264 26.99 -3.65 -55.73
C HIS G 264 25.90 -2.72 -55.16
N THR G 265 25.30 -1.89 -56.03
CA THR G 265 24.13 -1.12 -55.66
C THR G 265 22.88 -1.56 -56.43
N ALA G 266 21.72 -1.15 -55.92
CA ALA G 266 20.42 -1.41 -56.56
C ALA G 266 19.41 -0.29 -56.29
N LEU G 267 18.47 -0.12 -57.22
CA LEU G 267 17.23 0.62 -56.95
C LEU G 267 16.33 -0.14 -55.98
N THR G 268 15.96 0.52 -54.89
CA THR G 268 15.00 -0.02 -53.94
C THR G 268 13.99 1.04 -53.54
N ASN G 269 12.77 0.58 -53.25
CA ASN G 269 11.69 1.44 -52.78
C ASN G 269 11.34 1.13 -51.33
N LEU G 270 12.15 0.28 -50.70
CA LEU G 270 11.89 -0.25 -49.37
C LEU G 270 11.98 0.80 -48.25
N PHE G 271 12.80 1.83 -48.44
CA PHE G 271 13.10 2.75 -47.35
C PHE G 271 12.22 3.96 -47.38
N SER G 272 11.91 4.44 -48.57
CA SER G 272 11.14 5.67 -48.73
C SER G 272 9.77 5.47 -49.36
N GLY G 273 9.63 4.46 -50.22
CA GLY G 273 8.43 4.33 -51.05
C GLY G 273 8.61 4.66 -52.52
N ARG G 274 9.70 5.36 -52.85
CA ARG G 274 10.11 5.60 -54.25
C ARG G 274 11.46 4.97 -54.52
N PRO G 275 11.68 4.45 -55.74
CA PRO G 275 12.98 3.84 -56.00
C PRO G 275 14.13 4.80 -55.71
N ALA G 276 15.14 4.31 -54.99
CA ALA G 276 16.41 5.02 -54.82
C ALA G 276 17.61 4.06 -54.88
N ARG G 277 18.76 4.55 -55.34
CA ARG G 277 19.94 3.70 -55.46
C ARG G 277 20.71 3.67 -54.17
N GLY G 278 20.85 2.48 -53.60
CA GLY G 278 21.68 2.29 -52.40
C GLY G 278 22.57 1.07 -52.53
N ILE G 279 23.60 1.00 -51.69
CA ILE G 279 24.42 -0.19 -51.55
C ILE G 279 23.57 -1.34 -51.03
N VAL G 280 23.68 -2.51 -51.65
CA VAL G 280 22.79 -3.61 -51.32
C VAL G 280 23.11 -4.18 -49.94
N ASN G 281 22.07 -4.34 -49.12
CA ASN G 281 22.19 -4.79 -47.75
C ASN G 281 21.05 -5.75 -47.39
N ARG G 282 21.02 -6.28 -46.16
CA ARG G 282 20.13 -7.39 -45.82
C ARG G 282 18.68 -7.09 -46.17
N PHE G 283 18.19 -5.94 -45.70
CA PHE G 283 16.78 -5.59 -45.87
C PHE G 283 16.39 -5.66 -47.34
N MET G 284 17.19 -5.02 -48.20
CA MET G 284 17.02 -5.07 -49.67
C MET G 284 17.06 -6.50 -50.27
N ALA G 285 18.02 -7.32 -49.88
CA ALA G 285 18.22 -8.64 -50.46
C ALA G 285 17.08 -9.59 -50.09
N GLU G 286 16.45 -9.32 -48.96
CA GLU G 286 15.46 -10.24 -48.41
C GLU G 286 14.05 -9.82 -48.80
N MET G 287 13.81 -8.51 -48.95
CA MET G 287 12.46 -7.96 -49.08
C MET G 287 12.24 -7.20 -50.41
N GLY G 288 13.21 -7.27 -51.31
CA GLY G 288 13.25 -6.36 -52.46
C GLY G 288 14.25 -6.86 -53.48
N PRO G 289 15.00 -5.96 -54.14
CA PRO G 289 15.11 -4.53 -53.78
C PRO G 289 13.85 -3.71 -54.01
N MET G 290 13.01 -4.16 -54.96
CA MET G 290 11.70 -3.54 -55.18
C MET G 290 10.60 -4.44 -54.67
N ASN G 291 9.49 -3.84 -54.23
CA ASN G 291 8.42 -4.57 -53.56
C ASN G 291 7.13 -3.75 -53.65
N GLU G 292 6.06 -4.36 -54.15
CA GLU G 292 4.80 -3.66 -54.44
C GLU G 292 4.04 -3.28 -53.18
N ALA G 293 4.29 -4.02 -52.10
CA ALA G 293 3.57 -3.86 -50.84
C ALA G 293 3.94 -2.56 -50.10
N VAL G 294 5.05 -1.95 -50.50
CA VAL G 294 5.55 -0.76 -49.83
C VAL G 294 4.62 0.44 -50.06
N PRO G 295 4.19 1.11 -48.98
CA PRO G 295 3.41 2.33 -49.12
C PRO G 295 4.04 3.39 -50.02
N ASP G 296 3.20 4.27 -50.56
CA ASP G 296 3.69 5.28 -51.47
C ASP G 296 4.55 6.30 -50.74
N PHE G 297 5.47 6.90 -51.50
CA PHE G 297 6.35 7.94 -51.00
C PHE G 297 5.51 9.10 -50.49
N PRO G 298 5.83 9.65 -49.31
CA PRO G 298 7.02 9.31 -48.52
C PRO G 298 6.70 8.65 -47.18
N LEU G 299 5.69 7.79 -47.16
CA LEU G 299 5.17 7.30 -45.88
C LEU G 299 6.01 6.12 -45.38
N ALA G 300 6.71 5.43 -46.27
CA ALA G 300 7.35 4.16 -45.91
C ALA G 300 8.50 4.33 -44.94
N SER G 301 9.10 5.54 -44.91
CA SER G 301 10.10 5.91 -43.91
C SER G 301 9.74 5.42 -42.51
N SER G 302 8.51 5.70 -42.09
CA SER G 302 8.17 5.59 -40.68
C SER G 302 7.84 4.15 -40.29
N ALA G 303 7.82 3.25 -41.26
CA ALA G 303 7.80 1.82 -40.97
C ALA G 303 9.17 1.27 -40.54
N VAL G 304 10.24 1.82 -41.09
CA VAL G 304 11.58 1.21 -40.95
C VAL G 304 12.62 2.07 -40.21
N ALA G 305 12.22 3.27 -39.78
CA ALA G 305 13.11 4.21 -39.10
C ALA G 305 13.53 3.71 -37.71
N GLY G 306 12.60 3.06 -37.02
CA GLY G 306 12.91 2.40 -35.76
C GLY G 306 13.97 1.33 -35.98
N LEU G 307 13.71 0.43 -36.93
CA LEU G 307 14.63 -0.67 -37.23
C LEU G 307 16.02 -0.18 -37.65
N ARG G 308 16.07 0.97 -38.31
CA ARG G 308 17.34 1.60 -38.65
C ARG G 308 18.21 1.92 -37.43
N THR G 309 17.68 2.71 -36.50
CA THR G 309 18.44 3.06 -35.31
C THR G 309 18.78 1.81 -34.51
N ALA G 310 17.82 0.89 -34.36
CA ALA G 310 18.06 -0.33 -33.62
C ALA G 310 19.21 -1.18 -34.19
N ALA G 311 19.35 -1.19 -35.52
CA ALA G 311 20.37 -2.05 -36.18
C ALA G 311 21.72 -1.35 -36.31
N GLU G 312 21.73 -0.03 -36.47
CA GLU G 312 22.96 0.75 -36.46
C GLU G 312 23.59 0.82 -35.06
N ARG G 313 22.78 0.97 -34.02
CA ARG G 313 23.27 0.78 -32.64
C ARG G 313 24.17 -0.46 -32.44
N LEU G 314 23.95 -1.50 -33.25
CA LEU G 314 24.71 -2.74 -33.12
C LEU G 314 25.76 -2.95 -34.21
N GLY G 315 26.07 -1.91 -34.95
CA GLY G 315 27.05 -1.98 -36.04
C GLY G 315 26.57 -2.71 -37.29
N PHE G 316 25.26 -2.90 -37.44
CA PHE G 316 24.70 -3.50 -38.65
C PHE G 316 24.24 -2.42 -39.61
N TRP G 317 24.50 -2.61 -40.89
CA TRP G 317 23.90 -1.74 -41.86
C TRP G 317 22.67 -2.32 -42.56
N ASP G 318 22.06 -3.31 -41.93
CA ASP G 318 20.92 -4.05 -42.50
C ASP G 318 19.72 -3.19 -42.84
N PHE G 319 19.50 -2.11 -42.09
CA PHE G 319 18.31 -1.30 -42.28
C PHE G 319 18.62 0.16 -42.57
N SER G 320 19.85 0.41 -43.03
CA SER G 320 20.27 1.74 -43.41
C SER G 320 20.05 1.94 -44.89
N PRO G 321 19.49 3.10 -45.27
CA PRO G 321 19.55 3.52 -46.67
C PRO G 321 20.96 4.01 -47.01
N LEU G 322 21.74 3.16 -47.65
CA LEU G 322 23.11 3.47 -48.00
C LEU G 322 23.16 4.07 -49.40
N TRP G 323 22.63 5.28 -49.53
CA TRP G 323 22.56 5.91 -50.85
C TRP G 323 23.96 6.06 -51.40
N CYS G 324 24.13 5.67 -52.65
CA CYS G 324 25.45 5.67 -53.28
C CYS G 324 25.25 5.46 -54.77
N GLY G 325 26.08 6.07 -55.60
CA GLY G 325 26.02 5.85 -57.03
C GLY G 325 26.73 4.57 -57.44
N GLN G 326 26.70 4.30 -58.74
CA GLN G 326 27.36 3.10 -59.30
C GLN G 326 28.88 3.22 -59.39
N ASN G 327 29.44 4.37 -58.99
CA ASN G 327 30.88 4.52 -58.94
C ASN G 327 31.30 5.14 -57.61
N ALA G 328 31.82 4.30 -56.72
CA ALA G 328 32.19 4.76 -55.37
C ALA G 328 33.68 5.13 -55.26
N SER G 329 34.42 5.01 -56.36
CA SER G 329 35.87 4.97 -56.30
C SER G 329 36.52 6.36 -56.21
N GLY G 330 35.71 7.41 -56.30
CA GLY G 330 36.21 8.77 -56.19
C GLY G 330 36.05 9.39 -54.82
N CYS G 331 35.36 8.69 -53.91
CA CYS G 331 35.18 9.15 -52.53
C CYS G 331 36.55 9.23 -51.86
N ARG G 332 36.83 10.34 -51.21
CA ARG G 332 38.15 10.53 -50.60
C ARG G 332 38.01 11.38 -49.35
N ALA G 333 38.63 10.91 -48.27
CA ALA G 333 38.50 11.57 -46.96
C ALA G 333 39.35 12.86 -46.88
N ILE G 334 39.07 13.81 -47.77
CA ILE G 334 39.75 15.12 -47.79
C ILE G 334 38.71 16.24 -47.85
N PRO G 335 39.11 17.49 -47.54
CA PRO G 335 38.12 18.56 -47.44
C PRO G 335 37.43 18.85 -48.78
N ALA G 336 36.16 19.21 -48.72
CA ALA G 336 35.35 19.39 -49.91
C ALA G 336 36.03 20.34 -50.89
N ALA G 337 36.50 21.46 -50.37
CA ALA G 337 37.16 22.46 -51.19
C ALA G 337 38.33 21.86 -52.01
N ASP G 338 39.10 21.00 -51.36
CA ASP G 338 40.23 20.33 -52.03
C ASP G 338 39.75 19.39 -53.14
N LEU G 339 38.64 18.71 -52.91
CA LEU G 339 38.14 17.69 -53.84
C LEU G 339 37.44 18.36 -55.02
N THR G 340 36.64 19.37 -54.71
CA THR G 340 36.09 20.24 -55.73
C THR G 340 37.15 20.66 -56.77
N ARG G 341 38.31 21.09 -56.29
CA ARG G 341 39.36 21.60 -57.19
C ARG G 341 39.92 20.48 -58.05
N SER G 342 40.04 19.29 -57.45
CA SER G 342 40.50 18.11 -58.19
C SER G 342 39.67 17.84 -59.45
N PHE G 343 38.39 18.20 -59.42
CA PHE G 343 37.47 17.88 -60.50
C PHE G 343 37.74 18.67 -61.76
N VAL G 344 38.42 19.81 -61.61
CA VAL G 344 38.56 20.77 -62.69
C VAL G 344 39.98 20.85 -63.22
N LEU G 345 40.70 19.73 -63.18
CA LEU G 345 41.99 19.63 -63.86
C LEU G 345 41.76 19.30 -65.34
N SER G 346 41.26 20.31 -66.07
CA SER G 346 41.02 20.18 -67.52
C SER G 346 41.18 21.56 -68.20
N LEU G 347 40.76 21.66 -69.46
CA LEU G 347 40.81 22.92 -70.21
C LEU G 347 39.62 23.81 -69.86
N PRO H 2 -8.57 10.02 52.75
CA PRO H 2 -7.99 10.64 51.55
C PRO H 2 -6.54 10.22 51.26
N CYS H 3 -5.79 9.81 52.30
CA CYS H 3 -4.41 9.33 52.16
C CYS H 3 -4.13 8.00 52.90
N ARG H 4 -5.11 7.47 53.64
CA ARG H 4 -4.91 6.25 54.39
C ARG H 4 -4.68 5.05 53.46
N LEU H 5 -5.26 5.14 52.26
CA LEU H 5 -5.30 4.03 51.31
C LEU H 5 -4.14 4.12 50.31
N THR H 6 -3.85 5.32 49.83
CA THR H 6 -2.64 5.54 49.03
C THR H 6 -1.40 5.07 49.78
N ARG H 7 -1.32 5.36 51.07
CA ARG H 7 -0.24 4.82 51.90
C ARG H 7 -0.37 3.32 51.98
N LEU H 8 -1.57 2.84 52.27
CA LEU H 8 -1.74 1.42 52.57
C LEU H 8 -1.42 0.55 51.35
N PHE H 9 -1.76 1.04 50.15
CA PHE H 9 -1.62 0.24 48.92
C PHE H 9 -0.31 0.52 48.19
N GLY H 10 0.31 1.67 48.47
CA GLY H 10 1.54 2.04 47.82
C GLY H 10 1.33 2.59 46.43
N ILE H 11 0.36 3.48 46.31
CA ILE H 11 0.00 4.02 45.04
C ILE H 11 -0.07 5.56 45.15
N GLU H 12 -0.11 6.19 44.00
CA GLU H 12 0.07 7.61 43.87
C GLU H 12 -1.28 8.31 44.09
N PHE H 13 -2.32 7.79 43.43
CA PHE H 13 -3.66 8.40 43.46
C PHE H 13 -4.69 7.46 44.07
N PRO H 14 -5.75 8.04 44.66
CA PRO H 14 -6.77 7.23 45.29
C PRO H 14 -7.85 6.76 44.29
N ILE H 15 -7.42 6.17 43.17
CA ILE H 15 -8.30 5.68 42.12
C ILE H 15 -8.02 4.19 41.89
N ILE H 16 -9.04 3.35 42.04
CA ILE H 16 -8.94 1.93 41.74
C ILE H 16 -9.80 1.63 40.52
N GLN H 17 -9.16 1.10 39.48
CA GLN H 17 -9.89 0.71 38.31
C GLN H 17 -10.56 -0.63 38.63
N ALA H 18 -11.87 -0.70 38.40
CA ALA H 18 -12.68 -1.83 38.85
C ALA H 18 -12.37 -3.06 38.02
N PRO H 19 -12.17 -4.21 38.66
CA PRO H 19 -11.99 -5.43 37.87
C PRO H 19 -13.28 -5.79 37.16
N MET H 20 -13.22 -5.96 35.85
CA MET H 20 -14.42 -6.24 35.05
C MET H 20 -14.20 -7.44 34.15
N ALA H 21 -14.56 -8.62 34.67
CA ALA H 21 -14.42 -9.90 33.95
C ALA H 21 -14.88 -9.85 32.51
N GLY H 22 -14.10 -10.44 31.62
CA GLY H 22 -14.53 -10.66 30.23
C GLY H 22 -14.69 -9.40 29.41
N VAL H 23 -14.19 -8.28 29.91
CA VAL H 23 -14.28 -7.01 29.20
C VAL H 23 -12.93 -6.31 29.21
N GLN H 24 -11.95 -6.94 29.83
CA GLN H 24 -10.85 -6.23 30.42
C GLN H 24 -9.83 -7.21 31.01
N GLY H 25 -8.55 -7.00 30.70
CA GLY H 25 -7.45 -7.86 31.19
C GLY H 25 -6.20 -7.05 31.55
N SER H 26 -5.03 -7.66 31.37
CA SER H 26 -3.75 -7.06 31.83
C SER H 26 -3.43 -5.69 31.24
N ALA H 27 -3.90 -5.39 30.04
CA ALA H 27 -3.54 -4.14 29.40
C ALA H 27 -4.08 -2.93 30.19
N LEU H 28 -5.28 -3.08 30.74
CA LEU H 28 -5.91 -2.02 31.51
C LEU H 28 -5.27 -1.92 32.89
N ALA H 29 -4.99 -3.05 33.53
CA ALA H 29 -4.35 -3.02 34.84
C ALA H 29 -3.01 -2.29 34.82
N ILE H 30 -2.17 -2.67 33.86
CA ILE H 30 -0.85 -2.05 33.64
C ILE H 30 -1.00 -0.53 33.47
N ALA H 31 -1.82 -0.14 32.51
CA ALA H 31 -1.99 1.27 32.17
C ALA H 31 -2.40 2.15 33.39
N VAL H 32 -3.29 1.63 34.23
CA VAL H 32 -3.74 2.37 35.42
C VAL H 32 -2.72 2.32 36.56
N SER H 33 -2.05 1.18 36.74
CA SER H 33 -1.05 1.09 37.81
C SER H 33 0.20 1.87 37.48
N GLU H 34 0.59 1.90 36.21
CA GLU H 34 1.64 2.79 35.74
C GLU H 34 1.26 4.26 35.93
N ALA H 35 -0.02 4.57 35.69
CA ALA H 35 -0.53 5.95 35.83
C ALA H 35 -0.65 6.43 37.29
N GLY H 36 -0.44 5.55 38.25
CA GLY H 36 -0.43 5.96 39.64
C GLY H 36 -1.67 5.58 40.43
N GLY H 37 -2.69 5.06 39.75
CA GLY H 37 -3.83 4.44 40.40
C GLY H 37 -3.57 2.96 40.70
N LEU H 38 -4.62 2.25 41.11
CA LEU H 38 -4.55 0.80 41.31
C LEU H 38 -5.29 0.07 40.20
N GLY H 39 -4.55 -0.66 39.39
CA GLY H 39 -5.13 -1.46 38.30
C GLY H 39 -5.55 -2.84 38.77
N SER H 40 -6.53 -3.43 38.09
CA SER H 40 -7.17 -4.63 38.59
C SER H 40 -7.26 -5.68 37.51
N LEU H 41 -6.95 -6.92 37.85
CA LEU H 41 -7.18 -8.05 36.94
C LEU H 41 -8.37 -8.83 37.47
N PRO H 42 -9.43 -8.97 36.65
CA PRO H 42 -10.54 -9.85 37.02
C PRO H 42 -10.25 -11.31 36.68
N CYS H 43 -10.34 -12.20 37.66
CA CYS H 43 -9.88 -13.59 37.51
C CYS H 43 -11.01 -14.62 37.60
N ALA H 44 -12.22 -14.16 37.91
CA ALA H 44 -13.40 -15.01 37.97
C ALA H 44 -13.51 -15.97 36.77
N MET H 45 -13.28 -15.44 35.57
CA MET H 45 -13.56 -16.17 34.34
C MET H 45 -12.28 -16.77 33.72
N LEU H 46 -11.25 -17.02 34.54
CA LEU H 46 -9.92 -17.38 34.02
C LEU H 46 -9.51 -18.77 34.49
N SER H 47 -9.06 -19.58 33.53
CA SER H 47 -8.36 -20.81 33.83
C SER H 47 -7.05 -20.47 34.55
N LEU H 48 -6.46 -21.50 35.16
CA LEU H 48 -5.19 -21.31 35.87
C LEU H 48 -4.08 -20.93 34.93
N GLU H 49 -4.12 -21.47 33.71
CA GLU H 49 -3.13 -21.12 32.69
C GLU H 49 -3.15 -19.61 32.45
N ALA H 50 -4.33 -19.06 32.20
CA ALA H 50 -4.45 -17.66 31.84
C ALA H 50 -4.30 -16.76 33.05
N LEU H 51 -4.70 -17.25 34.23
CA LEU H 51 -4.36 -16.54 35.45
C LEU H 51 -2.85 -16.34 35.58
N GLU H 52 -2.08 -17.41 35.37
CA GLU H 52 -0.62 -17.31 35.48
C GLU H 52 -0.01 -16.46 34.37
N ALA H 53 -0.56 -16.56 33.16
CA ALA H 53 -0.07 -15.84 31.99
C ALA H 53 -0.30 -14.33 32.12
N GLU H 54 -1.43 -13.97 32.69
CA GLU H 54 -1.84 -12.59 32.82
C GLU H 54 -1.06 -11.90 33.94
N LEU H 55 -0.87 -12.59 35.06
CA LEU H 55 0.02 -12.10 36.11
C LEU H 55 1.46 -11.98 35.64
N THR H 56 1.97 -13.01 34.95
CA THR H 56 3.30 -12.91 34.33
C THR H 56 3.33 -11.69 33.39
N ALA H 57 2.30 -11.51 32.59
CA ALA H 57 2.27 -10.36 31.69
C ALA H 57 2.33 -9.02 32.46
N ILE H 58 1.64 -8.93 33.60
CA ILE H 58 1.57 -7.67 34.34
C ILE H 58 2.93 -7.34 34.94
N ARG H 59 3.52 -8.34 35.59
CA ARG H 59 4.79 -8.15 36.28
C ARG H 59 5.97 -7.89 35.32
N SER H 60 5.86 -8.38 34.09
CA SER H 60 6.86 -8.06 33.08
C SER H 60 6.76 -6.62 32.54
N GLN H 61 5.71 -5.87 32.92
CA GLN H 61 5.57 -4.50 32.43
C GLN H 61 5.52 -3.40 33.51
N THR H 62 5.07 -3.71 34.72
CA THR H 62 5.17 -2.76 35.83
C THR H 62 5.57 -3.52 37.07
N ALA H 63 6.27 -2.83 37.96
CA ALA H 63 6.47 -3.31 39.32
C ALA H 63 5.49 -2.65 40.28
N LYS H 64 4.63 -1.77 39.77
CA LYS H 64 3.68 -1.05 40.62
C LYS H 64 2.51 -1.92 41.09
N PRO H 65 1.79 -1.47 42.14
CA PRO H 65 0.83 -2.37 42.78
C PRO H 65 -0.37 -2.75 41.90
N ILE H 66 -0.86 -3.98 42.07
CA ILE H 66 -1.96 -4.52 41.26
C ILE H 66 -2.99 -5.20 42.17
N ASN H 67 -4.24 -5.17 41.73
CA ASN H 67 -5.33 -5.82 42.44
C ASN H 67 -5.86 -6.99 41.60
N VAL H 68 -6.04 -8.14 42.23
CA VAL H 68 -6.56 -9.30 41.54
C VAL H 68 -7.84 -9.70 42.23
N ASN H 69 -8.87 -9.98 41.42
CA ASN H 69 -10.25 -10.11 41.89
C ASN H 69 -10.81 -11.52 41.61
N PHE H 70 -11.42 -12.11 42.64
CA PHE H 70 -12.07 -13.43 42.52
C PHE H 70 -13.48 -13.37 43.04
N PHE H 71 -14.33 -14.25 42.51
CA PHE H 71 -15.62 -14.57 43.12
C PHE H 71 -15.48 -15.66 44.19
N CYS H 72 -16.09 -15.45 45.35
CA CYS H 72 -16.22 -16.53 46.33
C CYS H 72 -17.69 -16.80 46.75
N HIS H 73 -18.60 -16.74 45.79
CA HIS H 73 -19.89 -17.38 45.91
C HIS H 73 -19.78 -18.88 46.27
N ARG H 74 -20.70 -19.36 47.10
CA ARG H 74 -20.90 -20.81 47.30
C ARG H 74 -21.45 -21.44 46.00
N GLU H 75 -21.04 -22.67 45.69
CA GLU H 75 -21.50 -23.35 44.48
C GLU H 75 -22.96 -23.80 44.64
N PRO H 76 -23.75 -23.74 43.55
CA PRO H 76 -25.18 -24.03 43.60
C PRO H 76 -25.47 -25.55 43.67
N VAL H 77 -26.44 -25.94 44.49
CA VAL H 77 -27.03 -27.30 44.46
C VAL H 77 -27.37 -27.75 43.03
N ALA H 78 -27.35 -29.07 42.81
CA ALA H 78 -27.78 -29.63 41.52
C ALA H 78 -29.26 -29.35 41.26
N GLN H 79 -29.59 -29.07 40.00
CA GLN H 79 -30.88 -28.49 39.66
C GLN H 79 -31.19 -28.65 38.17
N ALA H 80 -30.88 -29.81 37.60
CA ALA H 80 -30.98 -30.02 36.14
C ALA H 80 -32.41 -29.81 35.63
N ALA H 81 -33.40 -30.09 36.48
CA ALA H 81 -34.81 -29.92 36.12
C ALA H 81 -35.24 -28.45 36.05
N LYS H 82 -34.66 -27.61 36.93
CA LYS H 82 -34.70 -26.14 36.75
C LYS H 82 -34.07 -25.75 35.41
N GLN H 83 -32.86 -26.27 35.15
CA GLN H 83 -32.13 -25.93 33.94
C GLN H 83 -32.86 -26.36 32.66
N ALA H 84 -33.48 -27.52 32.70
CA ALA H 84 -34.19 -28.05 31.55
C ALA H 84 -35.42 -27.20 31.24
N ALA H 85 -36.22 -26.96 32.27
CA ALA H 85 -37.37 -26.06 32.18
C ALA H 85 -36.98 -24.71 31.55
N TRP H 86 -36.05 -24.00 32.17
CA TRP H 86 -35.58 -22.72 31.66
C TRP H 86 -35.28 -22.75 30.16
N LEU H 87 -34.48 -23.73 29.72
CA LEU H 87 -34.26 -23.98 28.28
C LEU H 87 -35.57 -24.09 27.50
N GLU H 88 -36.56 -24.77 28.09
CA GLU H 88 -37.87 -24.90 27.45
C GLU H 88 -38.50 -23.53 27.12
N GLN H 89 -38.42 -22.59 28.07
CA GLN H 89 -38.98 -21.24 27.90
C GLN H 89 -38.28 -20.43 26.81
N LEU H 90 -37.01 -20.73 26.57
CA LEU H 90 -36.22 -19.97 25.59
C LEU H 90 -36.35 -20.57 24.19
N ALA H 91 -37.16 -21.63 24.08
CA ALA H 91 -37.35 -22.35 22.81
C ALA H 91 -37.69 -21.46 21.61
N PRO H 92 -38.71 -20.58 21.74
CA PRO H 92 -39.04 -19.63 20.66
C PRO H 92 -37.91 -18.72 20.23
N TYR H 93 -36.98 -18.42 21.15
CA TYR H 93 -35.75 -17.70 20.80
C TYR H 93 -34.80 -18.58 20.00
N PHE H 94 -34.47 -19.75 20.56
CA PHE H 94 -33.68 -20.74 19.85
C PHE H 94 -34.13 -20.86 18.40
N ALA H 95 -35.41 -21.15 18.21
CA ALA H 95 -36.05 -21.16 16.88
C ALA H 95 -35.74 -19.92 16.03
N GLU H 96 -35.92 -18.74 16.61
CA GLU H 96 -35.66 -17.47 15.90
C GLU H 96 -34.34 -17.48 15.12
N PHE H 97 -33.37 -18.29 15.57
CA PHE H 97 -32.05 -18.33 14.93
C PHE H 97 -31.76 -19.71 14.29
N LEU H 99 -30.99 -23.16 16.52
CA LEU H 99 -30.07 -23.63 17.55
C LEU H 99 -30.64 -24.81 18.36
N ASP H 100 -29.77 -25.56 19.03
CA ASP H 100 -30.16 -26.54 20.07
C ASP H 100 -31.68 -26.60 20.26
N THR H 111 -16.32 -21.04 39.11
CA THR H 111 -15.55 -21.64 40.21
C THR H 111 -15.16 -20.60 41.25
N PRO H 112 -15.47 -20.86 42.52
CA PRO H 112 -14.98 -19.92 43.53
C PRO H 112 -13.47 -20.00 43.70
N TYR H 113 -12.90 -18.93 44.27
CA TYR H 113 -11.54 -18.95 44.74
C TYR H 113 -11.30 -20.20 45.58
N SER H 114 -10.17 -20.86 45.34
CA SER H 114 -9.83 -22.09 46.05
C SER H 114 -8.32 -22.24 46.11
N LYS H 115 -7.86 -23.27 46.81
CA LYS H 115 -6.42 -23.58 46.88
C LYS H 115 -5.78 -23.60 45.49
N ALA H 116 -6.51 -24.11 44.49
CA ALA H 116 -6.06 -24.08 43.12
C ALA H 116 -5.60 -22.68 42.70
N GLN H 117 -6.47 -21.69 42.88
CA GLN H 117 -6.12 -20.33 42.49
C GLN H 117 -5.00 -19.77 43.37
N ALA H 118 -5.00 -20.14 44.65
CA ALA H 118 -4.03 -19.65 45.61
C ALA H 118 -2.58 -20.06 45.27
N GLU H 119 -2.42 -21.30 44.78
CA GLU H 119 -1.09 -21.84 44.45
C GLU H 119 -0.44 -20.99 43.38
N VAL H 120 -1.23 -20.54 42.41
CA VAL H 120 -0.73 -19.71 41.32
C VAL H 120 -0.43 -18.30 41.81
N LEU H 121 -1.31 -17.79 42.66
CA LEU H 121 -1.16 -16.43 43.20
C LEU H 121 0.07 -16.29 44.05
N ALA H 122 0.40 -17.33 44.83
CA ALA H 122 1.56 -17.31 45.72
C ALA H 122 2.89 -17.08 44.98
N LYS H 123 2.95 -17.49 43.71
CA LYS H 123 4.10 -17.16 42.88
C LYS H 123 4.30 -15.64 42.71
N PHE H 124 3.21 -14.87 42.76
CA PHE H 124 3.26 -13.43 42.43
C PHE H 124 3.04 -12.49 43.63
N LYS H 125 2.46 -13.00 44.71
CA LYS H 125 2.22 -12.20 45.90
C LYS H 125 1.73 -10.76 45.61
N PRO H 126 0.54 -10.64 45.01
CA PRO H 126 -0.01 -9.32 44.60
C PRO H 126 -0.44 -8.45 45.76
N GLU H 127 -0.34 -7.15 45.55
CA GLU H 127 -0.36 -6.22 46.64
C GLU H 127 -1.75 -6.18 47.28
N VAL H 128 -2.80 -6.27 46.45
CA VAL H 128 -4.14 -6.47 46.98
C VAL H 128 -4.93 -7.57 46.30
N VAL H 129 -5.75 -8.25 47.08
CA VAL H 129 -6.63 -9.29 46.61
C VAL H 129 -8.09 -8.93 47.00
N SER H 130 -8.94 -8.78 45.99
CA SER H 130 -10.29 -8.34 46.22
C SER H 130 -11.25 -9.48 45.93
N PHE H 131 -12.37 -9.48 46.64
CA PHE H 131 -13.37 -10.53 46.51
C PHE H 131 -14.76 -9.96 46.30
N HIS H 132 -15.49 -10.57 45.36
CA HIS H 132 -16.90 -10.36 45.21
C HIS H 132 -17.68 -11.53 45.83
N PHE H 133 -18.78 -11.21 46.51
CA PHE H 133 -19.65 -12.16 47.21
C PHE H 133 -19.08 -12.64 48.51
N GLY H 134 -18.43 -11.76 49.27
CA GLY H 134 -18.03 -12.05 50.64
C GLY H 134 -16.54 -12.33 50.75
N LEU H 135 -16.19 -13.32 51.59
CA LEU H 135 -14.81 -13.74 51.78
C LEU H 135 -14.70 -15.26 51.64
N PRO H 136 -13.48 -15.77 51.38
CA PRO H 136 -13.25 -17.21 51.44
C PRO H 136 -12.99 -17.69 52.86
N ASP H 137 -12.85 -19.01 53.02
CA ASP H 137 -12.47 -19.64 54.31
C ASP H 137 -11.39 -18.89 55.08
N GLU H 138 -11.37 -19.07 56.41
CA GLU H 138 -10.28 -18.52 57.22
C GLU H 138 -8.90 -18.91 56.65
N GLU H 139 -8.69 -20.20 56.42
CA GLU H 139 -7.38 -20.72 56.00
C GLU H 139 -6.84 -20.05 54.74
N LEU H 140 -7.68 -19.90 53.72
CA LEU H 140 -7.25 -19.23 52.48
C LEU H 140 -6.95 -17.73 52.70
N LEU H 141 -7.59 -17.14 53.69
CA LEU H 141 -7.52 -15.69 53.95
C LEU H 141 -6.21 -15.36 54.65
N LEU H 142 -5.89 -16.13 55.68
CA LEU H 142 -4.57 -16.09 56.32
C LEU H 142 -3.42 -16.34 55.35
N GLU H 143 -3.58 -17.31 54.45
CA GLU H 143 -2.56 -17.52 53.40
C GLU H 143 -2.25 -16.22 52.63
N ILE H 144 -3.29 -15.44 52.32
CA ILE H 144 -3.11 -14.22 51.51
C ILE H 144 -2.46 -13.10 52.32
N LYS H 145 -2.82 -13.01 53.59
CA LYS H 145 -2.25 -12.01 54.49
C LYS H 145 -0.76 -12.29 54.72
N SER H 146 -0.36 -13.57 54.67
CA SER H 146 1.05 -13.95 54.86
C SER H 146 2.00 -13.54 53.71
N TRP H 147 1.43 -13.21 52.55
CA TRP H 147 2.20 -12.61 51.45
C TRP H 147 2.44 -11.12 51.69
N GLY H 148 1.88 -10.58 52.76
CA GLY H 148 1.86 -9.13 52.95
C GLY H 148 0.75 -8.46 52.15
N SER H 149 -0.12 -9.25 51.53
CA SER H 149 -1.10 -8.74 50.58
C SER H 149 -2.34 -8.22 51.34
N LYS H 150 -2.95 -7.15 50.82
CA LYS H 150 -4.18 -6.55 51.41
C LYS H 150 -5.45 -7.18 50.84
N VAL H 151 -6.42 -7.47 51.72
CA VAL H 151 -7.66 -8.10 51.25
C VAL H 151 -8.81 -7.12 51.39
N ILE H 152 -9.53 -6.92 50.29
CA ILE H 152 -10.70 -6.05 50.28
C ILE H 152 -11.90 -6.80 49.75
N SER H 153 -13.08 -6.29 50.04
CA SER H 153 -14.31 -6.93 49.58
C SER H 153 -15.50 -5.95 49.54
N THR H 154 -16.51 -6.33 48.76
CA THR H 154 -17.65 -5.50 48.51
C THR H 154 -18.67 -5.70 49.63
N ALA H 155 -19.14 -4.60 50.21
CA ALA H 155 -20.37 -4.62 50.99
C ALA H 155 -21.43 -3.81 50.27
N THR H 156 -22.67 -4.31 50.30
CA THR H 156 -23.81 -3.61 49.72
C THR H 156 -24.74 -3.10 50.81
N THR H 157 -24.41 -3.43 52.06
CA THR H 157 -25.14 -2.94 53.21
C THR H 157 -24.21 -2.74 54.39
N VAL H 158 -24.68 -2.04 55.41
CA VAL H 158 -23.89 -1.80 56.61
C VAL H 158 -23.57 -3.10 57.35
N GLU H 159 -24.54 -4.01 57.46
CA GLU H 159 -24.27 -5.28 58.15
C GLU H 159 -23.14 -6.04 57.47
N GLU H 160 -23.17 -6.06 56.13
CA GLU H 160 -22.12 -6.70 55.33
C GLU H 160 -20.77 -6.04 55.57
N ALA H 161 -20.77 -4.72 55.69
CA ALA H 161 -19.54 -4.00 55.95
C ALA H 161 -18.95 -4.44 57.27
N LEU H 162 -19.78 -4.54 58.29
CA LEU H 162 -19.29 -4.82 59.63
C LEU H 162 -18.75 -6.26 59.71
N TRP H 163 -19.43 -7.16 58.99
CA TRP H 163 -19.08 -8.57 58.96
C TRP H 163 -17.74 -8.78 58.27
N LEU H 164 -17.45 -7.93 57.28
CA LEU H 164 -16.19 -8.01 56.56
C LEU H 164 -15.04 -7.48 57.41
N GLU H 165 -15.28 -6.37 58.10
CA GLU H 165 -14.31 -5.83 59.02
C GLU H 165 -13.99 -6.81 60.16
N ALA H 166 -14.98 -7.55 60.63
CA ALA H 166 -14.76 -8.40 61.81
C ALA H 166 -14.01 -9.69 61.42
N ARG H 167 -14.07 -10.04 60.15
CA ARG H 167 -13.32 -11.18 59.64
C ARG H 167 -12.02 -10.76 58.92
N GLY H 168 -11.57 -9.53 59.17
CA GLY H 168 -10.21 -9.10 58.84
C GLY H 168 -9.99 -8.39 57.50
N ALA H 169 -11.06 -7.96 56.84
CA ALA H 169 -10.87 -7.16 55.62
C ALA H 169 -10.06 -5.92 55.97
N ASP H 170 -9.19 -5.51 55.06
CA ASP H 170 -8.34 -4.33 55.24
C ASP H 170 -9.06 -3.06 54.75
N ALA H 171 -10.06 -3.25 53.89
CA ALA H 171 -10.91 -2.15 53.49
C ALA H 171 -12.18 -2.66 52.81
N ILE H 172 -13.18 -1.78 52.80
CA ILE H 172 -14.51 -2.11 52.31
C ILE H 172 -14.79 -1.35 51.00
N ILE H 173 -15.14 -2.09 49.95
CA ILE H 173 -15.78 -1.49 48.78
C ILE H 173 -17.29 -1.41 49.02
N ALA H 174 -17.81 -0.21 49.16
CA ALA H 174 -19.24 0.00 49.29
C ALA H 174 -19.78 0.20 47.89
N GLN H 175 -20.50 -0.78 47.35
CA GLN H 175 -21.12 -0.54 46.06
C GLN H 175 -22.57 -0.23 46.19
N GLY H 176 -22.87 1.02 45.85
CA GLY H 176 -24.22 1.49 45.72
C GLY H 176 -24.93 0.80 44.59
N LEU H 177 -26.26 0.93 44.57
CA LEU H 177 -27.06 0.34 43.53
C LEU H 177 -26.74 0.88 42.15
N GLU H 178 -26.17 2.05 42.07
CA GLU H 178 -25.81 2.64 40.76
C GLU H 178 -24.77 1.80 40.01
N ALA H 179 -23.97 1.03 40.75
CA ALA H 179 -22.86 0.28 40.14
C ALA H 179 -23.27 -0.61 38.96
N GLY H 180 -22.37 -0.75 37.99
CA GLY H 180 -22.54 -1.75 36.93
C GLY H 180 -22.11 -3.14 37.35
N GLY H 181 -22.58 -4.14 36.63
CA GLY H 181 -22.25 -5.52 36.95
C GLY H 181 -23.01 -6.09 38.13
N HIS H 182 -22.60 -7.30 38.52
CA HIS H 182 -23.17 -8.05 39.61
C HIS H 182 -23.22 -7.24 40.88
N ARG H 183 -24.35 -7.35 41.55
CA ARG H 183 -24.44 -6.99 42.96
C ARG H 183 -23.57 -7.94 43.78
N GLY H 184 -22.78 -7.40 44.69
CA GLY H 184 -21.90 -8.20 45.53
C GLY H 184 -22.48 -8.62 46.89
N HIS H 185 -23.82 -8.64 47.00
CA HIS H 185 -24.47 -9.09 48.27
C HIS H 185 -24.18 -10.58 48.57
N PHE H 186 -24.17 -10.91 49.85
CA PHE H 186 -23.93 -12.28 50.27
C PHE H 186 -24.64 -12.66 51.59
N LEU H 187 -25.31 -11.70 52.26
CA LEU H 187 -26.03 -11.97 53.51
C LEU H 187 -27.55 -12.13 53.34
N SER H 188 -28.12 -11.41 52.39
CA SER H 188 -29.55 -11.49 52.15
C SER H 188 -29.76 -11.50 50.64
N GLU H 189 -30.76 -12.26 50.18
CA GLU H 189 -31.24 -12.13 48.79
C GLU H 189 -32.10 -10.88 48.59
N ASP H 190 -32.61 -10.32 49.68
CA ASP H 190 -33.50 -9.14 49.63
C ASP H 190 -32.77 -7.94 49.01
N LEU H 191 -33.07 -7.65 47.75
CA LEU H 191 -32.50 -6.48 47.09
C LEU H 191 -32.89 -5.15 47.73
N THR H 192 -34.03 -5.11 48.42
CA THR H 192 -34.52 -3.85 48.99
C THR H 192 -33.72 -3.43 50.22
N GLU H 193 -32.82 -4.29 50.68
CA GLU H 193 -31.94 -3.94 51.79
C GLU H 193 -30.79 -3.11 51.29
N GLN H 194 -30.63 -2.99 49.98
CA GLN H 194 -29.46 -2.36 49.40
C GLN H 194 -29.71 -0.89 49.13
N LEU H 195 -28.66 -0.16 48.82
CA LEU H 195 -28.64 1.28 48.96
C LEU H 195 -27.88 1.97 47.82
N GLY H 196 -28.38 3.13 47.39
CA GLY H 196 -27.61 4.00 46.52
C GLY H 196 -26.38 4.57 47.22
N THR H 197 -25.33 4.81 46.45
CA THR H 197 -24.04 5.26 46.95
C THR H 197 -24.12 6.41 47.96
N PHE H 198 -24.91 7.42 47.61
CA PHE H 198 -25.09 8.62 48.44
C PHE H 198 -25.54 8.30 49.87
N SER H 199 -26.20 7.17 50.06
CA SER H 199 -26.66 6.77 51.39
C SER H 199 -25.84 5.62 51.99
N LEU H 200 -25.40 4.70 51.16
CA LEU H 200 -24.58 3.60 51.62
C LEU H 200 -23.22 4.09 52.08
N LEU H 201 -22.56 4.89 51.24
CA LEU H 201 -21.20 5.34 51.52
C LEU H 201 -21.07 6.00 52.91
N PRO H 202 -21.88 7.02 53.22
CA PRO H 202 -21.72 7.68 54.54
C PRO H 202 -22.11 6.82 55.74
N GLN H 203 -23.03 5.89 55.55
CA GLN H 203 -23.43 5.04 56.66
C GLN H 203 -22.44 3.89 56.93
N ILE H 204 -21.73 3.42 55.90
CA ILE H 204 -20.60 2.50 56.12
C ILE H 204 -19.41 3.19 56.82
N ILE H 205 -19.06 4.40 56.38
CA ILE H 205 -17.99 5.20 57.04
C ILE H 205 -18.26 5.44 58.53
N ALA H 206 -19.52 5.65 58.87
CA ALA H 206 -19.92 5.87 60.26
C ALA H 206 -19.80 4.58 61.05
N ALA H 207 -20.00 3.46 60.37
CA ALA H 207 -20.10 2.16 61.01
C ALA H 207 -18.76 1.47 61.26
N VAL H 208 -17.79 1.67 60.35
CA VAL H 208 -16.54 0.88 60.39
C VAL H 208 -15.33 1.77 60.69
N GLU H 209 -14.26 1.14 61.16
CA GLU H 209 -13.02 1.83 61.51
C GLU H 209 -12.05 1.87 60.33
N ILE H 210 -12.08 0.81 59.51
CA ILE H 210 -11.16 0.70 58.39
C ILE H 210 -11.56 1.63 57.23
N PRO H 211 -10.65 1.84 56.25
CA PRO H 211 -10.94 2.74 55.14
C PRO H 211 -12.06 2.21 54.24
N VAL H 212 -12.75 3.13 53.57
CA VAL H 212 -13.86 2.80 52.71
C VAL H 212 -13.65 3.32 51.30
N ILE H 213 -13.73 2.41 50.33
CA ILE H 213 -13.69 2.75 48.93
C ILE H 213 -15.11 2.93 48.38
N ALA H 214 -15.37 4.01 47.66
CA ALA H 214 -16.72 4.24 47.10
C ALA H 214 -16.86 3.67 45.69
N ALA H 215 -17.95 2.93 45.45
CA ALA H 215 -18.20 2.30 44.15
C ALA H 215 -19.63 2.50 43.71
N GLY H 216 -19.81 2.89 42.45
CA GLY H 216 -21.14 3.04 41.86
C GLY H 216 -21.45 4.47 41.51
N GLY H 217 -21.18 4.83 40.26
CA GLY H 217 -21.47 6.16 39.73
C GLY H 217 -20.35 7.16 39.89
N ILE H 218 -19.15 6.67 40.23
CA ILE H 218 -17.95 7.51 40.14
C ILE H 218 -17.40 7.44 38.72
N VAL H 219 -17.55 8.55 37.99
CA VAL H 219 -17.29 8.59 36.55
C VAL H 219 -16.47 9.78 36.05
N ASP H 220 -16.18 10.72 36.94
CA ASP H 220 -15.53 11.99 36.55
C ASP H 220 -15.04 12.74 37.80
N ALA H 221 -14.36 13.87 37.58
CA ALA H 221 -13.69 14.62 38.65
C ALA H 221 -14.66 15.05 39.73
N THR H 222 -15.85 15.47 39.32
CA THR H 222 -16.84 16.03 40.22
C THR H 222 -17.37 14.96 41.16
N THR H 223 -17.75 13.81 40.59
CA THR H 223 -18.29 12.70 41.36
C THR H 223 -17.21 12.13 42.27
N VAL H 224 -15.97 12.08 41.78
CA VAL H 224 -14.84 11.61 42.62
C VAL H 224 -14.73 12.55 43.81
N ARG H 225 -14.83 13.84 43.53
CA ARG H 225 -14.73 14.86 44.54
C ARG H 225 -15.86 14.68 45.54
N ALA H 226 -17.05 14.38 45.03
CA ALA H 226 -18.22 14.27 45.90
C ALA H 226 -18.12 13.07 46.81
N ALA H 227 -17.56 11.97 46.33
CA ALA H 227 -17.33 10.80 47.16
C ALA H 227 -16.23 11.03 48.20
N MET H 228 -15.16 11.71 47.82
CA MET H 228 -14.09 11.97 48.80
C MET H 228 -14.59 12.91 49.88
N THR H 229 -15.45 13.86 49.49
CA THR H 229 -16.04 14.82 50.42
C THR H 229 -16.69 14.09 51.59
N MET H 230 -17.46 13.06 51.26
CA MET H 230 -18.16 12.24 52.25
C MET H 230 -17.23 11.39 53.10
N GLY H 231 -15.96 11.38 52.75
CA GLY H 231 -14.97 10.70 53.56
C GLY H 231 -14.52 9.37 53.02
N ALA H 232 -14.75 9.10 51.73
CA ALA H 232 -14.14 7.93 51.10
C ALA H 232 -12.63 8.06 51.16
N SER H 233 -11.95 6.95 51.37
CA SER H 233 -10.49 6.89 51.33
C SER H 233 -10.00 6.71 49.90
N ALA H 234 -10.93 6.40 49.00
CA ALA H 234 -10.59 6.02 47.61
C ALA H 234 -11.87 5.77 46.86
N VAL H 235 -11.75 5.74 45.53
CA VAL H 235 -12.91 5.46 44.67
C VAL H 235 -12.60 4.31 43.72
N GLN H 236 -13.61 3.50 43.42
CA GLN H 236 -13.51 2.44 42.41
C GLN H 236 -14.41 2.76 41.21
N VAL H 237 -13.82 2.67 40.02
CA VAL H 237 -14.43 3.16 38.80
C VAL H 237 -14.35 2.05 37.77
N GLY H 238 -15.52 1.64 37.27
CA GLY H 238 -15.62 0.61 36.25
C GLY H 238 -16.20 1.16 34.95
N THR H 239 -17.49 1.46 34.96
CA THR H 239 -18.18 1.88 33.76
C THR H 239 -17.43 2.93 32.91
N ALA H 240 -16.81 3.91 33.53
CA ALA H 240 -16.22 5.01 32.77
C ALA H 240 -14.90 4.63 32.07
N TYR H 241 -14.30 3.49 32.42
CA TYR H 241 -13.14 2.97 31.64
C TYR H 241 -13.52 2.21 30.35
N LEU H 242 -14.81 2.01 30.06
CA LEU H 242 -15.22 0.98 29.09
C LEU H 242 -14.98 1.34 27.61
N LEU H 243 -14.75 2.62 27.33
CA LEU H 243 -14.44 3.08 25.98
C LEU H 243 -12.92 3.31 25.81
N CYS H 244 -12.14 3.06 26.86
CA CYS H 244 -10.69 3.19 26.78
C CYS H 244 -10.14 2.07 25.87
N PRO H 245 -9.16 2.39 25.01
CA PRO H 245 -8.65 1.39 24.05
C PRO H 245 -7.96 0.20 24.72
N GLU H 246 -7.49 0.39 25.94
CA GLU H 246 -6.90 -0.69 26.74
C GLU H 246 -7.94 -1.73 27.19
N CYS H 247 -9.19 -1.30 27.27
CA CYS H 247 -10.32 -2.19 27.58
C CYS H 247 -10.68 -3.00 26.33
N ASN H 248 -10.98 -4.29 26.49
CA ASN H 248 -11.45 -5.15 25.37
C ASN H 248 -12.96 -5.18 25.27
N THR H 249 -13.62 -4.07 25.60
CA THR H 249 -15.07 -4.02 25.52
C THR H 249 -15.52 -4.29 24.08
N SER H 250 -16.59 -5.05 23.92
CA SER H 250 -16.94 -5.58 22.62
C SER H 250 -17.53 -4.46 21.77
N ALA H 251 -17.48 -4.64 20.46
CA ALA H 251 -17.80 -3.56 19.53
C ALA H 251 -19.25 -3.12 19.69
N ILE H 252 -20.08 -4.03 20.19
CA ILE H 252 -21.52 -3.78 20.28
C ILE H 252 -21.92 -3.30 21.68
N HIS H 253 -21.18 -3.74 22.69
CA HIS H 253 -21.14 -3.10 23.99
C HIS H 253 -20.74 -1.63 23.86
N ARG H 254 -19.67 -1.35 23.12
CA ARG H 254 -19.25 0.03 22.87
C ARG H 254 -20.38 0.82 22.22
N GLU H 255 -21.03 0.22 21.23
CA GLU H 255 -22.14 0.89 20.56
C GLU H 255 -23.29 1.16 21.54
N ALA H 256 -23.63 0.17 22.35
CA ALA H 256 -24.70 0.32 23.33
C ALA H 256 -24.39 1.44 24.34
N LEU H 257 -23.14 1.52 24.78
CA LEU H 257 -22.71 2.52 25.76
C LEU H 257 -22.85 3.95 25.26
N GLN H 258 -22.81 4.15 23.94
CA GLN H 258 -22.83 5.49 23.36
C GLN H 258 -24.19 5.87 22.79
N SER H 259 -25.14 4.95 22.89
CA SER H 259 -26.51 5.21 22.43
C SER H 259 -27.36 5.69 23.59
N ASP H 260 -28.58 6.10 23.29
CA ASP H 260 -29.49 6.62 24.31
C ASP H 260 -30.07 5.49 25.16
N ALA H 261 -30.04 4.28 24.63
CA ALA H 261 -30.34 3.08 25.42
C ALA H 261 -29.51 3.00 26.71
N ALA H 262 -28.27 3.44 26.67
CA ALA H 262 -27.38 3.40 27.85
C ALA H 262 -27.99 4.05 29.09
N GLN H 263 -28.80 5.08 28.89
CA GLN H 263 -29.37 5.81 30.02
C GLN H 263 -30.29 4.95 30.86
N HIS H 264 -30.85 3.88 30.28
CA HIS H 264 -31.76 2.97 30.96
C HIS H 264 -31.12 1.60 31.25
N THR H 265 -30.99 1.29 32.55
CA THR H 265 -30.37 0.05 33.01
C THR H 265 -31.29 -0.57 34.04
N ALA H 266 -31.04 -1.82 34.36
CA ALA H 266 -31.83 -2.50 35.39
C ALA H 266 -31.11 -3.71 35.92
N LEU H 267 -31.50 -4.11 37.12
CA LEU H 267 -30.96 -5.29 37.76
C LEU H 267 -31.60 -6.52 37.13
N THR H 268 -30.78 -7.48 36.74
CA THR H 268 -31.26 -8.64 35.99
C THR H 268 -30.46 -9.89 36.37
N ASN H 269 -31.15 -11.02 36.53
CA ASN H 269 -30.51 -12.31 36.77
C ASN H 269 -30.45 -13.22 35.53
N LEU H 270 -30.87 -12.67 34.39
CA LEU H 270 -31.17 -13.50 33.25
C LEU H 270 -29.93 -14.10 32.57
N PHE H 271 -28.75 -13.52 32.78
CA PHE H 271 -27.55 -13.94 32.03
C PHE H 271 -26.65 -14.87 32.84
N SER H 272 -26.79 -14.82 34.15
CA SER H 272 -25.87 -15.52 35.02
C SER H 272 -26.60 -16.31 36.11
N GLY H 273 -27.80 -15.86 36.49
CA GLY H 273 -28.46 -16.33 37.71
C GLY H 273 -28.34 -15.41 38.90
N ARG H 274 -27.50 -14.37 38.79
CA ARG H 274 -27.41 -13.39 39.86
C ARG H 274 -27.76 -12.01 39.38
N PRO H 275 -28.24 -11.16 40.29
CA PRO H 275 -28.58 -9.79 39.90
C PRO H 275 -27.36 -8.94 39.49
N ALA H 276 -27.38 -8.46 38.26
CA ALA H 276 -26.35 -7.56 37.75
C ALA H 276 -26.98 -6.39 36.99
N ARG H 277 -26.38 -5.21 37.09
CA ARG H 277 -26.93 -4.05 36.40
C ARG H 277 -26.41 -3.98 34.96
N GLY H 278 -27.34 -4.01 33.99
CA GLY H 278 -26.97 -3.81 32.61
C GLY H 278 -27.99 -2.97 31.87
N ILE H 279 -27.60 -2.51 30.70
CA ILE H 279 -28.48 -1.74 29.83
C ILE H 279 -29.66 -2.62 29.41
N VAL H 280 -30.87 -2.07 29.46
CA VAL H 280 -32.05 -2.84 29.16
C VAL H 280 -32.08 -3.19 27.67
N ASN H 281 -32.12 -4.49 27.36
CA ASN H 281 -32.29 -4.99 25.97
C ASN H 281 -33.59 -5.83 25.83
N ARG H 282 -33.76 -6.52 24.70
CA ARG H 282 -35.04 -7.17 24.39
C ARG H 282 -35.30 -8.35 25.32
N PHE H 283 -34.26 -9.11 25.59
CA PHE H 283 -34.35 -10.25 26.46
C PHE H 283 -34.78 -9.88 27.86
N MET H 284 -34.22 -8.78 28.36
CA MET H 284 -34.58 -8.30 29.69
C MET H 284 -36.03 -7.80 29.72
N ALA H 285 -36.40 -7.03 28.71
CA ALA H 285 -37.75 -6.46 28.63
C ALA H 285 -38.80 -7.57 28.47
N GLU H 286 -38.52 -8.57 27.64
CA GLU H 286 -39.49 -9.63 27.33
C GLU H 286 -39.54 -10.69 28.41
N MET H 287 -38.39 -11.07 28.96
CA MET H 287 -38.32 -12.20 29.91
C MET H 287 -38.11 -11.83 31.38
N GLY H 288 -37.98 -10.53 31.67
CA GLY H 288 -37.48 -10.06 32.98
C GLY H 288 -37.88 -8.62 33.29
N PRO H 289 -36.99 -7.83 33.90
CA PRO H 289 -35.54 -8.12 34.04
C PRO H 289 -35.22 -9.20 35.07
N MET H 290 -36.15 -9.43 35.99
CA MET H 290 -35.96 -10.38 37.08
C MET H 290 -36.91 -11.55 36.84
N ASN H 291 -36.39 -12.78 36.88
CA ASN H 291 -37.22 -13.97 36.64
C ASN H 291 -36.89 -15.11 37.58
N GLU H 292 -37.85 -15.51 38.41
CA GLU H 292 -37.60 -16.55 39.43
C GLU H 292 -37.22 -17.91 38.81
N ALA H 293 -37.50 -18.12 37.53
CA ALA H 293 -37.27 -19.41 36.89
C ALA H 293 -35.82 -19.65 36.48
N VAL H 294 -35.03 -18.58 36.35
CA VAL H 294 -33.63 -18.70 35.92
C VAL H 294 -32.83 -19.44 37.00
N PRO H 295 -32.06 -20.47 36.60
CA PRO H 295 -31.25 -21.25 37.55
C PRO H 295 -30.25 -20.40 38.31
N ASP H 296 -29.77 -20.94 39.40
CA ASP H 296 -28.89 -20.27 40.28
C ASP H 296 -27.59 -19.88 39.62
N PHE H 297 -26.87 -19.03 40.35
CA PHE H 297 -25.65 -18.45 39.85
C PHE H 297 -24.60 -19.38 39.31
N PRO H 298 -24.18 -18.94 38.13
CA PRO H 298 -23.16 -19.43 37.25
C PRO H 298 -23.79 -20.36 36.27
N LEU H 299 -24.95 -20.90 36.55
CA LEU H 299 -25.54 -21.90 35.66
C LEU H 299 -26.31 -21.29 34.48
N ALA H 300 -26.93 -20.14 34.69
CA ALA H 300 -27.78 -19.56 33.67
C ALA H 300 -27.01 -19.18 32.40
N SER H 301 -25.69 -19.00 32.50
CA SER H 301 -24.87 -18.55 31.37
C SER H 301 -25.00 -19.45 30.15
N SER H 302 -24.92 -20.76 30.37
CA SER H 302 -24.94 -21.72 29.25
C SER H 302 -26.27 -21.69 28.48
N ALA H 303 -27.35 -21.35 29.17
CA ALA H 303 -28.63 -21.21 28.52
C ALA H 303 -28.62 -20.15 27.42
N VAL H 304 -28.04 -18.99 27.69
CA VAL H 304 -28.06 -17.89 26.70
C VAL H 304 -26.76 -17.70 25.92
N ALA H 305 -25.72 -18.46 26.25
CA ALA H 305 -24.40 -18.24 25.65
C ALA H 305 -24.48 -18.27 24.11
N GLY H 306 -25.23 -19.23 23.58
CA GLY H 306 -25.38 -19.39 22.12
C GLY H 306 -26.24 -18.32 21.48
N LEU H 307 -27.30 -17.90 22.17
CA LEU H 307 -28.16 -16.82 21.67
C LEU H 307 -27.38 -15.52 21.52
N ARG H 308 -26.40 -15.29 22.38
CA ARG H 308 -25.59 -14.09 22.24
C ARG H 308 -24.69 -14.17 21.01
N THR H 309 -23.88 -15.22 20.92
CA THR H 309 -23.04 -15.42 19.71
C THR H 309 -23.94 -15.26 18.48
N ALA H 310 -25.07 -15.97 18.47
CA ALA H 310 -26.05 -15.87 17.38
C ALA H 310 -26.45 -14.42 17.12
N ALA H 311 -26.99 -13.78 18.17
CA ALA H 311 -27.57 -12.44 18.06
C ALA H 311 -26.54 -11.36 17.76
N GLU H 312 -25.37 -11.44 18.41
CA GLU H 312 -24.31 -10.44 18.20
C GLU H 312 -23.73 -10.49 16.78
N ARG H 313 -23.60 -11.69 16.22
CA ARG H 313 -23.12 -11.86 14.84
C ARG H 313 -23.91 -11.03 13.83
N LEU H 314 -25.24 -10.99 13.98
CA LEU H 314 -26.09 -10.17 13.09
C LEU H 314 -26.30 -8.75 13.63
N GLY H 315 -25.46 -8.32 14.57
CA GLY H 315 -25.38 -6.92 14.99
C GLY H 315 -26.39 -6.49 16.05
N PHE H 316 -26.94 -7.45 16.80
CA PHE H 316 -27.96 -7.18 17.81
C PHE H 316 -27.40 -7.34 19.24
N TRP H 317 -27.66 -6.36 20.11
CA TRP H 317 -27.32 -6.50 21.52
C TRP H 317 -28.48 -7.07 22.35
N ASP H 318 -29.43 -7.67 21.65
CA ASP H 318 -30.66 -8.14 22.26
C ASP H 318 -30.44 -9.22 23.32
N PHE H 319 -29.34 -9.95 23.25
CA PHE H 319 -29.09 -11.02 24.23
C PHE H 319 -27.72 -10.91 24.88
N SER H 320 -27.15 -9.72 24.87
CA SER H 320 -25.83 -9.51 25.47
C SER H 320 -25.93 -8.99 26.92
N PRO H 321 -25.02 -9.42 27.80
CA PRO H 321 -24.91 -8.81 29.14
C PRO H 321 -24.18 -7.47 29.11
N LEU H 322 -24.95 -6.40 28.89
CA LEU H 322 -24.40 -5.08 28.57
C LEU H 322 -24.21 -4.28 29.83
N TRP H 323 -23.22 -4.65 30.62
CA TRP H 323 -23.16 -4.21 32.01
C TRP H 323 -22.60 -2.81 32.08
N CYS H 324 -23.21 -1.98 32.93
CA CYS H 324 -23.13 -0.54 32.83
C CYS H 324 -23.81 0.08 34.05
N GLY H 325 -23.17 1.08 34.64
CA GLY H 325 -23.72 1.75 35.80
C GLY H 325 -24.78 2.76 35.39
N GLN H 326 -25.40 3.39 36.39
CA GLN H 326 -26.48 4.31 36.13
C GLN H 326 -26.00 5.67 35.66
N ASN H 327 -24.68 5.84 35.58
CA ASN H 327 -24.10 7.02 34.96
C ASN H 327 -23.04 6.67 33.90
N ALA H 328 -23.45 6.72 32.61
CA ALA H 328 -22.56 6.35 31.47
C ALA H 328 -21.87 7.56 30.80
N SER H 329 -22.11 8.75 31.33
CA SER H 329 -21.67 9.98 30.68
C SER H 329 -20.20 10.34 30.90
N GLY H 330 -19.50 9.60 31.73
CA GLY H 330 -18.07 9.82 31.94
C GLY H 330 -17.18 8.89 31.14
N CYS H 331 -17.78 7.96 30.42
CA CYS H 331 -17.09 7.19 29.42
C CYS H 331 -16.42 8.09 28.40
N ARG H 332 -15.15 7.84 28.13
CA ARG H 332 -14.41 8.65 27.17
C ARG H 332 -13.46 7.77 26.39
N ALA H 333 -13.32 8.02 25.10
CA ALA H 333 -12.45 7.21 24.23
C ALA H 333 -11.04 7.75 24.23
N ILE H 334 -10.39 7.70 25.40
CA ILE H 334 -9.01 8.16 25.57
C ILE H 334 -8.21 7.13 26.35
N PRO H 335 -6.88 7.27 26.38
CA PRO H 335 -6.14 6.22 27.09
C PRO H 335 -6.47 6.20 28.56
N ALA H 336 -6.52 4.99 29.11
CA ALA H 336 -6.82 4.77 30.51
C ALA H 336 -5.96 5.62 31.47
N ALA H 337 -4.69 5.85 31.13
CA ALA H 337 -3.83 6.70 31.96
C ALA H 337 -4.36 8.15 32.05
N ASP H 338 -4.72 8.73 30.90
CA ASP H 338 -5.33 10.09 30.85
C ASP H 338 -6.55 10.16 31.75
N LEU H 339 -7.47 9.23 31.53
CA LEU H 339 -8.70 9.21 32.28
C LEU H 339 -8.45 9.09 33.78
N THR H 340 -7.54 8.20 34.18
CA THR H 340 -7.20 8.02 35.59
C THR H 340 -6.75 9.34 36.24
N ARG H 341 -5.98 10.13 35.52
CA ARG H 341 -5.49 11.41 36.03
C ARG H 341 -6.56 12.50 35.98
N SER H 342 -7.45 12.44 35.00
CA SER H 342 -8.50 13.43 34.87
C SER H 342 -9.42 13.36 36.07
N PHE H 343 -9.50 12.17 36.68
CA PHE H 343 -10.19 12.02 37.96
C PHE H 343 -9.43 12.72 39.08
N1 FMN I . 7.35 -28.98 13.23
C2 FMN I . 6.30 -28.23 12.78
O2 FMN I . 6.40 -27.63 11.68
N3 FMN I . 5.14 -28.12 13.46
C4 FMN I . 4.96 -28.74 14.64
O4 FMN I . 3.89 -28.65 15.27
C4A FMN I . 6.06 -29.58 15.17
N5 FMN I . 5.93 -30.19 16.36
C5A FMN I . 6.94 -30.90 16.89
C6 FMN I . 6.73 -31.48 18.14
C7 FMN I . 7.74 -32.21 18.74
C7M FMN I . 7.45 -32.84 20.07
C8 FMN I . 9.05 -32.37 18.05
C8M FMN I . 10.14 -33.18 18.71
C9 FMN I . 9.26 -31.78 16.79
C9A FMN I . 8.23 -31.05 16.17
N10 FMN I . 8.40 -30.38 14.91
C10 FMN I . 7.30 -29.66 14.39
C1' FMN I . 9.62 -30.49 14.10
C2' FMN I . 10.63 -29.42 14.47
O2' FMN I . 10.26 -28.18 13.83
C3' FMN I . 12.05 -29.83 14.04
O3' FMN I . 12.03 -30.31 12.70
C4' FMN I . 12.68 -30.93 14.90
O4' FMN I . 12.32 -30.83 16.28
C5' FMN I . 14.19 -30.85 14.74
O5' FMN I . 14.84 -31.96 15.36
P FMN I . 15.21 -32.03 16.92
O1P FMN I . 15.54 -30.62 17.37
O2P FMN I . 16.38 -32.97 16.94
O3P FMN I . 13.95 -32.56 17.52
C1 GOL J . 2.01 -33.41 16.01
O1 GOL J . 0.85 -32.79 15.42
C2 GOL J . 3.22 -32.47 15.94
O2 GOL J . 3.39 -31.94 17.27
C3 GOL J . 4.52 -33.16 15.50
O3 GOL J . 5.14 -32.65 14.29
N1 FMN K . 1.72 10.57 -1.92
C2 FMN K . 2.00 9.95 -3.10
O2 FMN K . 1.56 10.43 -4.17
N3 FMN K . 2.77 8.84 -3.18
C4 FMN K . 3.28 8.25 -2.09
O4 FMN K . 3.98 7.22 -2.18
C4A FMN K . 3.02 8.87 -0.77
N5 FMN K . 3.52 8.36 0.38
C5A FMN K . 3.24 8.90 1.58
C6 FMN K . 3.75 8.29 2.72
C7 FMN K . 3.48 8.79 3.98
C7M FMN K . 4.03 8.05 5.17
C8 FMN K . 2.65 10.02 4.13
C8M FMN K . 2.35 10.58 5.50
C9 FMN K . 2.11 10.63 2.98
C9A FMN K . 2.38 10.11 1.69
N10 FMN K . 1.87 10.69 0.50
C10 FMN K . 2.19 10.09 -0.74
C1' FMN K . 1.10 11.93 0.49
C2' FMN K . -0.37 11.65 0.60
O2' FMN K . -0.83 11.19 -0.67
C3' FMN K . -1.09 12.92 1.02
O3' FMN K . -0.45 14.01 0.35
C4' FMN K . -1.03 13.17 2.55
O4' FMN K . -0.84 11.95 3.30
C5' FMN K . -2.32 13.88 2.98
O5' FMN K . -2.13 14.57 4.21
P FMN K . -2.25 13.79 5.59
O1P FMN K . -3.39 12.84 5.37
O2P FMN K . -2.50 14.87 6.62
O3P FMN K . -0.90 13.14 5.74
N1 FMN L . -2.66 41.42 14.26
C2 FMN L . -2.46 42.16 15.41
O2 FMN L . -2.55 41.61 16.52
N3 FMN L . -2.13 43.46 15.39
C4 FMN L . -1.99 44.15 14.25
O4 FMN L . -1.70 45.36 14.26
C4A FMN L . -2.20 43.44 12.98
N5 FMN L . -2.06 44.08 11.81
C5A FMN L . -2.29 43.46 10.64
C6 FMN L . -2.18 44.21 9.46
C7 FMN L . -2.42 43.62 8.23
C7M FMN L . -2.32 44.44 6.98
C8 FMN L . -2.79 42.19 8.18
C8M FMN L . -3.05 41.53 6.86
C9 FMN L . -2.91 41.43 9.36
C9A FMN L . -2.66 42.02 10.61
N10 FMN L . -2.77 41.30 11.83
C10 FMN L . -2.55 42.00 13.04
C1' FMN L . -3.09 39.87 11.89
C2' FMN L . -4.58 39.68 12.15
O2' FMN L . -4.81 39.94 13.55
C3' FMN L . -5.05 38.28 11.76
O3' FMN L . -4.24 37.33 12.46
C4' FMN L . -4.97 38.03 10.24
O4' FMN L . -5.28 39.17 9.43
C5' FMN L . -5.91 36.88 9.85
O5' FMN L . -5.60 36.32 8.57
P FMN L . -6.27 36.88 7.24
O1P FMN L . -7.66 37.31 7.60
O2P FMN L . -6.19 35.67 6.31
O3P FMN L . -5.38 38.02 6.89
N1 FMN M . -30.24 -13.21 -25.04
C2 FMN M . -30.49 -12.03 -24.41
O2 FMN M . -30.34 -11.98 -23.19
N3 FMN M . -30.93 -10.93 -25.07
C4 FMN M . -31.09 -10.90 -26.39
O4 FMN M . -31.46 -9.84 -26.97
C4A FMN M . -30.83 -12.15 -27.15
N5 FMN M . -31.00 -12.22 -28.49
C5A FMN M . -30.81 -13.37 -29.16
C6 FMN M . -31.06 -13.42 -30.52
C7 FMN M . -30.85 -14.59 -31.24
C7M FMN M . -31.13 -14.59 -32.71
C8 FMN M . -30.42 -15.82 -30.54
C8M FMN M . -30.21 -17.13 -31.27
C9 FMN M . -30.21 -15.79 -29.17
C9A FMN M . -30.40 -14.61 -28.44
N10 FMN M . -30.20 -14.56 -27.04
C10 FMN M . -30.38 -13.33 -26.38
C1' FMN M . -29.68 -15.70 -26.30
C2' FMN M . -30.78 -16.43 -25.56
O2' FMN M . -31.05 -15.68 -24.36
C3' FMN M . -30.32 -17.84 -25.21
O3' FMN M . -29.09 -17.74 -24.48
C4' FMN M . -30.08 -18.74 -26.44
O4' FMN M . -30.94 -18.42 -27.54
C5' FMN M . -30.29 -20.21 -26.06
O5' FMN M . -29.65 -21.06 -27.02
P FMN M . -30.49 -21.73 -28.21
O1P FMN M . -31.86 -21.95 -27.63
O2P FMN M . -29.75 -22.98 -28.61
O3P FMN M . -30.47 -20.62 -29.25
N1 FMN N . 30.66 24.39 39.89
C2 FMN N . 31.22 23.14 39.67
O2 FMN N . 32.20 22.78 40.35
N3 FMN N . 30.74 22.27 38.76
C4 FMN N . 29.68 22.56 37.98
O4 FMN N . 29.26 21.74 37.15
C4A FMN N . 29.01 23.89 38.14
N5 FMN N . 27.92 24.24 37.41
C5A FMN N . 27.35 25.44 37.54
C6 FMN N . 26.28 25.79 36.72
C7 FMN N . 25.66 27.03 36.81
C7M FMN N . 24.49 27.35 35.94
C8 FMN N . 26.16 28.02 37.80
C8M FMN N . 25.52 29.38 37.95
C9 FMN N . 27.25 27.68 38.62
C9A FMN N . 27.87 26.43 38.53
N10 FMN N . 28.98 26.08 39.35
C10 FMN N . 29.58 24.80 39.18
C1' FMN N . 29.50 26.98 40.39
C2' FMN N . 30.58 27.89 39.85
O2' FMN N . 31.80 27.14 39.78
C3' FMN N . 30.76 29.11 40.75
O3' FMN N . 30.94 28.68 42.10
C4' FMN N . 29.60 30.11 40.72
O4' FMN N . 28.95 30.17 39.45
C5' FMN N . 30.15 31.50 41.04
O5' FMN N . 29.09 32.42 41.32
P FMN N . 28.48 33.36 40.19
O1P FMN N . 29.58 33.66 39.19
O2P FMN N . 27.95 34.55 40.97
O3P FMN N . 27.45 32.47 39.59
C1 GOL O . 25.31 19.93 37.85
O1 GOL O . 24.34 19.18 38.62
C2 GOL O . 25.10 21.44 37.95
O2 GOL O . 23.74 21.73 37.61
C3 GOL O . 25.38 21.94 39.36
O3 GOL O . 26.28 23.05 39.44
N1 FMN P . -9.40 -41.83 -26.55
C2 FMN P . -8.79 -42.74 -27.37
O2 FMN P . -9.41 -43.17 -28.36
N3 FMN P . -7.55 -43.20 -27.16
C4 FMN P . -6.82 -42.81 -26.12
O4 FMN P . -5.66 -43.26 -25.92
C4A FMN P . -7.40 -41.81 -25.18
N5 FMN P . -6.70 -41.37 -24.12
C5A FMN P . -7.23 -40.49 -23.26
C6 FMN P . -6.48 -40.12 -22.15
C7 FMN P . -6.96 -39.21 -21.23
C7M FMN P . -6.10 -38.85 -20.06
C8 FMN P . -8.32 -38.64 -21.42
C8M FMN P . -8.88 -37.64 -20.42
C9 FMN P . -9.09 -39.03 -22.51
C9A FMN P . -8.59 -39.93 -23.46
N10 FMN P . -9.36 -40.38 -24.58
C10 FMN P . -8.77 -41.32 -25.47
C1' FMN P . -10.66 -39.80 -24.92
C2' FMN P . -11.84 -40.70 -24.53
O2' FMN P . -11.92 -41.80 -25.46
C3' FMN P . -13.14 -39.87 -24.50
O3' FMN P . -13.32 -39.20 -25.77
C4' FMN P . -13.19 -38.83 -23.35
O4' FMN P . -12.36 -39.15 -22.24
C5' FMN P . -14.62 -38.66 -22.84
O5' FMN P . -14.77 -37.43 -22.12
P FMN P . -14.69 -37.31 -20.52
O1P FMN P . -15.34 -38.53 -19.94
O2P FMN P . -15.47 -36.05 -20.30
O3P FMN P . -13.22 -37.29 -20.25
C1 GOL Q . -5.32 -38.71 -25.19
O1 GOL Q . -6.49 -38.92 -26.00
C2 GOL Q . -4.22 -39.72 -25.51
O2 GOL Q . -3.59 -39.37 -26.74
C3 GOL Q . -3.16 -39.76 -24.41
O3 GOL Q . -1.89 -39.35 -24.95
N1 FMN R . 18.98 14.77 -55.13
C2 FMN R . 18.04 15.68 -54.73
O2 FMN R . 17.43 16.34 -55.61
N3 FMN R . 17.70 15.88 -53.42
C4 FMN R . 18.31 15.21 -52.43
O4 FMN R . 18.02 15.43 -51.23
C4A FMN R . 19.33 14.19 -52.77
N5 FMN R . 19.96 13.46 -51.83
C5A FMN R . 20.91 12.57 -52.16
C6 FMN R . 21.57 11.89 -51.14
C7 FMN R . 22.57 10.97 -51.42
C7M FMN R . 23.24 10.26 -50.27
C8 FMN R . 22.96 10.72 -52.84
C8M FMN R . 24.04 9.73 -53.20
C9 FMN R . 22.33 11.43 -53.87
C9A FMN R . 21.29 12.34 -53.59
N10 FMN R . 20.64 13.09 -54.60
C10 FMN R . 19.64 14.01 -54.21
C1' FMN R . 20.86 12.88 -56.04
C2' FMN R . 21.74 13.95 -56.66
O2' FMN R . 20.98 15.14 -56.93
C3' FMN R . 22.31 13.39 -57.96
O3' FMN R . 21.20 12.94 -58.75
C4' FMN R . 23.30 12.23 -57.74
O4' FMN R . 23.87 12.29 -56.42
C5' FMN R . 24.43 12.24 -58.77
O5' FMN R . 25.06 10.95 -58.88
P FMN R . 26.37 10.51 -58.06
O1P FMN R . 27.17 11.79 -57.88
O2P FMN R . 27.05 9.47 -58.93
O3P FMN R . 25.83 9.91 -56.80
C1 GOL S . 17.28 11.05 -48.52
O1 GOL S . 16.64 9.98 -47.80
C2 GOL S . 16.51 11.27 -49.82
O2 GOL S . 15.30 11.98 -49.51
C3 GOL S . 17.35 12.01 -50.87
O3 GOL S . 17.25 11.40 -52.18
N1 FMN T . -16.77 -6.47 40.25
C2 FMN T . -16.02 -7.57 40.59
O2 FMN T . -15.74 -7.82 41.78
N3 FMN T . -15.56 -8.45 39.68
C4 FMN T . -15.79 -8.33 38.39
O4 FMN T . -15.34 -9.18 37.60
C4A FMN T . -16.62 -7.19 37.93
N5 FMN T . -16.88 -6.98 36.62
C5A FMN T . -17.59 -5.92 36.18
C6 FMN T . -17.81 -5.79 34.81
C7 FMN T . -18.47 -4.69 34.30
C7M FMN T . -18.64 -4.59 32.79
C8 FMN T . -18.99 -3.66 35.23
C8M FMN T . -19.75 -2.46 34.68
C9 FMN T . -18.78 -3.79 36.60
C9A FMN T . -18.08 -4.89 37.13
N10 FMN T . -17.85 -5.10 38.53
C10 FMN T . -17.11 -6.23 38.95
C1' FMN T . -18.34 -4.18 39.55
C2' FMN T . -17.27 -3.15 39.86
O2' FMN T . -16.25 -3.81 40.64
C3' FMN T . -17.90 -1.96 40.59
O3' FMN T . -18.72 -2.46 41.66
C4' FMN T . -18.76 -1.08 39.67
O4' FMN T . -18.36 -1.15 38.31
C5' FMN T . -18.70 0.38 40.09
O5' FMN T . -19.81 1.11 39.56
P FMN T . -19.70 1.93 38.17
O1P FMN T . -18.35 2.55 38.19
O2P FMN T . -20.83 2.91 38.23
O3P FMN T . -19.92 0.87 37.10
#